data_8SKG
#
_entry.id   8SKG
#
_entity_poly.entity_id   1
_entity_poly.type   'polypeptide(L)'
_entity_poly.pdbx_seq_one_letter_code
;ANQLAKDLEIMFENYVEGFEAACVVSRNAKKFRPGDTAMQRAGDVLYRPQHYHMNIEEGLDLSSKTPTALVQRLVPSVFK
EPKNILYTLDAREMRDPEHKTEAGRAAGMRLAAQIDSDLISMVTQRATNVITMADSTAGTQGRDLWNCAAGIDATMTAIG
VPQGINRRSFWNPFNYKDLAGELGHRAYAQGATLTAYEKAQIPPVASFDSYKTDISGRLPKGSTESLTVSGQPEHKVEAK
DSNGMPVDNRQGTITVSASGLQVGDAFTIAGVNSVHQITKDTTGQPQVFRVLAVSGTTVTISPKILPVENTDVASRPYAN
VDAKPAESAAITILNKNAAPANLFWADGSVELMYGKLAFPTGQGPQVMTATTEQGATLIMSYAFDHIKGVTTARFTTLYG
CSVLVPEYTGIVIAGQ
;
_entity_poly.pdbx_strand_id   F,A,B,C,D,E,G
#
# COMPACT_ATOMS: atom_id res chain seq x y z
N ALA A 1 -58.92 20.22 -0.02
CA ALA A 1 -58.08 20.62 1.12
C ALA A 1 -57.75 22.11 1.08
N ASN A 2 -57.12 22.64 2.13
CA ASN A 2 -56.61 24.02 2.18
C ASN A 2 -55.59 24.29 1.07
N GLN A 3 -55.49 25.53 0.61
CA GLN A 3 -54.39 25.99 -0.23
C GLN A 3 -53.75 27.23 0.38
N LEU A 4 -52.47 27.11 0.70
CA LEU A 4 -51.71 28.03 1.53
C LEU A 4 -50.57 28.63 0.71
N ALA A 5 -50.12 29.83 1.08
CA ALA A 5 -49.03 30.50 0.39
C ALA A 5 -47.68 29.82 0.68
N LYS A 6 -46.74 29.88 -0.27
CA LYS A 6 -45.39 29.33 -0.13
C LYS A 6 -44.37 30.46 -0.07
N ASP A 7 -43.65 30.53 1.03
CA ASP A 7 -42.52 31.45 1.25
C ASP A 7 -41.22 30.88 0.68
N LEU A 8 -40.14 31.65 0.67
CA LEU A 8 -38.78 31.15 0.52
C LEU A 8 -38.03 31.35 1.83
N GLU A 9 -37.62 30.28 2.49
CA GLU A 9 -36.74 30.35 3.65
C GLU A 9 -35.29 30.33 3.16
N ILE A 10 -34.67 31.50 3.07
CA ILE A 10 -33.27 31.64 2.69
C ILE A 10 -32.50 32.05 3.94
N MET A 11 -31.47 31.28 4.28
CA MET A 11 -30.65 31.49 5.47
C MET A 11 -29.40 32.29 5.12
N PHE A 12 -29.56 33.57 4.75
CA PHE A 12 -28.49 34.42 4.22
C PHE A 12 -27.24 34.54 5.10
N GLU A 13 -27.35 34.29 6.39
CA GLU A 13 -26.22 34.34 7.32
C GLU A 13 -25.36 33.06 7.32
N ASN A 14 -25.89 31.93 6.84
CA ASN A 14 -25.33 30.59 7.04
C ASN A 14 -24.84 29.97 5.73
N TYR A 15 -23.63 30.30 5.30
CA TYR A 15 -23.06 29.77 4.06
C TYR A 15 -22.84 28.25 4.13
N VAL A 16 -23.05 27.56 3.01
CA VAL A 16 -22.56 26.19 2.84
C VAL A 16 -21.03 26.19 2.81
N GLU A 17 -20.39 25.03 2.98
CA GLU A 17 -18.92 24.94 2.96
C GLU A 17 -18.30 25.36 1.61
N GLY A 18 -17.05 25.80 1.63
CA GLY A 18 -16.39 26.31 0.44
C GLY A 18 -14.87 26.18 0.45
N PHE A 19 -14.31 26.23 -0.75
CA PHE A 19 -12.92 25.92 -1.07
C PHE A 19 -11.92 26.95 -0.53
N GLU A 20 -10.63 26.61 -0.54
CA GLU A 20 -9.54 27.51 -0.16
C GLU A 20 -8.31 27.29 -1.04
N ALA A 21 -7.36 28.23 -1.00
CA ALA A 21 -5.99 28.00 -1.42
C ALA A 21 -5.09 27.85 -0.18
N ALA A 22 -4.29 26.79 -0.10
CA ALA A 22 -3.45 26.55 1.09
C ALA A 22 -2.21 27.47 1.18
N CYS A 23 -1.76 28.03 0.05
CA CYS A 23 -0.63 28.94 -0.06
C CYS A 23 0.72 28.40 0.42
N VAL A 24 0.94 27.08 0.44
CA VAL A 24 2.12 26.48 1.09
C VAL A 24 3.46 26.90 0.48
N VAL A 25 3.56 27.05 -0.84
CA VAL A 25 4.83 27.37 -1.51
C VAL A 25 5.26 28.78 -1.15
N SER A 26 4.39 29.76 -1.34
CA SER A 26 4.66 31.15 -0.98
C SER A 26 4.72 31.38 0.53
N ARG A 27 4.08 30.58 1.37
CA ARG A 27 4.32 30.56 2.83
C ARG A 27 5.72 30.06 3.20
N ASN A 28 6.34 29.22 2.38
CA ASN A 28 7.70 28.71 2.61
C ASN A 28 8.82 29.51 1.94
N ALA A 29 8.55 30.31 0.91
CA ALA A 29 9.54 31.16 0.25
C ALA A 29 10.15 32.20 1.19
N LYS A 30 11.35 32.69 0.89
CA LYS A 30 12.02 33.77 1.62
C LYS A 30 11.29 35.09 1.41
N LYS A 31 11.21 35.97 2.41
CA LYS A 31 10.56 37.29 2.32
C LYS A 31 11.58 38.42 2.36
N PHE A 32 11.31 39.48 1.60
CA PHE A 32 12.08 40.72 1.66
C PHE A 32 11.16 41.94 1.66
N ARG A 33 11.48 42.95 2.46
CA ARG A 33 10.74 44.22 2.52
C ARG A 33 11.72 45.39 2.40
N PRO A 34 12.17 45.74 1.19
CA PRO A 34 12.88 47.01 0.99
C PRO A 34 11.95 48.18 1.32
N GLY A 35 12.49 49.29 1.80
CA GLY A 35 11.67 50.46 2.15
C GLY A 35 10.94 51.03 0.95
N ASP A 36 9.67 51.41 1.09
CA ASP A 36 8.88 51.93 -0.02
C ASP A 36 9.40 53.27 -0.55
N THR A 37 9.95 54.10 0.33
CA THR A 37 10.66 55.34 -0.07
C THR A 37 11.86 55.01 -0.94
N ALA A 38 12.71 54.09 -0.50
CA ALA A 38 13.87 53.65 -1.28
C ALA A 38 13.47 53.07 -2.63
N MET A 39 12.44 52.23 -2.68
CA MET A 39 11.95 51.66 -3.94
C MET A 39 11.33 52.70 -4.86
N GLN A 40 10.64 53.71 -4.33
CA GLN A 40 10.15 54.83 -5.13
C GLN A 40 11.32 55.61 -5.74
N ARG A 41 12.30 56.01 -4.93
CA ARG A 41 13.52 56.69 -5.43
C ARG A 41 14.25 55.86 -6.48
N ALA A 42 14.27 54.54 -6.32
CA ALA A 42 14.92 53.59 -7.23
C ALA A 42 14.13 53.26 -8.51
N GLY A 43 12.85 53.62 -8.59
CA GLY A 43 11.98 53.21 -9.71
C GLY A 43 11.61 51.74 -9.71
N ASP A 44 11.25 51.17 -8.56
CA ASP A 44 10.71 49.80 -8.37
C ASP A 44 11.66 48.62 -8.67
N VAL A 45 12.90 48.85 -9.07
CA VAL A 45 13.95 47.83 -9.25
C VAL A 45 15.04 47.99 -8.19
N LEU A 46 15.51 46.89 -7.64
CA LEU A 46 16.77 46.83 -6.87
C LEU A 46 17.69 45.76 -7.42
N TYR A 47 18.97 45.85 -7.08
CA TYR A 47 20.01 44.96 -7.58
C TYR A 47 20.87 44.42 -6.43
N ARG A 48 21.23 43.14 -6.50
CA ARG A 48 22.15 42.48 -5.55
C ARG A 48 23.35 41.89 -6.30
N PRO A 49 24.57 42.01 -5.77
CA PRO A 49 25.77 41.51 -6.42
C PRO A 49 25.87 39.99 -6.40
N GLN A 50 26.59 39.43 -7.35
CA GLN A 50 27.01 38.02 -7.35
C GLN A 50 28.50 37.92 -7.00
N HIS A 51 28.94 36.78 -6.46
CA HIS A 51 30.35 36.55 -6.13
C HIS A 51 31.27 36.58 -7.35
N TYR A 52 32.54 36.90 -7.13
CA TYR A 52 33.58 36.81 -8.14
C TYR A 52 34.02 35.37 -8.40
N HIS A 53 34.53 35.15 -9.61
CA HIS A 53 35.19 33.92 -10.04
C HIS A 53 36.51 34.28 -10.72
N MET A 54 37.51 33.39 -10.67
CA MET A 54 38.87 33.67 -11.11
C MET A 54 39.37 32.67 -12.16
N ASN A 55 40.24 33.09 -13.08
CA ASN A 55 41.04 32.16 -13.89
C ASN A 55 42.17 31.56 -13.06
N ILE A 56 42.51 30.29 -13.27
CA ILE A 56 43.80 29.71 -12.88
C ILE A 56 44.86 30.04 -13.95
N GLU A 57 46.08 30.35 -13.52
CA GLU A 57 47.27 30.47 -14.37
C GLU A 57 48.40 29.56 -13.88
N GLU A 58 49.20 29.03 -14.79
CA GLU A 58 50.24 28.04 -14.50
C GLU A 58 51.66 28.57 -14.69
N GLY A 59 52.58 28.13 -13.82
CA GLY A 59 54.00 28.44 -13.91
C GLY A 59 54.51 29.39 -12.85
N LEU A 60 55.82 29.63 -12.82
CA LEU A 60 56.43 30.56 -11.87
C LEU A 60 56.48 31.99 -12.40
N ASP A 61 56.82 32.19 -13.68
CA ASP A 61 56.85 33.50 -14.33
C ASP A 61 55.54 33.74 -15.08
N LEU A 62 54.78 34.74 -14.63
CA LEU A 62 53.47 35.09 -15.17
C LEU A 62 53.47 36.40 -15.97
N SER A 63 54.63 36.95 -16.31
CA SER A 63 54.72 38.22 -17.01
C SER A 63 54.03 38.22 -18.38
N SER A 64 53.88 37.06 -19.02
CA SER A 64 53.15 36.86 -20.27
C SER A 64 51.63 36.75 -20.13
N LYS A 65 51.10 36.70 -18.90
CA LYS A 65 49.70 36.34 -18.60
C LYS A 65 48.85 37.57 -18.28
N THR A 66 47.66 37.61 -18.85
CA THR A 66 46.63 38.61 -18.53
C THR A 66 46.03 38.31 -17.15
N PRO A 67 46.01 39.24 -16.20
CA PRO A 67 45.34 39.02 -14.91
C PRO A 67 43.82 38.92 -15.08
N THR A 68 43.12 38.24 -14.19
CA THR A 68 41.68 38.02 -14.32
C THR A 68 40.91 39.33 -14.13
N ALA A 69 39.99 39.63 -15.04
CA ALA A 69 39.14 40.81 -14.93
C ALA A 69 38.03 40.55 -13.91
N LEU A 70 37.93 41.38 -12.88
CA LEU A 70 36.84 41.29 -11.92
C LEU A 70 35.57 41.84 -12.57
N VAL A 71 34.51 41.04 -12.69
CA VAL A 71 33.24 41.47 -13.28
C VAL A 71 32.16 41.48 -12.21
N GLN A 72 31.67 42.67 -11.84
CA GLN A 72 30.70 42.84 -10.76
C GLN A 72 29.27 42.68 -11.28
N ARG A 73 28.89 41.44 -11.51
CA ARG A 73 27.55 40.98 -11.93
C ARG A 73 26.49 41.37 -10.89
N LEU A 74 25.31 41.78 -11.34
CA LEU A 74 24.19 42.21 -10.51
C LEU A 74 22.91 41.49 -10.94
N VAL A 75 22.10 41.03 -9.98
CA VAL A 75 20.82 40.37 -10.23
C VAL A 75 19.68 41.34 -9.97
N PRO A 76 18.80 41.62 -10.95
CA PRO A 76 17.64 42.49 -10.75
C PRO A 76 16.55 41.80 -9.93
N SER A 77 15.91 42.56 -9.04
CA SER A 77 14.68 42.15 -8.38
C SER A 77 13.68 43.30 -8.44
N VAL A 78 12.46 43.03 -8.86
CA VAL A 78 11.51 44.07 -9.30
C VAL A 78 10.08 43.73 -8.89
N PHE A 79 9.27 44.73 -8.50
CA PHE A 79 7.85 44.54 -8.29
C PHE A 79 7.10 44.30 -9.60
N LYS A 80 6.07 43.45 -9.57
CA LYS A 80 5.09 43.32 -10.66
C LYS A 80 4.20 44.57 -10.69
N GLU A 81 3.38 44.71 -11.73
CA GLU A 81 2.21 45.60 -11.64
C GLU A 81 1.34 45.17 -10.46
N PRO A 82 0.79 46.10 -9.64
CA PRO A 82 0.00 45.71 -8.49
C PRO A 82 -1.24 44.92 -8.91
N LYS A 83 -1.60 43.92 -8.11
CA LYS A 83 -2.75 43.05 -8.34
C LYS A 83 -3.90 43.52 -7.49
N ASN A 84 -5.09 43.54 -8.07
CA ASN A 84 -6.27 44.19 -7.51
C ASN A 84 -7.50 43.31 -7.63
N ILE A 85 -8.51 43.58 -6.81
CA ILE A 85 -9.88 43.11 -7.01
C ILE A 85 -10.79 44.32 -6.88
N LEU A 86 -11.76 44.44 -7.77
CA LEU A 86 -12.78 45.48 -7.76
C LEU A 86 -14.17 44.87 -7.68
N TYR A 87 -15.03 45.39 -6.82
CA TYR A 87 -16.47 45.15 -6.86
C TYR A 87 -17.23 46.43 -6.54
N THR A 88 -18.51 46.49 -6.87
CA THR A 88 -19.40 47.61 -6.52
C THR A 88 -20.67 47.13 -5.86
N LEU A 89 -21.24 47.96 -5.00
CA LEU A 89 -22.58 47.76 -4.44
C LEU A 89 -23.33 49.07 -4.58
N ASP A 90 -24.57 49.04 -5.07
CA ASP A 90 -25.40 50.23 -5.10
C ASP A 90 -26.07 50.50 -3.74
N ALA A 91 -26.69 51.67 -3.59
CA ALA A 91 -27.32 52.06 -2.34
C ALA A 91 -28.53 51.20 -1.95
N ARG A 92 -29.11 50.40 -2.86
CA ARG A 92 -30.09 49.37 -2.51
C ARG A 92 -29.36 48.14 -1.97
N GLU A 93 -28.38 47.63 -2.70
CA GLU A 93 -27.60 46.43 -2.34
C GLU A 93 -26.87 46.56 -1.01
N MET A 94 -26.35 47.74 -0.69
CA MET A 94 -25.67 48.01 0.57
C MET A 94 -26.56 47.95 1.81
N ARG A 95 -27.89 47.84 1.67
CA ARG A 95 -28.81 47.62 2.80
C ARG A 95 -28.62 46.26 3.47
N ASP A 96 -28.04 45.29 2.76
CA ASP A 96 -27.65 44.00 3.33
C ASP A 96 -26.13 43.95 3.54
N PRO A 97 -25.64 43.95 4.80
CA PRO A 97 -24.20 44.02 5.10
C PRO A 97 -23.43 42.74 4.77
N GLU A 98 -24.10 41.61 4.53
CA GLU A 98 -23.39 40.40 4.14
C GLU A 98 -22.71 40.53 2.79
N HIS A 99 -23.25 41.33 1.87
CA HIS A 99 -22.63 41.53 0.57
C HIS A 99 -21.20 42.06 0.71
N LYS A 100 -21.00 43.14 1.47
CA LYS A 100 -19.68 43.70 1.73
C LYS A 100 -18.79 42.72 2.49
N THR A 101 -19.35 42.05 3.50
CA THR A 101 -18.59 41.16 4.38
C THR A 101 -18.06 39.93 3.64
N GLU A 102 -18.91 39.27 2.85
CA GLU A 102 -18.52 38.10 2.08
C GLU A 102 -17.65 38.48 0.89
N ALA A 103 -17.93 39.58 0.17
CA ALA A 103 -17.05 40.01 -0.92
C ALA A 103 -15.66 40.42 -0.40
N GLY A 104 -15.55 41.00 0.79
CA GLY A 104 -14.27 41.30 1.42
C GLY A 104 -13.48 40.05 1.82
N ARG A 105 -14.15 39.03 2.35
CA ARG A 105 -13.54 37.71 2.60
C ARG A 105 -13.05 37.07 1.31
N ALA A 106 -13.89 37.01 0.29
CA ALA A 106 -13.57 36.44 -1.01
C ALA A 106 -12.40 37.15 -1.70
N ALA A 107 -12.34 38.48 -1.63
CA ALA A 107 -11.26 39.27 -2.19
C ALA A 107 -9.91 39.04 -1.50
N GLY A 108 -9.87 39.01 -0.16
CA GLY A 108 -8.62 38.73 0.56
C GLY A 108 -8.04 37.37 0.23
N MET A 109 -8.89 36.34 0.21
CA MET A 109 -8.52 34.97 -0.17
C MET A 109 -8.01 34.89 -1.62
N ARG A 110 -8.70 35.52 -2.57
CA ARG A 110 -8.32 35.42 -3.99
C ARG A 110 -7.01 36.13 -4.32
N LEU A 111 -6.66 37.20 -3.62
CA LEU A 111 -5.35 37.84 -3.78
C LEU A 111 -4.22 37.03 -3.15
N ALA A 112 -4.41 36.44 -1.97
CA ALA A 112 -3.44 35.52 -1.39
C ALA A 112 -3.17 34.33 -2.33
N ALA A 113 -4.21 33.76 -2.93
CA ALA A 113 -4.06 32.70 -3.92
C ALA A 113 -3.31 33.15 -5.19
N GLN A 114 -3.39 34.42 -5.56
CA GLN A 114 -2.64 34.95 -6.71
C GLN A 114 -1.14 35.07 -6.41
N ILE A 115 -0.75 35.53 -5.23
CA ILE A 115 0.66 35.58 -4.83
C ILE A 115 1.29 34.19 -4.91
N ASP A 116 0.57 33.16 -4.45
CA ASP A 116 1.04 31.77 -4.55
C ASP A 116 1.14 31.29 -6.01
N SER A 117 0.12 31.55 -6.82
CA SER A 117 0.10 31.17 -8.24
C SER A 117 1.23 31.82 -9.02
N ASP A 118 1.51 33.10 -8.77
CA ASP A 118 2.59 33.82 -9.42
C ASP A 118 3.95 33.27 -9.03
N LEU A 119 4.20 33.02 -7.75
CA LEU A 119 5.47 32.45 -7.33
C LEU A 119 5.68 31.05 -7.92
N ILE A 120 4.67 30.20 -7.88
CA ILE A 120 4.72 28.86 -8.47
C ILE A 120 4.95 28.95 -9.98
N SER A 121 4.33 29.90 -10.67
CA SER A 121 4.58 30.11 -12.11
C SER A 121 6.01 30.58 -12.36
N MET A 122 6.53 31.48 -11.53
CA MET A 122 7.89 31.98 -11.61
C MET A 122 8.90 30.85 -11.46
N VAL A 123 8.83 30.09 -10.37
CA VAL A 123 9.73 28.94 -10.15
C VAL A 123 9.58 27.91 -11.27
N THR A 124 8.37 27.60 -11.71
CA THR A 124 8.14 26.62 -12.79
C THR A 124 8.80 27.02 -14.09
N GLN A 125 8.73 28.29 -14.49
CA GLN A 125 9.32 28.76 -15.76
C GLN A 125 10.82 29.05 -15.65
N ARG A 126 11.30 29.47 -14.47
CA ARG A 126 12.66 29.99 -14.29
C ARG A 126 13.67 28.94 -13.84
N ALA A 127 13.25 27.81 -13.25
CA ALA A 127 14.16 26.80 -12.71
C ALA A 127 14.95 26.04 -13.79
N THR A 128 16.26 25.88 -13.64
CA THR A 128 17.15 25.36 -14.69
C THR A 128 17.63 23.93 -14.50
N ASN A 129 17.22 23.23 -13.44
CA ASN A 129 17.39 21.78 -13.32
C ASN A 129 16.04 21.12 -13.61
N VAL A 130 15.94 20.23 -14.58
CA VAL A 130 14.68 19.56 -14.95
C VAL A 130 14.90 18.08 -15.13
N ILE A 131 14.06 17.26 -14.51
CA ILE A 131 14.07 15.81 -14.64
C ILE A 131 12.67 15.34 -15.04
N THR A 132 12.61 14.34 -15.90
CA THR A 132 11.36 13.81 -16.41
C THR A 132 11.28 12.30 -16.24
N MET A 133 10.08 11.79 -16.09
CA MET A 133 9.80 10.35 -16.13
C MET A 133 8.47 10.13 -16.83
N ALA A 134 8.33 9.04 -17.58
CA ALA A 134 7.00 8.55 -17.95
C ALA A 134 6.29 8.04 -16.70
N ASP A 135 4.97 8.08 -16.65
CA ASP A 135 4.23 7.40 -15.57
C ASP A 135 4.47 5.89 -15.66
N SER A 136 4.76 5.25 -14.54
CA SER A 136 5.08 3.83 -14.49
C SER A 136 3.87 2.97 -14.84
N THR A 137 4.03 2.11 -15.86
CA THR A 137 3.08 1.05 -16.21
C THR A 137 3.20 -0.16 -15.26
N ALA A 138 4.42 -0.45 -14.79
CA ALA A 138 4.67 -1.32 -13.64
C ALA A 138 4.27 -0.65 -12.31
N GLY A 139 4.61 -1.26 -11.17
CA GLY A 139 4.32 -0.73 -9.84
C GLY A 139 5.23 0.40 -9.35
N THR A 140 6.17 0.92 -10.15
CA THR A 140 7.29 1.75 -9.69
C THR A 140 7.04 3.26 -9.59
N GLN A 141 5.79 3.75 -9.68
CA GLN A 141 5.48 5.10 -9.15
C GLN A 141 5.98 5.22 -7.69
N GLY A 142 6.30 6.42 -7.23
CA GLY A 142 6.82 6.60 -5.87
C GLY A 142 8.30 6.26 -5.75
N ARG A 143 8.72 5.07 -6.18
CA ARG A 143 10.15 4.75 -6.35
C ARG A 143 10.80 5.61 -7.42
N ASP A 144 10.18 5.68 -8.60
CA ASP A 144 10.62 6.55 -9.70
C ASP A 144 10.55 8.04 -9.34
N LEU A 145 9.56 8.47 -8.56
CA LEU A 145 9.47 9.84 -8.08
C LEU A 145 10.57 10.17 -7.08
N TRP A 146 10.88 9.26 -6.15
CA TRP A 146 12.00 9.42 -5.23
C TRP A 146 13.33 9.50 -5.99
N ASN A 147 13.51 8.64 -6.99
CA ASN A 147 14.66 8.66 -7.88
C ASN A 147 14.80 10.00 -8.61
N CYS A 148 13.70 10.59 -9.08
CA CYS A 148 13.72 11.92 -9.69
C CYS A 148 14.04 13.03 -8.71
N ALA A 149 13.44 13.07 -7.52
CA ALA A 149 13.79 14.05 -6.49
C ALA A 149 15.26 13.97 -6.13
N ALA A 150 15.78 12.77 -5.89
CA ALA A 150 17.20 12.56 -5.62
C ALA A 150 18.08 12.95 -6.81
N GLY A 151 17.61 12.81 -8.04
CA GLY A 151 18.31 13.28 -9.24
C GLY A 151 18.42 14.80 -9.30
N ILE A 152 17.46 15.55 -8.77
CA ILE A 152 17.55 17.00 -8.65
C ILE A 152 18.64 17.38 -7.65
N ASP A 153 18.68 16.76 -6.47
CA ASP A 153 19.75 16.95 -5.48
C ASP A 153 21.13 16.55 -6.04
N ALA A 154 21.23 15.42 -6.72
CA ALA A 154 22.45 14.99 -7.38
C ALA A 154 22.92 16.02 -8.40
N THR A 155 22.00 16.60 -9.19
CA THR A 155 22.33 17.65 -10.16
C THR A 155 22.79 18.93 -9.47
N MET A 156 22.05 19.42 -8.48
CA MET A 156 22.44 20.58 -7.69
C MET A 156 23.83 20.40 -7.08
N THR A 157 24.13 19.23 -6.54
CA THR A 157 25.45 18.92 -5.99
C THR A 157 26.52 18.90 -7.08
N ALA A 158 26.27 18.26 -8.22
CA ALA A 158 27.23 18.15 -9.31
C ALA A 158 27.62 19.51 -9.90
N ILE A 159 26.70 20.48 -9.93
CA ILE A 159 27.01 21.85 -10.36
C ILE A 159 27.57 22.73 -9.23
N GLY A 160 27.65 22.25 -8.00
CA GLY A 160 28.32 22.96 -6.90
C GLY A 160 27.40 23.75 -5.98
N VAL A 161 26.09 23.52 -5.95
CA VAL A 161 25.23 24.08 -4.90
C VAL A 161 25.65 23.47 -3.55
N PRO A 162 25.86 24.28 -2.49
CA PRO A 162 26.28 23.79 -1.18
C PRO A 162 25.42 22.64 -0.64
N GLN A 163 26.05 21.64 -0.04
CA GLN A 163 25.36 20.45 0.45
C GLN A 163 24.71 20.64 1.82
N GLY A 164 25.18 21.60 2.63
CA GLY A 164 24.70 21.82 3.99
C GLY A 164 23.43 22.65 4.11
N ILE A 165 23.10 23.48 3.11
CA ILE A 165 21.94 24.37 3.16
C ILE A 165 20.62 23.59 3.05
N ASN A 166 19.59 24.06 3.75
CA ASN A 166 18.28 23.43 3.82
C ASN A 166 17.55 23.44 2.48
N ARG A 167 16.66 22.47 2.24
CA ARG A 167 16.02 22.24 0.94
C ARG A 167 14.56 21.84 1.09
N ARG A 168 13.73 22.23 0.14
CA ARG A 168 12.28 22.05 0.17
C ARG A 168 11.78 21.45 -1.14
N SER A 169 10.75 20.61 -1.08
CA SER A 169 10.10 20.02 -2.24
C SER A 169 8.60 20.18 -2.11
N PHE A 170 7.95 20.57 -3.19
CA PHE A 170 6.53 20.89 -3.25
C PHE A 170 5.88 20.02 -4.30
N TRP A 171 5.05 19.09 -3.84
CA TRP A 171 4.55 18.01 -4.64
C TRP A 171 3.11 18.24 -5.06
N ASN A 172 2.83 18.03 -6.33
CA ASN A 172 1.50 17.88 -6.91
C ASN A 172 0.72 16.80 -6.13
N PRO A 173 -0.58 16.96 -5.78
CA PRO A 173 -1.25 16.06 -4.84
C PRO A 173 -1.24 14.60 -5.30
N PHE A 174 -1.33 14.36 -6.60
CA PHE A 174 -1.29 13.02 -7.17
C PHE A 174 0.09 12.35 -7.02
N ASN A 175 1.19 13.10 -7.19
CA ASN A 175 2.53 12.57 -6.98
C ASN A 175 2.87 12.42 -5.49
N TYR A 176 2.39 13.30 -4.62
CA TYR A 176 2.51 13.10 -3.17
C TYR A 176 1.80 11.82 -2.72
N LYS A 177 0.60 11.56 -3.28
CA LYS A 177 -0.14 10.30 -3.09
C LYS A 177 0.65 9.08 -3.56
N ASP A 178 1.33 9.16 -4.70
CA ASP A 178 2.16 8.05 -5.20
C ASP A 178 3.38 7.74 -4.32
N LEU A 179 4.01 8.75 -3.73
CA LEU A 179 5.06 8.54 -2.72
C LEU A 179 4.50 7.91 -1.45
N ALA A 180 3.35 8.39 -0.98
CA ALA A 180 2.68 7.82 0.18
C ALA A 180 2.23 6.37 -0.06
N GLY A 181 1.76 6.05 -1.26
CA GLY A 181 1.38 4.70 -1.63
C GLY A 181 2.55 3.74 -1.65
N GLU A 182 3.74 4.17 -2.08
CA GLU A 182 4.94 3.34 -1.99
C GLU A 182 5.32 3.09 -0.52
N LEU A 183 5.51 4.14 0.27
CA LEU A 183 5.94 4.02 1.66
C LEU A 183 4.90 3.33 2.55
N GLY A 184 3.61 3.46 2.26
CA GLY A 184 2.51 2.87 3.01
C GLY A 184 2.34 1.37 2.84
N HIS A 185 2.95 0.77 1.82
CA HIS A 185 2.80 -0.65 1.47
C HIS A 185 4.09 -1.47 1.62
N ARG A 186 5.01 -1.02 2.47
CA ARG A 186 6.34 -1.59 2.71
C ARG A 186 6.37 -2.92 3.49
N ALA A 187 5.27 -3.64 3.65
CA ALA A 187 5.22 -4.92 4.37
C ALA A 187 5.62 -4.96 5.88
N TYR A 188 6.19 -3.91 6.46
CA TYR A 188 6.54 -3.86 7.90
C TYR A 188 5.58 -3.06 8.80
N ALA A 189 4.60 -2.37 8.23
CA ALA A 189 3.35 -1.96 8.89
C ALA A 189 3.47 -1.20 10.24
N GLN A 190 4.48 -0.37 10.43
CA GLN A 190 4.68 0.47 11.62
C GLN A 190 5.40 1.78 11.26
N GLY A 191 5.57 2.69 12.20
CA GLY A 191 6.37 3.91 12.04
C GLY A 191 5.99 4.76 10.83
N ALA A 192 6.96 5.11 10.00
CA ALA A 192 6.76 5.89 8.78
C ALA A 192 5.80 5.22 7.79
N THR A 193 5.83 3.90 7.66
CA THR A 193 4.91 3.16 6.79
C THR A 193 3.48 3.20 7.29
N LEU A 194 3.25 3.03 8.58
CA LEU A 194 1.90 3.12 9.11
C LEU A 194 1.36 4.54 9.01
N THR A 195 2.21 5.53 9.24
CA THR A 195 1.87 6.96 9.05
C THR A 195 1.50 7.27 7.60
N ALA A 196 2.25 6.74 6.63
CA ALA A 196 1.91 6.86 5.22
C ALA A 196 0.63 6.12 4.85
N TYR A 197 0.37 4.94 5.42
CA TYR A 197 -0.85 4.18 5.16
C TYR A 197 -2.09 4.91 5.69
N GLU A 198 -2.02 5.36 6.95
CA GLU A 198 -3.13 6.01 7.65
C GLU A 198 -3.42 7.41 7.16
N LYS A 199 -2.41 8.29 7.11
CA LYS A 199 -2.59 9.71 6.86
C LYS A 199 -2.24 10.16 5.44
N ALA A 200 -1.72 9.26 4.60
CA ALA A 200 -1.11 9.59 3.31
C ALA A 200 0.03 10.61 3.40
N GLN A 201 0.59 10.88 4.59
CA GLN A 201 1.72 11.78 4.81
C GLN A 201 3.05 11.06 4.61
N ILE A 202 4.06 11.76 4.10
CA ILE A 202 5.40 11.21 3.87
C ILE A 202 6.47 11.98 4.66
N PRO A 203 7.60 11.34 5.03
CA PRO A 203 8.76 12.02 5.61
C PRO A 203 9.43 12.99 4.63
N PRO A 204 10.54 13.65 5.00
CA PRO A 204 11.46 14.22 4.04
C PRO A 204 11.78 13.22 2.91
N VAL A 205 11.95 13.69 1.69
CA VAL A 205 12.19 12.85 0.52
C VAL A 205 13.54 13.22 -0.05
N ALA A 206 14.49 12.30 -0.10
CA ALA A 206 15.75 12.49 -0.79
C ALA A 206 16.48 13.80 -0.43
N SER A 207 16.52 14.13 0.87
CA SER A 207 17.07 15.34 1.51
C SER A 207 16.23 16.60 1.44
N PHE A 208 15.16 16.65 0.65
CA PHE A 208 14.20 17.74 0.70
C PHE A 208 13.19 17.55 1.81
N ASP A 209 12.84 18.59 2.54
CA ASP A 209 11.55 18.63 3.23
C ASP A 209 10.43 18.44 2.22
N SER A 210 9.38 17.72 2.58
CA SER A 210 8.28 17.42 1.67
C SER A 210 7.02 18.16 2.07
N TYR A 211 6.43 18.87 1.12
CA TYR A 211 5.19 19.63 1.26
C TYR A 211 4.26 19.25 0.12
N LYS A 212 2.96 19.23 0.36
CA LYS A 212 1.94 18.97 -0.67
C LYS A 212 1.32 20.29 -1.08
N THR A 213 1.35 20.62 -2.36
CA THR A 213 0.77 21.88 -2.88
C THR A 213 -0.53 21.60 -3.63
N ASP A 214 -1.61 22.30 -3.31
CA ASP A 214 -2.92 22.13 -3.95
C ASP A 214 -2.97 22.68 -5.38
N ILE A 215 -2.12 23.66 -5.69
CA ILE A 215 -1.91 24.21 -7.03
C ILE A 215 -0.47 23.99 -7.46
N SER A 216 -0.24 23.86 -8.75
CA SER A 216 1.09 23.64 -9.33
C SER A 216 1.18 24.27 -10.72
N GLY A 217 2.39 24.63 -11.15
CA GLY A 217 2.62 25.13 -12.50
C GLY A 217 2.63 24.00 -13.51
N ARG A 218 2.23 24.26 -14.75
CA ARG A 218 2.25 23.27 -15.84
C ARG A 218 3.14 23.76 -16.97
N LEU A 219 4.02 22.90 -17.46
CA LEU A 219 4.74 23.16 -18.70
C LEU A 219 3.81 22.87 -19.89
N PRO A 220 3.93 23.58 -21.01
CA PRO A 220 3.10 23.34 -22.19
C PRO A 220 3.43 22.00 -22.87
N LYS A 221 2.57 21.55 -23.78
CA LYS A 221 2.91 20.48 -24.73
C LYS A 221 3.98 20.99 -25.71
N GLY A 222 5.20 20.47 -25.60
CA GLY A 222 6.33 20.88 -26.43
C GLY A 222 6.16 20.53 -27.89
N SER A 223 6.84 21.26 -28.78
CA SER A 223 6.77 21.04 -30.22
C SER A 223 7.33 19.68 -30.64
N THR A 224 6.72 19.06 -31.64
CA THR A 224 7.20 17.81 -32.25
C THR A 224 8.23 18.04 -33.38
N GLU A 225 8.53 19.29 -33.75
CA GLU A 225 9.46 19.60 -34.83
C GLU A 225 10.93 19.31 -34.49
N SER A 226 11.71 18.95 -35.49
CA SER A 226 13.16 18.70 -35.39
C SER A 226 13.94 20.01 -35.40
N LEU A 227 13.85 20.79 -34.33
CA LEU A 227 14.50 22.09 -34.20
C LEU A 227 16.02 21.95 -33.98
N THR A 228 16.78 22.94 -34.45
CA THR A 228 18.23 23.04 -34.25
C THR A 228 18.63 24.47 -33.90
N VAL A 229 19.75 24.64 -33.21
CA VAL A 229 20.32 25.95 -32.90
C VAL A 229 21.09 26.49 -34.10
N SER A 230 20.80 27.70 -34.55
CA SER A 230 21.48 28.34 -35.68
C SER A 230 22.74 29.08 -35.24
N GLY A 231 23.77 29.11 -36.09
CA GLY A 231 25.09 29.58 -35.69
C GLY A 231 25.70 28.68 -34.61
N GLN A 232 26.55 29.25 -33.77
CA GLN A 232 27.13 28.57 -32.60
C GLN A 232 27.09 29.52 -31.40
N PRO A 233 25.92 29.71 -30.76
CA PRO A 233 25.74 30.76 -29.78
C PRO A 233 26.66 30.64 -28.59
N GLU A 234 27.18 31.77 -28.15
CA GLU A 234 28.13 31.89 -27.07
C GLU A 234 27.99 33.29 -26.50
N HIS A 235 27.43 33.40 -25.31
CA HIS A 235 27.16 34.67 -24.66
C HIS A 235 28.38 35.16 -23.89
N LYS A 236 28.52 36.46 -23.69
CA LYS A 236 29.52 37.05 -22.78
C LYS A 236 28.88 37.52 -21.48
N VAL A 237 29.69 37.72 -20.45
CA VAL A 237 29.29 38.27 -19.15
C VAL A 237 29.73 39.74 -19.08
N GLU A 238 28.80 40.59 -18.69
CA GLU A 238 28.95 42.05 -18.62
C GLU A 238 28.38 42.57 -17.31
N ALA A 239 29.02 43.54 -16.68
CA ALA A 239 28.48 44.17 -15.48
C ALA A 239 27.34 45.15 -15.81
N LYS A 240 27.47 45.91 -16.90
CA LYS A 240 26.52 46.93 -17.34
C LYS A 240 26.52 47.14 -18.85
N ASP A 241 25.41 47.61 -19.39
CA ASP A 241 25.20 47.77 -20.83
C ASP A 241 25.78 49.07 -21.41
N SER A 242 25.50 49.33 -22.69
CA SER A 242 25.91 50.55 -23.40
C SER A 242 25.45 51.86 -22.73
N ASN A 243 24.38 51.82 -21.95
CA ASN A 243 23.82 52.97 -21.23
C ASN A 243 24.20 52.97 -19.74
N GLY A 244 24.99 52.00 -19.28
CA GLY A 244 25.43 51.87 -17.89
C GLY A 244 24.38 51.28 -16.95
N MET A 245 23.26 50.77 -17.46
CA MET A 245 22.32 49.99 -16.65
C MET A 245 22.87 48.59 -16.42
N PRO A 246 22.71 47.98 -15.23
CA PRO A 246 23.19 46.63 -14.99
C PRO A 246 22.60 45.60 -15.96
N VAL A 247 23.38 44.57 -16.32
CA VAL A 247 22.94 43.50 -17.23
C VAL A 247 22.50 42.29 -16.42
N ASP A 248 21.35 41.70 -16.74
CA ASP A 248 20.92 40.44 -16.14
C ASP A 248 21.63 39.26 -16.80
N ASN A 249 22.67 38.75 -16.13
CA ASN A 249 23.49 37.66 -16.66
C ASN A 249 22.80 36.29 -16.61
N ARG A 250 21.59 36.18 -16.04
CA ARG A 250 20.80 34.93 -16.03
C ARG A 250 20.14 34.61 -17.37
N GLN A 251 20.07 35.56 -18.29
CA GLN A 251 19.31 35.43 -19.55
C GLN A 251 20.19 35.68 -20.77
N GLY A 252 20.00 34.95 -21.85
CA GLY A 252 20.64 35.20 -23.13
C GLY A 252 19.68 34.99 -24.29
N THR A 253 20.08 35.35 -25.50
CA THR A 253 19.25 35.17 -26.71
C THR A 253 19.96 34.34 -27.77
N ILE A 254 19.22 33.48 -28.47
CA ILE A 254 19.72 32.55 -29.49
C ILE A 254 18.82 32.59 -30.73
N THR A 255 19.31 32.11 -31.86
CA THR A 255 18.50 31.83 -33.06
C THR A 255 18.30 30.34 -33.20
N VAL A 256 17.10 29.90 -33.56
CA VAL A 256 16.76 28.50 -33.82
C VAL A 256 16.17 28.34 -35.21
N SER A 257 16.31 27.17 -35.81
CA SER A 257 16.04 26.94 -37.24
C SER A 257 14.59 27.12 -37.66
N ALA A 258 13.63 26.99 -36.75
CA ALA A 258 12.20 27.20 -37.03
C ALA A 258 11.45 27.63 -35.76
N SER A 259 10.28 28.24 -35.92
CA SER A 259 9.51 28.90 -34.87
C SER A 259 8.72 27.97 -33.93
N GLY A 260 9.31 26.84 -33.52
CA GLY A 260 8.61 25.81 -32.75
C GLY A 260 8.55 26.01 -31.22
N LEU A 261 9.57 26.61 -30.59
CA LEU A 261 9.63 26.75 -29.12
C LEU A 261 8.54 27.67 -28.55
N GLN A 262 8.19 27.45 -27.28
CA GLN A 262 7.14 28.17 -26.54
C GLN A 262 7.67 28.64 -25.18
N VAL A 263 7.16 29.75 -24.66
CA VAL A 263 7.53 30.23 -23.32
C VAL A 263 7.18 29.16 -22.28
N GLY A 264 8.13 28.86 -21.40
CA GLY A 264 8.03 27.80 -20.40
C GLY A 264 8.59 26.45 -20.83
N ASP A 265 8.96 26.24 -22.09
CA ASP A 265 9.67 25.02 -22.52
C ASP A 265 10.95 24.78 -21.71
N ALA A 266 11.26 23.52 -21.45
CA ALA A 266 12.56 23.05 -21.02
C ALA A 266 13.19 22.25 -22.15
N PHE A 267 14.42 22.56 -22.54
CA PHE A 267 15.11 21.87 -23.62
C PHE A 267 16.58 21.68 -23.33
N THR A 268 17.23 20.77 -24.06
CA THR A 268 18.68 20.56 -24.02
C THR A 268 19.24 20.67 -25.43
N ILE A 269 20.52 21.04 -25.54
CA ILE A 269 21.23 21.19 -26.82
C ILE A 269 22.24 20.04 -26.95
N ALA A 270 22.34 19.43 -28.13
CA ALA A 270 22.92 18.11 -28.35
C ALA A 270 24.28 17.80 -27.70
N GLY A 271 25.20 18.77 -27.64
CA GLY A 271 26.57 18.56 -27.13
C GLY A 271 26.95 19.36 -25.87
N VAL A 272 26.00 20.02 -25.21
CA VAL A 272 26.28 21.04 -24.19
C VAL A 272 25.98 20.50 -22.79
N ASN A 273 26.99 20.32 -21.93
CA ASN A 273 26.82 19.77 -20.59
C ASN A 273 27.08 20.79 -19.50
N SER A 274 26.40 20.69 -18.37
CA SER A 274 26.70 21.51 -17.20
C SER A 274 28.09 21.21 -16.67
N VAL A 275 28.71 22.15 -15.97
CA VAL A 275 29.99 21.99 -15.29
C VAL A 275 29.89 22.37 -13.83
N HIS A 276 30.79 21.88 -12.99
CA HIS A 276 30.89 22.37 -11.61
C HIS A 276 31.21 23.86 -11.61
N GLN A 277 30.41 24.68 -10.95
CA GLN A 277 30.48 26.13 -11.09
C GLN A 277 31.78 26.75 -10.59
N ILE A 278 32.57 26.10 -9.73
CA ILE A 278 33.91 26.56 -9.38
C ILE A 278 34.96 25.93 -10.29
N THR A 279 35.15 24.62 -10.26
CA THR A 279 36.31 23.99 -10.93
C THR A 279 36.16 23.81 -12.42
N LYS A 280 34.97 24.05 -12.97
CA LYS A 280 34.65 23.92 -14.41
C LYS A 280 34.81 22.51 -14.98
N ASP A 281 34.90 21.50 -14.13
CA ASP A 281 34.85 20.09 -14.55
C ASP A 281 33.45 19.73 -15.07
N THR A 282 33.33 19.08 -16.22
CA THR A 282 32.01 18.72 -16.76
C THR A 282 31.31 17.69 -15.90
N THR A 283 30.01 17.88 -15.69
CA THR A 283 29.13 16.92 -15.01
C THR A 283 28.78 15.73 -15.91
N GLY A 284 28.87 15.91 -17.23
CA GLY A 284 28.41 14.93 -18.22
C GLY A 284 26.90 14.89 -18.45
N GLN A 285 26.10 15.57 -17.63
CA GLN A 285 24.67 15.78 -17.90
C GLN A 285 24.47 16.95 -18.85
N PRO A 286 23.56 16.88 -19.83
CA PRO A 286 23.25 18.01 -20.68
C PRO A 286 22.71 19.18 -19.85
N GLN A 287 23.08 20.42 -20.17
CA GLN A 287 22.50 21.59 -19.53
C GLN A 287 21.08 21.79 -20.05
N VAL A 288 20.11 21.93 -19.13
CA VAL A 288 18.75 22.31 -19.48
C VAL A 288 18.64 23.83 -19.58
N PHE A 289 18.02 24.30 -20.65
CA PHE A 289 17.71 25.69 -20.91
C PHE A 289 16.21 25.91 -20.88
N ARG A 290 15.77 27.03 -20.33
CA ARG A 290 14.36 27.41 -20.22
C ARG A 290 14.04 28.55 -21.17
N VAL A 291 12.99 28.43 -21.96
CA VAL A 291 12.53 29.52 -22.83
C VAL A 291 11.77 30.56 -22.04
N LEU A 292 12.26 31.80 -22.04
CA LEU A 292 11.65 32.94 -21.35
C LEU A 292 10.88 33.90 -22.27
N ALA A 293 11.25 33.99 -23.56
CA ALA A 293 10.52 34.75 -24.57
C ALA A 293 10.79 34.20 -25.97
N VAL A 294 9.88 34.45 -26.90
CA VAL A 294 9.96 33.98 -28.30
C VAL A 294 9.58 35.10 -29.25
N SER A 295 10.31 35.19 -30.36
CA SER A 295 10.12 36.16 -31.43
C SER A 295 10.45 35.50 -32.77
N GLY A 296 9.56 34.63 -33.25
CA GLY A 296 9.82 33.79 -34.41
C GLY A 296 10.99 32.84 -34.16
N THR A 297 11.99 32.89 -35.04
CA THR A 297 13.25 32.14 -34.91
C THR A 297 14.21 32.70 -33.86
N THR A 298 13.95 33.86 -33.25
CA THR A 298 14.76 34.39 -32.15
C THR A 298 14.15 34.00 -30.81
N VAL A 299 14.94 33.48 -29.87
CA VAL A 299 14.45 32.94 -28.60
C VAL A 299 15.32 33.43 -27.45
N THR A 300 14.70 33.85 -26.34
CA THR A 300 15.41 34.24 -25.12
C THR A 300 15.32 33.10 -24.11
N ILE A 301 16.45 32.77 -23.51
CA ILE A 301 16.67 31.55 -22.75
C ILE A 301 17.42 31.82 -21.44
N SER A 302 17.32 30.89 -20.50
CA SER A 302 18.15 30.88 -19.29
C SER A 302 18.67 29.46 -19.02
N PRO A 303 19.94 29.25 -18.61
CA PRO A 303 20.99 30.26 -18.41
C PRO A 303 21.51 30.88 -19.71
N LYS A 304 22.46 31.82 -19.61
CA LYS A 304 23.36 32.15 -20.73
C LYS A 304 24.19 30.91 -21.11
N ILE A 305 24.48 30.72 -22.39
CA ILE A 305 25.47 29.74 -22.85
C ILE A 305 26.85 30.35 -22.61
N LEU A 306 27.50 30.00 -21.51
CA LEU A 306 28.83 30.49 -21.12
C LEU A 306 29.81 29.32 -21.12
N PRO A 307 30.52 29.05 -22.24
CA PRO A 307 31.39 27.89 -22.33
C PRO A 307 32.64 28.03 -21.49
N VAL A 308 33.18 26.92 -20.99
CA VAL A 308 34.60 26.84 -20.67
C VAL A 308 35.38 27.10 -21.97
N GLU A 309 36.43 27.91 -21.95
CA GLU A 309 37.10 28.42 -23.16
C GLU A 309 36.18 29.27 -24.08
N ASN A 310 35.32 30.10 -23.49
CA ASN A 310 34.58 31.17 -24.18
C ASN A 310 35.52 32.06 -25.02
N THR A 311 35.11 32.51 -26.20
CA THR A 311 35.87 33.49 -26.98
C THR A 311 36.09 34.80 -26.22
N ASP A 312 35.15 35.22 -25.37
CA ASP A 312 35.33 36.34 -24.46
C ASP A 312 36.10 35.91 -23.20
N VAL A 313 37.36 36.35 -23.06
CA VAL A 313 38.25 35.90 -22.00
C VAL A 313 37.74 36.28 -20.60
N ALA A 314 37.18 37.48 -20.43
CA ALA A 314 36.62 37.93 -19.16
C ALA A 314 35.42 37.10 -18.71
N SER A 315 34.71 36.45 -19.63
CA SER A 315 33.60 35.54 -19.33
C SER A 315 34.04 34.17 -18.83
N ARG A 316 35.27 33.73 -19.10
CA ARG A 316 35.72 32.35 -18.80
C ARG A 316 35.61 31.95 -17.33
N PRO A 317 35.88 32.82 -16.35
CA PRO A 317 35.65 32.48 -14.94
C PRO A 317 34.18 32.22 -14.62
N TYR A 318 33.24 32.67 -15.43
CA TYR A 318 31.80 32.56 -15.20
C TYR A 318 31.13 31.47 -16.05
N ALA A 319 31.93 30.60 -16.67
CA ALA A 319 31.43 29.48 -17.46
C ALA A 319 30.51 28.54 -16.67
N ASN A 320 29.49 28.02 -17.34
CA ASN A 320 28.49 27.12 -16.78
C ASN A 320 28.28 25.85 -17.61
N VAL A 321 28.79 25.82 -18.85
CA VAL A 321 28.72 24.66 -19.74
C VAL A 321 30.07 24.34 -20.36
N ASP A 322 30.31 23.09 -20.74
CA ASP A 322 31.63 22.64 -21.18
C ASP A 322 32.01 23.02 -22.61
N ALA A 323 31.05 23.32 -23.49
CA ALA A 323 31.30 23.76 -24.86
C ALA A 323 30.12 24.58 -25.40
N LYS A 324 30.35 25.42 -26.41
CA LYS A 324 29.27 26.04 -27.19
C LYS A 324 28.62 25.01 -28.12
N PRO A 325 27.39 25.23 -28.62
CA PRO A 325 26.74 24.34 -29.57
C PRO A 325 27.59 24.13 -30.83
N ALA A 326 27.60 22.92 -31.37
CA ALA A 326 28.06 22.69 -32.73
C ALA A 326 27.16 23.40 -33.75
N GLU A 327 27.63 23.59 -34.99
CA GLU A 327 26.79 24.18 -36.04
C GLU A 327 25.53 23.32 -36.27
N SER A 328 24.35 23.93 -36.22
CA SER A 328 23.06 23.23 -36.38
C SER A 328 22.82 22.12 -35.34
N ALA A 329 23.32 22.27 -34.11
CA ALA A 329 23.09 21.31 -33.04
C ALA A 329 21.60 21.08 -32.75
N ALA A 330 21.18 19.84 -32.55
CA ALA A 330 19.80 19.49 -32.29
C ALA A 330 19.30 19.99 -30.93
N ILE A 331 18.04 20.42 -30.89
CA ILE A 331 17.30 20.79 -29.68
C ILE A 331 16.40 19.62 -29.30
N THR A 332 16.48 19.14 -28.07
CA THR A 332 15.56 18.13 -27.51
C THR A 332 14.68 18.78 -26.47
N ILE A 333 13.36 18.76 -26.65
CA ILE A 333 12.40 19.36 -25.72
C ILE A 333 11.96 18.30 -24.70
N LEU A 334 12.04 18.61 -23.43
CA LEU A 334 11.78 17.67 -22.34
C LEU A 334 10.29 17.49 -22.06
N ASN A 335 9.51 18.57 -22.06
CA ASN A 335 8.08 18.57 -21.84
C ASN A 335 7.30 18.07 -23.08
N LYS A 336 7.38 16.77 -23.37
CA LYS A 336 6.62 16.12 -24.46
C LYS A 336 5.11 16.23 -24.27
N ASN A 337 4.65 16.13 -23.03
CA ASN A 337 3.25 16.22 -22.62
C ASN A 337 3.07 17.35 -21.60
N ALA A 338 1.95 18.08 -21.66
CA ALA A 338 1.62 19.04 -20.63
C ALA A 338 1.36 18.32 -19.30
N ALA A 339 2.04 18.74 -18.23
CA ALA A 339 2.06 18.03 -16.95
C ALA A 339 2.39 18.98 -15.80
N PRO A 340 1.93 18.69 -14.56
CA PRO A 340 2.24 19.47 -13.38
C PRO A 340 3.70 19.32 -12.94
N ALA A 341 4.37 20.42 -12.67
CA ALA A 341 5.70 20.45 -12.11
C ALA A 341 5.66 20.27 -10.59
N ASN A 342 6.40 19.30 -10.07
CA ASN A 342 6.81 19.28 -8.67
C ASN A 342 8.01 20.21 -8.53
N LEU A 343 8.03 21.10 -7.54
CA LEU A 343 9.05 22.13 -7.39
C LEU A 343 10.05 21.77 -6.30
N PHE A 344 11.33 22.01 -6.53
CA PHE A 344 12.41 21.77 -5.58
C PHE A 344 13.26 23.02 -5.47
N TRP A 345 13.70 23.38 -4.27
CA TRP A 345 14.72 24.39 -4.12
C TRP A 345 15.63 24.16 -2.93
N ALA A 346 16.88 24.60 -3.05
CA ALA A 346 17.74 24.90 -1.93
C ALA A 346 17.48 26.34 -1.47
N ASP A 347 17.45 26.58 -0.17
CA ASP A 347 17.01 27.86 0.38
C ASP A 347 17.92 29.05 0.03
N GLY A 348 17.32 30.23 -0.10
CA GLY A 348 18.02 31.49 -0.38
C GLY A 348 17.89 32.02 -1.81
N SER A 349 17.46 31.19 -2.76
CA SER A 349 17.24 31.61 -4.16
C SER A 349 15.82 32.13 -4.45
N VAL A 350 14.78 31.52 -3.87
CA VAL A 350 13.38 31.83 -4.18
C VAL A 350 12.84 32.80 -3.14
N GLU A 351 12.42 33.97 -3.59
CA GLU A 351 12.09 35.09 -2.71
C GLU A 351 10.84 35.85 -3.19
N LEU A 352 9.99 36.26 -2.26
CA LEU A 352 8.95 37.25 -2.46
C LEU A 352 9.39 38.57 -1.85
N MET A 353 9.41 39.64 -2.62
CA MET A 353 9.60 40.99 -2.08
C MET A 353 8.27 41.73 -2.05
N TYR A 354 7.97 42.40 -0.94
CA TYR A 354 6.70 43.09 -0.74
C TYR A 354 6.88 44.59 -0.63
N GLY A 355 5.96 45.33 -1.26
CA GLY A 355 5.81 46.76 -1.07
C GLY A 355 4.43 47.13 -0.54
N LYS A 356 4.15 48.42 -0.49
CA LYS A 356 2.87 49.00 -0.09
C LYS A 356 2.69 50.30 -0.84
N LEU A 357 1.69 50.37 -1.73
CA LEU A 357 1.33 51.64 -2.38
C LEU A 357 0.89 52.66 -1.32
N ALA A 358 1.27 53.92 -1.50
CA ALA A 358 1.02 54.98 -0.53
C ALA A 358 -0.42 55.54 -0.59
N PHE A 359 -1.43 54.67 -0.46
CA PHE A 359 -2.84 55.05 -0.41
C PHE A 359 -3.12 55.82 0.89
N PRO A 360 -3.57 57.09 0.83
CA PRO A 360 -3.67 57.94 2.00
C PRO A 360 -5.00 57.79 2.74
N THR A 361 -4.95 57.65 4.06
CA THR A 361 -6.12 57.73 4.94
C THR A 361 -6.59 59.17 5.14
N GLY A 362 -7.85 59.38 5.47
CA GLY A 362 -8.39 60.68 5.90
C GLY A 362 -8.69 61.69 4.80
N GLN A 363 -8.52 61.32 3.54
CA GLN A 363 -8.90 62.11 2.37
C GLN A 363 -9.61 61.21 1.36
N GLY A 364 -10.72 61.64 0.77
CA GLY A 364 -11.50 60.80 -0.13
C GLY A 364 -12.00 59.49 0.49
N PRO A 365 -11.66 58.30 -0.05
CA PRO A 365 -12.17 57.01 0.40
C PRO A 365 -11.77 56.62 1.82
N GLN A 366 -12.48 55.66 2.38
CA GLN A 366 -12.05 54.93 3.59
C GLN A 366 -10.96 53.94 3.20
N VAL A 367 -9.86 53.85 3.96
CA VAL A 367 -8.71 52.97 3.66
C VAL A 367 -8.32 52.14 4.88
N MET A 368 -8.12 50.84 4.69
CA MET A 368 -7.62 49.88 5.69
C MET A 368 -6.44 49.10 5.16
N THR A 369 -5.56 48.67 6.06
CA THR A 369 -4.43 47.77 5.77
C THR A 369 -4.65 46.42 6.43
N ALA A 370 -4.38 45.33 5.73
CA ALA A 370 -4.49 43.95 6.22
C ALA A 370 -3.29 43.11 5.74
N THR A 371 -3.13 41.91 6.27
CA THR A 371 -2.00 41.01 5.95
C THR A 371 -2.49 39.65 5.43
N THR A 372 -1.94 39.17 4.32
CA THR A 372 -2.28 37.83 3.77
C THR A 372 -1.63 36.68 4.55
N GLU A 373 -1.97 35.45 4.18
CA GLU A 373 -1.37 34.20 4.65
C GLU A 373 0.18 34.22 4.54
N GLN A 374 0.71 34.74 3.42
CA GLN A 374 2.14 34.89 3.19
C GLN A 374 2.79 36.09 3.88
N GLY A 375 2.05 36.90 4.63
CA GLY A 375 2.57 38.14 5.20
C GLY A 375 2.64 39.32 4.22
N ALA A 376 2.01 39.23 3.04
CA ALA A 376 1.94 40.35 2.11
C ALA A 376 0.92 41.38 2.59
N THR A 377 1.15 42.67 2.32
CA THR A 377 0.19 43.72 2.66
C THR A 377 -0.94 43.79 1.64
N LEU A 378 -2.18 43.81 2.13
CA LEU A 378 -3.38 44.22 1.40
C LEU A 378 -3.73 45.64 1.80
N ILE A 379 -4.10 46.47 0.83
CA ILE A 379 -4.86 47.69 1.06
C ILE A 379 -6.30 47.43 0.61
N MET A 380 -7.27 47.72 1.47
CA MET A 380 -8.68 47.79 1.11
C MET A 380 -9.11 49.25 1.11
N SER A 381 -9.75 49.73 0.05
CA SER A 381 -10.32 51.08 0.03
C SER A 381 -11.73 51.11 -0.55
N TYR A 382 -12.58 51.94 0.06
CA TYR A 382 -13.99 52.07 -0.28
C TYR A 382 -14.33 53.52 -0.60
N ALA A 383 -14.85 53.78 -1.78
CA ALA A 383 -15.23 55.10 -2.26
C ALA A 383 -16.71 55.12 -2.62
N PHE A 384 -17.53 55.93 -1.94
CA PHE A 384 -18.94 56.09 -2.27
C PHE A 384 -19.16 57.31 -3.15
N ASP A 385 -19.71 57.12 -4.35
CA ASP A 385 -20.16 58.19 -5.23
C ASP A 385 -21.65 58.41 -5.02
N HIS A 386 -22.03 59.48 -4.32
CA HIS A 386 -23.43 59.75 -4.02
C HIS A 386 -24.29 60.22 -5.20
N ILE A 387 -23.73 60.56 -6.36
CA ILE A 387 -24.51 60.88 -7.58
C ILE A 387 -24.78 59.62 -8.38
N LYS A 388 -23.76 58.76 -8.55
CA LYS A 388 -23.94 57.42 -9.14
C LYS A 388 -24.76 56.49 -8.24
N GLY A 389 -24.68 56.69 -6.93
CA GLY A 389 -25.38 55.91 -5.91
C GLY A 389 -24.71 54.57 -5.61
N VAL A 390 -23.39 54.45 -5.77
CA VAL A 390 -22.63 53.21 -5.62
C VAL A 390 -21.40 53.40 -4.75
N THR A 391 -21.07 52.41 -3.92
CA THR A 391 -19.69 52.24 -3.46
C THR A 391 -18.90 51.47 -4.49
N THR A 392 -17.63 51.82 -4.65
CA THR A 392 -16.64 51.01 -5.33
C THR A 392 -15.63 50.55 -4.28
N ALA A 393 -15.38 49.24 -4.23
CA ALA A 393 -14.47 48.62 -3.29
C ALA A 393 -13.26 48.09 -4.05
N ARG A 394 -12.06 48.50 -3.64
CA ARG A 394 -10.78 48.06 -4.22
C ARG A 394 -9.95 47.36 -3.17
N PHE A 395 -9.54 46.13 -3.45
CA PHE A 395 -8.51 45.42 -2.70
C PHE A 395 -7.26 45.40 -3.55
N THR A 396 -6.07 45.72 -3.02
CA THR A 396 -4.85 45.81 -3.82
C THR A 396 -3.61 45.39 -3.06
N THR A 397 -2.62 44.83 -3.75
CA THR A 397 -1.33 44.43 -3.19
C THR A 397 -0.19 44.58 -4.20
N LEU A 398 1.01 44.87 -3.72
CA LEU A 398 2.22 45.07 -4.52
C LEU A 398 3.30 44.08 -4.09
N TYR A 399 3.82 43.27 -5.02
CA TYR A 399 4.84 42.28 -4.72
C TYR A 399 5.68 41.93 -5.95
N GLY A 400 6.82 41.32 -5.74
CA GLY A 400 7.71 40.79 -6.77
C GLY A 400 8.09 39.36 -6.45
N CYS A 401 8.01 38.48 -7.43
CA CYS A 401 8.47 37.09 -7.33
C CYS A 401 9.86 36.99 -7.94
N SER A 402 10.83 36.44 -7.21
CA SER A 402 12.23 36.47 -7.60
C SER A 402 12.88 35.09 -7.47
N VAL A 403 13.65 34.68 -8.48
CA VAL A 403 14.50 33.50 -8.46
C VAL A 403 15.93 33.97 -8.69
N LEU A 404 16.63 34.28 -7.62
CA LEU A 404 17.94 34.94 -7.65
C LEU A 404 19.02 34.05 -8.27
N VAL A 405 18.93 32.73 -8.05
CA VAL A 405 19.88 31.73 -8.53
C VAL A 405 19.08 30.57 -9.13
N PRO A 406 18.75 30.58 -10.43
CA PRO A 406 17.90 29.54 -11.01
C PRO A 406 18.53 28.14 -11.05
N GLU A 407 19.80 28.00 -10.68
CA GLU A 407 20.51 26.74 -10.42
C GLU A 407 20.18 26.15 -9.03
N TYR A 408 19.77 26.95 -8.05
CA TYR A 408 19.34 26.47 -6.74
C TYR A 408 17.92 25.89 -6.76
N THR A 409 17.25 25.91 -7.91
CA THR A 409 15.87 25.48 -8.10
C THR A 409 15.79 24.39 -9.15
N GLY A 410 14.87 23.44 -9.02
CA GLY A 410 14.61 22.44 -10.04
C GLY A 410 13.18 21.96 -10.06
N ILE A 411 12.78 21.25 -11.11
CA ILE A 411 11.45 20.66 -11.23
C ILE A 411 11.49 19.22 -11.72
N VAL A 412 10.54 18.42 -11.27
CA VAL A 412 10.27 17.08 -11.80
C VAL A 412 8.90 17.08 -12.47
N ILE A 413 8.83 16.65 -13.72
CA ILE A 413 7.55 16.40 -14.42
C ILE A 413 7.35 14.91 -14.68
N ALA A 414 6.25 14.35 -14.17
CA ALA A 414 5.82 13.00 -14.49
C ALA A 414 4.95 12.98 -15.76
N GLY A 415 4.54 11.81 -16.24
CA GLY A 415 3.88 11.66 -17.54
C GLY A 415 4.70 12.16 -18.73
N GLN A 416 6.02 12.29 -18.58
CA GLN A 416 6.95 13.03 -19.46
C GLN A 416 6.45 14.48 -19.67
N ALA B 1 -48.94 -44.77 32.60
CA ALA B 1 -50.36 -45.00 32.24
C ALA B 1 -50.70 -44.27 30.96
N ASN B 2 -51.63 -44.80 30.17
CA ASN B 2 -52.11 -44.21 28.93
C ASN B 2 -52.85 -42.88 29.17
N GLN B 3 -53.05 -42.09 28.10
CA GLN B 3 -53.94 -40.91 28.09
C GLN B 3 -53.58 -39.81 29.10
N LEU B 4 -52.31 -39.42 29.15
CA LEU B 4 -51.88 -38.22 29.88
C LEU B 4 -52.17 -36.93 29.10
N ALA B 5 -52.40 -35.82 29.79
CA ALA B 5 -52.61 -34.51 29.19
C ALA B 5 -51.29 -33.88 28.71
N LYS B 6 -51.32 -33.23 27.55
CA LYS B 6 -50.19 -32.50 26.93
C LYS B 6 -50.56 -31.04 26.72
N ASP B 7 -49.61 -30.13 26.87
CA ASP B 7 -49.79 -28.72 26.51
C ASP B 7 -48.63 -28.19 25.64
N LEU B 8 -48.57 -26.87 25.42
CA LEU B 8 -47.47 -26.22 24.70
C LEU B 8 -46.58 -25.45 25.68
N GLU B 9 -45.28 -25.68 25.61
CA GLU B 9 -44.28 -24.85 26.28
C GLU B 9 -43.86 -23.73 25.33
N ILE B 10 -44.50 -22.56 25.41
CA ILE B 10 -44.13 -21.37 24.67
C ILE B 10 -43.52 -20.37 25.66
N MET B 11 -42.33 -19.88 25.38
CA MET B 11 -41.56 -19.02 26.28
C MET B 11 -41.69 -17.55 25.86
N PHE B 12 -42.84 -16.93 26.16
CA PHE B 12 -43.38 -15.76 25.43
C PHE B 12 -42.53 -14.48 25.39
N GLU B 13 -41.48 -14.34 26.19
CA GLU B 13 -40.54 -13.21 26.09
C GLU B 13 -39.05 -13.63 26.09
N ASN B 14 -38.76 -14.93 25.91
CA ASN B 14 -37.41 -15.44 25.64
C ASN B 14 -37.16 -15.43 24.13
N TYR B 15 -36.97 -14.26 23.52
CA TYR B 15 -36.74 -14.17 22.09
C TYR B 15 -35.44 -14.87 21.67
N VAL B 16 -35.47 -15.55 20.52
CA VAL B 16 -34.24 -15.93 19.82
C VAL B 16 -33.55 -14.68 19.30
N GLU B 17 -32.24 -14.74 19.07
CA GLU B 17 -31.47 -13.58 18.64
C GLU B 17 -31.96 -13.02 17.30
N GLY B 18 -31.85 -11.70 17.12
CA GLY B 18 -32.41 -11.02 15.94
C GLY B 18 -31.53 -9.90 15.41
N PHE B 19 -31.75 -9.62 14.14
CA PHE B 19 -31.01 -8.66 13.33
C PHE B 19 -31.10 -7.21 13.81
N GLU B 20 -30.16 -6.37 13.38
CA GLU B 20 -30.17 -4.93 13.62
C GLU B 20 -29.56 -4.16 12.46
N ALA B 21 -29.77 -2.85 12.41
CA ALA B 21 -29.01 -1.93 11.56
C ALA B 21 -28.06 -1.10 12.43
N ALA B 22 -26.78 -0.99 12.05
CA ALA B 22 -25.80 -0.24 12.84
C ALA B 22 -25.94 1.29 12.76
N CYS B 23 -26.63 1.79 11.73
CA CYS B 23 -26.89 3.22 11.46
C CYS B 23 -25.64 4.10 11.30
N VAL B 24 -24.46 3.54 11.02
CA VAL B 24 -23.18 4.23 11.22
C VAL B 24 -22.99 5.47 10.34
N VAL B 25 -23.48 5.48 9.11
CA VAL B 25 -23.30 6.63 8.20
C VAL B 25 -24.12 7.81 8.70
N SER B 26 -25.40 7.60 8.97
CA SER B 26 -26.30 8.63 9.50
C SER B 26 -25.99 9.05 10.93
N ARG B 27 -25.36 8.21 11.75
CA ARG B 27 -24.77 8.63 13.03
C ARG B 27 -23.57 9.56 12.88
N ASN B 28 -22.83 9.47 11.79
CA ASN B 28 -21.66 10.32 11.50
C ASN B 28 -21.97 11.58 10.69
N ALA B 29 -23.12 11.65 10.01
CA ALA B 29 -23.54 12.84 9.28
C ALA B 29 -23.72 14.06 10.19
N LYS B 30 -23.61 15.27 9.64
CA LYS B 30 -23.94 16.50 10.37
C LYS B 30 -25.46 16.57 10.56
N LYS B 31 -25.95 16.99 11.72
CA LYS B 31 -27.40 17.08 11.98
C LYS B 31 -27.85 18.54 12.12
N PHE B 32 -29.03 18.85 11.60
CA PHE B 32 -29.57 20.21 11.59
C PHE B 32 -31.06 20.26 11.97
N ARG B 33 -31.46 21.18 12.84
CA ARG B 33 -32.86 21.41 13.25
C ARG B 33 -33.35 22.78 12.78
N PRO B 34 -33.84 22.93 11.54
CA PRO B 34 -34.52 24.14 11.11
C PRO B 34 -35.83 24.33 11.90
N GLY B 35 -36.32 25.57 11.99
CA GLY B 35 -37.57 25.86 12.71
C GLY B 35 -38.79 25.29 12.00
N ASP B 36 -39.68 24.61 12.73
CA ASP B 36 -40.83 23.93 12.11
C ASP B 36 -41.87 24.91 11.54
N THR B 37 -42.07 26.07 12.19
CA THR B 37 -42.94 27.13 11.66
C THR B 37 -42.39 27.69 10.35
N ALA B 38 -41.08 27.91 10.28
CA ALA B 38 -40.41 28.38 9.07
C ALA B 38 -40.49 27.35 7.94
N MET B 39 -40.22 26.07 8.22
CA MET B 39 -40.36 25.01 7.24
C MET B 39 -41.79 24.86 6.73
N GLN B 40 -42.81 25.04 7.58
CA GLN B 40 -44.20 25.04 7.12
C GLN B 40 -44.46 26.21 6.15
N ARG B 41 -44.11 27.45 6.51
CA ARG B 41 -44.32 28.60 5.61
C ARG B 41 -43.57 28.44 4.30
N ALA B 42 -42.37 27.87 4.33
CA ALA B 42 -41.54 27.65 3.16
C ALA B 42 -41.95 26.44 2.29
N GLY B 43 -42.86 25.58 2.76
CA GLY B 43 -43.22 24.35 2.05
C GLY B 43 -42.14 23.27 2.10
N ASP B 44 -41.51 23.09 3.27
CA ASP B 44 -40.53 22.06 3.59
C ASP B 44 -39.19 22.11 2.81
N VAL B 45 -38.88 23.25 2.19
CA VAL B 45 -37.59 23.55 1.54
C VAL B 45 -36.93 24.74 2.23
N LEU B 46 -35.61 24.74 2.37
CA LEU B 46 -34.86 25.95 2.67
C LEU B 46 -33.59 26.03 1.83
N TYR B 47 -33.04 27.24 1.75
CA TYR B 47 -31.88 27.57 0.93
C TYR B 47 -30.77 28.16 1.78
N ARG B 48 -29.53 27.84 1.44
CA ARG B 48 -28.32 28.43 2.05
C ARG B 48 -27.41 29.02 0.97
N PRO B 49 -26.75 30.15 1.21
CA PRO B 49 -25.88 30.77 0.24
C PRO B 49 -24.55 30.03 0.06
N GLN B 50 -23.94 30.16 -1.11
CA GLN B 50 -22.55 29.80 -1.33
C GLN B 50 -21.67 31.04 -1.33
N HIS B 51 -20.37 30.88 -1.08
CA HIS B 51 -19.38 31.96 -1.10
C HIS B 51 -19.25 32.63 -2.47
N TYR B 52 -18.78 33.88 -2.48
CA TYR B 52 -18.42 34.59 -3.71
C TYR B 52 -17.04 34.19 -4.22
N HIS B 53 -16.83 34.35 -5.52
CA HIS B 53 -15.54 34.26 -6.19
C HIS B 53 -15.29 35.55 -6.97
N MET B 54 -14.04 35.97 -7.07
CA MET B 54 -13.65 37.30 -7.55
C MET B 54 -12.67 37.21 -8.73
N ASN B 55 -12.61 38.24 -9.59
CA ASN B 55 -11.62 38.38 -10.64
C ASN B 55 -10.44 39.25 -10.22
N ILE B 56 -9.21 38.84 -10.52
CA ILE B 56 -8.01 39.67 -10.40
C ILE B 56 -7.91 40.66 -11.57
N GLU B 57 -7.53 41.90 -11.28
CA GLU B 57 -7.21 42.93 -12.26
C GLU B 57 -5.84 43.56 -11.96
N GLU B 58 -5.17 44.11 -12.96
CA GLU B 58 -3.76 44.48 -12.87
C GLU B 58 -3.51 45.95 -13.22
N GLY B 59 -2.65 46.61 -12.44
CA GLY B 59 -2.22 48.00 -12.67
C GLY B 59 -2.58 48.96 -11.53
N LEU B 60 -2.07 50.18 -11.59
CA LEU B 60 -2.35 51.22 -10.59
C LEU B 60 -3.67 51.95 -10.89
N ASP B 61 -3.86 52.40 -12.13
CA ASP B 61 -5.10 53.05 -12.58
C ASP B 61 -6.05 52.01 -13.16
N LEU B 62 -7.23 51.87 -12.53
CA LEU B 62 -8.24 50.90 -12.91
C LEU B 62 -9.45 51.53 -13.62
N SER B 63 -9.34 52.75 -14.15
CA SER B 63 -10.47 53.46 -14.76
C SER B 63 -11.10 52.71 -15.95
N SER B 64 -10.32 51.90 -16.67
CA SER B 64 -10.77 51.10 -17.82
C SER B 64 -11.19 49.68 -17.47
N LYS B 65 -10.93 49.20 -16.26
CA LYS B 65 -11.32 47.87 -15.78
C LYS B 65 -12.83 47.77 -15.58
N THR B 66 -13.35 46.54 -15.64
CA THR B 66 -14.72 46.20 -15.27
C THR B 66 -14.70 45.56 -13.88
N PRO B 67 -15.48 46.04 -12.89
CA PRO B 67 -15.57 45.42 -11.58
C PRO B 67 -16.22 44.03 -11.67
N THR B 68 -15.86 43.11 -10.79
CA THR B 68 -16.43 41.76 -10.80
C THR B 68 -17.91 41.78 -10.37
N ALA B 69 -18.77 41.07 -11.08
CA ALA B 69 -20.17 40.95 -10.72
C ALA B 69 -20.34 39.93 -9.60
N LEU B 70 -20.86 40.34 -8.44
CA LEU B 70 -21.19 39.41 -7.36
C LEU B 70 -22.43 38.60 -7.74
N VAL B 71 -22.29 37.27 -7.85
CA VAL B 71 -23.42 36.37 -8.09
C VAL B 71 -23.72 35.56 -6.84
N GLN B 72 -24.94 35.67 -6.32
CA GLN B 72 -25.37 35.05 -5.07
C GLN B 72 -26.04 33.71 -5.34
N ARG B 73 -25.26 32.64 -5.30
CA ARG B 73 -25.70 31.26 -5.52
C ARG B 73 -26.38 30.71 -4.27
N LEU B 74 -27.47 29.94 -4.44
CA LEU B 74 -28.25 29.33 -3.36
C LEU B 74 -28.38 27.82 -3.55
N VAL B 75 -28.21 27.06 -2.47
CA VAL B 75 -28.30 25.59 -2.46
C VAL B 75 -29.58 25.14 -1.74
N PRO B 76 -30.49 24.41 -2.39
CA PRO B 76 -31.69 23.90 -1.75
C PRO B 76 -31.41 22.66 -0.90
N SER B 77 -32.11 22.55 0.22
CA SER B 77 -32.26 21.30 0.98
C SER B 77 -33.71 21.15 1.42
N VAL B 78 -34.26 19.94 1.33
CA VAL B 78 -35.71 19.67 1.38
C VAL B 78 -36.03 18.42 2.22
N PHE B 79 -37.11 18.45 3.02
CA PHE B 79 -37.60 17.25 3.69
C PHE B 79 -38.23 16.26 2.70
N LYS B 80 -38.06 14.97 2.94
CA LYS B 80 -38.75 13.89 2.22
C LYS B 80 -40.20 13.76 2.72
N GLU B 81 -41.03 12.96 2.06
CA GLU B 81 -42.32 12.56 2.63
C GLU B 81 -42.13 11.90 4.00
N PRO B 82 -43.02 12.13 4.98
CA PRO B 82 -42.90 11.49 6.29
C PRO B 82 -42.85 9.98 6.16
N LYS B 83 -42.05 9.34 7.02
CA LYS B 83 -41.97 7.88 7.13
C LYS B 83 -42.75 7.45 8.34
N ASN B 84 -43.58 6.43 8.18
CA ASN B 84 -44.54 6.01 9.19
C ASN B 84 -44.52 4.50 9.37
N ILE B 85 -44.99 4.04 10.52
CA ILE B 85 -45.31 2.65 10.79
C ILE B 85 -46.66 2.60 11.49
N LEU B 86 -47.52 1.66 11.10
CA LEU B 86 -48.85 1.47 11.66
C LEU B 86 -49.01 0.06 12.20
N TYR B 87 -49.63 -0.10 13.36
CA TYR B 87 -50.15 -1.37 13.84
C TYR B 87 -51.45 -1.16 14.61
N THR B 88 -52.18 -2.23 14.91
CA THR B 88 -53.44 -2.16 15.64
C THR B 88 -53.59 -3.34 16.60
N LEU B 89 -54.19 -3.10 17.76
CA LEU B 89 -54.49 -4.12 18.77
C LEU B 89 -55.93 -3.96 19.24
N ASP B 90 -56.70 -5.05 19.31
CA ASP B 90 -57.99 -5.03 19.98
C ASP B 90 -57.84 -5.14 21.50
N ALA B 91 -58.91 -4.85 22.25
CA ALA B 91 -58.92 -4.83 23.71
C ALA B 91 -58.62 -6.19 24.36
N ARG B 92 -58.76 -7.32 23.66
CA ARG B 92 -58.31 -8.63 24.13
C ARG B 92 -56.81 -8.80 23.87
N GLU B 93 -56.34 -8.52 22.67
CA GLU B 93 -54.92 -8.63 22.30
C GLU B 93 -54.03 -7.75 23.20
N MET B 94 -54.55 -6.58 23.51
CA MET B 94 -53.92 -5.56 24.34
C MET B 94 -53.89 -5.89 25.85
N ARG B 95 -54.49 -7.01 26.29
CA ARG B 95 -54.31 -7.54 27.66
C ARG B 95 -52.91 -8.06 27.91
N ASP B 96 -52.18 -8.45 26.87
CA ASP B 96 -50.77 -8.85 26.94
C ASP B 96 -49.87 -7.66 26.54
N PRO B 97 -49.12 -7.05 27.48
CA PRO B 97 -48.31 -5.85 27.20
C PRO B 97 -47.18 -6.07 26.21
N GLU B 98 -46.80 -7.32 25.94
CA GLU B 98 -45.66 -7.60 25.10
C GLU B 98 -45.91 -7.20 23.65
N HIS B 99 -47.13 -7.26 23.13
CA HIS B 99 -47.40 -6.84 21.76
C HIS B 99 -47.08 -5.37 21.54
N LYS B 100 -47.57 -4.48 22.41
CA LYS B 100 -47.29 -3.05 22.35
C LYS B 100 -45.80 -2.77 22.54
N THR B 101 -45.16 -3.47 23.46
CA THR B 101 -43.73 -3.32 23.75
C THR B 101 -42.86 -3.73 22.57
N GLU B 102 -43.05 -4.93 22.05
CA GLU B 102 -42.25 -5.47 20.95
C GLU B 102 -42.55 -4.77 19.63
N ALA B 103 -43.80 -4.44 19.32
CA ALA B 103 -44.14 -3.69 18.12
C ALA B 103 -43.62 -2.25 18.17
N GLY B 104 -43.58 -1.62 19.35
CA GLY B 104 -42.94 -0.32 19.54
C GLY B 104 -41.44 -0.37 19.34
N ARG B 105 -40.76 -1.36 19.93
CA ARG B 105 -39.32 -1.61 19.74
C ARG B 105 -38.99 -1.83 18.26
N ALA B 106 -39.74 -2.69 17.59
CA ALA B 106 -39.58 -2.97 16.17
C ALA B 106 -39.83 -1.73 15.30
N ALA B 107 -40.86 -0.95 15.58
CA ALA B 107 -41.18 0.26 14.83
C ALA B 107 -40.12 1.35 14.99
N GLY B 108 -39.63 1.60 16.20
CA GLY B 108 -38.60 2.59 16.46
C GLY B 108 -37.32 2.31 15.67
N MET B 109 -36.82 1.08 15.71
CA MET B 109 -35.60 0.73 14.98
C MET B 109 -35.78 0.66 13.47
N ARG B 110 -36.94 0.27 12.96
CA ARG B 110 -37.20 0.23 11.51
C ARG B 110 -37.22 1.62 10.89
N LEU B 111 -37.74 2.62 11.61
CA LEU B 111 -37.68 4.01 11.19
C LEU B 111 -36.25 4.55 11.23
N ALA B 112 -35.51 4.32 12.31
CA ALA B 112 -34.11 4.72 12.40
C ALA B 112 -33.28 4.14 11.24
N ALA B 113 -33.44 2.86 10.93
CA ALA B 113 -32.73 2.23 9.83
C ALA B 113 -33.10 2.80 8.44
N GLN B 114 -34.31 3.32 8.25
CA GLN B 114 -34.68 3.96 6.99
C GLN B 114 -33.96 5.29 6.77
N ILE B 115 -33.72 6.05 7.84
CA ILE B 115 -32.95 7.29 7.76
C ILE B 115 -31.55 7.01 7.24
N ASP B 116 -30.91 5.94 7.72
CA ASP B 116 -29.60 5.53 7.24
C ASP B 116 -29.62 5.11 5.76
N SER B 117 -30.61 4.30 5.36
CA SER B 117 -30.78 3.87 3.97
C SER B 117 -31.01 5.02 3.00
N ASP B 118 -31.84 5.99 3.38
CA ASP B 118 -32.08 7.18 2.58
C ASP B 118 -30.84 8.06 2.47
N LEU B 119 -30.11 8.29 3.57
CA LEU B 119 -28.86 9.03 3.49
C LEU B 119 -27.83 8.34 2.60
N ILE B 120 -27.60 7.04 2.78
CA ILE B 120 -26.61 6.28 2.00
C ILE B 120 -26.93 6.34 0.52
N SER B 121 -28.19 6.19 0.14
CA SER B 121 -28.59 6.26 -1.26
C SER B 121 -28.52 7.70 -1.81
N MET B 122 -28.79 8.72 -1.00
CA MET B 122 -28.59 10.13 -1.37
C MET B 122 -27.12 10.43 -1.67
N VAL B 123 -26.21 10.14 -0.74
CA VAL B 123 -24.77 10.38 -0.94
C VAL B 123 -24.24 9.62 -2.15
N THR B 124 -24.66 8.37 -2.33
CA THR B 124 -24.27 7.55 -3.47
C THR B 124 -24.66 8.17 -4.81
N GLN B 125 -25.85 8.76 -4.92
CA GLN B 125 -26.33 9.38 -6.16
C GLN B 125 -25.66 10.74 -6.43
N ARG B 126 -25.39 11.54 -5.40
CA ARG B 126 -24.97 12.94 -5.55
C ARG B 126 -23.47 13.18 -5.54
N ALA B 127 -22.64 12.31 -4.99
CA ALA B 127 -21.20 12.54 -4.90
C ALA B 127 -20.54 12.69 -6.27
N THR B 128 -19.78 13.76 -6.51
CA THR B 128 -19.22 14.06 -7.83
C THR B 128 -17.80 13.57 -8.04
N ASN B 129 -16.99 13.36 -7.01
CA ASN B 129 -15.72 12.64 -7.17
C ASN B 129 -15.98 11.13 -7.25
N VAL B 130 -15.62 10.46 -8.34
CA VAL B 130 -15.79 9.00 -8.49
C VAL B 130 -14.51 8.38 -9.00
N ILE B 131 -14.07 7.28 -8.40
CA ILE B 131 -12.93 6.49 -8.88
C ILE B 131 -13.33 5.03 -8.95
N THR B 132 -12.96 4.33 -10.01
CA THR B 132 -13.35 2.94 -10.23
C THR B 132 -12.13 2.06 -10.46
N MET B 133 -12.22 0.80 -10.07
CA MET B 133 -11.18 -0.19 -10.31
C MET B 133 -11.79 -1.52 -10.76
N ALA B 134 -11.14 -2.20 -11.69
CA ALA B 134 -11.43 -3.60 -11.98
C ALA B 134 -11.01 -4.47 -10.78
N ASP B 135 -11.77 -5.53 -10.51
CA ASP B 135 -11.47 -6.41 -9.38
C ASP B 135 -10.21 -7.25 -9.68
N SER B 136 -9.21 -7.21 -8.81
CA SER B 136 -7.87 -7.67 -9.17
C SER B 136 -7.74 -9.20 -9.23
N THR B 137 -7.23 -9.70 -10.35
CA THR B 137 -6.84 -11.10 -10.55
C THR B 137 -5.48 -11.41 -9.91
N ALA B 138 -4.61 -10.41 -9.75
CA ALA B 138 -3.37 -10.49 -8.99
C ALA B 138 -3.60 -10.29 -7.48
N GLY B 139 -2.53 -10.18 -6.70
CA GLY B 139 -2.59 -9.83 -5.27
C GLY B 139 -2.90 -8.35 -4.98
N THR B 140 -3.14 -7.51 -5.99
CA THR B 140 -3.22 -6.04 -5.82
C THR B 140 -4.54 -5.53 -5.26
N GLN B 141 -5.51 -6.38 -4.97
CA GLN B 141 -6.66 -5.96 -4.15
C GLN B 141 -6.19 -5.34 -2.83
N GLY B 142 -6.97 -4.44 -2.24
CA GLY B 142 -6.57 -3.70 -1.05
C GLY B 142 -5.58 -2.57 -1.36
N ARG B 143 -4.46 -2.83 -2.04
CA ARG B 143 -3.59 -1.79 -2.61
C ARG B 143 -4.34 -0.95 -3.63
N ASP B 144 -5.10 -1.55 -4.53
CA ASP B 144 -5.92 -0.85 -5.50
C ASP B 144 -7.03 -0.01 -4.84
N LEU B 145 -7.67 -0.53 -3.79
CA LEU B 145 -8.67 0.22 -3.02
C LEU B 145 -8.04 1.38 -2.25
N TRP B 146 -6.85 1.20 -1.70
CA TRP B 146 -6.09 2.28 -1.08
C TRP B 146 -5.68 3.34 -2.12
N ASN B 147 -5.27 2.95 -3.32
CA ASN B 147 -4.99 3.89 -4.41
C ASN B 147 -6.24 4.69 -4.78
N CYS B 148 -7.41 4.07 -4.78
CA CYS B 148 -8.66 4.78 -5.01
C CYS B 148 -9.01 5.74 -3.88
N ALA B 149 -8.97 5.32 -2.62
CA ALA B 149 -9.23 6.21 -1.49
C ALA B 149 -8.25 7.38 -1.45
N ALA B 150 -6.95 7.14 -1.61
CA ALA B 150 -5.97 8.21 -1.70
C ALA B 150 -6.17 9.08 -2.95
N GLY B 151 -6.66 8.53 -4.06
CA GLY B 151 -7.07 9.31 -5.23
C GLY B 151 -8.27 10.22 -4.96
N ILE B 152 -9.21 9.83 -4.12
CA ILE B 152 -10.32 10.70 -3.72
C ILE B 152 -9.79 11.89 -2.91
N ASP B 153 -8.91 11.68 -1.94
CA ASP B 153 -8.33 12.78 -1.16
C ASP B 153 -7.41 13.68 -2.01
N ALA B 154 -6.61 13.11 -2.91
CA ALA B 154 -5.82 13.87 -3.86
C ALA B 154 -6.72 14.74 -4.75
N THR B 155 -7.85 14.21 -5.22
CA THR B 155 -8.81 14.97 -6.04
C THR B 155 -9.46 16.08 -5.23
N MET B 156 -9.97 15.79 -4.03
CA MET B 156 -10.50 16.81 -3.13
C MET B 156 -9.49 17.93 -2.89
N THR B 157 -8.23 17.58 -2.65
CA THR B 157 -7.16 18.56 -2.45
C THR B 157 -6.92 19.40 -3.70
N ALA B 158 -6.81 18.77 -4.87
CA ALA B 158 -6.53 19.45 -6.12
C ALA B 158 -7.63 20.42 -6.56
N ILE B 159 -8.91 20.15 -6.25
CA ILE B 159 -10.01 21.09 -6.49
C ILE B 159 -10.13 22.16 -5.40
N GLY B 160 -9.42 22.06 -4.28
CA GLY B 160 -9.37 23.10 -3.25
C GLY B 160 -10.23 22.84 -2.03
N VAL B 161 -10.72 21.62 -1.80
CA VAL B 161 -11.35 21.25 -0.52
C VAL B 161 -10.30 21.41 0.59
N PRO B 162 -10.58 22.12 1.70
CA PRO B 162 -9.61 22.38 2.75
C PRO B 162 -8.90 21.13 3.26
N GLN B 163 -7.59 21.21 3.47
CA GLN B 163 -6.78 20.07 3.90
C GLN B 163 -6.91 19.78 5.38
N GLY B 164 -7.28 20.77 6.18
CA GLY B 164 -7.35 20.65 7.65
C GLY B 164 -8.63 19.99 8.16
N ILE B 165 -9.73 20.06 7.40
CA ILE B 165 -11.03 19.55 7.84
C ILE B 165 -11.05 18.03 7.87
N ASN B 166 -11.73 17.48 8.88
CA ASN B 166 -11.82 16.06 9.14
C ASN B 166 -12.55 15.30 8.01
N ARG B 167 -12.20 14.03 7.85
CA ARG B 167 -12.54 13.19 6.71
C ARG B 167 -12.98 11.80 7.15
N ARG B 168 -14.03 11.27 6.53
CA ARG B 168 -14.66 9.99 6.88
C ARG B 168 -14.82 9.12 5.65
N SER B 169 -14.66 7.82 5.80
CA SER B 169 -14.88 6.82 4.75
C SER B 169 -15.72 5.68 5.28
N PHE B 170 -16.72 5.27 4.50
CA PHE B 170 -17.67 4.23 4.84
C PHE B 170 -17.57 3.15 3.78
N TRP B 171 -17.08 1.99 4.16
CA TRP B 171 -16.78 0.89 3.26
C TRP B 171 -17.85 -0.17 3.37
N ASN B 172 -18.31 -0.72 2.25
CA ASN B 172 -19.19 -1.89 2.32
C ASN B 172 -18.41 -3.08 2.91
N PRO B 173 -19.07 -4.09 3.47
CA PRO B 173 -18.37 -5.11 4.25
C PRO B 173 -17.37 -5.93 3.42
N PHE B 174 -17.60 -6.06 2.12
CA PHE B 174 -16.74 -6.81 1.22
C PHE B 174 -15.45 -6.07 0.91
N ASN B 175 -15.50 -4.78 0.58
CA ASN B 175 -14.29 -3.99 0.35
C ASN B 175 -13.55 -3.62 1.65
N TYR B 176 -14.25 -3.48 2.78
CA TYR B 176 -13.56 -3.35 4.07
C TYR B 176 -12.73 -4.61 4.36
N LYS B 177 -13.30 -5.79 4.09
CA LYS B 177 -12.63 -7.08 4.15
C LYS B 177 -11.43 -7.16 3.21
N ASP B 178 -11.51 -6.64 2.00
CA ASP B 178 -10.38 -6.59 1.05
C ASP B 178 -9.21 -5.75 1.56
N LEU B 179 -9.45 -4.60 2.18
CA LEU B 179 -8.40 -3.81 2.84
C LEU B 179 -7.81 -4.52 4.05
N ALA B 180 -8.65 -5.12 4.89
CA ALA B 180 -8.20 -5.88 6.05
C ALA B 180 -7.36 -7.09 5.66
N GLY B 181 -7.73 -7.79 4.59
CA GLY B 181 -6.96 -8.89 4.03
C GLY B 181 -5.58 -8.44 3.57
N GLU B 182 -5.49 -7.35 2.82
CA GLU B 182 -4.19 -6.82 2.41
C GLU B 182 -3.31 -6.45 3.60
N LEU B 183 -3.81 -5.65 4.54
CA LEU B 183 -3.03 -5.21 5.69
C LEU B 183 -2.67 -6.35 6.64
N GLY B 184 -3.51 -7.37 6.78
CA GLY B 184 -3.26 -8.50 7.70
C GLY B 184 -2.31 -9.56 7.17
N HIS B 185 -2.16 -9.68 5.85
CA HIS B 185 -1.29 -10.67 5.20
C HIS B 185 0.11 -10.12 4.90
N ARG B 186 0.51 -9.02 5.53
CA ARG B 186 1.86 -8.46 5.48
C ARG B 186 2.87 -9.28 6.29
N ALA B 187 4.15 -9.11 5.98
CA ALA B 187 5.25 -9.91 6.50
C ALA B 187 5.47 -9.79 8.01
N TYR B 188 5.38 -8.60 8.58
CA TYR B 188 5.52 -8.41 10.02
C TYR B 188 4.19 -8.62 10.73
N ALA B 189 3.94 -9.84 11.23
CA ALA B 189 2.70 -10.23 11.88
C ALA B 189 2.57 -9.71 13.33
N GLN B 190 2.61 -8.40 13.49
CA GLN B 190 2.48 -7.68 14.77
C GLN B 190 1.72 -6.36 14.58
N GLY B 191 1.23 -5.76 15.65
CA GLY B 191 0.55 -4.46 15.64
C GLY B 191 -0.64 -4.42 14.68
N ALA B 192 -0.71 -3.39 13.84
CA ALA B 192 -1.79 -3.22 12.86
C ALA B 192 -1.98 -4.42 11.93
N THR B 193 -0.92 -5.10 11.51
CA THR B 193 -1.02 -6.34 10.72
C THR B 193 -1.76 -7.41 11.49
N LEU B 194 -1.40 -7.63 12.74
CA LEU B 194 -1.99 -8.68 13.54
C LEU B 194 -3.45 -8.38 13.85
N THR B 195 -3.79 -7.13 14.17
CA THR B 195 -5.19 -6.69 14.32
C THR B 195 -5.99 -6.90 13.04
N ALA B 196 -5.45 -6.54 11.88
CA ALA B 196 -6.15 -6.78 10.63
C ALA B 196 -6.31 -8.26 10.30
N TYR B 197 -5.35 -9.11 10.66
CA TYR B 197 -5.45 -10.56 10.46
C TYR B 197 -6.45 -11.21 11.40
N GLU B 198 -6.32 -10.93 12.70
CA GLU B 198 -7.12 -11.57 13.73
C GLU B 198 -8.57 -11.11 13.72
N LYS B 199 -8.80 -9.80 13.71
CA LYS B 199 -10.11 -9.22 13.92
C LYS B 199 -10.66 -8.42 12.76
N ALA B 200 -9.98 -8.44 11.62
CA ALA B 200 -10.39 -7.80 10.37
C ALA B 200 -10.66 -6.28 10.45
N GLN B 201 -10.27 -5.61 11.54
CA GLN B 201 -10.37 -4.16 11.68
C GLN B 201 -9.18 -3.50 10.98
N ILE B 202 -9.41 -2.32 10.38
CA ILE B 202 -8.35 -1.54 9.72
C ILE B 202 -8.14 -0.18 10.44
N PRO B 203 -6.93 0.39 10.40
CA PRO B 203 -6.69 1.77 10.81
C PRO B 203 -7.44 2.79 9.93
N PRO B 204 -7.31 4.10 10.16
CA PRO B 204 -7.61 5.11 9.15
C PRO B 204 -6.97 4.76 7.80
N VAL B 205 -7.58 5.13 6.69
CA VAL B 205 -7.06 4.84 5.35
C VAL B 205 -6.87 6.14 4.59
N ALA B 206 -5.67 6.42 4.13
CA ALA B 206 -5.39 7.51 3.20
C ALA B 206 -5.99 8.86 3.63
N SER B 207 -5.82 9.23 4.90
CA SER B 207 -6.34 10.38 5.64
C SER B 207 -7.80 10.33 6.10
N PHE B 208 -8.60 9.39 5.63
CA PHE B 208 -9.96 9.21 6.10
C PHE B 208 -9.99 8.34 7.36
N ASP B 209 -10.82 8.69 8.33
CA ASP B 209 -11.31 7.69 9.28
C ASP B 209 -12.08 6.60 8.54
N SER B 210 -11.97 5.36 8.98
CA SER B 210 -12.54 4.21 8.29
C SER B 210 -13.64 3.57 9.13
N TYR B 211 -14.79 3.36 8.50
CA TYR B 211 -15.98 2.76 9.10
C TYR B 211 -16.50 1.67 8.17
N LYS B 212 -17.01 0.58 8.73
CA LYS B 212 -17.69 -0.49 7.98
C LYS B 212 -19.18 -0.21 8.00
N THR B 213 -19.83 -0.06 6.86
CA THR B 213 -21.28 0.16 6.78
C THR B 213 -21.96 -1.14 6.37
N ASP B 214 -22.96 -1.60 7.13
CA ASP B 214 -23.65 -2.86 6.88
C ASP B 214 -24.57 -2.77 5.66
N ILE B 215 -25.39 -1.73 5.60
CA ILE B 215 -26.07 -1.30 4.38
C ILE B 215 -25.10 -0.50 3.49
N SER B 216 -25.20 -0.64 2.17
CA SER B 216 -24.42 0.16 1.22
C SER B 216 -25.24 0.52 -0.03
N GLY B 217 -24.91 1.64 -0.67
CA GLY B 217 -25.55 2.09 -1.89
C GLY B 217 -24.97 1.40 -3.12
N ARG B 218 -25.67 1.44 -4.25
CA ARG B 218 -25.24 0.78 -5.49
C ARG B 218 -25.40 1.70 -6.70
N LEU B 219 -24.48 1.62 -7.65
CA LEU B 219 -24.66 2.22 -8.97
C LEU B 219 -25.26 1.19 -9.93
N PRO B 220 -26.12 1.58 -10.87
CA PRO B 220 -26.69 0.67 -11.85
C PRO B 220 -25.63 0.16 -12.82
N LYS B 221 -25.93 -0.89 -13.59
CA LYS B 221 -25.10 -1.27 -14.74
C LYS B 221 -25.22 -0.21 -15.83
N GLY B 222 -24.15 0.53 -16.06
CA GLY B 222 -24.08 1.57 -17.09
C GLY B 222 -24.25 1.02 -18.50
N SER B 223 -24.77 1.84 -19.41
CA SER B 223 -24.95 1.45 -20.81
C SER B 223 -23.62 1.14 -21.50
N THR B 224 -23.63 0.15 -22.40
CA THR B 224 -22.50 -0.18 -23.27
C THR B 224 -22.53 0.58 -24.61
N GLU B 225 -23.50 1.48 -24.85
CA GLU B 225 -23.54 2.31 -26.05
C GLU B 225 -22.39 3.33 -26.09
N SER B 226 -21.87 3.60 -27.29
CA SER B 226 -20.88 4.66 -27.52
C SER B 226 -21.58 6.02 -27.67
N LEU B 227 -21.94 6.61 -26.53
CA LEU B 227 -22.63 7.90 -26.45
C LEU B 227 -21.67 9.08 -26.65
N THR B 228 -22.22 10.21 -27.08
CA THR B 228 -21.50 11.49 -27.22
C THR B 228 -22.38 12.63 -26.73
N VAL B 229 -21.76 13.72 -26.26
CA VAL B 229 -22.45 14.96 -25.92
C VAL B 229 -22.83 15.69 -27.21
N SER B 230 -24.12 15.97 -27.38
CA SER B 230 -24.67 16.68 -28.54
C SER B 230 -24.64 18.19 -28.30
N GLY B 231 -24.54 18.98 -29.35
CA GLY B 231 -24.25 20.41 -29.24
C GLY B 231 -22.86 20.65 -28.64
N GLN B 232 -22.68 21.76 -27.94
CA GLN B 232 -21.39 22.11 -27.34
C GLN B 232 -21.62 22.82 -26.00
N PRO B 233 -22.14 22.10 -24.99
CA PRO B 233 -22.86 22.70 -23.88
C PRO B 233 -21.96 23.47 -22.94
N GLU B 234 -22.49 24.58 -22.44
CA GLU B 234 -21.82 25.50 -21.55
C GLU B 234 -22.90 26.14 -20.70
N HIS B 235 -22.85 25.93 -19.40
CA HIS B 235 -23.84 26.46 -18.47
C HIS B 235 -23.40 27.84 -17.98
N LYS B 236 -24.32 28.54 -17.31
CA LYS B 236 -24.04 29.81 -16.62
C LYS B 236 -24.54 29.76 -15.18
N VAL B 237 -24.01 30.63 -14.34
CA VAL B 237 -24.42 30.80 -12.94
C VAL B 237 -25.53 31.85 -12.88
N GLU B 238 -26.55 31.58 -12.06
CA GLU B 238 -27.73 32.44 -11.88
C GLU B 238 -28.09 32.46 -10.40
N ALA B 239 -28.52 33.61 -9.87
CA ALA B 239 -29.11 33.68 -8.53
C ALA B 239 -30.58 33.23 -8.51
N LYS B 240 -31.32 33.53 -9.60
CA LYS B 240 -32.75 33.24 -9.77
C LYS B 240 -33.11 33.03 -11.24
N ASP B 241 -34.16 32.27 -11.50
CA ASP B 241 -34.62 31.96 -12.85
C ASP B 241 -35.51 33.06 -13.44
N SER B 242 -36.04 32.84 -14.64
CA SER B 242 -36.93 33.79 -15.33
C SER B 242 -38.28 34.00 -14.63
N ASN B 243 -38.68 33.13 -13.71
CA ASN B 243 -39.86 33.30 -12.86
C ASN B 243 -39.52 33.88 -11.47
N GLY B 244 -38.23 34.06 -11.16
CA GLY B 244 -37.74 34.63 -9.91
C GLY B 244 -37.52 33.62 -8.78
N MET B 245 -37.66 32.31 -9.03
CA MET B 245 -37.31 31.28 -8.04
C MET B 245 -35.80 31.03 -8.01
N PRO B 246 -35.21 30.59 -6.90
CA PRO B 246 -33.79 30.26 -6.84
C PRO B 246 -33.42 29.14 -7.81
N VAL B 247 -32.19 29.19 -8.35
CA VAL B 247 -31.64 28.17 -9.25
C VAL B 247 -30.62 27.33 -8.50
N ASP B 248 -30.74 26.00 -8.53
CA ASP B 248 -29.73 25.11 -7.95
C ASP B 248 -28.50 25.02 -8.85
N ASN B 249 -27.44 25.74 -8.50
CA ASN B 249 -26.22 25.80 -9.31
C ASN B 249 -25.39 24.51 -9.26
N ARG B 250 -25.74 23.53 -8.42
CA ARG B 250 -25.08 22.22 -8.35
C ARG B 250 -25.38 21.33 -9.56
N GLN B 251 -26.32 21.68 -10.43
CA GLN B 251 -26.78 20.82 -11.52
C GLN B 251 -27.20 21.62 -12.76
N GLY B 252 -27.13 21.02 -13.94
CA GLY B 252 -27.54 21.62 -15.22
C GLY B 252 -28.01 20.58 -16.20
N THR B 253 -28.31 20.94 -17.44
CA THR B 253 -28.90 20.02 -18.43
C THR B 253 -28.13 20.02 -19.75
N ILE B 254 -28.00 18.86 -20.38
CA ILE B 254 -27.28 18.61 -21.64
C ILE B 254 -28.11 17.70 -22.56
N THR B 255 -27.77 17.65 -23.84
CA THR B 255 -28.27 16.63 -24.77
C THR B 255 -27.19 15.59 -25.03
N VAL B 256 -27.54 14.31 -25.04
CA VAL B 256 -26.64 13.22 -25.44
C VAL B 256 -27.25 12.46 -26.62
N SER B 257 -26.42 11.94 -27.51
CA SER B 257 -26.87 11.58 -28.86
C SER B 257 -27.88 10.42 -28.98
N ALA B 258 -27.96 9.51 -28.00
CA ALA B 258 -28.71 8.25 -28.15
C ALA B 258 -29.40 7.70 -26.88
N SER B 259 -29.59 8.50 -25.82
CA SER B 259 -30.46 8.18 -24.66
C SER B 259 -30.11 6.96 -23.78
N GLY B 260 -28.89 6.42 -23.84
CA GLY B 260 -28.49 5.27 -23.03
C GLY B 260 -28.25 5.56 -21.53
N LEU B 261 -28.00 6.80 -21.13
CA LEU B 261 -27.75 7.16 -19.71
C LEU B 261 -28.97 6.93 -18.81
N GLN B 262 -28.74 6.68 -17.52
CA GLN B 262 -29.78 6.47 -16.51
C GLN B 262 -29.42 7.12 -15.17
N VAL B 263 -30.41 7.39 -14.33
CA VAL B 263 -30.19 8.05 -13.04
C VAL B 263 -29.22 7.25 -12.17
N GLY B 264 -28.24 7.94 -11.57
CA GLY B 264 -27.19 7.34 -10.76
C GLY B 264 -25.91 7.00 -11.53
N ASP B 265 -25.89 7.02 -12.87
CA ASP B 265 -24.65 6.85 -13.64
C ASP B 265 -23.58 7.88 -13.26
N ALA B 266 -22.33 7.50 -13.43
CA ALA B 266 -21.16 8.36 -13.32
C ALA B 266 -20.41 8.32 -14.65
N PHE B 267 -20.08 9.46 -15.23
CA PHE B 267 -19.41 9.51 -16.53
C PHE B 267 -18.43 10.67 -16.64
N THR B 268 -17.50 10.60 -17.59
CA THR B 268 -16.60 11.70 -17.95
C THR B 268 -16.82 12.09 -19.41
N ILE B 269 -16.58 13.36 -19.73
CA ILE B 269 -16.66 13.90 -21.09
C ILE B 269 -15.24 14.11 -21.60
N ALA B 270 -14.96 13.72 -22.85
CA ALA B 270 -13.60 13.53 -23.38
C ALA B 270 -12.57 14.62 -23.02
N GLY B 271 -12.88 15.90 -23.26
CA GLY B 271 -11.93 17.00 -23.09
C GLY B 271 -12.03 17.80 -21.78
N VAL B 272 -12.88 17.40 -20.82
CA VAL B 272 -13.31 18.27 -19.72
C VAL B 272 -12.61 17.92 -18.42
N ASN B 273 -11.59 18.67 -17.99
CA ASN B 273 -10.89 18.43 -16.72
C ASN B 273 -11.40 19.34 -15.61
N SER B 274 -11.26 18.92 -14.35
CA SER B 274 -11.58 19.80 -13.21
C SER B 274 -10.49 20.85 -13.01
N VAL B 275 -10.75 21.86 -12.18
CA VAL B 275 -9.79 22.94 -11.87
C VAL B 275 -9.76 23.22 -10.38
N HIS B 276 -8.70 23.86 -9.88
CA HIS B 276 -8.70 24.38 -8.52
C HIS B 276 -9.74 25.49 -8.39
N GLN B 277 -10.64 25.40 -7.42
CA GLN B 277 -11.80 26.26 -7.35
C GLN B 277 -11.48 27.73 -7.07
N ILE B 278 -10.33 28.07 -6.48
CA ILE B 278 -9.92 29.47 -6.30
C ILE B 278 -9.11 29.98 -7.50
N THR B 279 -8.02 29.30 -7.88
CA THR B 279 -7.08 29.82 -8.90
C THR B 279 -7.44 29.46 -10.33
N LYS B 280 -8.34 28.50 -10.54
CA LYS B 280 -8.79 27.97 -11.85
C LYS B 280 -7.68 27.32 -12.69
N ASP B 281 -6.56 26.93 -12.08
CA ASP B 281 -5.58 26.05 -12.71
C ASP B 281 -6.19 24.65 -12.95
N THR B 282 -6.01 24.07 -14.13
CA THR B 282 -6.50 22.70 -14.40
C THR B 282 -5.82 21.68 -13.49
N THR B 283 -6.56 20.69 -13.00
CA THR B 283 -5.98 19.56 -12.25
C THR B 283 -5.31 18.54 -13.17
N GLY B 284 -5.67 18.54 -14.47
CA GLY B 284 -5.28 17.50 -15.42
C GLY B 284 -6.09 16.20 -15.33
N GLN B 285 -6.95 16.05 -14.33
CA GLN B 285 -7.90 14.93 -14.22
C GLN B 285 -9.25 15.27 -14.87
N PRO B 286 -9.92 14.33 -15.54
CA PRO B 286 -11.28 14.52 -16.02
C PRO B 286 -12.25 14.88 -14.89
N GLN B 287 -13.19 15.79 -15.15
CA GLN B 287 -14.33 15.98 -14.27
C GLN B 287 -15.32 14.84 -14.46
N VAL B 288 -15.79 14.25 -13.36
CA VAL B 288 -16.88 13.27 -13.39
C VAL B 288 -18.21 13.99 -13.20
N PHE B 289 -19.20 13.60 -14.00
CA PHE B 289 -20.57 14.08 -13.95
C PHE B 289 -21.50 12.95 -13.52
N ARG B 290 -22.47 13.25 -12.67
CA ARG B 290 -23.50 12.31 -12.19
C ARG B 290 -24.81 12.59 -12.88
N VAL B 291 -25.48 11.57 -13.40
CA VAL B 291 -26.81 11.72 -14.00
C VAL B 291 -27.85 11.77 -12.91
N LEU B 292 -28.57 12.89 -12.79
CA LEU B 292 -29.60 13.10 -11.77
C LEU B 292 -31.03 12.95 -12.30
N ALA B 293 -31.28 13.17 -13.59
CA ALA B 293 -32.56 12.92 -14.24
C ALA B 293 -32.36 12.68 -15.74
N VAL B 294 -33.31 11.98 -16.39
CA VAL B 294 -33.26 11.67 -17.82
C VAL B 294 -34.65 11.80 -18.43
N SER B 295 -34.72 12.31 -19.66
CA SER B 295 -35.93 12.29 -20.49
C SER B 295 -35.53 12.21 -21.96
N GLY B 296 -35.50 11.00 -22.51
CA GLY B 296 -35.00 10.76 -23.87
C GLY B 296 -33.52 11.15 -24.00
N THR B 297 -33.18 11.91 -25.04
CA THR B 297 -31.83 12.44 -25.27
C THR B 297 -31.44 13.57 -24.30
N THR B 298 -32.38 14.15 -23.55
CA THR B 298 -32.09 15.23 -22.60
C THR B 298 -31.76 14.66 -21.23
N VAL B 299 -30.68 15.13 -20.62
CA VAL B 299 -30.12 14.59 -19.37
C VAL B 299 -29.78 15.72 -18.42
N THR B 300 -30.15 15.58 -17.15
CA THR B 300 -29.76 16.52 -16.09
C THR B 300 -28.59 15.94 -15.34
N ILE B 301 -27.55 16.73 -15.15
CA ILE B 301 -26.23 16.31 -14.68
C ILE B 301 -25.77 17.18 -13.52
N SER B 302 -24.86 16.67 -12.71
CA SER B 302 -24.14 17.45 -11.70
C SER B 302 -22.65 17.12 -11.78
N PRO B 303 -21.71 18.08 -11.74
CA PRO B 303 -21.92 19.53 -11.62
C PRO B 303 -22.54 20.17 -12.86
N LYS B 304 -22.71 21.50 -12.85
CA LYS B 304 -22.81 22.29 -14.09
C LYS B 304 -21.50 22.28 -14.86
N ILE B 305 -21.55 22.39 -16.17
CA ILE B 305 -20.37 22.63 -17.02
C ILE B 305 -20.09 24.14 -17.00
N LEU B 306 -19.22 24.62 -16.12
CA LEU B 306 -18.84 26.03 -16.03
C LEU B 306 -17.37 26.18 -16.45
N PRO B 307 -17.07 26.47 -17.72
CA PRO B 307 -15.70 26.55 -18.20
C PRO B 307 -14.93 27.73 -17.63
N VAL B 308 -13.63 27.58 -17.44
CA VAL B 308 -12.71 28.72 -17.43
C VAL B 308 -12.80 29.41 -18.80
N GLU B 309 -12.90 30.73 -18.82
CA GLU B 309 -13.24 31.50 -20.04
C GLU B 309 -14.62 31.14 -20.65
N ASN B 310 -15.63 30.97 -19.78
CA ASN B 310 -17.04 30.88 -20.16
C ASN B 310 -17.48 32.03 -21.09
N THR B 311 -18.40 31.80 -22.02
CA THR B 311 -19.04 32.87 -22.81
C THR B 311 -19.77 33.88 -21.92
N ASP B 312 -20.38 33.42 -20.82
CA ASP B 312 -20.98 34.30 -19.81
C ASP B 312 -19.92 34.87 -18.86
N VAL B 313 -19.60 36.15 -18.98
CA VAL B 313 -18.49 36.76 -18.23
C VAL B 313 -18.71 36.69 -16.72
N ALA B 314 -19.94 36.87 -16.23
CA ALA B 314 -20.24 36.76 -14.80
C ALA B 314 -19.99 35.35 -14.22
N SER B 315 -20.07 34.30 -15.03
CA SER B 315 -19.80 32.92 -14.61
C SER B 315 -18.32 32.57 -14.50
N ARG B 316 -17.41 33.33 -15.10
CA ARG B 316 -15.97 33.03 -15.13
C ARG B 316 -15.34 32.84 -13.75
N PRO B 317 -15.56 33.70 -12.73
CA PRO B 317 -15.04 33.44 -11.39
C PRO B 317 -15.64 32.17 -10.74
N TYR B 318 -16.76 31.64 -11.23
CA TYR B 318 -17.42 30.44 -10.71
C TYR B 318 -17.11 29.18 -11.51
N ALA B 319 -16.21 29.24 -12.49
CA ALA B 319 -15.80 28.10 -13.30
C ALA B 319 -15.29 26.92 -12.48
N ASN B 320 -15.60 25.70 -12.91
CA ASN B 320 -15.23 24.44 -12.27
C ASN B 320 -14.51 23.46 -13.20
N VAL B 321 -14.54 23.68 -14.52
CA VAL B 321 -13.86 22.84 -15.51
C VAL B 321 -13.03 23.66 -16.46
N ASP B 322 -11.95 23.11 -17.00
CA ASP B 322 -10.97 23.90 -17.75
C ASP B 322 -11.41 24.32 -19.17
N ALA B 323 -12.36 23.61 -19.78
CA ALA B 323 -12.93 23.94 -21.08
C ALA B 323 -14.32 23.30 -21.24
N LYS B 324 -15.16 23.85 -22.13
CA LYS B 324 -16.40 23.17 -22.55
C LYS B 324 -16.10 21.94 -23.42
N PRO B 325 -17.04 20.99 -23.58
CA PRO B 325 -16.87 19.85 -24.48
C PRO B 325 -16.55 20.27 -25.92
N ALA B 326 -15.82 19.45 -26.65
CA ALA B 326 -15.75 19.55 -28.10
C ALA B 326 -17.10 19.18 -28.75
N GLU B 327 -17.29 19.51 -30.02
CA GLU B 327 -18.47 19.06 -30.76
C GLU B 327 -18.51 17.53 -30.82
N SER B 328 -19.64 16.91 -30.48
CA SER B 328 -19.78 15.44 -30.42
C SER B 328 -18.76 14.74 -29.52
N ALA B 329 -18.35 15.37 -28.40
CA ALA B 329 -17.38 14.80 -27.46
C ALA B 329 -17.83 13.45 -26.89
N ALA B 330 -16.94 12.47 -26.83
CA ALA B 330 -17.24 11.13 -26.32
C ALA B 330 -17.57 11.15 -24.82
N ILE B 331 -18.53 10.31 -24.42
CA ILE B 331 -18.91 10.05 -23.04
C ILE B 331 -18.32 8.70 -22.63
N THR B 332 -17.63 8.65 -21.50
CA THR B 332 -17.14 7.40 -20.91
C THR B 332 -17.91 7.11 -19.62
N ILE B 333 -18.71 6.05 -19.59
CA ILE B 333 -19.47 5.68 -18.38
C ILE B 333 -18.59 4.82 -17.48
N LEU B 334 -18.43 5.23 -16.23
CA LEU B 334 -17.51 4.59 -15.29
C LEU B 334 -18.11 3.31 -14.67
N ASN B 335 -19.39 3.32 -14.31
CA ASN B 335 -20.10 2.23 -13.66
C ASN B 335 -20.54 1.12 -14.65
N LYS B 336 -19.62 0.56 -15.43
CA LYS B 336 -19.96 -0.44 -16.47
C LYS B 336 -20.52 -1.78 -15.96
N ASN B 337 -20.37 -2.08 -14.67
CA ASN B 337 -21.02 -3.18 -13.95
C ASN B 337 -21.69 -2.62 -12.69
N ALA B 338 -22.83 -3.17 -12.27
CA ALA B 338 -23.43 -2.78 -11.00
C ALA B 338 -22.55 -3.24 -9.82
N ALA B 339 -22.34 -2.38 -8.84
CA ALA B 339 -21.42 -2.63 -7.72
C ALA B 339 -21.79 -1.82 -6.47
N PRO B 340 -21.45 -2.29 -5.26
CA PRO B 340 -21.64 -1.53 -4.04
C PRO B 340 -20.62 -0.39 -3.92
N ALA B 341 -21.10 0.82 -3.69
CA ALA B 341 -20.26 1.97 -3.44
C ALA B 341 -19.59 1.92 -2.06
N ASN B 342 -18.42 2.52 -1.97
CA ASN B 342 -17.78 2.96 -0.73
C ASN B 342 -17.87 4.49 -0.72
N LEU B 343 -18.24 5.11 0.39
CA LEU B 343 -18.54 6.54 0.48
C LEU B 343 -17.42 7.28 1.19
N PHE B 344 -17.03 8.46 0.71
CA PHE B 344 -16.01 9.31 1.30
C PHE B 344 -16.55 10.72 1.45
N TRP B 345 -16.28 11.40 2.57
CA TRP B 345 -16.53 12.82 2.65
C TRP B 345 -15.53 13.57 3.51
N ALA B 346 -15.31 14.84 3.18
CA ALA B 346 -14.84 15.85 4.11
C ALA B 346 -16.05 16.45 4.85
N ASP B 347 -15.91 16.73 6.14
CA ASP B 347 -17.02 17.13 7.00
C ASP B 347 -17.71 18.44 6.59
N GLY B 348 -18.98 18.59 6.95
CA GLY B 348 -19.79 19.79 6.76
C GLY B 348 -20.60 19.83 5.46
N SER B 349 -20.35 18.93 4.52
CA SER B 349 -21.15 18.82 3.29
C SER B 349 -22.37 17.91 3.41
N VAL B 350 -22.25 16.79 4.11
CA VAL B 350 -23.29 15.77 4.17
C VAL B 350 -24.10 15.93 5.44
N GLU B 351 -25.41 16.11 5.28
CA GLU B 351 -26.27 16.57 6.35
C GLU B 351 -27.62 15.83 6.39
N LEU B 352 -28.09 15.53 7.59
CA LEU B 352 -29.48 15.22 7.89
C LEU B 352 -30.14 16.42 8.55
N MET B 353 -31.27 16.88 8.00
CA MET B 353 -32.12 17.86 8.65
C MET B 353 -33.37 17.19 9.18
N TYR B 354 -33.72 17.49 10.42
CA TYR B 354 -34.84 16.87 11.11
C TYR B 354 -36.00 17.84 11.28
N GLY B 355 -37.20 17.38 10.93
CA GLY B 355 -38.45 18.07 11.20
C GLY B 355 -39.20 17.48 12.39
N LYS B 356 -40.33 18.08 12.74
CA LYS B 356 -41.32 17.53 13.67
C LYS B 356 -42.71 17.95 13.23
N LEU B 357 -43.57 16.99 12.89
CA LEU B 357 -44.96 17.28 12.52
C LEU B 357 -45.76 17.79 13.72
N ALA B 358 -46.73 18.67 13.47
CA ALA B 358 -47.59 19.26 14.48
C ALA B 358 -48.73 18.29 14.89
N PHE B 359 -48.39 17.18 15.53
CA PHE B 359 -49.35 16.29 16.18
C PHE B 359 -49.69 16.87 17.56
N PRO B 360 -50.92 17.33 17.82
CA PRO B 360 -51.26 18.03 19.06
C PRO B 360 -51.41 17.08 20.25
N THR B 361 -50.81 17.41 21.39
CA THR B 361 -50.87 16.64 22.64
C THR B 361 -52.18 16.90 23.39
N GLY B 362 -53.29 16.55 22.76
CA GLY B 362 -54.66 16.70 23.23
C GLY B 362 -55.63 16.32 22.13
N GLN B 363 -56.88 16.76 22.22
CA GLN B 363 -57.83 16.74 21.11
C GLN B 363 -58.01 15.40 20.36
N GLY B 364 -57.82 14.27 21.04
CA GLY B 364 -58.02 12.94 20.47
C GLY B 364 -56.96 11.95 20.99
N PRO B 365 -56.08 11.41 20.13
CA PRO B 365 -55.10 10.38 20.50
C PRO B 365 -54.14 10.79 21.59
N GLN B 366 -53.56 9.82 22.27
CA GLN B 366 -52.35 10.02 23.07
C GLN B 366 -51.18 10.28 22.11
N VAL B 367 -50.32 11.25 22.41
CA VAL B 367 -49.16 11.61 21.59
C VAL B 367 -47.92 11.68 22.48
N MET B 368 -46.82 11.10 22.01
CA MET B 368 -45.55 10.97 22.72
C MET B 368 -44.40 11.20 21.76
N THR B 369 -43.24 11.57 22.28
CA THR B 369 -42.04 11.85 21.50
C THR B 369 -40.84 11.03 21.99
N ALA B 370 -40.06 10.49 21.07
CA ALA B 370 -38.81 9.79 21.32
C ALA B 370 -37.74 10.21 20.30
N THR B 371 -36.50 9.79 20.49
CA THR B 371 -35.36 10.15 19.62
C THR B 371 -34.66 8.91 19.11
N THR B 372 -34.37 8.83 17.80
CA THR B 372 -33.64 7.71 17.20
C THR B 372 -32.15 7.73 17.57
N GLU B 373 -31.42 6.68 17.21
CA GLU B 373 -29.95 6.57 17.32
C GLU B 373 -29.22 7.79 16.72
N GLN B 374 -29.72 8.33 15.60
CA GLN B 374 -29.15 9.51 14.93
C GLN B 374 -29.61 10.86 15.48
N GLY B 375 -30.46 10.91 16.51
CA GLY B 375 -31.02 12.16 17.00
C GLY B 375 -32.30 12.63 16.29
N ALA B 376 -32.89 11.82 15.40
CA ALA B 376 -34.12 12.18 14.71
C ALA B 376 -35.34 12.03 15.62
N THR B 377 -36.36 12.84 15.43
CA THR B 377 -37.57 12.79 16.25
C THR B 377 -38.52 11.70 15.77
N LEU B 378 -38.95 10.83 16.68
CA LEU B 378 -40.08 9.92 16.52
C LEU B 378 -41.28 10.52 17.23
N ILE B 379 -42.43 10.55 16.58
CA ILE B 379 -43.72 10.78 17.23
C ILE B 379 -44.46 9.46 17.27
N MET B 380 -44.87 9.02 18.45
CA MET B 380 -45.74 7.86 18.64
C MET B 380 -47.12 8.36 19.05
N SER B 381 -48.17 7.88 18.40
CA SER B 381 -49.54 8.21 18.81
C SER B 381 -50.48 7.01 18.75
N TYR B 382 -51.40 6.97 19.70
CA TYR B 382 -52.32 5.85 19.93
C TYR B 382 -53.75 6.38 20.02
N ALA B 383 -54.69 5.81 19.29
CA ALA B 383 -56.09 6.21 19.31
C ALA B 383 -56.98 5.02 19.63
N PHE B 384 -57.65 5.05 20.79
CA PHE B 384 -58.59 4.00 21.18
C PHE B 384 -60.02 4.32 20.71
N ASP B 385 -60.67 3.37 20.05
CA ASP B 385 -62.03 3.47 19.54
C ASP B 385 -62.95 2.56 20.36
N HIS B 386 -63.57 3.08 21.40
CA HIS B 386 -64.13 2.25 22.47
C HIS B 386 -65.37 1.46 22.10
N ILE B 387 -66.15 1.84 21.07
CA ILE B 387 -67.33 1.06 20.67
C ILE B 387 -66.98 -0.20 19.86
N LYS B 388 -65.82 -0.25 19.20
CA LYS B 388 -65.30 -1.48 18.56
C LYS B 388 -64.11 -2.08 19.30
N GLY B 389 -63.56 -1.37 20.28
CA GLY B 389 -62.58 -1.87 21.22
C GLY B 389 -61.20 -2.08 20.61
N VAL B 390 -60.73 -1.16 19.76
CA VAL B 390 -59.39 -1.26 19.14
C VAL B 390 -58.57 0.00 19.36
N THR B 391 -57.27 -0.16 19.57
CA THR B 391 -56.29 0.92 19.48
C THR B 391 -55.59 0.82 18.14
N THR B 392 -55.67 1.85 17.31
CA THR B 392 -54.71 2.04 16.23
C THR B 392 -53.50 2.78 16.77
N ALA B 393 -52.31 2.41 16.30
CA ALA B 393 -51.04 2.95 16.75
C ALA B 393 -50.24 3.40 15.53
N ARG B 394 -49.61 4.58 15.61
CA ARG B 394 -48.80 5.18 14.56
C ARG B 394 -47.47 5.65 15.13
N PHE B 395 -46.39 5.31 14.46
CA PHE B 395 -45.07 5.90 14.64
C PHE B 395 -44.76 6.71 13.40
N THR B 396 -44.19 7.90 13.54
CA THR B 396 -43.88 8.76 12.39
C THR B 396 -42.64 9.61 12.61
N THR B 397 -41.96 9.97 11.53
CA THR B 397 -40.79 10.84 11.54
C THR B 397 -40.68 11.65 10.24
N LEU B 398 -40.08 12.84 10.33
CA LEU B 398 -39.87 13.75 9.21
C LEU B 398 -38.40 14.15 9.14
N TYR B 399 -37.78 13.99 7.99
CA TYR B 399 -36.37 14.32 7.79
C TYR B 399 -36.06 14.58 6.32
N GLY B 400 -34.91 15.18 6.08
CA GLY B 400 -34.31 15.33 4.76
C GLY B 400 -32.84 15.00 4.85
N CYS B 401 -32.27 14.48 3.79
CA CYS B 401 -30.85 14.23 3.66
C CYS B 401 -30.33 14.98 2.44
N SER B 402 -29.15 15.58 2.54
CA SER B 402 -28.62 16.40 1.45
C SER B 402 -27.10 16.38 1.41
N VAL B 403 -26.56 16.56 0.21
CA VAL B 403 -25.15 16.84 -0.02
C VAL B 403 -25.05 18.29 -0.45
N LEU B 404 -24.68 19.17 0.46
CA LEU B 404 -24.66 20.60 0.22
C LEU B 404 -23.54 21.00 -0.73
N VAL B 405 -22.41 20.29 -0.69
CA VAL B 405 -21.26 20.50 -1.57
C VAL B 405 -20.84 19.15 -2.15
N PRO B 406 -21.30 18.78 -3.35
CA PRO B 406 -20.96 17.49 -3.95
C PRO B 406 -19.45 17.24 -4.03
N GLU B 407 -18.65 18.27 -4.27
CA GLU B 407 -17.19 18.21 -4.36
C GLU B 407 -16.49 17.79 -3.06
N TYR B 408 -17.13 17.97 -1.91
CA TYR B 408 -16.62 17.50 -0.61
C TYR B 408 -16.85 16.00 -0.40
N THR B 409 -17.43 15.30 -1.36
CA THR B 409 -17.79 13.89 -1.23
C THR B 409 -17.24 13.10 -2.41
N GLY B 410 -17.01 11.81 -2.25
CA GLY B 410 -16.67 10.93 -3.34
C GLY B 410 -17.06 9.51 -3.10
N ILE B 411 -17.01 8.69 -4.14
CA ILE B 411 -17.27 7.25 -4.04
C ILE B 411 -16.22 6.43 -4.78
N VAL B 412 -15.98 5.22 -4.30
CA VAL B 412 -15.15 4.21 -4.96
C VAL B 412 -15.97 2.96 -5.23
N ILE B 413 -15.94 2.44 -6.45
CA ILE B 413 -16.53 1.14 -6.82
C ILE B 413 -15.49 0.17 -7.39
N ALA B 414 -15.43 -1.03 -6.84
CA ALA B 414 -14.69 -2.16 -7.40
C ALA B 414 -15.55 -2.99 -8.37
N GLY B 415 -14.94 -3.91 -9.13
CA GLY B 415 -15.61 -4.63 -10.22
C GLY B 415 -15.83 -3.80 -11.49
N GLN B 416 -15.21 -2.63 -11.57
CA GLN B 416 -15.32 -1.63 -12.63
C GLN B 416 -16.77 -1.26 -12.95
N ALA C 1 12.82 -82.22 15.45
CA ALA C 1 12.79 -81.07 16.36
C ALA C 1 12.10 -81.41 17.68
N ASN C 2 12.21 -80.55 18.69
CA ASN C 2 11.84 -80.86 20.08
C ASN C 2 10.34 -80.89 20.39
N GLN C 3 9.48 -80.27 19.58
CA GLN C 3 8.03 -80.17 19.85
C GLN C 3 7.71 -79.59 21.24
N LEU C 4 8.29 -78.44 21.57
CA LEU C 4 8.05 -77.76 22.84
C LEU C 4 6.63 -77.16 22.91
N ALA C 5 6.09 -77.01 24.13
CA ALA C 5 4.81 -76.36 24.35
C ALA C 5 4.87 -74.87 24.02
N LYS C 6 3.85 -74.35 23.32
CA LYS C 6 3.72 -72.93 23.01
C LYS C 6 2.56 -72.31 23.77
N ASP C 7 2.86 -71.34 24.61
CA ASP C 7 1.93 -70.56 25.41
C ASP C 7 1.41 -69.32 24.64
N LEU C 8 0.44 -68.60 25.20
CA LEU C 8 0.09 -67.25 24.75
C LEU C 8 0.45 -66.27 25.86
N GLU C 9 1.37 -65.36 25.58
CA GLU C 9 1.72 -64.25 26.48
C GLU C 9 0.83 -63.06 26.14
N ILE C 10 -0.26 -62.88 26.89
CA ILE C 10 -1.20 -61.76 26.72
C ILE C 10 -1.07 -60.84 27.92
N MET C 11 -0.77 -59.56 27.67
CA MET C 11 -0.61 -58.55 28.71
C MET C 11 -1.93 -57.80 28.94
N PHE C 12 -2.87 -58.40 29.66
CA PHE C 12 -4.30 -58.06 29.63
C PHE C 12 -4.72 -56.64 30.00
N GLU C 13 -3.86 -55.81 30.60
CA GLU C 13 -4.17 -54.40 30.88
C GLU C 13 -3.15 -53.41 30.28
N ASN C 14 -2.18 -53.89 29.51
CA ASN C 14 -1.27 -53.03 28.74
C ASN C 14 -1.91 -52.68 27.40
N TYR C 15 -2.96 -51.88 27.40
CA TYR C 15 -3.60 -51.45 26.16
C TYR C 15 -2.62 -50.70 25.27
N VAL C 16 -2.57 -51.04 23.98
CA VAL C 16 -1.91 -50.19 22.98
C VAL C 16 -2.64 -48.85 22.88
N GLU C 17 -1.96 -47.80 22.44
CA GLU C 17 -2.51 -46.46 22.41
C GLU C 17 -3.78 -46.36 21.55
N GLY C 18 -4.75 -45.54 21.99
CA GLY C 18 -6.08 -45.48 21.40
C GLY C 18 -6.59 -44.06 21.16
N PHE C 19 -7.48 -43.96 20.19
CA PHE C 19 -8.06 -42.73 19.68
C PHE C 19 -8.98 -42.02 20.68
N GLU C 20 -9.33 -40.77 20.41
CA GLU C 20 -10.27 -39.97 21.20
C GLU C 20 -11.05 -38.98 20.34
N ALA C 21 -12.14 -38.43 20.87
CA ALA C 21 -12.82 -37.25 20.30
C ALA C 21 -12.56 -36.03 21.19
N ALA C 22 -12.26 -34.87 20.61
CA ALA C 22 -11.99 -33.65 21.38
C ALA C 22 -13.26 -32.94 21.92
N CYS C 23 -14.43 -33.21 21.34
CA CYS C 23 -15.72 -32.60 21.71
C CYS C 23 -15.75 -31.06 21.67
N VAL C 24 -14.93 -30.41 20.84
CA VAL C 24 -14.71 -28.96 20.90
C VAL C 24 -15.92 -28.14 20.45
N VAL C 25 -16.68 -28.56 19.45
CA VAL C 25 -17.82 -27.77 18.96
C VAL C 25 -18.94 -27.76 20.00
N SER C 26 -19.31 -28.92 20.51
CA SER C 26 -20.30 -29.07 21.58
C SER C 26 -19.83 -28.54 22.93
N ARG C 27 -18.52 -28.48 23.22
CA ARG C 27 -17.99 -27.70 24.35
C ARG C 27 -18.30 -26.21 24.23
N ASN C 28 -18.34 -25.67 23.01
CA ASN C 28 -18.49 -24.23 22.73
C ASN C 28 -19.92 -23.79 22.46
N ALA C 29 -20.84 -24.68 22.09
CA ALA C 29 -22.26 -24.34 21.90
C ALA C 29 -22.92 -23.83 23.20
N LYS C 30 -24.00 -23.05 23.08
CA LYS C 30 -24.81 -22.62 24.23
C LYS C 30 -25.55 -23.81 24.81
N LYS C 31 -25.61 -23.96 26.13
CA LYS C 31 -26.21 -25.13 26.80
C LYS C 31 -27.45 -24.74 27.59
N PHE C 32 -28.51 -25.54 27.51
CA PHE C 32 -29.83 -25.22 28.05
C PHE C 32 -30.46 -26.42 28.76
N ARG C 33 -31.15 -26.21 29.88
CA ARG C 33 -31.83 -27.25 30.66
C ARG C 33 -33.25 -26.80 30.98
N PRO C 34 -34.26 -27.21 30.20
CA PRO C 34 -35.63 -26.71 30.36
C PRO C 34 -36.33 -27.04 31.68
N GLY C 35 -35.91 -28.11 32.35
CA GLY C 35 -36.66 -28.76 33.43
C GLY C 35 -37.51 -29.91 32.89
N ASP C 36 -37.29 -31.11 33.38
CA ASP C 36 -37.83 -32.33 32.79
C ASP C 36 -39.33 -32.52 33.02
N THR C 37 -39.88 -31.98 34.12
CA THR C 37 -41.33 -31.95 34.35
C THR C 37 -42.05 -31.13 33.29
N ALA C 38 -41.56 -29.92 33.01
CA ALA C 38 -42.13 -29.05 31.99
C ALA C 38 -42.04 -29.68 30.60
N MET C 39 -40.92 -30.31 30.26
CA MET C 39 -40.78 -31.02 28.98
C MET C 39 -41.69 -32.23 28.88
N GLN C 40 -41.87 -33.00 29.95
CA GLN C 40 -42.82 -34.10 29.96
C GLN C 40 -44.24 -33.61 29.67
N ARG C 41 -44.69 -32.57 30.37
CA ARG C 41 -46.02 -31.97 30.18
C ARG C 41 -46.19 -31.39 28.77
N ALA C 42 -45.14 -30.81 28.20
CA ALA C 42 -45.14 -30.27 26.84
C ALA C 42 -45.02 -31.32 25.74
N GLY C 43 -44.60 -32.55 26.04
CA GLY C 43 -44.34 -33.58 25.04
C GLY C 43 -42.99 -33.44 24.34
N ASP C 44 -41.95 -33.07 25.07
CA ASP C 44 -40.55 -32.95 24.64
C ASP C 44 -40.25 -31.89 23.55
N VAL C 45 -41.16 -30.94 23.33
CA VAL C 45 -40.98 -29.79 22.42
C VAL C 45 -41.19 -28.50 23.20
N LEU C 46 -40.39 -27.47 22.93
CA LEU C 46 -40.67 -26.11 23.38
C LEU C 46 -40.47 -25.09 22.26
N TYR C 47 -41.02 -23.89 22.44
CA TYR C 47 -41.03 -22.84 21.45
C TYR C 47 -40.54 -21.52 22.04
N ARG C 48 -39.73 -20.80 21.28
CA ARG C 48 -39.27 -19.44 21.60
C ARG C 48 -39.68 -18.48 20.50
N PRO C 49 -40.11 -17.25 20.83
CA PRO C 49 -40.53 -16.29 19.85
C PRO C 49 -39.38 -15.66 19.06
N GLN C 50 -39.73 -15.10 17.91
CA GLN C 50 -38.86 -14.25 17.12
C GLN C 50 -39.41 -12.81 17.16
N HIS C 51 -38.54 -11.81 17.09
CA HIS C 51 -38.92 -10.39 17.08
C HIS C 51 -39.88 -10.05 15.94
N TYR C 52 -40.72 -9.03 16.13
CA TYR C 52 -41.54 -8.49 15.04
C TYR C 52 -40.67 -7.69 14.07
N HIS C 53 -41.05 -7.69 12.79
CA HIS C 53 -40.59 -6.75 11.78
C HIS C 53 -41.82 -5.97 11.29
N MET C 54 -41.64 -4.71 10.87
CA MET C 54 -42.74 -3.80 10.52
C MET C 54 -42.60 -3.25 9.09
N ASN C 55 -43.71 -2.93 8.42
CA ASN C 55 -43.68 -2.17 7.16
C ASN C 55 -43.35 -0.69 7.38
N ILE C 56 -42.81 -0.02 6.37
CA ILE C 56 -42.75 1.45 6.29
C ILE C 56 -43.87 1.95 5.36
N GLU C 57 -44.52 3.04 5.76
CA GLU C 57 -45.53 3.74 4.96
C GLU C 57 -45.20 5.21 4.74
N GLU C 58 -45.56 5.71 3.56
CA GLU C 58 -45.18 7.03 3.03
C GLU C 58 -46.31 8.05 3.13
N GLY C 59 -45.99 9.26 3.59
CA GLY C 59 -46.86 10.43 3.50
C GLY C 59 -47.51 10.83 4.82
N LEU C 60 -48.36 11.85 4.80
CA LEU C 60 -49.07 12.32 5.99
C LEU C 60 -50.40 11.58 6.20
N ASP C 61 -51.24 11.51 5.18
CA ASP C 61 -52.53 10.80 5.20
C ASP C 61 -52.33 9.31 4.93
N LEU C 62 -52.59 8.46 5.93
CA LEU C 62 -52.47 7.01 5.84
C LEU C 62 -53.82 6.29 5.83
N SER C 63 -54.92 7.00 5.62
CA SER C 63 -56.28 6.42 5.66
C SER C 63 -56.52 5.32 4.61
N SER C 64 -55.71 5.27 3.56
CA SER C 64 -55.73 4.25 2.51
C SER C 64 -54.80 3.05 2.75
N LYS C 65 -54.01 3.05 3.84
CA LYS C 65 -52.94 2.08 4.08
C LYS C 65 -53.33 1.04 5.13
N THR C 66 -53.11 -0.23 4.84
CA THR C 66 -53.31 -1.34 5.78
C THR C 66 -52.24 -1.31 6.87
N PRO C 67 -52.59 -1.36 8.18
CA PRO C 67 -51.60 -1.49 9.24
C PRO C 67 -50.79 -2.79 9.11
N THR C 68 -49.56 -2.82 9.60
CA THR C 68 -48.77 -4.06 9.56
C THR C 68 -49.40 -5.10 10.47
N ALA C 69 -49.71 -6.28 9.95
CA ALA C 69 -50.20 -7.39 10.76
C ALA C 69 -49.05 -7.91 11.64
N LEU C 70 -49.21 -7.90 12.96
CA LEU C 70 -48.24 -8.54 13.83
C LEU C 70 -48.29 -10.06 13.61
N VAL C 71 -47.13 -10.71 13.48
CA VAL C 71 -47.03 -12.15 13.33
C VAL C 71 -46.10 -12.69 14.40
N GLN C 72 -46.66 -13.37 15.40
CA GLN C 72 -45.89 -13.94 16.49
C GLN C 72 -45.31 -15.29 16.09
N ARG C 73 -44.24 -15.22 15.30
CA ARG C 73 -43.43 -16.37 14.86
C ARG C 73 -42.82 -17.06 16.06
N LEU C 74 -42.80 -18.39 16.04
CA LEU C 74 -42.19 -19.23 17.07
C LEU C 74 -41.30 -20.27 16.39
N VAL C 75 -40.10 -20.52 16.91
CA VAL C 75 -39.23 -21.61 16.42
C VAL C 75 -39.17 -22.75 17.44
N PRO C 76 -39.36 -24.02 17.00
CA PRO C 76 -39.33 -25.16 17.88
C PRO C 76 -37.91 -25.56 18.24
N SER C 77 -37.72 -26.04 19.47
CA SER C 77 -36.56 -26.82 19.88
C SER C 77 -37.05 -28.09 20.57
N VAL C 78 -36.48 -29.23 20.23
CA VAL C 78 -37.06 -30.55 20.53
C VAL C 78 -35.96 -31.54 20.92
N PHE C 79 -36.20 -32.38 21.93
CA PHE C 79 -35.29 -33.50 22.23
C PHE C 79 -35.36 -34.57 21.14
N LYS C 80 -34.23 -35.20 20.83
CA LYS C 80 -34.16 -36.36 19.94
C LYS C 80 -34.69 -37.61 20.66
N GLU C 81 -34.84 -38.73 19.96
CA GLU C 81 -34.97 -40.03 20.63
C GLU C 81 -33.76 -40.26 21.57
N PRO C 82 -33.92 -40.90 22.73
CA PRO C 82 -32.80 -41.13 23.64
C PRO C 82 -31.67 -41.91 22.96
N LYS C 83 -30.43 -41.58 23.30
CA LYS C 83 -29.22 -42.21 22.77
C LYS C 83 -28.66 -43.14 23.82
N ASN C 84 -28.41 -44.39 23.47
CA ASN C 84 -28.09 -45.46 24.41
C ASN C 84 -26.90 -46.28 23.93
N ILE C 85 -26.24 -46.97 24.86
CA ILE C 85 -25.35 -48.08 24.57
C ILE C 85 -25.76 -49.25 25.46
N LEU C 86 -25.90 -50.43 24.89
CA LEU C 86 -26.19 -51.68 25.60
C LEU C 86 -25.01 -52.64 25.51
N TYR C 87 -24.62 -53.26 26.60
CA TYR C 87 -23.80 -54.48 26.57
C TYR C 87 -24.25 -55.46 27.64
N THR C 88 -23.91 -56.74 27.49
CA THR C 88 -24.24 -57.79 28.47
C THR C 88 -23.04 -58.64 28.81
N LEU C 89 -22.92 -59.07 30.06
CA LEU C 89 -21.91 -60.01 30.54
C LEU C 89 -22.63 -61.17 31.22
N ASP C 90 -22.29 -62.41 30.90
CA ASP C 90 -22.79 -63.56 31.64
C ASP C 90 -21.99 -63.80 32.94
N ALA C 91 -22.50 -64.68 33.80
CA ALA C 91 -21.90 -64.97 35.10
C ALA C 91 -20.50 -65.62 35.01
N ARG C 92 -20.10 -66.19 33.86
CA ARG C 92 -18.72 -66.59 33.61
C ARG C 92 -17.87 -65.37 33.25
N GLU C 93 -18.35 -64.53 32.34
CA GLU C 93 -17.63 -63.35 31.86
C GLU C 93 -17.39 -62.32 32.97
N MET C 94 -18.34 -62.15 33.88
CA MET C 94 -18.21 -61.27 35.04
C MET C 94 -17.16 -61.70 36.07
N ARG C 95 -16.51 -62.86 35.91
CA ARG C 95 -15.37 -63.26 36.75
C ARG C 95 -14.12 -62.41 36.50
N ASP C 96 -14.04 -61.75 35.35
CA ASP C 96 -12.96 -60.82 35.01
C ASP C 96 -13.49 -59.37 35.00
N PRO C 97 -13.19 -58.55 36.02
CA PRO C 97 -13.79 -57.23 36.22
C PRO C 97 -13.30 -56.14 35.24
N GLU C 98 -12.29 -56.41 34.42
CA GLU C 98 -11.87 -55.48 33.37
C GLU C 98 -12.96 -55.28 32.31
N HIS C 99 -13.79 -56.28 32.01
CA HIS C 99 -14.79 -56.12 30.94
C HIS C 99 -15.78 -55.01 31.26
N LYS C 100 -16.33 -54.96 32.48
CA LYS C 100 -17.22 -53.89 32.90
C LYS C 100 -16.50 -52.55 32.94
N THR C 101 -15.25 -52.55 33.40
CA THR C 101 -14.43 -51.34 33.52
C THR C 101 -14.14 -50.72 32.15
N GLU C 102 -13.69 -51.52 31.19
CA GLU C 102 -13.36 -51.07 29.84
C GLU C 102 -14.61 -50.78 29.00
N ALA C 103 -15.66 -51.58 29.09
CA ALA C 103 -16.91 -51.32 28.38
C ALA C 103 -17.63 -50.07 28.92
N GLY C 104 -17.57 -49.81 30.23
CA GLY C 104 -18.12 -48.59 30.81
C GLY C 104 -17.35 -47.35 30.37
N ARG C 105 -16.01 -47.42 30.35
CA ARG C 105 -15.14 -46.36 29.83
C ARG C 105 -15.45 -46.07 28.36
N ALA C 106 -15.51 -47.11 27.54
CA ALA C 106 -15.82 -46.97 26.12
C ALA C 106 -17.22 -46.43 25.86
N ALA C 107 -18.24 -46.86 26.62
CA ALA C 107 -19.60 -46.36 26.47
C ALA C 107 -19.72 -44.88 26.84
N GLY C 108 -19.12 -44.46 27.95
CA GLY C 108 -19.17 -43.07 28.39
C GLY C 108 -18.57 -42.11 27.36
N MET C 109 -17.40 -42.40 26.80
CA MET C 109 -16.80 -41.52 25.79
C MET C 109 -17.52 -41.59 24.45
N ARG C 110 -18.10 -42.74 24.06
CA ARG C 110 -18.82 -42.87 22.79
C ARG C 110 -20.11 -42.06 22.74
N LEU C 111 -20.81 -41.89 23.85
CA LEU C 111 -22.00 -41.02 23.93
C LEU C 111 -21.63 -39.54 23.94
N ALA C 112 -20.59 -39.15 24.68
CA ALA C 112 -20.05 -37.79 24.61
C ALA C 112 -19.69 -37.41 23.17
N ALA C 113 -18.96 -38.26 22.46
CA ALA C 113 -18.59 -38.02 21.09
C ALA C 113 -19.79 -37.97 20.12
N GLN C 114 -20.89 -38.67 20.41
CA GLN C 114 -22.08 -38.58 19.57
C GLN C 114 -22.80 -37.24 19.71
N ILE C 115 -22.84 -36.63 20.90
CA ILE C 115 -23.41 -35.29 21.09
C ILE C 115 -22.68 -34.29 20.19
N ASP C 116 -21.36 -34.36 20.15
CA ASP C 116 -20.53 -33.52 19.27
C ASP C 116 -20.80 -33.81 17.80
N SER C 117 -20.86 -35.07 17.39
CA SER C 117 -21.12 -35.47 16.01
C SER C 117 -22.51 -35.06 15.51
N ASP C 118 -23.54 -35.19 16.34
CA ASP C 118 -24.90 -34.73 16.03
C ASP C 118 -24.96 -33.22 15.88
N LEU C 119 -24.36 -32.46 16.80
CA LEU C 119 -24.32 -30.99 16.68
C LEU C 119 -23.59 -30.55 15.42
N ILE C 120 -22.41 -31.10 15.14
CA ILE C 120 -21.64 -30.76 13.94
C ILE C 120 -22.42 -31.07 12.68
N SER C 121 -23.12 -32.19 12.62
CA SER C 121 -23.97 -32.55 11.47
C SER C 121 -25.14 -31.56 11.32
N MET C 122 -25.78 -31.21 12.44
CA MET C 122 -26.87 -30.22 12.52
C MET C 122 -26.45 -28.86 12.00
N VAL C 123 -25.37 -28.27 12.52
CA VAL C 123 -24.87 -26.96 12.09
C VAL C 123 -24.44 -26.99 10.61
N THR C 124 -23.76 -28.04 10.17
CA THR C 124 -23.35 -28.20 8.76
C THR C 124 -24.54 -28.23 7.80
N GLN C 125 -25.64 -28.87 8.19
CA GLN C 125 -26.83 -28.98 7.35
C GLN C 125 -27.71 -27.71 7.37
N ARG C 126 -27.82 -27.02 8.50
CA ARG C 126 -28.71 -25.85 8.64
C ARG C 126 -28.09 -24.52 8.24
N ALA C 127 -26.76 -24.35 8.30
CA ALA C 127 -26.15 -23.03 8.12
C ALA C 127 -26.42 -22.42 6.74
N THR C 128 -26.92 -21.18 6.70
CA THR C 128 -27.43 -20.58 5.45
C THR C 128 -26.43 -19.73 4.70
N ASN C 129 -25.45 -19.12 5.35
CA ASN C 129 -24.36 -18.43 4.65
C ASN C 129 -23.30 -19.45 4.20
N VAL C 130 -23.04 -19.60 2.91
CA VAL C 130 -22.07 -20.60 2.40
C VAL C 130 -21.14 -19.95 1.38
N ILE C 131 -19.85 -20.19 1.51
CA ILE C 131 -18.83 -19.69 0.59
C ILE C 131 -17.95 -20.86 0.14
N THR C 132 -17.58 -20.89 -1.12
CA THR C 132 -16.76 -21.96 -1.71
C THR C 132 -15.50 -21.41 -2.35
N MET C 133 -14.44 -22.20 -2.36
CA MET C 133 -13.21 -21.88 -3.10
C MET C 133 -12.60 -23.16 -3.66
N ALA C 134 -12.00 -23.09 -4.85
CA ALA C 134 -11.13 -24.15 -5.34
C ALA C 134 -9.83 -24.18 -4.52
N ASP C 135 -9.22 -25.34 -4.35
CA ASP C 135 -7.89 -25.41 -3.74
C ASP C 135 -6.86 -24.75 -4.65
N SER C 136 -6.05 -23.85 -4.09
CA SER C 136 -5.10 -23.07 -4.87
C SER C 136 -3.91 -23.91 -5.34
N THR C 137 -3.61 -23.84 -6.63
CA THR C 137 -2.40 -24.41 -7.25
C THR C 137 -1.18 -23.49 -7.06
N ALA C 138 -1.40 -22.18 -6.95
CA ALA C 138 -0.43 -21.20 -6.48
C ALA C 138 -0.25 -21.28 -4.95
N GLY C 139 0.51 -20.35 -4.37
CA GLY C 139 0.70 -20.25 -2.92
C GLY C 139 -0.49 -19.70 -2.12
N THR C 140 -1.62 -19.39 -2.77
CA THR C 140 -2.71 -18.60 -2.17
C THR C 140 -3.66 -19.40 -1.28
N GLN C 141 -3.51 -20.71 -1.13
CA GLN C 141 -4.23 -21.47 -0.11
C GLN C 141 -3.95 -20.85 1.27
N GLY C 142 -4.90 -20.87 2.21
CA GLY C 142 -4.72 -20.18 3.49
C GLY C 142 -5.06 -18.70 3.42
N ARG C 143 -4.50 -17.95 2.46
CA ARG C 143 -4.98 -16.58 2.19
C ARG C 143 -6.39 -16.58 1.64
N ASP C 144 -6.69 -17.46 0.70
CA ASP C 144 -8.04 -17.65 0.16
C ASP C 144 -9.04 -18.13 1.22
N LEU C 145 -8.60 -18.93 2.20
CA LEU C 145 -9.43 -19.35 3.33
C LEU C 145 -9.70 -18.20 4.30
N TRP C 146 -8.71 -17.36 4.60
CA TRP C 146 -8.93 -16.16 5.39
C TRP C 146 -9.93 -15.23 4.70
N ASN C 147 -9.78 -15.04 3.40
CA ASN C 147 -10.72 -14.29 2.57
C ASN C 147 -12.12 -14.90 2.61
N CYS C 148 -12.26 -16.23 2.62
CA CYS C 148 -13.54 -16.89 2.80
C CYS C 148 -14.14 -16.73 4.19
N ALA C 149 -13.38 -16.87 5.27
CA ALA C 149 -13.87 -16.65 6.62
C ALA C 149 -14.33 -15.21 6.81
N ALA C 150 -13.52 -14.24 6.38
CA ALA C 150 -13.90 -12.84 6.38
C ALA C 150 -15.12 -12.58 5.48
N GLY C 151 -15.26 -13.30 4.38
CA GLY C 151 -16.45 -13.29 3.53
C GLY C 151 -17.72 -13.78 4.23
N ILE C 152 -17.61 -14.74 5.15
CA ILE C 152 -18.75 -15.15 5.97
C ILE C 152 -19.15 -14.01 6.89
N ASP C 153 -18.21 -13.38 7.61
CA ASP C 153 -18.55 -12.25 8.48
C ASP C 153 -19.05 -11.02 7.71
N ALA C 154 -18.48 -10.73 6.54
CA ALA C 154 -18.97 -9.69 5.66
C ALA C 154 -20.41 -9.95 5.25
N THR C 155 -20.76 -11.21 4.93
CA THR C 155 -22.13 -11.60 4.59
C THR C 155 -23.06 -11.51 5.79
N MET C 156 -22.66 -12.01 6.96
CA MET C 156 -23.42 -11.85 8.20
C MET C 156 -23.70 -10.38 8.49
N THR C 157 -22.70 -9.52 8.36
CA THR C 157 -22.84 -8.07 8.54
C THR C 157 -23.80 -7.48 7.53
N ALA C 158 -23.67 -7.80 6.25
CA ALA C 158 -24.52 -7.28 5.18
C ALA C 158 -26.00 -7.67 5.34
N ILE C 159 -26.32 -8.85 5.85
CA ILE C 159 -27.71 -9.24 6.15
C ILE C 159 -28.21 -8.68 7.49
N GLY C 160 -27.39 -8.04 8.30
CA GLY C 160 -27.80 -7.39 9.54
C GLY C 160 -27.64 -8.22 10.81
N VAL C 161 -26.83 -9.28 10.82
CA VAL C 161 -26.40 -9.91 12.08
C VAL C 161 -25.60 -8.87 12.89
N PRO C 162 -25.84 -8.68 14.19
CA PRO C 162 -25.12 -7.69 14.99
C PRO C 162 -23.60 -7.83 14.90
N GLN C 163 -22.88 -6.72 14.78
CA GLN C 163 -21.43 -6.72 14.57
C GLN C 163 -20.64 -6.92 15.88
N GLY C 164 -21.25 -6.60 17.02
CA GLY C 164 -20.59 -6.61 18.32
C GLY C 164 -20.63 -7.94 19.07
N ILE C 165 -21.52 -8.85 18.69
CA ILE C 165 -21.63 -10.17 19.33
C ILE C 165 -20.46 -11.08 18.93
N ASN C 166 -20.02 -11.88 19.90
CA ASN C 166 -18.88 -12.78 19.79
C ASN C 166 -19.08 -13.85 18.71
N ARG C 167 -17.99 -14.30 18.11
CA ARG C 167 -17.96 -15.13 16.90
C ARG C 167 -16.94 -16.25 17.04
N ARG C 168 -17.29 -17.45 16.58
CA ARG C 168 -16.46 -18.65 16.65
C ARG C 168 -16.31 -19.30 15.29
N SER C 169 -15.15 -19.88 15.02
CA SER C 169 -14.88 -20.65 13.82
C SER C 169 -14.24 -21.98 14.18
N PHE C 170 -14.70 -23.05 13.55
CA PHE C 170 -14.28 -24.42 13.79
C PHE C 170 -13.78 -25.00 12.48
N TRP C 171 -12.48 -25.18 12.40
CA TRP C 171 -11.78 -25.56 11.17
C TRP C 171 -11.49 -27.04 11.19
N ASN C 172 -11.72 -27.74 10.08
CA ASN C 172 -11.24 -29.11 9.97
C ASN C 172 -9.71 -29.11 9.95
N PRO C 173 -9.03 -30.22 10.29
CA PRO C 173 -7.60 -30.18 10.52
C PRO C 173 -6.79 -29.78 9.29
N PHE C 174 -7.29 -30.09 8.09
CA PHE C 174 -6.64 -29.76 6.83
C PHE C 174 -6.65 -28.27 6.54
N ASN C 175 -7.80 -27.60 6.68
CA ASN C 175 -7.88 -26.17 6.45
C ASN C 175 -7.33 -25.34 7.63
N TYR C 176 -7.36 -25.86 8.86
CA TYR C 176 -6.61 -25.22 9.95
C TYR C 176 -5.11 -25.25 9.67
N LYS C 177 -4.59 -26.36 9.14
CA LYS C 177 -3.21 -26.50 8.65
C LYS C 177 -2.92 -25.53 7.50
N ASP C 178 -3.82 -25.35 6.55
CA ASP C 178 -3.64 -24.38 5.45
C ASP C 178 -3.47 -22.94 5.96
N LEU C 179 -4.23 -22.52 6.97
CA LEU C 179 -4.06 -21.21 7.60
C LEU C 179 -2.72 -21.10 8.33
N ALA C 180 -2.35 -22.09 9.13
CA ALA C 180 -1.07 -22.12 9.83
C ALA C 180 0.12 -22.14 8.85
N GLY C 181 -0.04 -22.76 7.69
CA GLY C 181 0.97 -22.76 6.64
C GLY C 181 1.18 -21.40 6.00
N GLU C 182 0.15 -20.57 5.86
CA GLU C 182 0.34 -19.19 5.44
C GLU C 182 1.01 -18.37 6.54
N LEU C 183 0.44 -18.33 7.74
CA LEU C 183 0.96 -17.49 8.81
C LEU C 183 2.35 -17.89 9.27
N GLY C 184 2.70 -19.18 9.21
CA GLY C 184 4.01 -19.67 9.64
C GLY C 184 5.14 -19.37 8.66
N HIS C 185 4.81 -19.09 7.40
CA HIS C 185 5.77 -18.82 6.34
C HIS C 185 5.89 -17.32 5.99
N ARG C 186 5.37 -16.44 6.86
CA ARG C 186 5.64 -14.99 6.79
C ARG C 186 7.13 -14.72 6.95
N ALA C 187 7.64 -13.70 6.28
CA ALA C 187 9.07 -13.43 6.24
C ALA C 187 9.67 -12.95 7.58
N TYR C 188 8.89 -12.39 8.51
CA TYR C 188 9.37 -12.11 9.85
C TYR C 188 9.10 -13.29 10.79
N ALA C 189 10.08 -14.17 10.97
CA ALA C 189 9.99 -15.38 11.77
C ALA C 189 10.02 -15.13 13.29
N GLN C 190 8.96 -14.52 13.83
CA GLN C 190 8.81 -14.19 15.25
C GLN C 190 7.36 -14.30 15.71
N GLY C 191 7.10 -14.44 17.01
CA GLY C 191 5.75 -14.36 17.59
C GLY C 191 4.73 -15.27 16.93
N ALA C 192 3.62 -14.73 16.45
CA ALA C 192 2.56 -15.48 15.79
C ALA C 192 3.06 -16.29 14.58
N THR C 193 4.01 -15.76 13.80
CA THR C 193 4.64 -16.50 12.70
C THR C 193 5.37 -17.71 13.23
N LEU C 194 6.12 -17.56 14.31
CA LEU C 194 6.97 -18.62 14.82
C LEU C 194 6.13 -19.73 15.46
N THR C 195 5.09 -19.38 16.22
CA THR C 195 4.08 -20.33 16.71
C THR C 195 3.38 -21.08 15.58
N ALA C 196 2.98 -20.39 14.52
CA ALA C 196 2.35 -21.03 13.37
C ALA C 196 3.30 -21.98 12.65
N TYR C 197 4.58 -21.65 12.54
CA TYR C 197 5.57 -22.54 11.93
C TYR C 197 5.88 -23.76 12.80
N GLU C 198 6.20 -23.54 14.07
CA GLU C 198 6.71 -24.59 14.95
C GLU C 198 5.64 -25.58 15.37
N LYS C 199 4.47 -25.10 15.75
CA LYS C 199 3.40 -25.89 16.35
C LYS C 199 2.07 -25.87 15.62
N ALA C 200 2.03 -25.27 14.43
CA ALA C 200 0.87 -25.23 13.54
C ALA C 200 -0.40 -24.62 14.16
N GLN C 201 -0.28 -23.84 15.23
CA GLN C 201 -1.39 -23.11 15.86
C GLN C 201 -1.58 -21.75 15.21
N ILE C 202 -2.81 -21.25 15.16
CA ILE C 202 -3.14 -19.91 14.65
C ILE C 202 -3.85 -19.07 15.72
N PRO C 203 -3.70 -17.75 15.72
CA PRO C 203 -4.50 -16.84 16.54
C PRO C 203 -5.95 -16.79 16.00
N PRO C 204 -6.86 -15.96 16.54
CA PRO C 204 -8.14 -15.69 15.91
C PRO C 204 -7.99 -15.33 14.44
N VAL C 205 -9.02 -15.53 13.62
CA VAL C 205 -8.97 -15.30 12.18
C VAL C 205 -10.20 -14.52 11.77
N ALA C 206 -10.02 -13.42 11.04
CA ALA C 206 -11.11 -12.72 10.38
C ALA C 206 -12.30 -12.35 11.29
N SER C 207 -12.04 -11.96 12.55
CA SER C 207 -13.00 -11.68 13.63
C SER C 207 -13.60 -12.87 14.36
N PHE C 208 -13.29 -14.10 13.96
CA PHE C 208 -13.71 -15.30 14.66
C PHE C 208 -12.61 -15.79 15.60
N ASP C 209 -12.96 -16.19 16.82
CA ASP C 209 -12.11 -17.11 17.57
C ASP C 209 -11.89 -18.39 16.76
N SER C 210 -10.69 -18.95 16.79
CA SER C 210 -10.33 -20.07 15.93
C SER C 210 -10.11 -21.33 16.76
N TYR C 211 -10.82 -22.39 16.38
CA TYR C 211 -10.76 -23.70 16.99
C TYR C 211 -10.51 -24.75 15.91
N LYS C 212 -9.76 -25.80 16.23
CA LYS C 212 -9.55 -26.94 15.34
C LYS C 212 -10.45 -28.08 15.81
N THR C 213 -11.30 -28.58 14.93
CA THR C 213 -12.19 -29.70 15.23
C THR C 213 -11.71 -30.95 14.50
N ASP C 214 -11.48 -32.04 15.23
CA ASP C 214 -11.01 -33.31 14.68
C ASP C 214 -12.06 -33.98 13.81
N ILE C 215 -13.28 -34.03 14.31
CA ILE C 215 -14.49 -34.38 13.57
C ILE C 215 -15.00 -33.13 12.82
N SER C 216 -15.50 -33.28 11.60
CA SER C 216 -16.17 -32.21 10.85
C SER C 216 -17.26 -32.77 9.94
N GLY C 217 -18.27 -31.96 9.59
CA GLY C 217 -19.33 -32.37 8.67
C GLY C 217 -18.88 -32.29 7.22
N ARG C 218 -19.35 -33.18 6.35
CA ARG C 218 -19.01 -33.20 4.92
C ARG C 218 -20.26 -32.93 4.09
N LEU C 219 -20.19 -31.97 3.17
CA LEU C 219 -21.27 -31.79 2.17
C LEU C 219 -21.15 -32.85 1.08
N PRO C 220 -22.26 -33.31 0.49
CA PRO C 220 -22.22 -34.32 -0.56
C PRO C 220 -21.63 -33.79 -1.86
N LYS C 221 -21.29 -34.68 -2.80
CA LYS C 221 -21.04 -34.30 -4.19
C LYS C 221 -22.36 -33.92 -4.83
N GLY C 222 -22.52 -32.65 -5.19
CA GLY C 222 -23.72 -32.13 -5.82
C GLY C 222 -23.96 -32.70 -7.23
N SER C 223 -25.21 -32.67 -7.69
CA SER C 223 -25.56 -33.14 -9.03
C SER C 223 -24.90 -32.29 -10.13
N THR C 224 -24.57 -32.92 -11.26
CA THR C 224 -24.10 -32.24 -12.48
C THR C 224 -25.24 -31.80 -13.41
N GLU C 225 -26.50 -32.12 -13.10
CA GLU C 225 -27.65 -31.77 -13.95
C GLU C 225 -27.98 -30.28 -13.96
N SER C 226 -28.53 -29.80 -15.08
CA SER C 226 -29.05 -28.44 -15.25
C SER C 226 -30.44 -28.30 -14.64
N LEU C 227 -30.51 -28.29 -13.31
CA LEU C 227 -31.76 -28.14 -12.57
C LEU C 227 -32.31 -26.71 -12.64
N THR C 228 -33.63 -26.59 -12.57
CA THR C 228 -34.33 -25.31 -12.54
C THR C 228 -35.47 -25.38 -11.53
N VAL C 229 -35.84 -24.25 -10.94
CA VAL C 229 -37.03 -24.13 -10.10
C VAL C 229 -38.28 -24.13 -10.99
N SER C 230 -39.28 -24.95 -10.68
CA SER C 230 -40.57 -24.96 -11.36
C SER C 230 -41.56 -24.01 -10.70
N GLY C 231 -42.41 -23.35 -11.49
CA GLY C 231 -43.22 -22.24 -10.99
C GLY C 231 -42.36 -21.06 -10.53
N GLN C 232 -42.91 -20.20 -9.68
CA GLN C 232 -42.20 -19.05 -9.10
C GLN C 232 -42.45 -19.04 -7.60
N PRO C 233 -41.83 -19.97 -6.85
CA PRO C 233 -42.19 -20.21 -5.46
C PRO C 233 -41.94 -18.98 -4.61
N GLU C 234 -42.87 -18.73 -3.72
CA GLU C 234 -42.94 -17.55 -2.88
C GLU C 234 -43.70 -17.98 -1.63
N HIS C 235 -42.98 -18.12 -0.52
CA HIS C 235 -43.55 -18.62 0.72
C HIS C 235 -44.24 -17.48 1.47
N LYS C 236 -45.23 -17.80 2.31
CA LYS C 236 -45.81 -16.86 3.28
C LYS C 236 -45.26 -17.11 4.68
N VAL C 237 -45.47 -16.19 5.60
CA VAL C 237 -45.15 -16.34 7.03
C VAL C 237 -46.43 -16.49 7.81
N GLU C 238 -46.47 -17.45 8.72
CA GLU C 238 -47.61 -17.80 9.55
C GLU C 238 -47.16 -18.01 10.99
N ALA C 239 -47.95 -17.61 11.98
CA ALA C 239 -47.67 -17.92 13.38
C ALA C 239 -47.99 -19.39 13.70
N LYS C 240 -49.13 -19.89 13.22
CA LYS C 240 -49.65 -21.24 13.47
C LYS C 240 -50.46 -21.77 12.29
N ASP C 241 -50.52 -23.08 12.17
CA ASP C 241 -51.13 -23.78 11.04
C ASP C 241 -52.65 -23.93 11.16
N SER C 242 -53.26 -24.65 10.21
CA SER C 242 -54.71 -24.95 10.21
C SER C 242 -55.18 -25.82 11.38
N ASN C 243 -54.27 -26.49 12.11
CA ASN C 243 -54.57 -27.22 13.34
C ASN C 243 -54.24 -26.40 14.60
N GLY C 244 -53.78 -25.16 14.43
CA GLY C 244 -53.42 -24.26 15.52
C GLY C 244 -52.07 -24.54 16.18
N MET C 245 -51.23 -25.41 15.59
CA MET C 245 -49.87 -25.65 16.06
C MET C 245 -48.90 -24.62 15.47
N PRO C 246 -47.86 -24.19 16.20
CA PRO C 246 -46.91 -23.22 15.69
C PRO C 246 -46.23 -23.68 14.40
N VAL C 247 -45.94 -22.76 13.49
CA VAL C 247 -45.27 -23.05 12.21
C VAL C 247 -43.80 -22.69 12.29
N ASP C 248 -42.93 -23.59 11.86
CA ASP C 248 -41.48 -23.33 11.80
C ASP C 248 -41.13 -22.53 10.54
N ASN C 249 -40.95 -21.23 10.67
CA ASN C 249 -40.70 -20.33 9.53
C ASN C 249 -39.28 -20.45 8.92
N ARG C 250 -38.41 -21.29 9.48
CA ARG C 250 -37.05 -21.53 8.95
C ARG C 250 -37.03 -22.42 7.71
N GLN C 251 -38.10 -23.14 7.41
CA GLN C 251 -38.18 -24.13 6.32
C GLN C 251 -39.31 -23.80 5.35
N GLY C 252 -39.15 -24.09 4.07
CA GLY C 252 -40.23 -24.05 3.09
C GLY C 252 -40.04 -25.09 2.01
N THR C 253 -41.02 -25.27 1.12
CA THR C 253 -40.99 -26.33 0.11
C THR C 253 -41.12 -25.76 -1.30
N ILE C 254 -40.35 -26.30 -2.25
CA ILE C 254 -40.31 -25.89 -3.65
C ILE C 254 -40.41 -27.11 -4.56
N THR C 255 -40.80 -26.89 -5.82
CA THR C 255 -40.73 -27.91 -6.87
C THR C 255 -39.58 -27.58 -7.82
N VAL C 256 -38.77 -28.57 -8.17
CA VAL C 256 -37.64 -28.44 -9.09
C VAL C 256 -37.83 -29.38 -10.28
N SER C 257 -37.32 -29.02 -11.45
CA SER C 257 -37.66 -29.68 -12.71
C SER C 257 -37.17 -31.13 -12.88
N ALA C 258 -36.20 -31.60 -12.09
CA ALA C 258 -35.76 -32.99 -12.05
C ALA C 258 -35.21 -33.34 -10.66
N SER C 259 -35.27 -34.61 -10.26
CA SER C 259 -34.89 -35.05 -8.92
C SER C 259 -33.37 -35.25 -8.76
N GLY C 260 -32.60 -34.17 -8.85
CA GLY C 260 -31.14 -34.19 -8.71
C GLY C 260 -30.61 -33.78 -7.33
N LEU C 261 -31.30 -32.88 -6.61
CA LEU C 261 -30.86 -32.35 -5.31
C LEU C 261 -30.80 -33.43 -4.21
N GLN C 262 -29.96 -33.23 -3.20
CA GLN C 262 -29.71 -34.15 -2.08
C GLN C 262 -29.75 -33.41 -0.75
N VAL C 263 -30.12 -34.10 0.33
CA VAL C 263 -30.07 -33.51 1.68
C VAL C 263 -28.65 -33.05 2.02
N GLY C 264 -28.51 -31.82 2.51
CA GLY C 264 -27.23 -31.19 2.80
C GLY C 264 -26.63 -30.38 1.64
N ASP C 265 -27.21 -30.40 0.44
CA ASP C 265 -26.81 -29.49 -0.64
C ASP C 265 -26.90 -28.02 -0.22
N ALA C 266 -26.06 -27.20 -0.83
CA ALA C 266 -26.14 -25.75 -0.80
C ALA C 266 -26.27 -25.25 -2.23
N PHE C 267 -27.24 -24.40 -2.53
CA PHE C 267 -27.47 -23.93 -3.89
C PHE C 267 -27.94 -22.47 -3.91
N THR C 268 -27.83 -21.83 -5.07
CA THR C 268 -28.38 -20.49 -5.31
C THR C 268 -29.31 -20.52 -6.50
N ILE C 269 -30.32 -19.64 -6.51
CA ILE C 269 -31.30 -19.52 -7.59
C ILE C 269 -30.98 -18.26 -8.39
N ALA C 270 -31.04 -18.32 -9.72
CA ALA C 270 -30.41 -17.35 -10.63
C ALA C 270 -30.66 -15.86 -10.31
N GLY C 271 -31.90 -15.47 -10.03
CA GLY C 271 -32.28 -14.07 -9.85
C GLY C 271 -32.44 -13.59 -8.41
N VAL C 272 -32.03 -14.38 -7.40
CA VAL C 272 -32.46 -14.18 -6.01
C VAL C 272 -31.29 -13.77 -5.11
N ASN C 273 -31.32 -12.56 -4.55
CA ASN C 273 -30.25 -12.00 -3.72
C ASN C 273 -30.71 -11.77 -2.29
N SER C 274 -29.83 -11.91 -1.32
CA SER C 274 -30.15 -11.58 0.08
C SER C 274 -30.37 -10.08 0.25
N VAL C 275 -31.13 -9.70 1.27
CA VAL C 275 -31.35 -8.29 1.66
C VAL C 275 -30.93 -8.07 3.11
N HIS C 276 -30.60 -6.83 3.49
CA HIS C 276 -30.44 -6.48 4.90
C HIS C 276 -31.75 -6.73 5.62
N GLN C 277 -31.73 -7.52 6.69
CA GLN C 277 -32.95 -8.01 7.33
C GLN C 277 -33.82 -6.91 7.94
N ILE C 278 -33.27 -5.72 8.24
CA ILE C 278 -34.09 -4.59 8.72
C ILE C 278 -34.51 -3.68 7.58
N THR C 279 -33.59 -3.07 6.83
CA THR C 279 -33.96 -2.08 5.80
C THR C 279 -34.55 -2.68 4.52
N LYS C 280 -34.34 -3.98 4.31
CA LYS C 280 -34.69 -4.73 3.10
C LYS C 280 -33.99 -4.23 1.83
N ASP C 281 -32.90 -3.49 1.95
CA ASP C 281 -32.03 -3.14 0.81
C ASP C 281 -31.18 -4.35 0.38
N THR C 282 -30.98 -4.53 -0.92
CA THR C 282 -30.24 -5.69 -1.44
C THR C 282 -28.77 -5.68 -1.04
N THR C 283 -28.23 -6.85 -0.73
CA THR C 283 -26.79 -7.08 -0.55
C THR C 283 -26.05 -7.20 -1.88
N GLY C 284 -26.77 -7.46 -2.98
CA GLY C 284 -26.19 -7.78 -4.29
C GLY C 284 -25.53 -9.16 -4.39
N GLN C 285 -25.50 -9.94 -3.31
CA GLN C 285 -25.03 -11.32 -3.29
C GLN C 285 -26.19 -12.30 -3.41
N PRO C 286 -26.06 -13.43 -4.14
CA PRO C 286 -27.08 -14.46 -4.19
C PRO C 286 -27.45 -15.00 -2.81
N GLN C 287 -28.73 -15.30 -2.57
CA GLN C 287 -29.12 -16.05 -1.37
C GLN C 287 -28.77 -17.53 -1.57
N VAL C 288 -28.14 -18.13 -0.58
CA VAL C 288 -27.92 -19.58 -0.56
C VAL C 288 -29.05 -20.27 0.17
N PHE C 289 -29.56 -21.35 -0.40
CA PHE C 289 -30.57 -22.23 0.16
C PHE C 289 -29.97 -23.59 0.48
N ARG C 290 -30.37 -24.20 1.59
CA ARG C 290 -29.93 -25.53 2.04
C ARG C 290 -31.04 -26.54 1.84
N VAL C 291 -30.76 -27.68 1.24
CA VAL C 291 -31.76 -28.76 1.12
C VAL C 291 -31.83 -29.55 2.41
N LEU C 292 -33.02 -29.64 3.00
CA LEU C 292 -33.27 -30.34 4.26
C LEU C 292 -34.06 -31.64 4.11
N ALA C 293 -34.84 -31.81 3.04
CA ALA C 293 -35.53 -33.05 2.71
C ALA C 293 -35.86 -33.11 1.21
N VAL C 294 -36.03 -34.30 0.65
CA VAL C 294 -36.31 -34.53 -0.77
C VAL C 294 -37.42 -35.57 -0.94
N SER C 295 -38.29 -35.38 -1.93
CA SER C 295 -39.34 -36.31 -2.33
C SER C 295 -39.63 -36.14 -3.83
N GLY C 296 -38.94 -36.90 -4.67
CA GLY C 296 -39.03 -36.74 -6.12
C GLY C 296 -38.61 -35.33 -6.55
N THR C 297 -39.45 -34.63 -7.29
CA THR C 297 -39.28 -33.22 -7.67
C THR C 297 -39.60 -32.21 -6.56
N THR C 298 -40.15 -32.63 -5.42
CA THR C 298 -40.52 -31.73 -4.31
C THR C 298 -39.43 -31.71 -3.26
N VAL C 299 -38.95 -30.53 -2.89
CA VAL C 299 -37.74 -30.35 -2.07
C VAL C 299 -38.01 -29.35 -0.96
N THR C 300 -37.60 -29.66 0.26
CA THR C 300 -37.71 -28.76 1.41
C THR C 300 -36.39 -28.07 1.62
N ILE C 301 -36.43 -26.75 1.76
CA ILE C 301 -35.28 -25.86 1.73
C ILE C 301 -35.30 -24.90 2.93
N SER C 302 -34.15 -24.33 3.25
CA SER C 302 -34.01 -23.28 4.25
C SER C 302 -33.07 -22.18 3.74
N PRO C 303 -33.34 -20.87 3.97
CA PRO C 303 -34.55 -20.32 4.57
C PRO C 303 -35.77 -20.40 3.63
N LYS C 304 -36.92 -19.90 4.06
CA LYS C 304 -38.06 -19.65 3.16
C LYS C 304 -37.70 -18.61 2.09
N ILE C 305 -38.24 -18.75 0.88
CA ILE C 305 -38.21 -17.72 -0.15
C ILE C 305 -39.25 -16.66 0.19
N LEU C 306 -38.84 -15.61 0.90
CA LEU C 306 -39.70 -14.49 1.30
C LEU C 306 -39.24 -13.23 0.59
N PRO C 307 -39.89 -12.81 -0.52
CA PRO C 307 -39.47 -11.64 -1.26
C PRO C 307 -39.82 -10.33 -0.57
N VAL C 308 -39.05 -9.28 -0.83
CA VAL C 308 -39.59 -7.91 -0.77
C VAL C 308 -40.71 -7.82 -1.79
N GLU C 309 -41.82 -7.16 -1.46
CA GLU C 309 -43.06 -7.18 -2.24
C GLU C 309 -43.61 -8.59 -2.56
N ASN C 310 -43.53 -9.49 -1.56
CA ASN C 310 -44.28 -10.75 -1.51
C ASN C 310 -45.77 -10.55 -1.84
N THR C 311 -46.40 -11.45 -2.57
CA THR C 311 -47.85 -11.42 -2.83
C THR C 311 -48.69 -11.51 -1.56
N ASP C 312 -48.19 -12.17 -0.52
CA ASP C 312 -48.78 -12.13 0.82
C ASP C 312 -48.31 -10.89 1.59
N VAL C 313 -49.19 -9.90 1.78
CA VAL C 313 -48.83 -8.63 2.40
C VAL C 313 -48.31 -8.81 3.83
N ALA C 314 -48.90 -9.69 4.63
CA ALA C 314 -48.55 -9.88 6.03
C ALA C 314 -47.10 -10.36 6.23
N SER C 315 -46.49 -11.04 5.26
CA SER C 315 -45.11 -11.53 5.33
C SER C 315 -44.08 -10.59 4.74
N ARG C 316 -44.45 -9.49 4.08
CA ARG C 316 -43.49 -8.51 3.53
C ARG C 316 -42.47 -7.98 4.55
N PRO C 317 -42.82 -7.71 5.82
CA PRO C 317 -41.82 -7.32 6.82
C PRO C 317 -40.75 -8.38 7.07
N TYR C 318 -41.02 -9.64 6.77
CA TYR C 318 -40.14 -10.78 7.03
C TYR C 318 -39.33 -11.20 5.80
N ALA C 319 -39.26 -10.38 4.76
CA ALA C 319 -38.51 -10.67 3.55
C ALA C 319 -37.03 -11.02 3.81
N ASN C 320 -36.56 -12.10 3.18
CA ASN C 320 -35.16 -12.55 3.12
C ASN C 320 -34.44 -12.12 1.85
N VAL C 321 -35.18 -11.88 0.75
CA VAL C 321 -34.61 -11.80 -0.59
C VAL C 321 -35.24 -10.69 -1.42
N ASP C 322 -34.54 -10.20 -2.42
CA ASP C 322 -34.99 -9.06 -3.22
C ASP C 322 -36.16 -9.37 -4.16
N ALA C 323 -36.29 -10.61 -4.64
CA ALA C 323 -37.37 -11.04 -5.54
C ALA C 323 -37.63 -12.53 -5.41
N LYS C 324 -38.82 -13.00 -5.83
CA LYS C 324 -39.06 -14.43 -6.07
C LYS C 324 -38.33 -14.90 -7.33
N PRO C 325 -38.07 -16.21 -7.51
CA PRO C 325 -37.50 -16.74 -8.73
C PRO C 325 -38.29 -16.36 -9.98
N ALA C 326 -37.60 -16.08 -11.08
CA ALA C 326 -38.23 -16.02 -12.40
C ALA C 326 -38.75 -17.39 -12.84
N GLU C 327 -39.61 -17.45 -13.86
CA GLU C 327 -40.08 -18.72 -14.39
C GLU C 327 -38.91 -19.57 -14.90
N SER C 328 -38.84 -20.85 -14.50
CA SER C 328 -37.76 -21.78 -14.85
C SER C 328 -36.35 -21.33 -14.42
N ALA C 329 -36.21 -20.54 -13.36
CA ALA C 329 -34.91 -20.02 -12.91
C ALA C 329 -33.89 -21.14 -12.63
N ALA C 330 -32.66 -20.97 -13.10
CA ALA C 330 -31.60 -21.95 -12.93
C ALA C 330 -31.17 -22.12 -11.47
N ILE C 331 -30.86 -23.35 -11.08
CA ILE C 331 -30.27 -23.70 -9.79
C ILE C 331 -28.78 -23.94 -10.00
N THR C 332 -27.93 -23.25 -9.24
CA THR C 332 -26.49 -23.48 -9.20
C THR C 332 -26.14 -24.16 -7.88
N ILE C 333 -25.67 -25.41 -7.93
CA ILE C 333 -25.27 -26.16 -6.73
C ILE C 333 -23.83 -25.80 -6.37
N LEU C 334 -23.60 -25.33 -5.16
CA LEU C 334 -22.31 -24.81 -4.72
C LEU C 334 -21.30 -25.92 -4.43
N ASN C 335 -21.74 -26.99 -3.77
CA ASN C 335 -20.93 -28.15 -3.42
C ASN C 335 -20.69 -29.07 -4.63
N LYS C 336 -19.96 -28.58 -5.63
CA LYS C 336 -19.59 -29.34 -6.86
C LYS C 336 -18.83 -30.64 -6.56
N ASN C 337 -18.00 -30.63 -5.52
CA ASN C 337 -17.22 -31.75 -5.01
C ASN C 337 -17.55 -31.95 -3.52
N ALA C 338 -17.54 -33.18 -3.03
CA ALA C 338 -17.68 -33.44 -1.59
C ALA C 338 -16.46 -32.90 -0.83
N ALA C 339 -16.67 -32.15 0.25
CA ALA C 339 -15.58 -31.53 1.01
C ALA C 339 -15.92 -31.37 2.49
N PRO C 340 -14.94 -31.44 3.41
CA PRO C 340 -15.16 -31.16 4.82
C PRO C 340 -15.44 -29.66 5.03
N ALA C 341 -16.54 -29.35 5.69
CA ALA C 341 -16.91 -27.98 6.00
C ALA C 341 -16.06 -27.41 7.14
N ASN C 342 -15.88 -26.10 7.12
CA ASN C 342 -15.41 -25.30 8.26
C ASN C 342 -16.61 -24.51 8.76
N LEU C 343 -16.91 -24.55 10.05
CA LEU C 343 -18.14 -23.98 10.62
C LEU C 343 -17.88 -22.62 11.25
N PHE C 344 -18.79 -21.69 11.08
CA PHE C 344 -18.72 -20.34 11.64
C PHE C 344 -20.05 -20.02 12.32
N TRP C 345 -20.02 -19.36 13.47
CA TRP C 345 -21.22 -18.77 14.03
C TRP C 345 -20.96 -17.49 14.78
N ALA C 346 -21.96 -16.62 14.82
CA ALA C 346 -22.13 -15.61 15.84
C ALA C 346 -22.90 -16.23 17.02
N ASP C 347 -22.49 -15.95 18.25
CA ASP C 347 -23.04 -16.62 19.44
C ASP C 347 -24.54 -16.41 19.64
N GLY C 348 -25.18 -17.36 20.31
CA GLY C 348 -26.59 -17.32 20.70
C GLY C 348 -27.55 -18.04 19.75
N SER C 349 -27.13 -18.40 18.55
CA SER C 349 -27.95 -19.18 17.62
C SER C 349 -27.87 -20.68 17.83
N VAL C 350 -26.70 -21.22 18.16
CA VAL C 350 -26.44 -22.66 18.15
C VAL C 350 -26.46 -23.20 19.57
N GLU C 351 -27.30 -24.19 19.83
CA GLU C 351 -27.64 -24.63 21.17
C GLU C 351 -27.71 -26.15 21.32
N LEU C 352 -27.33 -26.65 22.49
CA LEU C 352 -27.62 -27.98 22.98
C LEU C 352 -28.57 -27.86 24.18
N MET C 353 -29.73 -28.51 24.11
CA MET C 353 -30.65 -28.64 25.23
C MET C 353 -30.54 -30.04 25.81
N TYR C 354 -30.41 -30.15 27.12
CA TYR C 354 -30.22 -31.42 27.82
C TYR C 354 -31.44 -31.81 28.64
N GLY C 355 -31.79 -33.09 28.58
CA GLY C 355 -32.83 -33.70 29.39
C GLY C 355 -32.26 -34.75 30.34
N LYS C 356 -33.16 -35.42 31.05
CA LYS C 356 -32.88 -36.56 31.93
C LYS C 356 -34.12 -37.43 32.04
N LEU C 357 -34.04 -38.70 31.65
CA LEU C 357 -35.14 -39.64 31.85
C LEU C 357 -35.27 -40.01 33.33
N ALA C 358 -36.50 -40.23 33.80
CA ALA C 358 -36.78 -40.52 35.20
C ALA C 358 -36.56 -42.00 35.55
N PHE C 359 -35.31 -42.46 35.52
CA PHE C 359 -34.91 -43.81 35.91
C PHE C 359 -34.81 -43.91 37.44
N PRO C 360 -35.66 -44.70 38.13
CA PRO C 360 -35.73 -44.69 39.58
C PRO C 360 -34.68 -45.59 40.23
N THR C 361 -34.03 -45.08 41.28
CA THR C 361 -33.20 -45.89 42.19
C THR C 361 -34.04 -46.70 43.17
N GLY C 362 -33.48 -47.76 43.75
CA GLY C 362 -34.08 -48.50 44.87
C GLY C 362 -35.19 -49.49 44.50
N GLN C 363 -35.51 -49.64 43.22
CA GLN C 363 -36.44 -50.64 42.71
C GLN C 363 -35.85 -51.30 41.46
N GLY C 364 -35.84 -52.63 41.41
CA GLY C 364 -35.29 -53.38 40.27
C GLY C 364 -33.78 -53.13 40.04
N PRO C 365 -33.36 -52.60 38.87
CA PRO C 365 -31.96 -52.29 38.54
C PRO C 365 -31.27 -51.38 39.56
N GLN C 366 -29.94 -51.35 39.52
CA GLN C 366 -29.17 -50.33 40.25
C GLN C 366 -28.72 -49.23 39.29
N VAL C 367 -29.02 -47.98 39.63
CA VAL C 367 -28.96 -46.81 38.74
C VAL C 367 -28.01 -45.77 39.29
N MET C 368 -27.20 -45.17 38.41
CA MET C 368 -26.19 -44.16 38.72
C MET C 368 -26.15 -43.11 37.61
N THR C 369 -25.58 -41.94 37.88
CA THR C 369 -25.41 -40.89 36.87
C THR C 369 -24.01 -40.35 36.82
N ALA C 370 -23.60 -39.93 35.63
CA ALA C 370 -22.35 -39.24 35.34
C ALA C 370 -22.64 -38.04 34.43
N THR C 371 -21.70 -37.13 34.29
CA THR C 371 -21.81 -35.97 33.39
C THR C 371 -20.80 -36.11 32.25
N THR C 372 -21.20 -35.96 30.98
CA THR C 372 -20.25 -35.91 29.87
C THR C 372 -19.40 -34.64 29.96
N GLU C 373 -18.30 -34.57 29.20
CA GLU C 373 -17.46 -33.36 29.17
C GLU C 373 -18.18 -32.10 28.63
N GLN C 374 -19.32 -32.25 27.94
CA GLN C 374 -20.17 -31.14 27.51
C GLN C 374 -21.29 -30.80 28.50
N GLY C 375 -21.36 -31.44 29.65
CA GLY C 375 -22.40 -31.18 30.66
C GLY C 375 -23.69 -31.97 30.50
N ALA C 376 -23.77 -32.92 29.56
CA ALA C 376 -24.94 -33.78 29.40
C ALA C 376 -25.00 -34.85 30.48
N THR C 377 -26.18 -35.21 30.98
CA THR C 377 -26.32 -36.31 31.94
C THR C 377 -26.25 -37.65 31.22
N LEU C 378 -25.38 -38.55 31.69
CA LEU C 378 -25.44 -39.98 31.44
C LEU C 378 -26.16 -40.65 32.60
N ILE C 379 -27.04 -41.60 32.30
CA ILE C 379 -27.56 -42.55 33.28
C ILE C 379 -26.95 -43.92 32.97
N MET C 380 -26.35 -44.56 33.96
CA MET C 380 -25.86 -45.94 33.90
C MET C 380 -26.78 -46.83 34.73
N SER C 381 -27.31 -47.90 34.14
CA SER C 381 -28.19 -48.86 34.81
C SER C 381 -27.63 -50.25 34.66
N TYR C 382 -27.59 -51.03 35.73
CA TYR C 382 -27.19 -52.43 35.71
C TYR C 382 -28.28 -53.30 36.32
N ALA C 383 -28.64 -54.39 35.64
CA ALA C 383 -29.64 -55.33 36.10
C ALA C 383 -29.20 -56.77 35.84
N PHE C 384 -29.26 -57.63 36.86
CA PHE C 384 -28.87 -59.04 36.79
C PHE C 384 -30.09 -59.95 36.74
N ASP C 385 -30.21 -60.77 35.71
CA ASP C 385 -31.20 -61.84 35.63
C ASP C 385 -30.58 -63.15 36.09
N HIS C 386 -30.92 -63.61 37.30
CA HIS C 386 -30.32 -64.81 37.88
C HIS C 386 -30.83 -66.14 37.28
N ILE C 387 -31.87 -66.12 36.44
CA ILE C 387 -32.28 -67.31 35.68
C ILE C 387 -31.48 -67.39 34.37
N LYS C 388 -31.30 -66.29 33.64
CA LYS C 388 -30.42 -66.26 32.46
C LYS C 388 -28.94 -66.29 32.83
N GLY C 389 -28.59 -65.84 34.02
CA GLY C 389 -27.22 -65.70 34.48
C GLY C 389 -26.48 -64.55 33.79
N VAL C 390 -27.16 -63.45 33.48
CA VAL C 390 -26.58 -62.32 32.74
C VAL C 390 -26.85 -60.99 33.41
N THR C 391 -25.88 -60.09 33.36
CA THR C 391 -26.07 -58.67 33.66
C THR C 391 -26.25 -57.94 32.35
N THR C 392 -27.29 -57.11 32.28
CA THR C 392 -27.45 -56.13 31.20
C THR C 392 -27.06 -54.76 31.73
N ALA C 393 -26.25 -54.05 30.96
CA ALA C 393 -25.81 -52.70 31.26
C ALA C 393 -26.38 -51.75 30.22
N ARG C 394 -27.04 -50.68 30.66
CA ARG C 394 -27.54 -49.60 29.81
C ARG C 394 -26.90 -48.29 30.20
N PHE C 395 -26.23 -47.66 29.24
CA PHE C 395 -25.81 -46.26 29.31
C PHE C 395 -26.78 -45.47 28.46
N THR C 396 -27.32 -44.35 28.95
CA THR C 396 -28.31 -43.57 28.19
C THR C 396 -28.18 -42.07 28.45
N THR C 397 -28.53 -41.25 27.46
CA THR C 397 -28.58 -39.80 27.56
C THR C 397 -29.67 -39.21 26.66
N LEU C 398 -30.22 -38.06 27.04
CA LEU C 398 -31.27 -37.35 26.29
C LEU C 398 -30.85 -35.91 26.02
N TYR C 399 -30.89 -35.49 24.76
CA TYR C 399 -30.53 -34.15 24.34
C TYR C 399 -31.22 -33.76 23.03
N GLY C 400 -31.19 -32.48 22.72
CA GLY C 400 -31.50 -31.94 21.40
C GLY C 400 -30.44 -30.93 21.00
N CYS C 401 -30.10 -30.87 19.72
CA CYS C 401 -29.25 -29.83 19.15
C CYS C 401 -30.08 -29.00 18.17
N SER C 402 -29.95 -27.68 18.21
CA SER C 402 -30.75 -26.79 17.37
C SER C 402 -29.97 -25.54 16.92
N VAL C 403 -30.33 -25.03 15.74
CA VAL C 403 -29.85 -23.77 15.18
C VAL C 403 -31.03 -22.82 15.13
N LEU C 404 -31.15 -21.95 16.13
CA LEU C 404 -32.31 -21.08 16.31
C LEU C 404 -32.38 -19.99 15.24
N VAL C 405 -31.22 -19.52 14.76
CA VAL C 405 -31.11 -18.49 13.74
C VAL C 405 -30.12 -18.96 12.67
N PRO C 406 -30.57 -19.66 11.62
CA PRO C 406 -29.69 -20.18 10.59
C PRO C 406 -28.81 -19.13 9.89
N GLU C 407 -29.17 -17.85 9.95
CA GLU C 407 -28.42 -16.70 9.45
C GLU C 407 -27.23 -16.31 10.32
N TYR C 408 -27.23 -16.63 11.61
CA TYR C 408 -26.10 -16.41 12.51
C TYR C 408 -25.00 -17.45 12.31
N THR C 409 -25.14 -18.34 11.34
CA THR C 409 -24.22 -19.46 11.09
C THR C 409 -23.80 -19.48 9.63
N GLY C 410 -22.60 -19.96 9.33
CA GLY C 410 -22.15 -20.13 7.96
C GLY C 410 -21.09 -21.21 7.85
N ILE C 411 -20.81 -21.67 6.62
CA ILE C 411 -19.75 -22.65 6.36
C ILE C 411 -18.90 -22.26 5.17
N VAL C 412 -17.61 -22.58 5.24
CA VAL C 412 -16.68 -22.51 4.10
C VAL C 412 -16.29 -23.91 3.68
N ILE C 413 -16.43 -24.24 2.41
CA ILE C 413 -15.87 -25.46 1.82
C ILE C 413 -14.79 -25.14 0.80
N ALA C 414 -13.60 -25.69 1.00
CA ALA C 414 -12.52 -25.69 0.02
C ALA C 414 -12.68 -26.84 -1.00
N GLY C 415 -11.72 -27.03 -1.91
CA GLY C 415 -11.82 -28.08 -2.94
C GLY C 415 -12.96 -27.89 -3.95
N GLN C 416 -13.52 -26.67 -4.03
CA GLN C 416 -14.72 -26.32 -4.79
C GLN C 416 -15.91 -27.23 -4.45
N ALA D 1 76.66 -41.12 -1.11
CA ALA D 1 76.09 -42.29 -0.42
C ALA D 1 74.83 -42.76 -1.14
N ASN D 2 74.96 -43.43 -2.27
CA ASN D 2 73.87 -43.56 -3.24
C ASN D 2 72.81 -44.63 -2.93
N GLN D 3 73.12 -45.63 -2.10
CA GLN D 3 72.27 -46.82 -1.94
C GLN D 3 71.96 -47.12 -0.47
N LEU D 4 71.17 -46.26 0.16
CA LEU D 4 70.67 -46.47 1.52
C LEU D 4 69.44 -47.38 1.54
N ALA D 5 69.20 -48.09 2.64
CA ALA D 5 68.05 -48.96 2.83
C ALA D 5 66.77 -48.16 3.13
N LYS D 6 65.64 -48.61 2.57
CA LYS D 6 64.33 -47.98 2.76
C LYS D 6 63.38 -48.88 3.54
N ASP D 7 62.90 -48.39 4.66
CA ASP D 7 61.94 -48.99 5.58
C ASP D 7 60.49 -48.69 5.16
N LEU D 8 59.50 -49.20 5.89
CA LEU D 8 58.12 -48.69 5.87
C LEU D 8 57.78 -48.09 7.24
N GLU D 9 57.42 -46.81 7.29
CA GLU D 9 56.90 -46.18 8.49
C GLU D 9 55.39 -46.34 8.52
N ILE D 10 54.91 -47.38 9.22
CA ILE D 10 53.49 -47.65 9.39
C ILE D 10 53.11 -47.39 10.85
N MET D 11 52.12 -46.52 11.07
CA MET D 11 51.68 -46.10 12.40
C MET D 11 50.48 -46.95 12.85
N PHE D 12 50.72 -48.19 13.27
CA PHE D 12 49.75 -49.30 13.25
C PHE D 12 48.43 -49.14 14.02
N GLU D 13 48.31 -48.16 14.92
CA GLU D 13 47.05 -47.84 15.60
C GLU D 13 46.76 -46.33 15.66
N ASN D 14 47.45 -45.55 14.82
CA ASN D 14 47.16 -44.14 14.59
C ASN D 14 46.15 -44.03 13.43
N TYR D 15 44.90 -44.39 13.67
CA TYR D 15 43.88 -44.43 12.62
C TYR D 15 43.56 -43.05 12.05
N VAL D 16 43.39 -42.97 10.74
CA VAL D 16 42.76 -41.79 10.11
C VAL D 16 41.27 -41.71 10.46
N GLU D 17 40.65 -40.56 10.27
CA GLU D 17 39.24 -40.36 10.61
C GLU D 17 38.30 -41.26 9.80
N GLY D 18 37.21 -41.70 10.43
CA GLY D 18 36.29 -42.68 9.85
C GLY D 18 34.82 -42.40 10.14
N PHE D 19 33.97 -42.92 9.26
CA PHE D 19 32.53 -42.73 9.24
C PHE D 19 31.81 -43.31 10.45
N GLU D 20 30.57 -42.88 10.67
CA GLU D 20 29.70 -43.37 11.73
C GLU D 20 28.24 -43.44 11.27
N ALA D 21 27.43 -44.22 11.98
CA ALA D 21 25.98 -44.10 11.97
C ALA D 21 25.53 -43.35 13.23
N ALA D 22 24.63 -42.38 13.12
CA ALA D 22 24.20 -41.58 14.28
C ALA D 22 23.16 -42.28 15.18
N CYS D 23 22.46 -43.30 14.68
CA CYS D 23 21.45 -44.08 15.42
C CYS D 23 20.32 -43.24 16.04
N VAL D 24 19.88 -42.18 15.38
CA VAL D 24 18.94 -41.20 15.96
C VAL D 24 17.55 -41.78 16.15
N VAL D 25 17.02 -42.52 15.19
CA VAL D 25 15.63 -43.00 15.23
C VAL D 25 15.46 -44.04 16.32
N SER D 26 16.33 -45.05 16.38
CA SER D 26 16.31 -46.08 17.41
C SER D 26 16.66 -45.56 18.80
N ARG D 27 17.43 -44.47 18.92
CA ARG D 27 17.64 -43.77 20.19
C ARG D 27 16.37 -43.10 20.70
N ASN D 28 15.48 -42.67 19.81
CA ASN D 28 14.23 -41.99 20.14
C ASN D 28 13.01 -42.92 20.36
N ALA D 29 12.99 -44.12 19.78
CA ALA D 29 11.89 -45.07 19.97
C ALA D 29 11.79 -45.57 21.43
N LYS D 30 10.62 -46.10 21.81
CA LYS D 30 10.48 -46.82 23.08
C LYS D 30 11.34 -48.08 23.10
N LYS D 31 11.87 -48.44 24.26
CA LYS D 31 12.56 -49.72 24.47
C LYS D 31 11.82 -50.57 25.50
N PHE D 32 11.79 -51.87 25.28
CA PHE D 32 11.04 -52.86 26.05
C PHE D 32 11.85 -54.15 26.19
N ARG D 33 11.77 -54.85 27.32
CA ARG D 33 12.55 -56.06 27.59
C ARG D 33 11.68 -57.13 28.25
N PRO D 34 10.93 -57.92 27.46
CA PRO D 34 9.81 -58.73 27.95
C PRO D 34 10.14 -59.93 28.85
N GLY D 35 11.40 -60.37 28.95
CA GLY D 35 11.81 -61.51 29.77
C GLY D 35 11.94 -62.79 28.95
N ASP D 36 13.12 -63.41 28.98
CA ASP D 36 13.51 -64.41 27.99
C ASP D 36 12.83 -65.76 28.18
N THR D 37 12.62 -66.20 29.42
CA THR D 37 11.86 -67.42 29.71
C THR D 37 10.42 -67.28 29.24
N ALA D 38 9.77 -66.16 29.53
CA ALA D 38 8.41 -65.90 29.11
C ALA D 38 8.27 -65.87 27.58
N MET D 39 9.18 -65.18 26.88
CA MET D 39 9.18 -65.17 25.42
C MET D 39 9.47 -66.55 24.83
N GLN D 40 10.34 -67.35 25.43
CA GLN D 40 10.59 -68.71 24.96
C GLN D 40 9.34 -69.57 25.08
N ARG D 41 8.69 -69.60 26.26
CA ARG D 41 7.43 -70.32 26.44
C ARG D 41 6.34 -69.84 25.48
N ALA D 42 6.29 -68.55 25.19
CA ALA D 42 5.33 -67.95 24.28
C ALA D 42 5.67 -68.10 22.78
N GLY D 43 6.85 -68.63 22.43
CA GLY D 43 7.27 -68.78 21.04
C GLY D 43 7.64 -67.47 20.35
N ASP D 44 8.34 -66.57 21.05
CA ASP D 44 8.86 -65.28 20.58
C ASP D 44 7.80 -64.23 20.18
N VAL D 45 6.52 -64.45 20.50
CA VAL D 45 5.41 -63.51 20.32
C VAL D 45 4.78 -63.15 21.65
N LEU D 46 4.38 -61.90 21.85
CA LEU D 46 3.43 -61.52 22.89
C LEU D 46 2.35 -60.62 22.33
N TYR D 47 1.25 -60.47 23.06
CA TYR D 47 0.09 -59.71 22.65
C TYR D 47 -0.29 -58.66 23.66
N ARG D 48 -0.69 -57.49 23.18
CA ARG D 48 -1.26 -56.39 23.96
C ARG D 48 -2.67 -56.09 23.48
N PRO D 49 -3.64 -55.80 24.37
CA PRO D 49 -5.02 -55.53 23.99
C PRO D 49 -5.20 -54.16 23.32
N GLN D 50 -6.33 -54.00 22.64
CA GLN D 50 -6.82 -52.71 22.16
C GLN D 50 -8.16 -52.40 22.82
N HIS D 51 -8.48 -51.11 23.01
CA HIS D 51 -9.70 -50.67 23.66
C HIS D 51 -10.98 -51.16 22.97
N TYR D 52 -12.06 -51.32 23.73
CA TYR D 52 -13.38 -51.60 23.17
C TYR D 52 -13.94 -50.36 22.48
N HIS D 53 -14.68 -50.56 21.40
CA HIS D 53 -15.53 -49.55 20.77
C HIS D 53 -16.97 -50.04 20.81
N MET D 54 -17.92 -49.11 20.91
CA MET D 54 -19.33 -49.41 21.23
C MET D 54 -20.28 -48.92 20.15
N ASN D 55 -21.45 -49.54 20.03
CA ASN D 55 -22.50 -49.18 19.08
C ASN D 55 -23.61 -48.37 19.77
N ILE D 56 -24.04 -47.26 19.16
CA ILE D 56 -25.18 -46.45 19.64
C ILE D 56 -26.50 -47.12 19.23
N GLU D 57 -27.43 -47.25 20.17
CA GLU D 57 -28.81 -47.68 19.95
C GLU D 57 -29.81 -46.62 20.43
N GLU D 58 -30.96 -46.51 19.79
CA GLU D 58 -31.82 -45.34 19.88
C GLU D 58 -33.26 -45.68 20.27
N GLY D 59 -33.83 -44.89 21.20
CA GLY D 59 -35.19 -45.07 21.72
C GLY D 59 -35.24 -45.20 23.24
N LEU D 60 -36.46 -45.17 23.79
CA LEU D 60 -36.71 -45.42 25.22
C LEU D 60 -36.78 -46.92 25.53
N ASP D 61 -37.66 -47.66 24.87
CA ASP D 61 -37.76 -49.12 24.97
C ASP D 61 -36.74 -49.77 24.04
N LEU D 62 -35.80 -50.53 24.59
CA LEU D 62 -34.75 -51.20 23.83
C LEU D 62 -34.94 -52.72 23.71
N SER D 63 -36.12 -53.24 24.05
CA SER D 63 -36.36 -54.70 24.11
C SER D 63 -36.09 -55.44 22.80
N SER D 64 -36.28 -54.76 21.66
CA SER D 64 -36.06 -55.27 20.32
C SER D 64 -34.63 -55.07 19.79
N LYS D 65 -33.78 -54.31 20.49
CA LYS D 65 -32.39 -54.01 20.10
C LYS D 65 -31.45 -55.18 20.42
N THR D 66 -30.32 -55.23 19.76
CA THR D 66 -29.23 -56.18 20.03
C THR D 66 -28.10 -55.47 20.78
N PRO D 67 -27.63 -55.96 21.94
CA PRO D 67 -26.53 -55.35 22.65
C PRO D 67 -25.23 -55.41 21.84
N THR D 68 -24.30 -54.49 22.08
CA THR D 68 -23.02 -54.49 21.36
C THR D 68 -22.14 -55.66 21.78
N ALA D 69 -21.53 -56.35 20.83
CA ALA D 69 -20.60 -57.43 21.10
C ALA D 69 -19.25 -56.85 21.52
N LEU D 70 -18.77 -57.16 22.72
CA LEU D 70 -17.48 -56.70 23.23
C LEU D 70 -16.34 -57.50 22.60
N VAL D 71 -15.95 -57.16 21.37
CA VAL D 71 -14.81 -57.81 20.70
C VAL D 71 -13.49 -57.35 21.32
N GLN D 72 -12.78 -58.25 22.00
CA GLN D 72 -11.51 -58.00 22.66
C GLN D 72 -10.33 -58.27 21.72
N ARG D 73 -9.96 -57.26 20.92
CA ARG D 73 -8.86 -57.30 19.95
C ARG D 73 -7.49 -57.39 20.62
N LEU D 74 -6.56 -58.10 20.01
CA LEU D 74 -5.17 -58.28 20.46
C LEU D 74 -4.19 -57.96 19.34
N VAL D 75 -3.09 -57.27 19.66
CA VAL D 75 -2.03 -56.88 18.72
C VAL D 75 -0.74 -57.65 18.99
N PRO D 76 -0.19 -58.41 18.03
CA PRO D 76 1.06 -59.15 18.22
C PRO D 76 2.30 -58.28 18.13
N SER D 77 3.28 -58.59 18.96
CA SER D 77 4.65 -58.07 18.90
C SER D 77 5.65 -59.21 18.98
N VAL D 78 6.66 -59.21 18.12
CA VAL D 78 7.48 -60.39 17.80
C VAL D 78 8.94 -60.02 17.51
N PHE D 79 9.89 -60.89 17.87
CA PHE D 79 11.32 -60.72 17.51
C PHE D 79 11.59 -61.02 16.04
N LYS D 80 12.60 -60.36 15.45
CA LYS D 80 13.18 -60.73 14.15
C LYS D 80 14.13 -61.94 14.29
N GLU D 81 14.70 -62.40 13.20
CA GLU D 81 15.89 -63.28 13.26
C GLU D 81 17.03 -62.59 14.02
N PRO D 82 17.94 -63.33 14.69
CA PRO D 82 19.14 -62.73 15.25
C PRO D 82 19.99 -62.07 14.17
N LYS D 83 20.64 -60.97 14.49
CA LYS D 83 21.63 -60.31 13.63
C LYS D 83 23.02 -60.55 14.21
N ASN D 84 23.98 -60.87 13.35
CA ASN D 84 25.29 -61.36 13.75
C ASN D 84 26.41 -60.70 12.95
N ILE D 85 27.61 -60.73 13.51
CA ILE D 85 28.87 -60.54 12.79
C ILE D 85 29.72 -61.78 13.02
N LEU D 86 30.46 -62.22 12.01
CA LEU D 86 31.47 -63.28 12.12
C LEU D 86 32.81 -62.78 11.58
N TYR D 87 33.91 -63.03 12.28
CA TYR D 87 35.26 -62.88 11.74
C TYR D 87 36.16 -63.99 12.25
N THR D 88 37.32 -64.21 11.63
CA THR D 88 38.33 -65.16 12.11
C THR D 88 39.70 -64.51 12.25
N LEU D 89 40.51 -65.04 13.17
CA LEU D 89 41.94 -64.75 13.26
C LEU D 89 42.68 -66.07 13.36
N ASP D 90 43.75 -66.26 12.59
CA ASP D 90 44.60 -67.42 12.74
C ASP D 90 45.66 -67.25 13.84
N ALA D 91 46.32 -68.34 14.21
CA ALA D 91 47.31 -68.36 15.29
C ALA D 91 48.54 -67.47 15.02
N ARG D 92 48.82 -67.07 13.77
CA ARG D 92 49.81 -66.04 13.47
C ARG D 92 49.22 -64.66 13.72
N GLU D 93 48.04 -64.39 13.20
CA GLU D 93 47.35 -63.11 13.30
C GLU D 93 47.04 -62.72 14.74
N MET D 94 46.66 -63.68 15.58
CA MET D 94 46.39 -63.47 17.01
C MET D 94 47.60 -63.05 17.85
N ARG D 95 48.82 -63.01 17.28
CA ARG D 95 50.00 -62.42 17.95
C ARG D 95 49.93 -60.90 18.04
N ASP D 96 49.09 -60.26 17.24
CA ASP D 96 48.88 -58.82 17.24
C ASP D 96 47.46 -58.48 17.73
N PRO D 97 47.28 -58.03 18.99
CA PRO D 97 45.97 -57.85 19.61
C PRO D 97 45.15 -56.68 19.07
N GLU D 98 45.70 -55.81 18.23
CA GLU D 98 44.92 -54.78 17.57
C GLU D 98 43.86 -55.37 16.64
N HIS D 99 44.06 -56.54 16.04
CA HIS D 99 43.06 -57.12 15.16
C HIS D 99 41.76 -57.45 15.90
N LYS D 100 41.84 -58.13 17.04
CA LYS D 100 40.68 -58.41 17.88
C LYS D 100 40.06 -57.12 18.39
N THR D 101 40.87 -56.17 18.82
CA THR D 101 40.39 -54.90 19.37
C THR D 101 39.61 -54.09 18.32
N GLU D 102 40.15 -53.94 17.12
CA GLU D 102 39.52 -53.18 16.04
C GLU D 102 38.35 -53.92 15.41
N ALA D 103 38.44 -55.24 15.18
CA ALA D 103 37.32 -56.02 14.68
C ALA D 103 36.14 -56.07 15.67
N GLY D 104 36.42 -56.07 16.97
CA GLY D 104 35.38 -55.95 18.00
C GLY D 104 34.71 -54.58 18.02
N ARG D 105 35.49 -53.50 17.92
CA ARG D 105 34.98 -52.13 17.78
C ARG D 105 34.10 -51.99 16.54
N ALA D 106 34.57 -52.48 15.40
CA ALA D 106 33.81 -52.47 14.15
C ALA D 106 32.51 -53.26 14.26
N ALA D 107 32.55 -54.48 14.77
CA ALA D 107 31.38 -55.35 14.93
C ALA D 107 30.31 -54.72 15.82
N GLY D 108 30.69 -54.17 16.96
CA GLY D 108 29.76 -53.55 17.91
C GLY D 108 28.99 -52.38 17.32
N MET D 109 29.66 -51.47 16.61
CA MET D 109 28.98 -50.34 15.97
C MET D 109 28.17 -50.75 14.73
N ARG D 110 28.58 -51.76 13.98
CA ARG D 110 27.82 -52.22 12.81
C ARG D 110 26.48 -52.84 13.21
N LEU D 111 26.42 -53.54 14.33
CA LEU D 111 25.17 -54.06 14.90
C LEU D 111 24.27 -52.94 15.42
N ALA D 112 24.80 -51.93 16.12
CA ALA D 112 24.02 -50.75 16.50
C ALA D 112 23.37 -50.07 15.28
N ALA D 113 24.12 -49.90 14.20
CA ALA D 113 23.61 -49.34 12.97
C ALA D 113 22.59 -50.23 12.24
N GLN D 114 22.66 -51.56 12.41
CA GLN D 114 21.67 -52.48 11.88
C GLN D 114 20.33 -52.37 12.59
N ILE D 115 20.33 -52.23 13.93
CA ILE D 115 19.12 -52.03 14.72
C ILE D 115 18.39 -50.77 14.25
N ASP D 116 19.13 -49.68 14.04
CA ASP D 116 18.57 -48.43 13.52
C ASP D 116 18.00 -48.60 12.11
N SER D 117 18.73 -49.27 11.22
CA SER D 117 18.28 -49.55 9.85
C SER D 117 16.99 -50.36 9.81
N ASP D 118 16.87 -51.38 10.64
CA ASP D 118 15.68 -52.23 10.67
C ASP D 118 14.48 -51.55 11.31
N LEU D 119 14.66 -50.77 12.37
CA LEU D 119 13.56 -49.94 12.88
C LEU D 119 13.06 -48.95 11.83
N ILE D 120 13.97 -48.23 11.17
CA ILE D 120 13.61 -47.30 10.10
C ILE D 120 12.89 -48.03 8.97
N SER D 121 13.31 -49.24 8.61
CA SER D 121 12.65 -50.05 7.59
C SER D 121 11.25 -50.49 8.02
N MET D 122 11.07 -50.84 9.29
CA MET D 122 9.78 -51.24 9.85
C MET D 122 8.78 -50.09 9.83
N VAL D 123 9.14 -48.92 10.38
CA VAL D 123 8.26 -47.74 10.36
C VAL D 123 7.95 -47.32 8.93
N THR D 124 8.93 -47.32 8.03
CA THR D 124 8.72 -47.01 6.61
C THR D 124 7.73 -47.97 5.95
N GLN D 125 7.78 -49.26 6.26
CA GLN D 125 6.90 -50.27 5.66
C GLN D 125 5.48 -50.27 6.26
N ARG D 126 5.34 -49.98 7.55
CA ARG D 126 4.07 -50.14 8.29
C ARG D 126 3.24 -48.88 8.45
N ALA D 127 3.80 -47.68 8.36
CA ALA D 127 3.05 -46.44 8.57
C ALA D 127 1.89 -46.28 7.58
N THR D 128 0.67 -46.03 8.07
CA THR D 128 -0.54 -45.97 7.21
C THR D 128 -0.98 -44.57 6.83
N ASN D 129 -0.36 -43.51 7.34
CA ASN D 129 -0.52 -42.16 6.82
C ASN D 129 0.64 -41.89 5.86
N VAL D 130 0.38 -41.59 4.60
CA VAL D 130 1.44 -41.33 3.59
C VAL D 130 1.09 -40.10 2.78
N ILE D 131 2.04 -39.18 2.61
CA ILE D 131 1.88 -38.00 1.76
C ILE D 131 3.06 -37.93 0.79
N THR D 132 2.78 -37.56 -0.44
CA THR D 132 3.79 -37.50 -1.51
C THR D 132 3.74 -36.16 -2.23
N MET D 133 4.90 -35.64 -2.62
CA MET D 133 5.00 -34.40 -3.39
C MET D 133 6.07 -34.53 -4.46
N ALA D 134 5.90 -33.87 -5.60
CA ALA D 134 6.97 -33.70 -6.58
C ALA D 134 8.06 -32.75 -6.05
N ASP D 135 9.30 -32.88 -6.51
CA ASP D 135 10.31 -31.85 -6.23
C ASP D 135 9.91 -30.54 -6.93
N SER D 136 9.82 -29.45 -6.16
CA SER D 136 9.44 -28.16 -6.69
C SER D 136 10.51 -27.58 -7.62
N THR D 137 10.13 -27.29 -8.86
CA THR D 137 10.95 -26.54 -9.82
C THR D 137 10.89 -25.03 -9.57
N ALA D 138 9.84 -24.55 -8.91
CA ALA D 138 9.77 -23.22 -8.31
C ALA D 138 10.63 -23.15 -7.02
N GLY D 139 10.49 -22.07 -6.25
CA GLY D 139 11.19 -21.91 -4.96
C GLY D 139 10.60 -22.72 -3.80
N THR D 140 9.52 -23.49 -4.01
CA THR D 140 8.64 -23.96 -2.93
C THR D 140 9.06 -25.28 -2.26
N GLN D 141 10.26 -25.83 -2.49
CA GLN D 141 10.81 -26.80 -1.53
C GLN D 141 10.83 -26.18 -0.11
N GLY D 142 10.74 -27.00 0.93
CA GLY D 142 10.68 -26.48 2.30
C GLY D 142 9.31 -25.93 2.67
N ARG D 143 8.72 -25.06 1.84
CA ARG D 143 7.32 -24.62 1.95
C ARG D 143 6.36 -25.79 1.71
N ASP D 144 6.60 -26.56 0.66
CA ASP D 144 5.87 -27.78 0.34
C ASP D 144 6.15 -28.92 1.33
N LEU D 145 7.39 -29.07 1.80
CA LEU D 145 7.72 -30.08 2.81
C LEU D 145 7.03 -29.80 4.15
N TRP D 146 6.98 -28.54 4.60
CA TRP D 146 6.22 -28.15 5.79
C TRP D 146 4.74 -28.47 5.61
N ASN D 147 4.15 -28.15 4.46
CA ASN D 147 2.77 -28.50 4.15
C ASN D 147 2.52 -30.01 4.23
N CYS D 148 3.45 -30.84 3.75
CA CYS D 148 3.33 -32.29 3.85
C CYS D 148 3.45 -32.80 5.28
N ALA D 149 4.43 -32.34 6.05
CA ALA D 149 4.55 -32.70 7.46
C ALA D 149 3.30 -32.32 8.25
N ALA D 150 2.79 -31.11 8.07
CA ALA D 150 1.56 -30.67 8.68
C ALA D 150 0.34 -31.46 8.20
N GLY D 151 0.33 -31.95 6.96
CA GLY D 151 -0.67 -32.89 6.45
C GLY D 151 -0.69 -34.23 7.19
N ILE D 152 0.44 -34.71 7.69
CA ILE D 152 0.48 -35.89 8.56
C ILE D 152 -0.22 -35.59 9.89
N ASP D 153 0.12 -34.50 10.56
CA ASP D 153 -0.54 -34.08 11.80
C ASP D 153 -2.05 -33.88 11.62
N ALA D 154 -2.45 -33.21 10.54
CA ALA D 154 -3.85 -33.03 10.19
C ALA D 154 -4.53 -34.38 9.98
N THR D 155 -3.90 -35.34 9.31
CA THR D 155 -4.45 -36.69 9.12
C THR D 155 -4.58 -37.44 10.43
N MET D 156 -3.54 -37.48 11.25
CA MET D 156 -3.57 -38.07 12.59
C MET D 156 -4.71 -37.49 13.41
N THR D 157 -4.87 -36.17 13.41
CA THR D 157 -5.96 -35.50 14.11
C THR D 157 -7.32 -35.90 13.55
N ALA D 158 -7.50 -35.89 12.23
CA ALA D 158 -8.77 -36.21 11.58
C ALA D 158 -9.24 -37.64 11.85
N ILE D 159 -8.34 -38.63 11.94
CA ILE D 159 -8.69 -40.00 12.32
C ILE D 159 -8.83 -40.20 13.82
N GLY D 160 -8.51 -39.22 14.65
CA GLY D 160 -8.78 -39.25 16.09
C GLY D 160 -7.57 -39.57 16.98
N VAL D 161 -6.35 -39.48 16.49
CA VAL D 161 -5.15 -39.55 17.35
C VAL D 161 -5.19 -38.35 18.33
N PRO D 162 -4.95 -38.55 19.64
CA PRO D 162 -4.96 -37.47 20.62
C PRO D 162 -4.09 -36.27 20.24
N GLN D 163 -4.59 -35.05 20.45
CA GLN D 163 -3.89 -33.83 20.01
C GLN D 163 -2.75 -33.42 20.95
N GLY D 164 -2.78 -33.86 22.21
CA GLY D 164 -1.85 -33.42 23.25
C GLY D 164 -0.57 -34.26 23.41
N ILE D 165 -0.52 -35.46 22.84
CA ILE D 165 0.64 -36.34 22.95
C ILE D 165 1.82 -35.84 22.11
N ASN D 166 3.04 -36.02 22.62
CA ASN D 166 4.26 -35.59 21.95
C ASN D 166 4.50 -36.31 20.62
N ARG D 167 5.18 -35.66 19.68
CA ARG D 167 5.36 -36.14 18.30
C ARG D 167 6.77 -35.85 17.80
N ARG D 168 7.29 -36.72 16.96
CA ARG D 168 8.67 -36.69 16.45
C ARG D 168 8.67 -36.83 14.94
N SER D 169 9.57 -36.12 14.26
CA SER D 169 9.80 -36.24 12.82
C SER D 169 11.29 -36.42 12.54
N PHE D 170 11.62 -37.32 11.62
CA PHE D 170 12.97 -37.68 11.25
C PHE D 170 13.14 -37.48 9.75
N TRP D 171 13.97 -36.51 9.39
CA TRP D 171 14.15 -36.05 8.02
C TRP D 171 15.46 -36.56 7.45
N ASN D 172 15.47 -37.02 6.21
CA ASN D 172 16.73 -37.32 5.54
C ASN D 172 17.51 -36.02 5.28
N PRO D 173 18.84 -36.04 5.10
CA PRO D 173 19.64 -34.82 5.16
C PRO D 173 19.29 -33.80 4.08
N PHE D 174 18.83 -34.25 2.92
CA PHE D 174 18.48 -33.38 1.79
C PHE D 174 17.17 -32.64 2.04
N ASN D 175 16.13 -33.32 2.54
CA ASN D 175 14.88 -32.64 2.91
C ASN D 175 15.03 -31.78 4.16
N TYR D 176 15.87 -32.15 5.13
CA TYR D 176 16.18 -31.28 6.25
C TYR D 176 16.91 -30.01 5.78
N LYS D 177 17.85 -30.13 4.84
CA LYS D 177 18.51 -29.00 4.17
C LYS D 177 17.51 -28.10 3.47
N ASP D 178 16.52 -28.65 2.76
CA ASP D 178 15.49 -27.86 2.10
C ASP D 178 14.60 -27.06 3.06
N LEU D 179 14.27 -27.61 4.24
CA LEU D 179 13.57 -26.86 5.28
C LEU D 179 14.41 -25.70 5.82
N ALA D 180 15.68 -25.95 6.14
CA ALA D 180 16.61 -24.89 6.56
C ALA D 180 16.84 -23.85 5.47
N GLY D 181 16.83 -24.24 4.21
CA GLY D 181 16.94 -23.35 3.06
C GLY D 181 15.71 -22.46 2.86
N GLU D 182 14.53 -22.82 3.36
CA GLU D 182 13.40 -21.88 3.43
C GLU D 182 13.60 -20.93 4.59
N LEU D 183 13.69 -21.45 5.82
CA LEU D 183 13.69 -20.64 7.03
C LEU D 183 14.90 -19.70 7.10
N GLY D 184 16.07 -20.11 6.60
CA GLY D 184 17.30 -19.34 6.63
C GLY D 184 17.38 -18.20 5.63
N HIS D 185 16.52 -18.20 4.61
CA HIS D 185 16.53 -17.21 3.51
C HIS D 185 15.38 -16.21 3.58
N ARG D 186 14.64 -16.18 4.69
CA ARG D 186 13.61 -15.18 4.94
C ARG D 186 14.24 -13.78 5.10
N ALA D 187 13.51 -12.76 4.67
CA ALA D 187 14.02 -11.41 4.50
C ALA D 187 14.34 -10.64 5.80
N TYR D 188 14.10 -11.21 6.99
CA TYR D 188 14.29 -10.52 8.26
C TYR D 188 15.23 -11.35 9.14
N ALA D 189 16.53 -11.23 8.87
CA ALA D 189 17.60 -12.11 9.36
C ALA D 189 17.90 -11.96 10.87
N GLN D 190 17.04 -12.55 11.71
CA GLN D 190 17.20 -12.63 13.15
C GLN D 190 16.84 -14.03 13.65
N GLY D 191 17.18 -14.36 14.90
CA GLY D 191 16.63 -15.50 15.64
C GLY D 191 16.66 -16.83 14.90
N ALA D 192 15.50 -17.44 14.68
CA ALA D 192 15.36 -18.73 14.01
C ALA D 192 15.86 -18.69 12.56
N THR D 193 15.61 -17.62 11.82
CA THR D 193 16.13 -17.47 10.46
C THR D 193 17.65 -17.38 10.45
N LEU D 194 18.25 -16.60 11.34
CA LEU D 194 19.70 -16.50 11.40
C LEU D 194 20.33 -17.84 11.82
N THR D 195 19.71 -18.55 12.75
CA THR D 195 20.15 -19.89 13.17
C THR D 195 20.08 -20.89 12.03
N ALA D 196 19.02 -20.87 11.22
CA ALA D 196 18.92 -21.71 10.05
C ALA D 196 19.93 -21.35 8.97
N TYR D 197 20.22 -20.07 8.75
CA TYR D 197 21.24 -19.66 7.79
C TYR D 197 22.64 -20.12 8.22
N GLU D 198 22.99 -19.88 9.48
CA GLU D 198 24.31 -20.15 10.01
C GLU D 198 24.57 -21.64 10.23
N LYS D 199 23.68 -22.33 10.94
CA LYS D 199 23.88 -23.73 11.35
C LYS D 199 23.24 -24.75 10.42
N ALA D 200 22.42 -24.33 9.45
CA ALA D 200 21.52 -25.22 8.70
C ALA D 200 20.55 -26.03 9.59
N GLN D 201 20.33 -25.64 10.84
CA GLN D 201 19.37 -26.27 11.77
C GLN D 201 17.98 -25.64 11.69
N ILE D 202 16.94 -26.37 12.09
CA ILE D 202 15.54 -25.89 12.13
C ILE D 202 14.91 -26.11 13.51
N PRO D 203 13.93 -25.29 13.92
CA PRO D 203 13.14 -25.52 15.13
C PRO D 203 12.14 -26.68 14.90
N PRO D 204 11.23 -27.01 15.84
CA PRO D 204 10.12 -27.91 15.57
C PRO D 204 9.37 -27.54 14.31
N VAL D 205 8.78 -28.53 13.63
CA VAL D 205 8.08 -28.33 12.36
C VAL D 205 6.67 -28.87 12.50
N ALA D 206 5.66 -28.02 12.30
CA ALA D 206 4.27 -28.46 12.24
C ALA D 206 3.83 -29.33 13.44
N SER D 207 4.28 -28.99 14.64
CA SER D 207 4.11 -29.67 15.95
C SER D 207 5.00 -30.85 16.25
N PHE D 208 5.68 -31.42 15.26
CA PHE D 208 6.69 -32.44 15.49
C PHE D 208 8.00 -31.81 15.98
N ASP D 209 8.68 -32.45 16.93
CA ASP D 209 10.13 -32.29 17.01
C ASP D 209 10.77 -32.63 15.67
N SER D 210 11.80 -31.90 15.28
CA SER D 210 12.53 -32.13 14.04
C SER D 210 13.90 -32.72 14.37
N TYR D 211 14.19 -33.88 13.78
CA TYR D 211 15.47 -34.58 13.88
C TYR D 211 15.99 -34.88 12.48
N LYS D 212 17.30 -34.94 12.31
CA LYS D 212 17.93 -35.32 11.05
C LYS D 212 18.47 -36.74 11.17
N THR D 213 18.10 -37.62 10.25
CA THR D 213 18.55 -39.02 10.22
C THR D 213 19.50 -39.22 9.04
N ASP D 214 20.70 -39.72 9.29
CA ASP D 214 21.71 -39.94 8.24
C ASP D 214 21.39 -41.11 7.32
N ILE D 215 20.54 -42.03 7.76
CA ILE D 215 20.02 -43.16 6.97
C ILE D 215 18.49 -43.06 6.95
N SER D 216 17.86 -43.53 5.88
CA SER D 216 16.40 -43.44 5.72
C SER D 216 15.86 -44.61 4.89
N GLY D 217 14.61 -44.98 5.12
CA GLY D 217 13.95 -46.04 4.34
C GLY D 217 13.58 -45.53 2.96
N ARG D 218 13.43 -46.44 2.00
CA ARG D 218 13.00 -46.12 0.64
C ARG D 218 11.84 -47.03 0.25
N LEU D 219 10.81 -46.46 -0.36
CA LEU D 219 9.73 -47.26 -0.93
C LEU D 219 10.16 -47.80 -2.31
N PRO D 220 9.57 -48.89 -2.80
CA PRO D 220 9.83 -49.36 -4.16
C PRO D 220 9.51 -48.30 -5.20
N LYS D 221 10.04 -48.41 -6.41
CA LYS D 221 9.39 -47.78 -7.56
C LYS D 221 8.06 -48.48 -7.80
N GLY D 222 6.94 -47.80 -7.59
CA GLY D 222 5.61 -48.37 -7.75
C GLY D 222 5.32 -48.81 -9.19
N SER D 223 4.41 -49.76 -9.36
CA SER D 223 4.01 -50.22 -10.70
C SER D 223 3.34 -49.10 -11.51
N THR D 224 3.51 -49.12 -12.83
CA THR D 224 2.80 -48.25 -13.77
C THR D 224 1.52 -48.87 -14.33
N GLU D 225 1.16 -50.09 -13.94
CA GLU D 225 -0.06 -50.77 -14.39
C GLU D 225 -1.34 -50.15 -13.79
N SER D 226 -2.42 -50.14 -14.57
CA SER D 226 -3.76 -49.69 -14.15
C SER D 226 -4.50 -50.79 -13.38
N LEU D 227 -4.04 -51.09 -12.16
CA LEU D 227 -4.62 -52.13 -11.31
C LEU D 227 -6.00 -51.75 -10.75
N THR D 228 -6.79 -52.75 -10.40
CA THR D 228 -8.10 -52.60 -9.75
C THR D 228 -8.29 -53.65 -8.67
N VAL D 229 -9.10 -53.36 -7.65
CA VAL D 229 -9.51 -54.33 -6.64
C VAL D 229 -10.60 -55.26 -7.21
N SER D 230 -10.44 -56.57 -7.05
CA SER D 230 -11.37 -57.60 -7.53
C SER D 230 -12.35 -58.03 -6.43
N GLY D 231 -13.60 -58.28 -6.80
CA GLY D 231 -14.69 -58.38 -5.82
C GLY D 231 -14.95 -57.02 -5.16
N GLN D 232 -15.53 -57.04 -3.96
CA GLN D 232 -15.72 -55.83 -3.15
C GLN D 232 -15.29 -56.12 -1.71
N PRO D 233 -13.98 -56.10 -1.42
CA PRO D 233 -13.44 -56.61 -0.17
C PRO D 233 -13.98 -55.87 1.05
N GLU D 234 -14.31 -56.64 2.08
CA GLU D 234 -14.87 -56.14 3.32
C GLU D 234 -14.48 -57.15 4.40
N HIS D 235 -13.60 -56.72 5.29
CA HIS D 235 -13.09 -57.59 6.36
C HIS D 235 -13.99 -57.51 7.59
N LYS D 236 -13.81 -58.45 8.52
CA LYS D 236 -14.47 -58.45 9.83
C LYS D 236 -13.46 -58.41 10.96
N VAL D 237 -13.84 -57.85 12.10
CA VAL D 237 -13.04 -57.85 13.33
C VAL D 237 -13.33 -59.11 14.12
N GLU D 238 -12.28 -59.75 14.61
CA GLU D 238 -12.31 -60.98 15.39
C GLU D 238 -11.32 -60.86 16.54
N ALA D 239 -11.68 -61.31 17.74
CA ALA D 239 -10.73 -61.40 18.84
C ALA D 239 -9.72 -62.53 18.61
N LYS D 240 -10.20 -63.65 18.08
CA LYS D 240 -9.47 -64.89 17.82
C LYS D 240 -10.10 -65.67 16.67
N ASP D 241 -9.34 -66.53 16.00
CA ASP D 241 -9.80 -67.29 14.85
C ASP D 241 -10.61 -68.55 15.24
N SER D 242 -11.02 -69.33 14.25
CA SER D 242 -11.76 -70.58 14.45
C SER D 242 -10.96 -71.68 15.19
N ASN D 243 -9.64 -71.53 15.32
CA ASN D 243 -8.77 -72.39 16.11
C ASN D 243 -8.46 -71.81 17.50
N GLY D 244 -9.00 -70.62 17.82
CA GLY D 244 -8.84 -69.96 19.11
C GLY D 244 -7.53 -69.19 19.28
N MET D 245 -6.75 -69.00 18.22
CA MET D 245 -5.54 -68.16 18.26
C MET D 245 -5.87 -66.68 18.00
N PRO D 246 -5.18 -65.72 18.62
CA PRO D 246 -5.44 -64.30 18.41
C PRO D 246 -5.28 -63.89 16.93
N VAL D 247 -6.11 -62.96 16.47
CA VAL D 247 -6.08 -62.42 15.10
C VAL D 247 -5.50 -61.02 15.09
N ASP D 248 -4.54 -60.74 14.22
CA ASP D 248 -4.01 -59.38 14.03
C ASP D 248 -4.97 -58.54 13.19
N ASN D 249 -5.77 -57.68 13.83
CA ASN D 249 -6.75 -56.85 13.15
C ASN D 249 -6.12 -55.70 12.35
N ARG D 250 -4.79 -55.50 12.41
CA ARG D 250 -4.08 -54.52 11.60
C ARG D 250 -3.93 -54.95 10.14
N GLN D 251 -4.03 -56.24 9.83
CA GLN D 251 -3.76 -56.76 8.49
C GLN D 251 -5.01 -57.40 7.90
N GLY D 252 -5.20 -57.33 6.59
CA GLY D 252 -6.22 -58.08 5.87
C GLY D 252 -5.74 -58.47 4.49
N THR D 253 -6.48 -59.31 3.76
CA THR D 253 -6.08 -59.77 2.43
C THR D 253 -7.13 -59.42 1.38
N ILE D 254 -6.69 -59.04 0.19
CA ILE D 254 -7.54 -58.63 -0.95
C ILE D 254 -7.06 -59.32 -2.23
N THR D 255 -7.92 -59.33 -3.25
CA THR D 255 -7.56 -59.77 -4.60
C THR D 255 -7.50 -58.55 -5.52
N VAL D 256 -6.54 -58.52 -6.46
CA VAL D 256 -6.38 -57.45 -7.44
C VAL D 256 -6.28 -58.01 -8.86
N SER D 257 -6.58 -57.19 -9.87
CA SER D 257 -6.76 -57.66 -11.25
C SER D 257 -5.49 -58.16 -11.96
N ALA D 258 -4.29 -57.75 -11.51
CA ALA D 258 -3.02 -58.25 -12.04
C ALA D 258 -1.91 -58.14 -10.98
N SER D 259 -0.84 -58.93 -11.11
CA SER D 259 0.21 -59.06 -10.10
C SER D 259 1.27 -57.93 -10.19
N GLY D 260 0.86 -56.68 -10.01
CA GLY D 260 1.74 -55.51 -10.10
C GLY D 260 2.29 -54.98 -8.76
N LEU D 261 1.58 -55.17 -7.65
CA LEU D 261 1.95 -54.61 -6.34
C LEU D 261 3.19 -55.27 -5.74
N GLN D 262 3.91 -54.55 -4.88
CA GLN D 262 5.17 -54.96 -4.25
C GLN D 262 5.11 -54.71 -2.74
N VAL D 263 5.79 -55.51 -1.93
CA VAL D 263 5.89 -55.25 -0.49
C VAL D 263 6.52 -53.88 -0.26
N GLY D 264 5.88 -53.07 0.59
CA GLY D 264 6.26 -51.67 0.85
C GLY D 264 5.51 -50.64 0.02
N ASP D 265 4.80 -51.03 -1.05
CA ASP D 265 3.94 -50.08 -1.78
C ASP D 265 2.89 -49.43 -0.86
N ALA D 266 2.64 -48.16 -1.11
CA ALA D 266 1.57 -47.36 -0.52
C ALA D 266 0.57 -47.03 -1.62
N PHE D 267 -0.71 -47.33 -1.41
CA PHE D 267 -1.73 -47.14 -2.43
C PHE D 267 -3.04 -46.68 -1.83
N THR D 268 -3.96 -46.18 -2.66
CA THR D 268 -5.33 -45.85 -2.27
C THR D 268 -6.32 -46.51 -3.22
N ILE D 269 -7.53 -46.77 -2.73
CA ILE D 269 -8.61 -47.40 -3.50
C ILE D 269 -9.67 -46.34 -3.79
N ALA D 270 -10.14 -46.26 -5.03
CA ALA D 270 -10.84 -45.10 -5.59
C ALA D 270 -11.92 -44.45 -4.71
N GLY D 271 -12.80 -45.24 -4.07
CA GLY D 271 -13.93 -44.73 -3.30
C GLY D 271 -13.80 -44.76 -1.78
N VAL D 272 -12.63 -45.11 -1.23
CA VAL D 272 -12.48 -45.50 0.19
C VAL D 272 -11.77 -44.40 0.99
N ASN D 273 -12.43 -43.80 1.96
CA ASN D 273 -11.91 -42.68 2.77
C ASN D 273 -11.75 -43.08 4.22
N SER D 274 -10.79 -42.51 4.93
CA SER D 274 -10.65 -42.70 6.38
C SER D 274 -11.83 -42.09 7.13
N VAL D 275 -12.09 -42.54 8.35
CA VAL D 275 -13.10 -41.95 9.25
C VAL D 275 -12.47 -41.61 10.60
N HIS D 276 -13.12 -40.75 11.37
CA HIS D 276 -12.75 -40.55 12.77
C HIS D 276 -12.98 -41.85 13.54
N GLN D 277 -11.94 -42.36 14.20
CA GLN D 277 -11.96 -43.68 14.81
C GLN D 277 -12.94 -43.82 15.98
N ILE D 278 -13.46 -42.75 16.57
CA ILE D 278 -14.53 -42.83 17.57
C ILE D 278 -15.90 -42.67 16.93
N THR D 279 -16.18 -41.55 16.28
CA THR D 279 -17.54 -41.22 15.81
C THR D 279 -17.91 -41.78 14.45
N LYS D 280 -16.94 -42.32 13.69
CA LYS D 280 -17.14 -42.87 12.33
C LYS D 280 -17.62 -41.85 11.30
N ASP D 281 -17.46 -40.56 11.57
CA ASP D 281 -17.61 -39.51 10.56
C ASP D 281 -16.48 -39.57 9.54
N THR D 282 -16.77 -39.47 8.24
CA THR D 282 -15.73 -39.46 7.21
C THR D 282 -14.79 -38.26 7.32
N THR D 283 -13.51 -38.49 7.03
CA THR D 283 -12.49 -37.43 6.95
C THR D 283 -12.49 -36.70 5.60
N GLY D 284 -13.05 -37.31 4.55
CA GLY D 284 -12.92 -36.84 3.18
C GLY D 284 -11.57 -37.15 2.51
N GLN D 285 -10.57 -37.65 3.24
CA GLN D 285 -9.31 -38.12 2.65
C GLN D 285 -9.39 -39.60 2.30
N PRO D 286 -8.83 -40.05 1.16
CA PRO D 286 -8.63 -41.46 0.87
C PRO D 286 -7.86 -42.17 1.97
N GLN D 287 -8.22 -43.41 2.30
CA GLN D 287 -7.41 -44.25 3.18
C GLN D 287 -6.21 -44.77 2.39
N VAL D 288 -4.99 -44.59 2.90
CA VAL D 288 -3.80 -45.24 2.33
C VAL D 288 -3.67 -46.66 2.90
N PHE D 289 -3.41 -47.61 2.03
CA PHE D 289 -3.14 -49.00 2.34
C PHE D 289 -1.68 -49.32 2.04
N ARG D 290 -1.04 -50.11 2.91
CA ARG D 290 0.34 -50.56 2.79
C ARG D 290 0.39 -52.02 2.44
N VAL D 291 1.10 -52.41 1.39
CA VAL D 291 1.29 -53.81 1.02
C VAL D 291 2.33 -54.48 1.91
N LEU D 292 1.94 -55.54 2.62
CA LEU D 292 2.79 -56.26 3.57
C LEU D 292 3.29 -57.61 3.04
N ALA D 293 2.53 -58.24 2.14
CA ALA D 293 2.89 -59.49 1.46
C ALA D 293 2.15 -59.60 0.13
N VAL D 294 2.68 -60.36 -0.82
CA VAL D 294 2.10 -60.57 -2.16
C VAL D 294 2.19 -62.05 -2.54
N SER D 295 1.20 -62.57 -3.23
CA SER D 295 1.16 -63.92 -3.79
C SER D 295 0.30 -63.94 -5.04
N GLY D 296 0.91 -63.68 -6.20
CA GLY D 296 0.19 -63.51 -7.45
C GLY D 296 -0.76 -62.32 -7.40
N THR D 297 -2.04 -62.56 -7.65
CA THR D 297 -3.14 -61.59 -7.54
C THR D 297 -3.69 -61.42 -6.13
N THR D 298 -3.22 -62.19 -5.15
CA THR D 298 -3.63 -62.07 -3.74
C THR D 298 -2.62 -61.22 -2.98
N VAL D 299 -3.09 -60.23 -2.20
CA VAL D 299 -2.23 -59.23 -1.56
C VAL D 299 -2.63 -59.05 -0.12
N THR D 300 -1.69 -59.01 0.81
CA THR D 300 -1.96 -58.69 2.22
C THR D 300 -1.61 -57.24 2.47
N ILE D 301 -2.51 -56.51 3.10
CA ILE D 301 -2.48 -55.06 3.25
C ILE D 301 -2.76 -54.65 4.70
N SER D 302 -2.35 -53.45 5.09
CA SER D 302 -2.85 -52.78 6.30
C SER D 302 -3.33 -51.37 5.98
N PRO D 303 -4.34 -50.84 6.69
CA PRO D 303 -5.17 -51.54 7.68
C PRO D 303 -6.13 -52.55 7.03
N LYS D 304 -6.95 -53.26 7.81
CA LYS D 304 -8.14 -53.96 7.27
C LYS D 304 -9.10 -52.96 6.63
N ILE D 305 -9.87 -53.39 5.63
CA ILE D 305 -11.00 -52.62 5.10
C ILE D 305 -12.20 -52.89 6.00
N LEU D 306 -12.49 -51.99 6.94
CA LEU D 306 -13.60 -52.12 7.88
C LEU D 306 -14.60 -50.98 7.63
N PRO D 307 -15.65 -51.18 6.82
CA PRO D 307 -16.57 -50.11 6.47
C PRO D 307 -17.46 -49.67 7.62
N VAL D 308 -17.85 -48.40 7.65
CA VAL D 308 -19.09 -47.99 8.31
C VAL D 308 -20.25 -48.70 7.61
N GLU D 309 -21.20 -49.25 8.36
CA GLU D 309 -22.22 -50.15 7.81
C GLU D 309 -21.60 -51.40 7.12
N ASN D 310 -20.58 -52.00 7.74
CA ASN D 310 -20.08 -53.34 7.43
C ASN D 310 -21.23 -54.37 7.40
N THR D 311 -21.17 -55.37 6.53
CA THR D 311 -22.11 -56.51 6.58
C THR D 311 -22.03 -57.26 7.91
N ASP D 312 -20.85 -57.34 8.53
CA ASP D 312 -20.67 -57.92 9.85
C ASP D 312 -21.02 -56.93 10.97
N VAL D 313 -22.14 -57.13 11.65
CA VAL D 313 -22.66 -56.15 12.63
C VAL D 313 -21.71 -55.93 13.81
N ALA D 314 -21.07 -56.98 14.31
CA ALA D 314 -20.11 -56.87 15.40
C ALA D 314 -18.86 -56.07 15.03
N SER D 315 -18.52 -55.96 13.74
CA SER D 315 -17.40 -55.16 13.24
C SER D 315 -17.69 -53.68 13.11
N ARG D 316 -18.95 -53.25 13.04
CA ARG D 316 -19.32 -51.84 12.81
C ARG D 316 -18.73 -50.88 13.84
N PRO D 317 -18.68 -51.19 15.15
CA PRO D 317 -17.99 -50.37 16.13
C PRO D 317 -16.51 -50.17 15.85
N TYR D 318 -15.88 -51.00 15.02
CA TYR D 318 -14.46 -50.94 14.70
C TYR D 318 -14.16 -50.46 13.28
N ALA D 319 -15.16 -49.95 12.56
CA ALA D 319 -15.00 -49.39 11.24
C ALA D 319 -13.92 -48.31 11.18
N ASN D 320 -13.10 -48.33 10.12
CA ASN D 320 -11.99 -47.39 9.90
C ASN D 320 -12.09 -46.64 8.57
N VAL D 321 -12.97 -47.08 7.67
CA VAL D 321 -13.21 -46.45 6.37
C VAL D 321 -14.70 -46.25 6.12
N ASP D 322 -15.07 -45.27 5.32
CA ASP D 322 -16.47 -44.88 5.12
C ASP D 322 -17.30 -45.88 4.31
N ALA D 323 -16.70 -46.66 3.42
CA ALA D 323 -17.37 -47.60 2.54
C ALA D 323 -16.42 -48.73 2.10
N LYS D 324 -16.96 -49.87 1.66
CA LYS D 324 -16.18 -50.88 0.94
C LYS D 324 -15.88 -50.42 -0.50
N PRO D 325 -14.86 -50.97 -1.18
CA PRO D 325 -14.59 -50.67 -2.58
C PRO D 325 -15.78 -50.96 -3.49
N ALA D 326 -15.96 -50.15 -4.52
CA ALA D 326 -16.85 -50.48 -5.63
C ALA D 326 -16.31 -51.68 -6.44
N GLU D 327 -17.15 -52.27 -7.29
CA GLU D 327 -16.68 -53.36 -8.17
C GLU D 327 -15.62 -52.84 -9.14
N SER D 328 -14.48 -53.53 -9.25
CA SER D 328 -13.34 -53.12 -10.07
C SER D 328 -12.80 -51.72 -9.72
N ALA D 329 -12.88 -51.29 -8.45
CA ALA D 329 -12.37 -50.00 -8.03
C ALA D 329 -10.88 -49.83 -8.35
N ALA D 330 -10.50 -48.71 -8.96
CA ALA D 330 -9.12 -48.44 -9.34
C ALA D 330 -8.19 -48.31 -8.13
N ILE D 331 -6.95 -48.75 -8.31
CA ILE D 331 -5.85 -48.61 -7.35
C ILE D 331 -4.91 -47.52 -7.85
N THR D 332 -4.61 -46.53 -7.00
CA THR D 332 -3.59 -45.51 -7.27
C THR D 332 -2.40 -45.75 -6.36
N ILE D 333 -1.21 -45.98 -6.92
CA ILE D 333 0.02 -46.21 -6.15
C ILE D 333 0.71 -44.88 -5.95
N LEU D 334 1.06 -44.56 -4.71
CA LEU D 334 1.59 -43.26 -4.33
C LEU D 334 3.10 -43.15 -4.58
N ASN D 335 3.85 -44.22 -4.32
CA ASN D 335 5.30 -44.27 -4.46
C ASN D 335 5.76 -44.51 -5.90
N LYS D 336 5.33 -43.69 -6.87
CA LYS D 336 5.66 -43.89 -8.29
C LYS D 336 7.15 -43.71 -8.65
N ASN D 337 7.95 -43.07 -7.80
CA ASN D 337 9.41 -43.03 -7.89
C ASN D 337 10.05 -43.51 -6.58
N ALA D 338 11.16 -44.25 -6.65
CA ALA D 338 11.92 -44.62 -5.46
C ALA D 338 12.60 -43.38 -4.86
N ALA D 339 12.37 -43.11 -3.57
CA ALA D 339 12.82 -41.91 -2.88
C ALA D 339 12.95 -42.15 -1.36
N PRO D 340 13.76 -41.37 -0.64
CA PRO D 340 13.90 -41.50 0.80
C PRO D 340 12.66 -41.01 1.54
N ALA D 341 12.10 -41.83 2.43
CA ALA D 341 11.01 -41.44 3.30
C ALA D 341 11.50 -40.61 4.49
N ASN D 342 10.71 -39.60 4.86
CA ASN D 342 10.84 -38.90 6.14
C ASN D 342 9.80 -39.50 7.08
N LEU D 343 10.18 -39.81 8.32
CA LEU D 343 9.34 -40.56 9.25
C LEU D 343 8.72 -39.64 10.29
N PHE D 344 7.45 -39.84 10.59
CA PHE D 344 6.72 -39.08 11.59
C PHE D 344 6.05 -40.06 12.54
N TRP D 345 6.06 -39.81 13.84
CA TRP D 345 5.19 -40.54 14.76
C TRP D 345 4.70 -39.69 15.92
N ALA D 346 3.53 -40.02 16.43
CA ALA D 346 3.09 -39.67 17.76
C ALA D 346 3.61 -40.73 18.75
N ASP D 347 4.06 -40.31 19.92
CA ASP D 347 4.69 -41.21 20.88
C ASP D 347 3.78 -42.34 21.36
N GLY D 348 4.38 -43.49 21.67
CA GLY D 348 3.70 -44.67 22.22
C GLY D 348 3.32 -45.74 21.20
N SER D 349 3.56 -45.54 19.91
CA SER D 349 3.31 -46.56 18.89
C SER D 349 4.56 -47.34 18.44
N VAL D 350 5.72 -46.69 18.39
CA VAL D 350 6.93 -47.27 17.79
C VAL D 350 7.88 -47.73 18.86
N GLU D 351 8.24 -49.01 18.83
CA GLU D 351 8.97 -49.65 19.93
C GLU D 351 9.96 -50.71 19.47
N LEU D 352 11.11 -50.77 20.14
CA LEU D 352 12.06 -51.87 20.08
C LEU D 352 11.89 -52.76 21.30
N MET D 353 11.73 -54.06 21.09
CA MET D 353 11.86 -55.06 22.15
C MET D 353 13.17 -55.80 22.02
N TYR D 354 13.86 -55.97 23.15
CA TYR D 354 15.16 -56.63 23.24
C TYR D 354 15.08 -57.98 23.93
N GLY D 355 15.69 -59.00 23.31
CA GLY D 355 15.89 -60.32 23.90
C GLY D 355 17.36 -60.64 24.13
N LYS D 356 17.62 -61.80 24.72
CA LYS D 356 18.96 -62.36 24.89
C LYS D 356 18.91 -63.87 24.59
N LEU D 357 19.73 -64.33 23.65
CA LEU D 357 19.88 -65.76 23.38
C LEU D 357 20.64 -66.42 24.54
N ALA D 358 20.24 -67.63 24.92
CA ALA D 358 20.83 -68.35 26.05
C ALA D 358 22.12 -69.09 25.68
N PHE D 359 23.15 -68.37 25.21
CA PHE D 359 24.46 -68.94 24.92
C PHE D 359 25.16 -69.38 26.23
N PRO D 360 25.47 -70.67 26.42
CA PRO D 360 25.98 -71.17 27.70
C PRO D 360 27.48 -70.96 27.88
N THR D 361 27.89 -70.49 29.04
CA THR D 361 29.30 -70.50 29.49
C THR D 361 29.73 -71.90 29.94
N GLY D 362 31.03 -72.13 30.07
CA GLY D 362 31.60 -73.33 30.69
C GLY D 362 31.58 -74.61 29.85
N GLN D 363 30.99 -74.57 28.66
CA GLN D 363 30.97 -75.67 27.71
C GLN D 363 31.30 -75.13 26.32
N GLY D 364 32.14 -75.83 25.56
CA GLY D 364 32.58 -75.37 24.25
C GLY D 364 33.22 -73.95 24.25
N PRO D 365 32.68 -72.97 23.51
CA PRO D 365 33.27 -71.63 23.36
C PRO D 365 33.46 -70.83 24.64
N GLN D 366 34.27 -69.77 24.56
CA GLN D 366 34.21 -68.65 25.50
C GLN D 366 33.00 -67.78 25.17
N VAL D 367 32.27 -67.28 26.16
CA VAL D 367 31.07 -66.44 25.96
C VAL D 367 31.10 -65.22 26.89
N MET D 368 30.80 -64.05 26.33
CA MET D 368 30.82 -62.74 26.97
C MET D 368 29.61 -61.92 26.51
N THR D 369 29.26 -60.85 27.21
CA THR D 369 28.14 -59.99 26.83
C THR D 369 28.36 -58.52 27.12
N ALA D 370 27.76 -57.65 26.31
CA ALA D 370 27.89 -56.19 26.34
C ALA D 370 26.60 -55.53 25.83
N THR D 371 26.60 -54.21 25.65
CA THR D 371 25.41 -53.42 25.30
C THR D 371 25.68 -52.43 24.16
N THR D 372 24.77 -52.27 23.20
CA THR D 372 24.89 -51.27 22.12
C THR D 372 24.59 -49.84 22.61
N GLU D 373 24.67 -48.86 21.71
CA GLU D 373 24.15 -47.49 21.93
C GLU D 373 22.75 -47.46 22.54
N GLN D 374 21.83 -48.25 21.96
CA GLN D 374 20.40 -48.20 22.26
C GLN D 374 19.97 -49.07 23.45
N GLY D 375 20.91 -49.66 24.20
CA GLY D 375 20.58 -50.59 25.29
C GLY D 375 20.30 -52.03 24.86
N ALA D 376 20.54 -52.39 23.59
CA ALA D 376 20.38 -53.75 23.11
C ALA D 376 21.54 -54.65 23.59
N THR D 377 21.26 -55.89 23.97
CA THR D 377 22.30 -56.83 24.40
C THR D 377 23.08 -57.41 23.23
N LEU D 378 24.41 -57.40 23.34
CA LEU D 378 25.37 -58.12 22.50
C LEU D 378 25.84 -59.37 23.24
N ILE D 379 25.93 -60.48 22.55
CA ILE D 379 26.71 -61.64 23.00
C ILE D 379 27.91 -61.77 22.07
N MET D 380 29.10 -61.87 22.64
CA MET D 380 30.33 -62.19 21.91
C MET D 380 30.77 -63.58 22.31
N SER D 381 31.00 -64.47 21.36
CA SER D 381 31.54 -65.79 21.63
C SER D 381 32.75 -66.10 20.75
N TYR D 382 33.73 -66.75 21.34
CA TYR D 382 35.00 -67.08 20.71
C TYR D 382 35.26 -68.57 20.81
N ALA D 383 35.47 -69.22 19.68
CA ALA D 383 35.78 -70.64 19.60
C ALA D 383 37.07 -70.85 18.84
N PHE D 384 38.00 -71.60 19.40
CA PHE D 384 39.30 -71.90 18.79
C PHE D 384 39.31 -73.32 18.23
N ASP D 385 39.71 -73.47 16.98
CA ASP D 385 39.94 -74.75 16.33
C ASP D 385 41.45 -74.98 16.22
N HIS D 386 41.98 -75.96 16.95
CA HIS D 386 43.43 -76.17 17.02
C HIS D 386 43.99 -76.98 15.85
N ILE D 387 43.17 -77.67 15.07
CA ILE D 387 43.61 -78.34 13.83
C ILE D 387 43.67 -77.31 12.71
N LYS D 388 42.66 -76.44 12.62
CA LYS D 388 42.61 -75.36 11.61
C LYS D 388 43.49 -74.16 11.99
N GLY D 389 43.74 -73.97 13.27
CA GLY D 389 44.59 -72.92 13.82
C GLY D 389 43.93 -71.55 13.86
N VAL D 390 42.60 -71.48 14.01
CA VAL D 390 41.83 -70.22 13.96
C VAL D 390 40.91 -70.06 15.16
N THR D 391 40.78 -68.84 15.67
CA THR D 391 39.57 -68.44 16.39
C THR D 391 38.53 -67.99 15.39
N THR D 392 37.29 -68.41 15.54
CA THR D 392 36.14 -67.72 14.95
C THR D 392 35.41 -66.94 16.03
N ALA D 393 35.20 -65.65 15.82
CA ALA D 393 34.49 -64.78 16.74
C ALA D 393 33.09 -64.51 16.20
N ARG D 394 32.06 -64.68 17.02
CA ARG D 394 30.67 -64.36 16.71
C ARG D 394 30.19 -63.25 17.63
N PHE D 395 29.66 -62.18 17.06
CA PHE D 395 28.87 -61.18 17.77
C PHE D 395 27.42 -61.41 17.38
N THR D 396 26.48 -61.41 18.32
CA THR D 396 25.07 -61.67 18.03
C THR D 396 24.15 -60.83 18.90
N THR D 397 22.98 -60.46 18.38
CA THR D 397 21.95 -59.69 19.08
C THR D 397 20.55 -60.10 18.62
N LEU D 398 19.58 -60.03 19.52
CA LEU D 398 18.18 -60.38 19.28
C LEU D 398 17.27 -59.22 19.64
N TYR D 399 16.43 -58.80 18.70
CA TYR D 399 15.51 -57.69 18.87
C TYR D 399 14.33 -57.79 17.91
N GLY D 400 13.28 -57.02 18.20
CA GLY D 400 12.12 -56.85 17.34
C GLY D 400 11.73 -55.39 17.32
N CYS D 401 11.50 -54.84 16.15
CA CYS D 401 10.96 -53.49 15.97
C CYS D 401 9.47 -53.61 15.63
N SER D 402 8.65 -52.82 16.28
CA SER D 402 7.19 -52.94 16.23
C SER D 402 6.51 -51.59 16.06
N VAL D 403 5.44 -51.56 15.26
CA VAL D 403 4.53 -50.42 15.15
C VAL D 403 3.18 -50.88 15.68
N LEU D 404 2.93 -50.64 16.96
CA LEU D 404 1.73 -51.11 17.65
C LEU D 404 0.46 -50.51 17.06
N VAL D 405 0.52 -49.23 16.66
CA VAL D 405 -0.62 -48.47 16.13
C VAL D 405 -0.17 -47.77 14.86
N PRO D 406 -0.30 -48.38 13.67
CA PRO D 406 0.22 -47.80 12.44
C PRO D 406 -0.49 -46.52 11.99
N GLU D 407 -1.58 -46.13 12.63
CA GLU D 407 -2.24 -44.83 12.54
C GLU D 407 -1.49 -43.72 13.27
N TYR D 408 -0.70 -44.03 14.29
CA TYR D 408 0.13 -43.05 15.01
C TYR D 408 1.44 -42.73 14.28
N THR D 409 1.67 -43.32 13.11
CA THR D 409 2.88 -43.16 12.31
C THR D 409 2.52 -42.68 10.92
N GLY D 410 3.35 -41.84 10.33
CA GLY D 410 3.19 -41.43 8.94
C GLY D 410 4.52 -41.17 8.24
N ILE D 411 4.51 -41.10 6.92
CA ILE D 411 5.68 -40.79 6.11
C ILE D 411 5.41 -39.74 5.04
N VAL D 412 6.39 -38.88 4.77
CA VAL D 412 6.40 -37.93 3.65
C VAL D 412 7.50 -38.30 2.68
N ILE D 413 7.19 -38.44 1.39
CA ILE D 413 8.19 -38.74 0.35
C ILE D 413 8.21 -37.63 -0.72
N ALA D 414 9.36 -37.02 -0.97
CA ALA D 414 9.56 -36.05 -2.05
C ALA D 414 9.94 -36.74 -3.38
N GLY D 415 9.85 -36.02 -4.50
CA GLY D 415 10.04 -36.59 -5.84
C GLY D 415 8.96 -37.59 -6.27
N GLN D 416 7.82 -37.63 -5.58
CA GLN D 416 6.81 -38.70 -5.62
C GLN D 416 7.41 -40.07 -5.26
N ALA E 1 70.19 32.03 -10.77
CA ALA E 1 70.97 31.89 -12.01
C ALA E 1 70.47 30.68 -12.81
N ASN E 2 70.59 30.72 -14.13
CA ASN E 2 69.85 29.84 -15.03
C ASN E 2 70.24 28.35 -15.00
N GLN E 3 71.47 27.99 -14.64
CA GLN E 3 71.95 26.60 -14.65
C GLN E 3 72.40 26.14 -13.26
N LEU E 4 71.73 25.13 -12.72
CA LEU E 4 72.01 24.56 -11.40
C LEU E 4 72.03 23.03 -11.50
N ALA E 5 72.88 22.38 -10.72
CA ALA E 5 72.93 20.92 -10.65
C ALA E 5 71.67 20.37 -9.98
N LYS E 6 71.12 19.27 -10.51
CA LYS E 6 70.06 18.49 -9.86
C LYS E 6 70.57 17.14 -9.37
N ASP E 7 70.23 16.82 -8.12
CA ASP E 7 70.46 15.56 -7.45
C ASP E 7 69.41 14.49 -7.84
N LEU E 8 69.52 13.28 -7.29
CA LEU E 8 68.40 12.33 -7.21
C LEU E 8 68.00 12.19 -5.75
N GLU E 9 66.75 12.50 -5.42
CA GLU E 9 66.21 12.28 -4.08
C GLU E 9 65.56 10.91 -4.02
N ILE E 10 66.30 9.91 -3.54
CA ILE E 10 65.82 8.53 -3.40
C ILE E 10 65.70 8.21 -1.91
N MET E 11 64.52 7.83 -1.47
CA MET E 11 64.20 7.56 -0.07
C MET E 11 64.40 6.07 0.26
N PHE E 12 65.64 5.60 0.29
CA PHE E 12 65.99 4.17 0.27
C PHE E 12 65.36 3.30 1.37
N GLU E 13 65.04 3.86 2.52
CA GLU E 13 64.40 3.16 3.64
C GLU E 13 62.87 3.09 3.54
N ASN E 14 62.26 3.87 2.66
CA ASN E 14 60.86 4.28 2.74
C ASN E 14 60.01 3.63 1.65
N TYR E 15 59.81 2.32 1.74
CA TYR E 15 59.06 1.54 0.75
C TYR E 15 57.63 2.03 0.55
N VAL E 16 57.17 2.08 -0.70
CA VAL E 16 55.74 2.20 -1.01
C VAL E 16 55.00 0.92 -0.61
N GLU E 17 53.67 0.97 -0.58
CA GLU E 17 52.87 -0.17 -0.13
C GLU E 17 53.00 -1.38 -1.04
N GLY E 18 52.91 -2.58 -0.46
CA GLY E 18 53.10 -3.83 -1.18
C GLY E 18 52.21 -4.96 -0.69
N PHE E 19 52.01 -5.93 -1.58
CA PHE E 19 51.08 -7.03 -1.46
C PHE E 19 51.45 -8.04 -0.36
N GLU E 20 50.50 -8.90 0.00
CA GLU E 20 50.69 -9.99 0.97
C GLU E 20 49.94 -11.25 0.51
N ALA E 21 50.29 -12.40 1.08
CA ALA E 21 49.44 -13.58 1.09
C ALA E 21 48.85 -13.78 2.49
N ALA E 22 47.54 -13.97 2.61
CA ALA E 22 46.87 -14.13 3.91
C ALA E 22 47.20 -15.48 4.59
N CYS E 23 47.55 -16.50 3.81
CA CYS E 23 47.86 -17.87 4.26
C CYS E 23 46.73 -18.61 5.00
N VAL E 24 45.46 -18.18 4.87
CA VAL E 24 44.38 -18.60 5.77
C VAL E 24 44.07 -20.11 5.74
N VAL E 25 44.17 -20.77 4.60
CA VAL E 25 43.83 -22.20 4.48
C VAL E 25 44.86 -23.04 5.21
N SER E 26 46.14 -22.84 4.91
CA SER E 26 47.25 -23.53 5.60
C SER E 26 47.43 -23.11 7.05
N ARG E 27 47.03 -21.90 7.45
CA ARG E 27 46.93 -21.54 8.88
C ARG E 27 45.84 -22.32 9.62
N ASN E 28 44.77 -22.72 8.94
CA ASN E 28 43.68 -23.53 9.52
C ASN E 28 43.87 -25.06 9.44
N ALA E 29 44.61 -25.57 8.47
CA ALA E 29 44.87 -27.01 8.34
C ALA E 29 45.56 -27.63 9.55
N LYS E 30 45.34 -28.93 9.77
CA LYS E 30 46.00 -29.73 10.83
C LYS E 30 47.51 -29.83 10.57
N LYS E 31 48.34 -29.79 11.62
CA LYS E 31 49.80 -29.91 11.52
C LYS E 31 50.28 -31.25 12.03
N PHE E 32 51.35 -31.75 11.44
CA PHE E 32 52.05 -32.95 11.86
C PHE E 32 53.56 -32.82 11.66
N ARG E 33 54.38 -33.44 12.49
CA ARG E 33 55.85 -33.33 12.44
C ARG E 33 56.47 -34.69 12.73
N PRO E 34 56.57 -35.59 11.73
CA PRO E 34 56.79 -37.02 11.94
C PRO E 34 58.16 -37.45 12.50
N GLY E 35 59.18 -36.58 12.51
CA GLY E 35 60.51 -36.88 13.04
C GLY E 35 61.48 -37.36 11.96
N ASP E 36 62.66 -36.75 11.91
CA ASP E 36 63.47 -36.74 10.70
C ASP E 36 64.28 -38.01 10.48
N THR E 37 64.79 -38.66 11.53
CA THR E 37 65.50 -39.94 11.37
C THR E 37 64.56 -41.03 10.86
N ALA E 38 63.34 -41.09 11.38
CA ALA E 38 62.29 -41.98 10.90
C ALA E 38 61.93 -41.70 9.44
N MET E 39 61.70 -40.45 9.05
CA MET E 39 61.37 -40.12 7.65
C MET E 39 62.52 -40.38 6.69
N GLN E 40 63.78 -40.18 7.10
CA GLN E 40 64.93 -40.53 6.27
C GLN E 40 64.95 -42.03 5.99
N ARG E 41 64.88 -42.86 7.04
CA ARG E 41 64.92 -44.31 6.88
C ARG E 41 63.68 -44.87 6.18
N ALA E 42 62.53 -44.23 6.32
CA ALA E 42 61.32 -44.56 5.59
C ALA E 42 61.27 -44.06 4.14
N GLY E 43 62.17 -43.17 3.73
CA GLY E 43 62.20 -42.60 2.38
C GLY E 43 61.14 -41.54 2.13
N ASP E 44 60.88 -40.68 3.12
CA ASP E 44 59.95 -39.53 3.08
C ASP E 44 58.45 -39.87 2.92
N VAL E 45 58.06 -41.13 3.03
CA VAL E 45 56.67 -41.60 3.03
C VAL E 45 56.33 -42.24 4.37
N LEU E 46 55.12 -42.02 4.89
CA LEU E 46 54.58 -42.81 5.99
C LEU E 46 53.13 -43.20 5.72
N TYR E 47 52.65 -44.19 6.48
CA TYR E 47 51.34 -44.80 6.29
C TYR E 47 50.57 -44.82 7.61
N ARG E 48 49.27 -44.51 7.54
CA ARG E 48 48.33 -44.60 8.66
C ARG E 48 47.17 -45.53 8.29
N PRO E 49 46.67 -46.35 9.23
CA PRO E 49 45.59 -47.29 8.98
C PRO E 49 44.22 -46.63 8.90
N GLN E 50 43.31 -47.29 8.21
CA GLN E 50 41.87 -47.01 8.23
C GLN E 50 41.14 -48.09 9.04
N HIS E 51 39.97 -47.79 9.59
CA HIS E 51 39.17 -48.73 10.37
C HIS E 51 38.68 -49.94 9.57
N TYR E 52 38.40 -51.05 10.24
CA TYR E 52 37.74 -52.23 9.65
C TYR E 52 36.23 -52.01 9.50
N HIS E 53 35.62 -52.68 8.53
CA HIS E 53 34.17 -52.74 8.30
C HIS E 53 33.72 -54.19 8.18
N MET E 54 32.50 -54.50 8.62
CA MET E 54 32.03 -55.88 8.81
C MET E 54 30.72 -56.16 8.03
N ASN E 55 30.55 -57.36 7.49
CA ASN E 55 29.25 -57.84 7.01
C ASN E 55 28.32 -58.22 8.17
N ILE E 56 27.02 -57.92 8.05
CA ILE E 56 25.96 -58.51 8.88
C ILE E 56 25.54 -59.87 8.30
N GLU E 57 25.30 -60.86 9.14
CA GLU E 57 24.68 -62.14 8.79
C GLU E 57 23.49 -62.42 9.70
N GLU E 58 22.41 -63.02 9.19
CA GLU E 58 21.19 -63.25 9.97
C GLU E 58 20.83 -64.73 10.16
N GLY E 59 20.13 -65.01 11.26
CA GLY E 59 19.74 -66.35 11.68
C GLY E 59 20.45 -66.78 12.95
N LEU E 60 20.00 -67.90 13.52
CA LEU E 60 20.65 -68.54 14.65
C LEU E 60 21.77 -69.48 14.19
N ASP E 61 21.52 -70.32 13.20
CA ASP E 61 22.51 -71.22 12.60
C ASP E 61 23.26 -70.52 11.45
N LEU E 62 24.56 -70.31 11.64
CA LEU E 62 25.42 -69.63 10.68
C LEU E 62 26.36 -70.56 9.92
N SER E 63 26.14 -71.88 9.96
CA SER E 63 27.06 -72.85 9.38
C SER E 63 27.30 -72.70 7.87
N SER E 64 26.35 -72.14 7.13
CA SER E 64 26.49 -71.85 5.69
C SER E 64 27.13 -70.49 5.39
N LYS E 65 27.29 -69.61 6.37
CA LYS E 65 27.82 -68.24 6.19
C LYS E 65 29.34 -68.21 6.13
N THR E 66 29.89 -67.19 5.48
CA THR E 66 31.33 -66.93 5.39
C THR E 66 31.69 -65.76 6.29
N PRO E 67 32.63 -65.90 7.25
CA PRO E 67 33.10 -64.80 8.08
C PRO E 67 33.66 -63.63 7.26
N THR E 68 33.51 -62.41 7.76
CA THR E 68 34.03 -61.22 7.08
C THR E 68 35.56 -61.24 7.09
N ALA E 69 36.18 -61.10 5.92
CA ALA E 69 37.64 -60.98 5.83
C ALA E 69 38.06 -59.61 6.32
N LEU E 70 38.94 -59.53 7.32
CA LEU E 70 39.52 -58.27 7.76
C LEU E 70 40.52 -57.79 6.71
N VAL E 71 40.32 -56.59 6.14
CA VAL E 71 41.26 -55.98 5.21
C VAL E 71 41.87 -54.75 5.86
N GLN E 72 43.19 -54.77 6.07
CA GLN E 72 43.92 -53.70 6.76
C GLN E 72 44.44 -52.66 5.76
N ARG E 73 43.59 -51.71 5.41
CA ARG E 73 43.87 -50.59 4.52
C ARG E 73 44.85 -49.61 5.16
N LEU E 74 45.76 -49.06 4.36
CA LEU E 74 46.72 -48.03 4.75
C LEU E 74 46.64 -46.86 3.76
N VAL E 75 46.69 -45.61 4.24
CA VAL E 75 46.79 -44.42 3.37
C VAL E 75 48.15 -43.75 3.50
N PRO E 76 48.87 -43.50 2.40
CA PRO E 76 50.16 -42.82 2.44
C PRO E 76 50.04 -41.31 2.63
N SER E 77 51.03 -40.74 3.30
CA SER E 77 51.33 -39.31 3.26
C SER E 77 52.82 -39.13 3.02
N VAL E 78 53.21 -38.12 2.25
CA VAL E 78 54.55 -37.99 1.67
C VAL E 78 54.99 -36.53 1.60
N PHE E 79 56.27 -36.25 1.84
CA PHE E 79 56.84 -34.91 1.60
C PHE E 79 56.96 -34.62 0.10
N LYS E 80 56.81 -33.36 -0.29
CA LYS E 80 57.13 -32.90 -1.65
C LYS E 80 58.66 -32.75 -1.80
N GLU E 81 59.14 -32.43 -3.00
CA GLU E 81 60.51 -31.92 -3.13
C GLU E 81 60.71 -30.66 -2.28
N PRO E 82 61.91 -30.39 -1.73
CA PRO E 82 62.15 -29.17 -0.99
C PRO E 82 61.86 -27.93 -1.84
N LYS E 83 61.32 -26.89 -1.21
CA LYS E 83 61.12 -25.58 -1.84
C LYS E 83 62.17 -24.61 -1.34
N ASN E 84 62.74 -23.85 -2.25
CA ASN E 84 63.93 -23.06 -2.01
C ASN E 84 63.81 -21.68 -2.63
N ILE E 85 64.60 -20.74 -2.13
CA ILE E 85 64.85 -19.45 -2.74
C ILE E 85 66.35 -19.18 -2.71
N LEU E 86 66.91 -18.75 -3.83
CA LEU E 86 68.32 -18.39 -3.96
C LEU E 86 68.46 -16.92 -4.32
N TYR E 87 69.37 -16.20 -3.68
CA TYR E 87 69.84 -14.90 -4.15
C TYR E 87 71.34 -14.73 -3.88
N THR E 88 71.99 -13.79 -4.55
CA THR E 88 73.42 -13.52 -4.34
C THR E 88 73.73 -12.03 -4.33
N LEU E 89 74.63 -11.62 -3.44
CA LEU E 89 75.16 -10.26 -3.33
C LEU E 89 76.67 -10.30 -3.56
N ASP E 90 77.21 -9.43 -4.39
CA ASP E 90 78.66 -9.24 -4.47
C ASP E 90 79.19 -8.32 -3.36
N ALA E 91 80.50 -8.33 -3.16
CA ALA E 91 81.17 -7.57 -2.10
C ALA E 91 81.03 -6.05 -2.22
N ARG E 92 80.66 -5.49 -3.38
CA ARG E 92 80.29 -4.07 -3.51
C ARG E 92 78.87 -3.88 -3.01
N GLU E 93 77.93 -4.67 -3.52
CA GLU E 93 76.50 -4.58 -3.19
C GLU E 93 76.24 -4.78 -1.70
N MET E 94 76.98 -5.71 -1.11
CA MET E 94 76.91 -6.12 0.28
C MET E 94 77.39 -5.05 1.28
N ARG E 95 77.92 -3.90 0.82
CA ARG E 95 78.20 -2.72 1.66
C ARG E 95 76.93 -2.01 2.13
N ASP E 96 75.83 -2.14 1.39
CA ASP E 96 74.52 -1.64 1.78
C ASP E 96 73.68 -2.79 2.38
N PRO E 97 73.52 -2.86 3.70
CA PRO E 97 72.89 -3.99 4.39
C PRO E 97 71.39 -4.12 4.14
N GLU E 98 70.75 -3.14 3.52
CA GLU E 98 69.32 -3.22 3.23
C GLU E 98 69.01 -4.28 2.18
N HIS E 99 69.94 -4.62 1.29
CA HIS E 99 69.72 -5.68 0.30
C HIS E 99 69.49 -7.02 0.96
N LYS E 100 70.37 -7.43 1.88
CA LYS E 100 70.22 -8.68 2.64
C LYS E 100 68.94 -8.67 3.47
N THR E 101 68.64 -7.55 4.10
CA THR E 101 67.47 -7.41 4.98
C THR E 101 66.15 -7.54 4.23
N GLU E 102 66.00 -6.86 3.10
CA GLU E 102 64.79 -6.94 2.28
C GLU E 102 64.67 -8.26 1.53
N ALA E 103 65.77 -8.80 0.99
CA ALA E 103 65.73 -10.09 0.29
C ALA E 103 65.41 -11.24 1.24
N GLY E 104 65.87 -11.20 2.49
CA GLY E 104 65.50 -12.18 3.51
C GLY E 104 64.03 -12.09 3.90
N ARG E 105 63.48 -10.88 4.02
CA ARG E 105 62.04 -10.64 4.26
C ARG E 105 61.19 -11.17 3.09
N ALA E 106 61.58 -10.84 1.86
CA ALA E 106 60.89 -11.30 0.67
C ALA E 106 60.94 -12.83 0.49
N ALA E 107 62.08 -13.47 0.79
CA ALA E 107 62.20 -14.92 0.72
C ALA E 107 61.30 -15.63 1.75
N GLY E 108 61.31 -15.19 3.00
CA GLY E 108 60.49 -15.78 4.06
C GLY E 108 58.99 -15.80 3.71
N MET E 109 58.45 -14.66 3.28
CA MET E 109 57.03 -14.59 2.90
C MET E 109 56.71 -15.39 1.63
N ARG E 110 57.61 -15.44 0.65
CA ARG E 110 57.38 -16.18 -0.59
C ARG E 110 57.34 -17.68 -0.39
N LEU E 111 58.10 -18.23 0.56
CA LEU E 111 58.00 -19.64 0.95
C LEU E 111 56.71 -19.91 1.72
N ALA E 112 56.35 -19.07 2.69
CA ALA E 112 55.08 -19.21 3.41
C ALA E 112 53.87 -19.24 2.47
N ALA E 113 53.82 -18.36 1.48
CA ALA E 113 52.74 -18.32 0.51
C ALA E 113 52.69 -19.55 -0.40
N GLN E 114 53.82 -20.22 -0.64
CA GLN E 114 53.85 -21.43 -1.45
C GLN E 114 53.25 -22.63 -0.72
N ILE E 115 53.47 -22.75 0.59
CA ILE E 115 52.82 -23.79 1.40
C ILE E 115 51.29 -23.67 1.27
N ASP E 116 50.76 -22.45 1.32
CA ASP E 116 49.34 -22.21 1.17
C ASP E 116 48.84 -22.56 -0.24
N SER E 117 49.52 -22.11 -1.28
CA SER E 117 49.18 -22.38 -2.67
C SER E 117 49.23 -23.88 -3.00
N ASP E 118 50.24 -24.60 -2.50
CA ASP E 118 50.35 -26.05 -2.65
C ASP E 118 49.23 -26.79 -1.93
N LEU E 119 48.89 -26.40 -0.70
CA LEU E 119 47.79 -27.04 0.01
C LEU E 119 46.47 -26.84 -0.71
N ILE E 120 46.15 -25.62 -1.11
CA ILE E 120 44.90 -25.28 -1.79
C ILE E 120 44.78 -26.05 -3.10
N SER E 121 45.85 -26.17 -3.86
CA SER E 121 45.84 -26.92 -5.11
C SER E 121 45.75 -28.43 -4.88
N MET E 122 46.27 -28.96 -3.77
CA MET E 122 46.07 -30.35 -3.35
C MET E 122 44.61 -30.62 -2.98
N VAL E 123 44.03 -29.87 -2.06
CA VAL E 123 42.64 -30.04 -1.62
C VAL E 123 41.68 -29.91 -2.79
N THR E 124 41.89 -28.93 -3.67
CA THR E 124 41.07 -28.75 -4.88
C THR E 124 41.07 -29.97 -5.78
N GLN E 125 42.21 -30.66 -5.92
CA GLN E 125 42.34 -31.83 -6.80
C GLN E 125 41.73 -33.10 -6.17
N ARG E 126 41.89 -33.29 -4.87
CA ARG E 126 41.52 -34.53 -4.18
C ARG E 126 40.10 -34.57 -3.63
N ALA E 127 39.48 -33.44 -3.31
CA ALA E 127 38.15 -33.42 -2.69
C ALA E 127 37.09 -34.13 -3.53
N THR E 128 36.41 -35.13 -2.97
CA THR E 128 35.51 -36.00 -3.75
C THR E 128 34.08 -35.50 -3.81
N ASN E 129 33.53 -34.86 -2.78
CA ASN E 129 32.21 -34.22 -2.87
C ASN E 129 32.29 -32.95 -3.72
N VAL E 130 31.55 -32.86 -4.82
CA VAL E 130 31.54 -31.66 -5.69
C VAL E 130 30.11 -31.28 -6.00
N ILE E 131 29.77 -30.00 -5.85
CA ILE E 131 28.46 -29.47 -6.26
C ILE E 131 28.69 -28.25 -7.15
N THR E 132 27.89 -28.11 -8.18
CA THR E 132 28.06 -27.08 -9.20
C THR E 132 26.78 -26.31 -9.43
N MET E 133 26.91 -25.03 -9.71
CA MET E 133 25.79 -24.17 -10.10
C MET E 133 26.22 -23.27 -11.25
N ALA E 134 25.33 -23.01 -12.21
CA ALA E 134 25.52 -21.93 -13.16
C ALA E 134 25.37 -20.58 -12.45
N ASP E 135 26.05 -19.54 -12.93
CA ASP E 135 25.83 -18.18 -12.40
C ASP E 135 24.41 -17.72 -12.74
N SER E 136 23.68 -17.24 -11.73
CA SER E 136 22.28 -16.88 -11.87
C SER E 136 22.07 -15.59 -12.66
N THR E 137 21.21 -15.63 -13.67
CA THR E 137 20.68 -14.45 -14.37
C THR E 137 19.50 -13.81 -13.62
N ALA E 138 18.88 -14.52 -12.68
CA ALA E 138 17.96 -13.99 -11.69
C ALA E 138 18.71 -13.47 -10.45
N GLY E 139 17.99 -13.14 -9.37
CA GLY E 139 18.59 -12.69 -8.10
C GLY E 139 19.21 -13.78 -7.23
N THR E 140 19.37 -15.01 -7.71
CA THR E 140 19.63 -16.19 -6.86
C THR E 140 21.10 -16.52 -6.60
N GLN E 141 22.08 -15.71 -7.03
CA GLN E 141 23.43 -15.81 -6.47
C GLN E 141 23.37 -15.70 -4.94
N GLY E 142 24.30 -16.32 -4.22
CA GLY E 142 24.29 -16.32 -2.75
C GLY E 142 23.26 -17.30 -2.20
N ARG E 143 22.01 -17.29 -2.67
CA ARG E 143 21.01 -18.31 -2.32
C ARG E 143 21.41 -19.68 -2.90
N ASP E 144 21.79 -19.71 -4.17
CA ASP E 144 22.31 -20.91 -4.83
C ASP E 144 23.66 -21.36 -4.24
N LEU E 145 24.55 -20.43 -3.86
CA LEU E 145 25.80 -20.78 -3.16
C LEU E 145 25.53 -21.40 -1.79
N TRP E 146 24.56 -20.88 -1.04
CA TRP E 146 24.13 -21.47 0.23
C TRP E 146 23.54 -22.86 0.00
N ASN E 147 22.70 -23.05 -1.02
CA ASN E 147 22.17 -24.37 -1.37
C ASN E 147 23.30 -25.35 -1.69
N CYS E 148 24.34 -24.93 -2.39
CA CYS E 148 25.52 -25.75 -2.66
C CYS E 148 26.29 -26.09 -1.38
N ALA E 149 26.60 -25.13 -0.52
CA ALA E 149 27.29 -25.38 0.74
C ALA E 149 26.50 -26.32 1.66
N ALA E 150 25.20 -26.08 1.84
CA ALA E 150 24.35 -26.98 2.59
C ALA E 150 24.25 -28.35 1.94
N GLY E 151 24.28 -28.43 0.61
CA GLY E 151 24.37 -29.68 -0.13
C GLY E 151 25.65 -30.46 0.15
N ILE E 152 26.79 -29.80 0.33
CA ILE E 152 28.03 -30.46 0.75
C ILE E 152 27.86 -31.06 2.15
N ASP E 153 27.33 -30.34 3.12
CA ASP E 153 27.11 -30.88 4.47
C ASP E 153 26.05 -31.99 4.51
N ALA E 154 24.98 -31.87 3.74
CA ALA E 154 23.98 -32.91 3.58
C ALA E 154 24.60 -34.17 2.96
N THR E 155 25.44 -34.01 1.94
CA THR E 155 26.15 -35.14 1.32
C THR E 155 27.12 -35.78 2.30
N MET E 156 27.91 -35.01 3.03
CA MET E 156 28.78 -35.53 4.09
C MET E 156 27.98 -36.31 5.14
N THR E 157 26.83 -35.81 5.55
CA THR E 157 25.96 -36.50 6.51
C THR E 157 25.41 -37.80 5.92
N ALA E 158 24.93 -37.78 4.69
CA ALA E 158 24.33 -38.94 4.04
C ALA E 158 25.33 -40.08 3.81
N ILE E 159 26.60 -39.77 3.52
CA ILE E 159 27.66 -40.77 3.42
C ILE E 159 28.22 -41.20 4.79
N GLY E 160 27.87 -40.53 5.88
CA GLY E 160 28.22 -40.96 7.23
C GLY E 160 29.44 -40.28 7.84
N VAL E 161 29.88 -39.12 7.34
CA VAL E 161 30.85 -38.29 8.06
C VAL E 161 30.23 -37.87 9.40
N PRO E 162 30.93 -37.99 10.54
CA PRO E 162 30.37 -37.61 11.84
C PRO E 162 29.78 -36.21 11.85
N GLN E 163 28.63 -36.03 12.49
CA GLN E 163 27.93 -34.74 12.51
C GLN E 163 28.45 -33.80 13.59
N GLY E 164 29.12 -34.33 14.61
CA GLY E 164 29.61 -33.54 15.76
C GLY E 164 30.91 -32.80 15.49
N ILE E 165 31.74 -33.29 14.58
CA ILE E 165 33.05 -32.69 14.28
C ILE E 165 32.90 -31.35 13.55
N ASN E 166 33.76 -30.40 13.93
CA ASN E 166 33.79 -29.05 13.39
C ASN E 166 34.11 -29.04 11.89
N ARG E 167 33.58 -28.05 11.15
CA ARG E 167 33.77 -27.94 9.70
C ARG E 167 33.95 -26.51 9.24
N ARG E 168 34.77 -26.33 8.21
CA ARG E 168 35.29 -25.05 7.73
C ARG E 168 35.02 -24.89 6.25
N SER E 169 34.76 -23.68 5.79
CA SER E 169 34.61 -23.34 4.38
C SER E 169 35.50 -22.16 4.03
N PHE E 170 36.19 -22.26 2.89
CA PHE E 170 37.12 -21.25 2.39
C PHE E 170 36.63 -20.82 1.02
N TRP E 171 36.15 -19.59 0.94
CA TRP E 171 35.49 -19.04 -0.24
C TRP E 171 36.45 -18.13 -0.98
N ASN E 172 36.51 -18.22 -2.31
CA ASN E 172 37.25 -17.23 -3.08
C ASN E 172 36.58 -15.85 -2.95
N PRO E 173 37.27 -14.74 -3.20
CA PRO E 173 36.75 -13.41 -2.87
C PRO E 173 35.48 -13.08 -3.65
N PHE E 174 35.34 -13.57 -4.87
CA PHE E 174 34.21 -13.31 -5.74
C PHE E 174 32.94 -14.02 -5.26
N ASN E 175 33.02 -15.24 -4.76
CA ASN E 175 31.86 -15.93 -4.19
C ASN E 175 31.57 -15.56 -2.74
N TYR E 176 32.57 -15.23 -1.93
CA TYR E 176 32.33 -14.64 -0.62
C TYR E 176 31.55 -13.32 -0.73
N LYS E 177 31.89 -12.49 -1.73
CA LYS E 177 31.16 -11.29 -2.14
C LYS E 177 29.72 -11.59 -2.53
N ASP E 178 29.45 -12.64 -3.29
CA ASP E 178 28.08 -13.01 -3.67
C ASP E 178 27.22 -13.44 -2.48
N LEU E 179 27.77 -14.13 -1.49
CA LEU E 179 27.06 -14.45 -0.25
C LEU E 179 26.73 -13.21 0.58
N ALA E 180 27.69 -12.32 0.76
CA ALA E 180 27.46 -11.04 1.44
C ALA E 180 26.46 -10.17 0.67
N GLY E 181 26.48 -10.23 -0.65
CA GLY E 181 25.54 -9.54 -1.51
C GLY E 181 24.11 -10.06 -1.41
N GLU E 182 23.88 -11.31 -1.05
CA GLU E 182 22.54 -11.79 -0.73
C GLU E 182 22.14 -11.36 0.69
N LEU E 183 22.93 -11.72 1.70
CA LEU E 183 22.58 -11.47 3.09
C LEU E 183 22.41 -9.97 3.39
N GLY E 184 23.24 -9.12 2.80
CA GLY E 184 23.23 -7.68 3.04
C GLY E 184 22.12 -6.91 2.32
N HIS E 185 21.43 -7.52 1.36
CA HIS E 185 20.34 -6.89 0.59
C HIS E 185 18.96 -7.41 0.99
N ARG E 186 18.85 -8.00 2.19
CA ARG E 186 17.57 -8.37 2.82
C ARG E 186 16.86 -7.16 3.44
N ALA E 187 15.57 -7.31 3.70
CA ALA E 187 14.66 -6.24 4.11
C ALA E 187 14.99 -5.58 5.45
N TYR E 188 15.40 -6.36 6.44
CA TYR E 188 15.77 -5.84 7.76
C TYR E 188 17.21 -5.33 7.75
N ALA E 189 17.42 -4.05 7.45
CA ALA E 189 18.74 -3.41 7.39
C ALA E 189 19.35 -3.15 8.77
N GLN E 190 19.53 -4.22 9.55
CA GLN E 190 20.04 -4.22 10.92
C GLN E 190 20.76 -5.55 11.18
N GLY E 191 21.63 -5.62 12.20
CA GLY E 191 22.32 -6.87 12.57
C GLY E 191 23.16 -7.47 11.45
N ALA E 192 23.10 -8.78 11.25
CA ALA E 192 23.88 -9.49 10.24
C ALA E 192 23.67 -8.96 8.81
N THR E 193 22.48 -8.47 8.45
CA THR E 193 22.25 -7.79 7.16
C THR E 193 23.12 -6.54 7.05
N LEU E 194 23.18 -5.74 8.10
CA LEU E 194 23.91 -4.48 8.08
C LEU E 194 25.42 -4.72 8.06
N THR E 195 25.91 -5.69 8.82
CA THR E 195 27.30 -6.13 8.73
C THR E 195 27.66 -6.64 7.34
N ALA E 196 26.81 -7.43 6.70
CA ALA E 196 27.05 -7.86 5.34
C ALA E 196 27.02 -6.70 4.35
N TYR E 197 26.13 -5.72 4.51
CA TYR E 197 26.07 -4.56 3.62
C TYR E 197 27.29 -3.65 3.77
N GLU E 198 27.66 -3.33 5.01
CA GLU E 198 28.75 -2.39 5.30
C GLU E 198 30.12 -3.01 5.15
N LYS E 199 30.38 -4.14 5.82
CA LYS E 199 31.69 -4.80 5.87
C LYS E 199 31.95 -5.75 4.70
N ALA E 200 30.93 -6.15 3.96
CA ALA E 200 30.94 -7.33 3.08
C ALA E 200 31.29 -8.66 3.78
N GLN E 201 31.21 -8.73 5.12
CA GLN E 201 31.47 -9.94 5.90
C GLN E 201 30.22 -10.80 6.04
N ILE E 202 30.37 -12.12 6.21
CA ILE E 202 29.28 -13.06 6.45
C ILE E 202 29.51 -13.87 7.72
N PRO E 203 28.45 -14.31 8.43
CA PRO E 203 28.56 -15.23 9.56
C PRO E 203 28.92 -16.66 9.07
N PRO E 204 28.95 -17.70 9.93
CA PRO E 204 28.97 -19.08 9.46
C PRO E 204 27.92 -19.35 8.40
N VAL E 205 28.19 -20.23 7.45
CA VAL E 205 27.30 -20.52 6.32
C VAL E 205 26.96 -21.99 6.34
N ALA E 206 25.68 -22.35 6.40
CA ALA E 206 25.25 -23.73 6.19
C ALA E 206 25.99 -24.77 7.07
N SER E 207 26.22 -24.44 8.34
CA SER E 207 27.00 -25.15 9.37
C SER E 207 28.52 -25.01 9.32
N PHE E 208 29.11 -24.58 8.21
CA PHE E 208 30.54 -24.32 8.14
C PHE E 208 30.91 -22.97 8.75
N ASP E 209 32.03 -22.91 9.47
CA ASP E 209 32.74 -21.63 9.61
C ASP E 209 33.08 -21.07 8.23
N SER E 210 33.05 -19.75 8.06
CA SER E 210 33.30 -19.10 6.78
C SER E 210 34.57 -18.27 6.84
N TYR E 211 35.45 -18.53 5.88
CA TYR E 211 36.73 -17.84 5.69
C TYR E 211 36.84 -17.37 4.25
N LYS E 212 37.52 -16.26 4.00
CA LYS E 212 37.80 -15.76 2.66
C LYS E 212 39.26 -16.08 2.31
N THR E 213 39.50 -16.79 1.23
CA THR E 213 40.84 -17.12 0.73
C THR E 213 41.19 -16.20 -0.42
N ASP E 214 42.40 -15.63 -0.43
CA ASP E 214 42.86 -14.69 -1.47
C ASP E 214 43.28 -15.42 -2.75
N ILE E 215 44.10 -16.46 -2.63
CA ILE E 215 44.36 -17.44 -3.71
C ILE E 215 43.30 -18.55 -3.64
N SER E 216 42.98 -19.18 -4.76
CA SER E 216 42.05 -20.32 -4.81
C SER E 216 42.42 -21.28 -5.93
N GLY E 217 42.10 -22.57 -5.77
CA GLY E 217 42.35 -23.55 -6.81
C GLY E 217 41.32 -23.45 -7.91
N ARG E 218 41.65 -23.91 -9.12
CA ARG E 218 40.75 -23.87 -10.29
C ARG E 218 40.62 -25.24 -10.90
N LEU E 219 39.40 -25.63 -11.25
CA LEU E 219 39.17 -26.80 -12.11
C LEU E 219 39.31 -26.36 -13.57
N PRO E 220 39.89 -27.17 -14.46
CA PRO E 220 40.06 -26.81 -15.86
C PRO E 220 38.73 -26.77 -16.61
N LYS E 221 38.70 -26.19 -17.82
CA LYS E 221 37.58 -26.37 -18.73
C LYS E 221 37.50 -27.83 -19.18
N GLY E 222 36.47 -28.54 -18.75
CA GLY E 222 36.26 -29.95 -19.09
C GLY E 222 35.91 -30.19 -20.56
N SER E 223 36.12 -31.41 -21.04
CA SER E 223 35.83 -31.78 -22.42
C SER E 223 34.34 -31.67 -22.77
N THR E 224 34.04 -31.31 -24.02
CA THR E 224 32.69 -31.32 -24.59
C THR E 224 32.32 -32.66 -25.24
N GLU E 225 33.19 -33.66 -25.23
CA GLU E 225 32.93 -34.98 -25.83
C GLU E 225 31.93 -35.84 -25.04
N SER E 226 31.17 -36.69 -25.74
CA SER E 226 30.30 -37.71 -25.14
C SER E 226 31.10 -38.95 -24.71
N LEU E 227 31.95 -38.80 -23.70
CA LEU E 227 32.75 -39.90 -23.14
C LEU E 227 31.87 -40.94 -22.43
N THR E 228 32.34 -42.18 -22.41
CA THR E 228 31.70 -43.29 -21.69
C THR E 228 32.74 -44.16 -21.00
N VAL E 229 32.36 -44.82 -19.91
CA VAL E 229 33.21 -45.81 -19.23
C VAL E 229 33.20 -47.11 -20.03
N SER E 230 34.38 -47.61 -20.43
CA SER E 230 34.51 -48.88 -21.16
C SER E 230 34.57 -50.06 -20.20
N GLY E 231 33.96 -51.19 -20.58
CA GLY E 231 33.73 -52.31 -19.67
C GLY E 231 32.78 -51.93 -18.54
N GLN E 232 32.82 -52.67 -17.44
CA GLN E 232 32.00 -52.41 -16.26
C GLN E 232 32.92 -52.42 -15.04
N PRO E 233 33.77 -51.39 -14.86
CA PRO E 233 34.83 -51.41 -13.87
C PRO E 233 34.28 -51.50 -12.45
N GLU E 234 35.01 -52.23 -11.64
CA GLU E 234 34.67 -52.61 -10.28
C GLU E 234 35.98 -52.96 -9.61
N HIS E 235 36.48 -52.04 -8.79
CA HIS E 235 37.76 -52.20 -8.13
C HIS E 235 37.63 -53.12 -6.92
N LYS E 236 38.76 -53.57 -6.39
CA LYS E 236 38.84 -54.35 -5.15
C LYS E 236 39.71 -53.63 -4.12
N VAL E 237 39.44 -53.87 -2.85
CA VAL E 237 40.29 -53.41 -1.74
C VAL E 237 41.41 -54.42 -1.51
N GLU E 238 42.61 -53.93 -1.26
CA GLU E 238 43.83 -54.72 -1.03
C GLU E 238 44.62 -54.08 0.11
N ALA E 239 45.25 -54.87 0.98
CA ALA E 239 46.13 -54.34 2.01
C ALA E 239 47.52 -53.98 1.45
N LYS E 240 48.01 -54.79 0.51
CA LYS E 240 49.33 -54.68 -0.14
C LYS E 240 49.31 -55.32 -1.53
N ASP E 241 50.22 -54.90 -2.40
CA ASP E 241 50.32 -55.39 -3.78
C ASP E 241 51.09 -56.71 -3.88
N SER E 242 51.30 -57.20 -5.11
CA SER E 242 52.06 -58.43 -5.36
C SER E 242 53.53 -58.37 -4.96
N ASN E 243 54.10 -57.17 -4.77
CA ASN E 243 55.44 -56.95 -4.23
C ASN E 243 55.45 -56.76 -2.71
N GLY E 244 54.27 -56.71 -2.07
CA GLY E 244 54.12 -56.56 -0.63
C GLY E 244 54.19 -55.11 -0.14
N MET E 245 54.19 -54.12 -1.04
CA MET E 245 54.10 -52.71 -0.69
C MET E 245 52.63 -52.31 -0.46
N PRO E 246 52.32 -51.37 0.46
CA PRO E 246 50.95 -50.95 0.70
C PRO E 246 50.26 -50.38 -0.55
N VAL E 247 48.94 -50.56 -0.64
CA VAL E 247 48.11 -50.06 -1.74
C VAL E 247 47.30 -48.86 -1.26
N ASP E 248 47.30 -47.75 -1.99
CA ASP E 248 46.46 -46.59 -1.68
C ASP E 248 45.00 -46.84 -2.11
N ASN E 249 44.13 -47.18 -1.16
CA ASN E 249 42.75 -47.52 -1.44
C ASN E 249 41.86 -46.31 -1.80
N ARG E 250 42.40 -45.09 -1.80
CA ARG E 250 41.71 -43.88 -2.29
C ARG E 250 41.68 -43.80 -3.82
N GLN E 251 42.47 -44.59 -4.54
CA GLN E 251 42.66 -44.46 -5.99
C GLN E 251 42.36 -45.75 -6.73
N GLY E 252 41.88 -45.65 -7.97
CA GLY E 252 41.73 -46.77 -8.88
C GLY E 252 41.89 -46.35 -10.33
N THR E 253 41.85 -47.27 -11.27
CA THR E 253 42.05 -46.98 -12.70
C THR E 253 40.96 -47.58 -13.57
N ILE E 254 40.50 -46.82 -14.57
CA ILE E 254 39.42 -47.19 -15.48
C ILE E 254 39.84 -46.94 -16.93
N THR E 255 39.16 -47.58 -17.87
CA THR E 255 39.27 -47.26 -19.30
C THR E 255 38.04 -46.48 -19.74
N VAL E 256 38.22 -45.43 -20.53
CA VAL E 256 37.14 -44.59 -21.08
C VAL E 256 37.23 -44.54 -22.60
N SER E 257 36.10 -44.32 -23.27
CA SER E 257 35.97 -44.54 -24.72
C SER E 257 36.79 -43.62 -25.62
N ALA E 258 37.24 -42.46 -25.14
CA ALA E 258 38.08 -41.51 -25.89
C ALA E 258 38.91 -40.64 -24.93
N SER E 259 39.95 -39.99 -25.45
CA SER E 259 41.03 -39.35 -24.67
C SER E 259 40.70 -37.98 -24.04
N GLY E 260 39.43 -37.69 -23.75
CA GLY E 260 38.98 -36.34 -23.40
C GLY E 260 39.25 -35.85 -21.96
N LEU E 261 39.33 -36.73 -20.96
CA LEU E 261 39.50 -36.31 -19.56
C LEU E 261 40.86 -35.65 -19.27
N GLN E 262 40.92 -34.80 -18.25
CA GLN E 262 42.10 -34.05 -17.83
C GLN E 262 42.30 -34.15 -16.32
N VAL E 263 43.54 -34.05 -15.84
CA VAL E 263 43.81 -34.07 -14.40
C VAL E 263 43.10 -32.90 -13.70
N GLY E 264 42.41 -33.20 -12.60
CA GLY E 264 41.59 -32.24 -11.86
C GLY E 264 40.12 -32.21 -12.26
N ASP E 265 39.69 -32.89 -13.33
CA ASP E 265 38.27 -33.01 -13.67
C ASP E 265 37.46 -33.60 -12.51
N ALA E 266 36.21 -33.18 -12.39
CA ALA E 266 35.20 -33.80 -11.56
C ALA E 266 34.11 -34.35 -12.47
N PHE E 267 33.70 -35.60 -12.31
CA PHE E 267 32.70 -36.22 -13.17
C PHE E 267 31.84 -37.22 -12.41
N THR E 268 30.69 -37.59 -12.97
CA THR E 268 29.78 -38.63 -12.44
C THR E 268 29.54 -39.67 -13.52
N ILE E 269 29.24 -40.91 -13.12
CA ILE E 269 28.97 -42.03 -14.03
C ILE E 269 27.47 -42.34 -14.00
N ALA E 270 26.86 -42.61 -15.15
CA ALA E 270 25.40 -42.51 -15.38
C ALA E 270 24.46 -43.16 -14.35
N GLY E 271 24.86 -44.26 -13.71
CA GLY E 271 24.02 -44.98 -12.74
C GLY E 271 24.63 -45.23 -11.36
N VAL E 272 25.68 -44.51 -10.98
CA VAL E 272 26.49 -44.82 -9.79
C VAL E 272 26.24 -43.79 -8.68
N ASN E 273 25.69 -44.20 -7.53
CA ASN E 273 25.32 -43.29 -6.44
C ASN E 273 26.11 -43.61 -5.18
N SER E 274 26.42 -42.61 -4.37
CA SER E 274 27.05 -42.82 -3.06
C SER E 274 26.12 -43.62 -2.13
N VAL E 275 26.69 -44.24 -1.12
CA VAL E 275 25.97 -44.99 -0.06
C VAL E 275 26.40 -44.51 1.31
N HIS E 276 25.61 -44.75 2.35
CA HIS E 276 26.10 -44.55 3.72
C HIS E 276 27.24 -45.51 4.01
N GLN E 277 28.38 -45.02 4.50
CA GLN E 277 29.60 -45.81 4.60
C GLN E 277 29.52 -46.96 5.61
N ILE E 278 28.63 -46.91 6.61
CA ILE E 278 28.42 -48.03 7.54
C ILE E 278 27.33 -48.97 7.02
N THR E 279 26.13 -48.48 6.77
CA THR E 279 24.94 -49.31 6.49
C THR E 279 24.71 -49.62 5.02
N LYS E 280 25.45 -49.01 4.09
CA LYS E 280 25.45 -49.29 2.65
C LYS E 280 24.16 -49.02 1.87
N ASP E 281 23.12 -48.48 2.47
CA ASP E 281 21.95 -48.00 1.74
C ASP E 281 22.31 -46.79 0.89
N THR E 282 21.73 -46.72 -0.32
CA THR E 282 22.03 -45.65 -1.27
C THR E 282 21.57 -44.30 -0.77
N THR E 283 22.38 -43.27 -1.01
CA THR E 283 21.98 -41.88 -0.80
C THR E 283 21.04 -41.39 -1.91
N GLY E 284 21.04 -42.04 -3.07
CA GLY E 284 20.37 -41.56 -4.29
C GLY E 284 21.05 -40.37 -4.96
N GLN E 285 22.09 -39.77 -4.37
CA GLN E 285 22.91 -38.75 -5.02
C GLN E 285 24.03 -39.41 -5.82
N PRO E 286 24.36 -38.96 -7.04
CA PRO E 286 25.46 -39.52 -7.81
C PRO E 286 26.78 -39.44 -7.06
N GLN E 287 27.64 -40.45 -7.22
CA GLN E 287 29.02 -40.36 -6.74
C GLN E 287 29.83 -39.53 -7.72
N VAL E 288 30.62 -38.58 -7.20
CA VAL E 288 31.57 -37.81 -8.00
C VAL E 288 32.94 -38.46 -7.93
N PHE E 289 33.61 -38.55 -9.08
CA PHE E 289 34.97 -39.04 -9.25
C PHE E 289 35.88 -37.90 -9.70
N ARG E 290 37.08 -37.85 -9.15
CA ARG E 290 38.13 -36.88 -9.49
C ARG E 290 39.21 -37.55 -10.31
N VAL E 291 39.58 -36.98 -11.44
CA VAL E 291 40.69 -37.49 -12.26
C VAL E 291 42.03 -37.09 -11.65
N LEU E 292 42.84 -38.05 -11.24
CA LEU E 292 44.16 -37.83 -10.63
C LEU E 292 45.33 -38.07 -11.60
N ALA E 293 45.15 -38.86 -12.64
CA ALA E 293 46.13 -39.06 -13.70
C ALA E 293 45.45 -39.53 -14.99
N VAL E 294 46.09 -39.30 -16.14
CA VAL E 294 45.56 -39.66 -17.47
C VAL E 294 46.69 -40.23 -18.33
N SER E 295 46.38 -41.24 -19.14
CA SER E 295 47.24 -41.83 -20.14
C SER E 295 46.40 -42.30 -21.32
N GLY E 296 46.08 -41.38 -22.23
CA GLY E 296 45.14 -41.62 -23.33
C GLY E 296 43.75 -41.98 -22.81
N THR E 297 43.25 -43.15 -23.21
CA THR E 297 41.98 -43.74 -22.75
C THR E 297 42.05 -44.34 -21.34
N THR E 298 43.21 -44.45 -20.71
CA THR E 298 43.36 -45.00 -19.35
C THR E 298 43.43 -43.88 -18.34
N VAL E 299 42.60 -43.93 -17.30
CA VAL E 299 42.39 -42.81 -16.38
C VAL E 299 42.44 -43.30 -14.95
N THR E 300 43.15 -42.59 -14.08
CA THR E 300 43.21 -42.88 -12.64
C THR E 300 42.31 -41.92 -11.90
N ILE E 301 41.48 -42.44 -11.01
CA ILE E 301 40.36 -41.73 -10.40
C ILE E 301 40.32 -41.93 -8.90
N SER E 302 39.66 -41.03 -8.20
CA SER E 302 39.34 -41.14 -6.78
C SER E 302 37.88 -40.73 -6.54
N PRO E 303 37.10 -41.42 -5.68
CA PRO E 303 37.44 -42.68 -5.04
C PRO E 303 37.53 -43.83 -6.05
N LYS E 304 37.96 -45.00 -5.62
CA LYS E 304 37.86 -46.21 -6.46
C LYS E 304 36.44 -46.77 -6.42
N ILE E 305 35.98 -47.41 -7.49
CA ILE E 305 34.61 -47.88 -7.65
C ILE E 305 34.43 -49.17 -6.85
N LEU E 306 33.84 -49.10 -5.66
CA LEU E 306 33.61 -50.25 -4.79
C LEU E 306 32.10 -50.45 -4.61
N PRO E 307 31.44 -51.30 -5.41
CA PRO E 307 30.01 -51.48 -5.34
C PRO E 307 29.57 -52.23 -4.09
N VAL E 308 28.38 -51.93 -3.59
CA VAL E 308 27.61 -52.91 -2.83
C VAL E 308 27.34 -54.11 -3.76
N GLU E 309 27.48 -55.33 -3.27
CA GLU E 309 27.48 -56.54 -4.10
C GLU E 309 28.62 -56.59 -5.15
N ASN E 310 29.80 -56.09 -4.78
CA ASN E 310 31.06 -56.30 -5.52
C ASN E 310 31.28 -57.79 -5.85
N THR E 311 31.82 -58.13 -7.01
CA THR E 311 32.27 -59.49 -7.33
C THR E 311 33.33 -59.98 -6.34
N ASP E 312 34.23 -59.11 -5.89
CA ASP E 312 35.18 -59.41 -4.82
C ASP E 312 34.50 -59.33 -3.46
N VAL E 313 34.27 -60.49 -2.83
CA VAL E 313 33.50 -60.60 -1.59
C VAL E 313 34.14 -59.83 -0.44
N ALA E 314 35.46 -59.87 -0.29
CA ALA E 314 36.15 -59.15 0.77
C ALA E 314 36.02 -57.62 0.65
N SER E 315 35.81 -57.09 -0.56
CA SER E 315 35.59 -55.66 -0.79
C SER E 315 34.18 -55.18 -0.43
N ARG E 316 33.19 -56.07 -0.28
CA ARG E 316 31.80 -55.72 0.01
C ARG E 316 31.62 -54.85 1.25
N PRO E 317 32.18 -55.16 2.44
CA PRO E 317 32.09 -54.26 3.58
C PRO E 317 32.76 -52.90 3.37
N TYR E 318 33.59 -52.73 2.35
CA TYR E 318 34.26 -51.47 2.00
C TYR E 318 33.59 -50.72 0.85
N ALA E 319 32.44 -51.17 0.38
CA ALA E 319 31.67 -50.51 -0.67
C ALA E 319 31.38 -49.04 -0.36
N ASN E 320 31.44 -48.20 -1.40
CA ASN E 320 31.20 -46.75 -1.35
C ASN E 320 30.15 -46.27 -2.37
N VAL E 321 29.74 -47.13 -3.31
CA VAL E 321 28.72 -46.83 -4.31
C VAL E 321 27.72 -47.98 -4.43
N ASP E 322 26.50 -47.71 -4.86
CA ASP E 322 25.44 -48.71 -4.84
C ASP E 322 25.54 -49.77 -5.95
N ALA E 323 26.12 -49.44 -7.10
CA ALA E 323 26.26 -50.37 -8.22
C ALA E 323 27.50 -50.02 -9.06
N LYS E 324 28.04 -51.00 -9.80
CA LYS E 324 29.05 -50.74 -10.83
C LYS E 324 28.43 -50.09 -12.07
N PRO E 325 29.21 -49.44 -12.94
CA PRO E 325 28.70 -48.86 -14.18
C PRO E 325 28.04 -49.90 -15.08
N ALA E 326 26.96 -49.52 -15.77
CA ALA E 326 26.46 -50.28 -16.90
C ALA E 326 27.46 -50.30 -18.06
N GLU E 327 27.28 -51.19 -19.03
CA GLU E 327 28.17 -51.26 -20.20
C GLU E 327 28.10 -49.95 -20.99
N SER E 328 29.25 -49.32 -21.28
CA SER E 328 29.34 -48.04 -21.99
C SER E 328 28.55 -46.90 -21.31
N ALA E 329 28.45 -46.91 -19.98
CA ALA E 329 27.79 -45.86 -19.21
C ALA E 329 28.36 -44.47 -19.50
N ALA E 330 27.50 -43.46 -19.66
CA ALA E 330 27.90 -42.09 -19.93
C ALA E 330 28.66 -41.45 -18.76
N ILE E 331 29.64 -40.62 -19.10
CA ILE E 331 30.38 -39.77 -18.16
C ILE E 331 29.84 -38.36 -18.29
N THR E 332 29.44 -37.75 -17.18
CA THR E 332 29.05 -36.34 -17.13
C THR E 332 30.11 -35.53 -16.38
N ILE E 333 30.85 -34.68 -17.08
CA ILE E 333 31.87 -33.81 -16.50
C ILE E 333 31.19 -32.59 -15.89
N LEU E 334 31.51 -32.28 -14.64
CA LEU E 334 30.86 -31.22 -13.88
C LEU E 334 31.45 -29.84 -14.21
N ASN E 335 32.77 -29.72 -14.32
CA ASN E 335 33.48 -28.49 -14.66
C ASN E 335 33.38 -28.16 -16.16
N LYS E 336 32.19 -27.77 -16.63
CA LYS E 336 31.97 -27.32 -18.01
C LYS E 336 32.79 -26.08 -18.37
N ASN E 337 32.95 -25.17 -17.41
CA ASN E 337 33.71 -23.93 -17.51
C ASN E 337 34.77 -23.88 -16.41
N ALA E 338 35.95 -23.32 -16.68
CA ALA E 338 36.98 -23.13 -15.66
C ALA E 338 36.51 -22.11 -14.61
N ALA E 339 36.66 -22.43 -13.32
CA ALA E 339 36.12 -21.63 -12.24
C ALA E 339 36.94 -21.79 -10.95
N PRO E 340 36.99 -20.79 -10.06
CA PRO E 340 37.62 -20.91 -8.77
C PRO E 340 36.78 -21.79 -7.82
N ALA E 341 37.41 -22.81 -7.24
CA ALA E 341 36.79 -23.64 -6.23
C ALA E 341 36.65 -22.92 -4.89
N ASN E 342 35.55 -23.19 -4.20
CA ASN E 342 35.38 -22.91 -2.78
C ASN E 342 35.58 -24.21 -2.04
N LEU E 343 36.42 -24.25 -1.00
CA LEU E 343 36.83 -25.48 -0.33
C LEU E 343 36.03 -25.68 0.95
N PHE E 344 35.59 -26.90 1.22
CA PHE E 344 34.89 -27.26 2.45
C PHE E 344 35.59 -28.46 3.05
N TRP E 345 35.76 -28.49 4.36
CA TRP E 345 36.18 -29.72 5.03
C TRP E 345 35.62 -29.88 6.43
N ALA E 346 35.40 -31.12 6.84
CA ALA E 346 35.31 -31.50 8.24
C ALA E 346 36.73 -31.74 8.78
N ASP E 347 36.99 -31.31 10.01
CA ASP E 347 38.33 -31.35 10.59
C ASP E 347 38.91 -32.78 10.70
N GLY E 348 40.24 -32.89 10.60
CA GLY E 348 40.98 -34.14 10.75
C GLY E 348 41.39 -34.83 9.45
N SER E 349 40.87 -34.42 8.30
CA SER E 349 41.26 -34.97 7.00
C SER E 349 42.40 -34.22 6.31
N VAL E 350 42.43 -32.90 6.38
CA VAL E 350 43.40 -32.09 5.62
C VAL E 350 44.56 -31.72 6.53
N GLU E 351 45.77 -32.09 6.14
CA GLU E 351 46.95 -32.02 6.99
C GLU E 351 48.18 -31.50 6.23
N LEU E 352 49.00 -30.71 6.91
CA LEU E 352 50.38 -30.38 6.53
C LEU E 352 51.34 -31.11 7.45
N MET E 353 52.26 -31.88 6.87
CA MET E 353 53.37 -32.46 7.59
C MET E 353 54.66 -31.73 7.28
N TYR E 354 55.45 -31.44 8.30
CA TYR E 354 56.69 -30.67 8.23
C TYR E 354 57.92 -31.51 8.52
N GLY E 355 58.94 -31.39 7.68
CA GLY E 355 60.28 -31.95 7.90
C GLY E 355 61.33 -30.86 8.11
N LYS E 356 62.58 -31.28 8.30
CA LYS E 356 63.75 -30.38 8.44
C LYS E 356 65.00 -31.07 7.89
N LEU E 357 65.57 -30.55 6.81
CA LEU E 357 66.81 -31.05 6.23
C LEU E 357 68.01 -30.81 7.17
N ALA E 358 68.95 -31.76 7.20
CA ALA E 358 70.08 -31.75 8.13
C ALA E 358 71.29 -30.94 7.62
N PHE E 359 71.11 -29.63 7.41
CA PHE E 359 72.18 -28.71 7.03
C PHE E 359 73.16 -28.52 8.21
N PRO E 360 74.45 -28.88 8.11
CA PRO E 360 75.36 -28.83 9.26
C PRO E 360 75.82 -27.41 9.60
N THR E 361 75.85 -27.05 10.88
CA THR E 361 76.60 -25.88 11.36
C THR E 361 78.10 -26.21 11.45
N GLY E 362 78.95 -25.19 11.41
CA GLY E 362 80.37 -25.38 11.12
C GLY E 362 80.58 -25.91 9.69
N GLN E 363 81.76 -26.43 9.40
CA GLN E 363 82.11 -27.11 8.15
C GLN E 363 81.73 -26.39 6.83
N GLY E 364 81.76 -25.07 6.81
CA GLY E 364 81.60 -24.25 5.61
C GLY E 364 80.61 -23.10 5.81
N PRO E 365 79.41 -23.13 5.21
CA PRO E 365 78.42 -22.05 5.28
C PRO E 365 78.02 -21.67 6.70
N GLN E 366 77.53 -20.43 6.86
CA GLN E 366 76.71 -20.09 8.02
C GLN E 366 75.32 -20.71 7.82
N VAL E 367 74.73 -21.30 8.86
CA VAL E 367 73.41 -21.94 8.80
C VAL E 367 72.58 -21.48 9.98
N MET E 368 71.31 -21.15 9.72
CA MET E 368 70.37 -20.54 10.64
C MET E 368 68.97 -21.11 10.42
N THR E 369 68.09 -20.99 11.41
CA THR E 369 66.73 -21.54 11.37
C THR E 369 65.69 -20.49 11.72
N ALA E 370 64.59 -20.45 10.97
CA ALA E 370 63.42 -19.61 11.22
C ALA E 370 62.12 -20.39 11.00
N THR E 371 60.96 -19.79 11.26
CA THR E 371 59.66 -20.47 11.17
C THR E 371 58.66 -19.62 10.37
N THR E 372 57.90 -20.22 9.46
CA THR E 372 56.84 -19.53 8.70
C THR E 372 55.60 -19.24 9.55
N GLU E 373 54.64 -18.49 9.02
CA GLU E 373 53.38 -18.18 9.70
C GLU E 373 52.56 -19.43 10.06
N GLN E 374 52.68 -20.50 9.26
CA GLN E 374 52.05 -21.80 9.51
C GLN E 374 52.86 -22.72 10.42
N GLY E 375 53.99 -22.30 10.96
CA GLY E 375 54.85 -23.15 11.79
C GLY E 375 55.85 -24.04 11.03
N ALA E 376 55.98 -23.89 9.71
CA ALA E 376 56.94 -24.67 8.92
C ALA E 376 58.36 -24.18 9.14
N THR E 377 59.36 -25.07 9.20
CA THR E 377 60.76 -24.67 9.39
C THR E 377 61.37 -24.12 8.10
N LEU E 378 62.08 -22.99 8.21
CA LEU E 378 62.98 -22.47 7.20
C LEU E 378 64.42 -22.70 7.65
N ILE E 379 65.26 -23.21 6.76
CA ILE E 379 66.71 -23.14 6.92
C ILE E 379 67.22 -22.02 6.04
N MET E 380 67.97 -21.08 6.60
CA MET E 380 68.72 -20.09 5.85
C MET E 380 70.21 -20.42 5.92
N SER E 381 70.90 -20.49 4.78
CA SER E 381 72.34 -20.67 4.77
C SER E 381 73.04 -19.72 3.82
N TYR E 382 74.18 -19.18 4.24
CA TYR E 382 74.96 -18.19 3.50
C TYR E 382 76.38 -18.69 3.30
N ALA E 383 76.87 -18.65 2.07
CA ALA E 383 78.23 -19.07 1.73
C ALA E 383 78.93 -17.99 0.91
N PHE E 384 80.11 -17.54 1.35
CA PHE E 384 80.90 -16.53 0.66
C PHE E 384 82.00 -17.18 -0.18
N ASP E 385 81.99 -16.93 -1.48
CA ASP E 385 83.09 -17.28 -2.38
C ASP E 385 84.03 -16.10 -2.49
N HIS E 386 85.21 -16.18 -1.86
CA HIS E 386 86.14 -15.05 -1.84
C HIS E 386 86.87 -14.80 -3.16
N ILE E 387 86.83 -15.72 -4.12
CA ILE E 387 87.46 -15.54 -5.44
C ILE E 387 86.49 -14.86 -6.41
N LYS E 388 85.21 -15.23 -6.39
CA LYS E 388 84.16 -14.49 -7.11
C LYS E 388 83.76 -13.20 -6.39
N GLY E 389 83.98 -13.13 -5.08
CA GLY E 389 83.61 -12.00 -4.23
C GLY E 389 82.11 -11.90 -4.02
N VAL E 390 81.41 -13.04 -3.88
CA VAL E 390 79.95 -13.07 -3.74
C VAL E 390 79.49 -13.96 -2.60
N THR E 391 78.47 -13.54 -1.87
CA THR E 391 77.69 -14.42 -1.00
C THR E 391 76.56 -15.01 -1.80
N THR E 392 76.31 -16.31 -1.68
CA THR E 392 75.04 -16.92 -2.08
C THR E 392 74.25 -17.24 -0.84
N ALA E 393 73.00 -16.79 -0.80
CA ALA E 393 72.04 -17.08 0.24
C ALA E 393 71.02 -18.10 -0.29
N ARG E 394 70.79 -19.16 0.46
CA ARG E 394 69.75 -20.16 0.22
C ARG E 394 68.77 -20.17 1.39
N PHE E 395 67.49 -20.01 1.10
CA PHE E 395 66.39 -20.26 2.03
C PHE E 395 65.72 -21.56 1.57
N THR E 396 65.42 -22.51 2.46
CA THR E 396 64.83 -23.79 2.09
C THR E 396 63.85 -24.32 3.13
N THR E 397 62.84 -25.07 2.69
CA THR E 397 61.84 -25.69 3.55
C THR E 397 61.34 -27.01 2.97
N LEU E 398 60.97 -27.94 3.85
CA LEU E 398 60.47 -29.27 3.49
C LEU E 398 59.10 -29.51 4.13
N TYR E 399 58.09 -29.79 3.32
CA TYR E 399 56.73 -30.07 3.75
C TYR E 399 56.03 -31.02 2.80
N GLY E 400 54.94 -31.60 3.26
CA GLY E 400 53.98 -32.35 2.47
C GLY E 400 52.58 -31.98 2.89
N CYS E 401 51.65 -31.90 1.95
CA CYS E 401 50.25 -31.71 2.23
C CYS E 401 49.48 -32.93 1.74
N SER E 402 48.48 -33.38 2.49
CA SER E 402 47.67 -34.55 2.13
C SER E 402 46.23 -34.43 2.61
N VAL E 403 45.32 -35.01 1.83
CA VAL E 403 43.92 -35.24 2.20
C VAL E 403 43.80 -36.71 2.60
N LEU E 404 43.77 -36.99 3.90
CA LEU E 404 43.73 -38.35 4.42
C LEU E 404 42.40 -39.04 4.13
N VAL E 405 41.31 -38.28 4.11
CA VAL E 405 39.95 -38.77 3.88
C VAL E 405 39.27 -37.87 2.85
N PRO E 406 39.32 -38.18 1.55
CA PRO E 406 38.76 -37.32 0.50
C PRO E 406 37.25 -37.09 0.60
N GLU E 407 36.53 -37.89 1.37
CA GLU E 407 35.10 -37.76 1.67
C GLU E 407 34.81 -36.70 2.73
N TYR E 408 35.77 -36.38 3.60
CA TYR E 408 35.65 -35.31 4.59
C TYR E 408 35.87 -33.93 3.96
N THR E 409 36.20 -33.86 2.67
CA THR E 409 36.44 -32.63 1.92
C THR E 409 35.43 -32.52 0.79
N GLY E 410 35.01 -31.32 0.45
CA GLY E 410 34.21 -31.05 -0.72
C GLY E 410 34.54 -29.72 -1.36
N ILE E 411 34.03 -29.47 -2.56
CA ILE E 411 34.19 -28.19 -3.24
C ILE E 411 32.90 -27.74 -3.92
N VAL E 412 32.72 -26.44 -4.03
CA VAL E 412 31.65 -25.82 -4.81
C VAL E 412 32.26 -24.95 -5.90
N ILE E 413 31.87 -25.16 -7.16
CA ILE E 413 32.23 -24.26 -8.27
C ILE E 413 30.98 -23.61 -8.87
N ALA E 414 30.98 -22.28 -8.92
CA ALA E 414 29.98 -21.50 -9.65
C ALA E 414 30.33 -21.37 -11.15
N GLY E 415 29.55 -20.64 -11.94
CA GLY E 415 29.74 -20.57 -13.40
C GLY E 415 29.62 -21.91 -14.14
N GLN E 416 29.08 -22.95 -13.48
CA GLN E 416 29.23 -24.37 -13.81
C GLN E 416 30.71 -24.77 -13.90
N ALA F 1 3.52 66.16 -9.46
CA ALA F 1 4.52 66.60 -10.46
C ALA F 1 5.05 65.41 -11.23
N ASN F 2 5.38 65.59 -12.51
CA ASN F 2 5.76 64.50 -13.41
C ASN F 2 7.25 64.11 -13.36
N GLN F 3 8.16 65.08 -13.23
CA GLN F 3 9.58 64.91 -13.51
C GLN F 3 10.41 64.61 -12.26
N LEU F 4 10.11 63.51 -11.57
CA LEU F 4 10.86 63.08 -10.38
C LEU F 4 12.22 62.46 -10.73
N ALA F 5 13.21 62.60 -9.86
CA ALA F 5 14.52 61.97 -10.00
C ALA F 5 14.48 60.48 -9.69
N LYS F 6 15.36 59.70 -10.34
CA LYS F 6 15.49 58.25 -10.19
C LYS F 6 16.95 57.86 -10.06
N ASP F 7 17.27 56.91 -9.19
CA ASP F 7 18.61 56.34 -9.06
C ASP F 7 18.61 54.80 -9.01
N LEU F 8 19.76 54.18 -8.75
CA LEU F 8 19.91 52.73 -8.67
C LEU F 8 20.03 52.30 -7.21
N GLU F 9 19.16 51.37 -6.78
CA GLU F 9 19.28 50.72 -5.48
C GLU F 9 20.14 49.46 -5.65
N ILE F 10 21.46 49.60 -5.50
CA ILE F 10 22.40 48.48 -5.56
C ILE F 10 22.83 48.17 -4.14
N MET F 11 22.56 46.94 -3.69
CA MET F 11 22.84 46.49 -2.35
C MET F 11 24.27 45.92 -2.25
N PHE F 12 25.28 46.77 -2.46
CA PHE F 12 26.69 46.37 -2.70
C PHE F 12 27.28 45.40 -1.66
N GLU F 13 26.85 45.46 -0.41
CA GLU F 13 27.53 44.71 0.65
C GLU F 13 27.12 43.23 0.70
N ASN F 14 25.90 42.86 0.32
CA ASN F 14 25.35 41.51 0.52
C ASN F 14 25.00 40.80 -0.79
N TYR F 15 25.63 39.65 -1.01
CA TYR F 15 25.56 38.90 -2.26
C TYR F 15 24.35 37.97 -2.33
N VAL F 16 23.89 37.67 -3.54
CA VAL F 16 23.02 36.51 -3.76
C VAL F 16 23.78 35.21 -3.47
N GLU F 17 23.08 34.09 -3.29
CA GLU F 17 23.72 32.82 -2.98
C GLU F 17 24.66 32.32 -4.09
N GLY F 18 25.69 31.56 -3.73
CA GLY F 18 26.73 31.13 -4.65
C GLY F 18 27.35 29.78 -4.32
N PHE F 19 27.90 29.17 -5.36
CA PHE F 19 28.40 27.80 -5.39
C PHE F 19 29.65 27.57 -4.53
N GLU F 20 29.97 26.32 -4.25
CA GLU F 20 31.16 25.91 -3.50
C GLU F 20 31.76 24.62 -4.05
N ALA F 21 33.00 24.31 -3.66
CA ALA F 21 33.59 22.99 -3.82
C ALA F 21 33.74 22.31 -2.45
N ALA F 22 33.36 21.04 -2.32
CA ALA F 22 33.41 20.33 -1.05
C ALA F 22 34.80 19.80 -0.67
N CYS F 23 35.74 19.64 -1.61
CA CYS F 23 37.13 19.20 -1.39
C CYS F 23 37.31 17.83 -0.70
N VAL F 24 36.35 16.92 -0.85
CA VAL F 24 36.29 15.68 -0.06
C VAL F 24 37.41 14.70 -0.38
N VAL F 25 37.72 14.45 -1.65
CA VAL F 25 38.77 13.49 -2.03
C VAL F 25 40.13 13.97 -1.54
N SER F 26 40.49 15.22 -1.81
CA SER F 26 41.76 15.79 -1.38
C SER F 26 41.86 16.02 0.13
N ARG F 27 40.76 16.23 0.87
CA ARG F 27 40.81 16.14 2.35
C ARG F 27 41.07 14.72 2.86
N ASN F 28 40.70 13.68 2.12
CA ASN F 28 40.90 12.29 2.53
C ASN F 28 42.25 11.68 2.09
N ALA F 29 42.86 12.11 0.99
CA ALA F 29 44.15 11.61 0.54
C ALA F 29 45.28 11.83 1.57
N LYS F 30 46.32 10.99 1.54
CA LYS F 30 47.51 11.09 2.41
C LYS F 30 48.33 12.34 2.10
N LYS F 31 48.93 12.97 3.12
CA LYS F 31 49.73 14.20 2.96
C LYS F 31 51.22 13.93 3.13
N PHE F 32 52.04 14.60 2.33
CA PHE F 32 53.49 14.58 2.44
C PHE F 32 54.08 15.97 2.25
N ARG F 33 55.11 16.33 3.01
CA ARG F 33 55.84 17.61 2.90
C ARG F 33 57.33 17.30 2.78
N PRO F 34 57.87 17.19 1.55
CA PRO F 34 59.20 16.61 1.32
C PRO F 34 60.41 17.39 1.85
N GLY F 35 60.26 18.64 2.24
CA GLY F 35 61.37 19.54 2.60
C GLY F 35 61.86 20.35 1.40
N ASP F 36 61.95 21.66 1.56
CA ASP F 36 62.07 22.60 0.43
C ASP F 36 63.46 22.57 -0.23
N THR F 37 64.54 22.63 0.55
CA THR F 37 65.91 22.58 0.02
C THR F 37 66.15 21.26 -0.71
N ALA F 38 65.66 20.15 -0.15
CA ALA F 38 65.76 18.84 -0.78
C ALA F 38 65.05 18.80 -2.13
N MET F 39 63.82 19.29 -2.24
CA MET F 39 63.14 19.35 -3.53
C MET F 39 63.77 20.32 -4.50
N GLN F 40 64.32 21.45 -4.05
CA GLN F 40 65.05 22.36 -4.93
C GLN F 40 66.27 21.64 -5.52
N ARG F 41 67.09 21.02 -4.68
CA ARG F 41 68.27 20.27 -5.11
C ARG F 41 67.91 19.09 -5.99
N ALA F 42 66.79 18.41 -5.76
CA ALA F 42 66.33 17.31 -6.58
C ALA F 42 65.65 17.72 -7.89
N GLY F 43 65.29 19.00 -8.06
CA GLY F 43 64.54 19.47 -9.22
C GLY F 43 63.07 19.03 -9.20
N ASP F 44 62.44 19.07 -8.02
CA ASP F 44 61.00 18.81 -7.78
C ASP F 44 60.49 17.38 -8.05
N VAL F 45 61.38 16.39 -8.23
CA VAL F 45 61.07 14.95 -8.27
C VAL F 45 61.68 14.24 -7.07
N LEU F 46 61.01 13.24 -6.52
CA LEU F 46 61.63 12.27 -5.62
C LEU F 46 61.18 10.85 -5.92
N TYR F 47 61.89 9.87 -5.37
CA TYR F 47 61.71 8.46 -5.64
C TYR F 47 61.61 7.66 -4.36
N ARG F 48 60.65 6.73 -4.30
CA ARG F 48 60.51 5.76 -3.22
C ARG F 48 60.62 4.34 -3.77
N PRO F 49 61.27 3.41 -3.05
CA PRO F 49 61.46 2.05 -3.50
C PRO F 49 60.21 1.18 -3.39
N GLN F 50 60.18 0.10 -4.15
CA GLN F 50 59.21 -0.99 -4.01
C GLN F 50 59.90 -2.24 -3.44
N HIS F 51 59.16 -3.11 -2.75
CA HIS F 51 59.70 -4.36 -2.18
C HIS F 51 60.27 -5.31 -3.23
N TYR F 52 61.22 -6.17 -2.83
CA TYR F 52 61.71 -7.25 -3.68
C TYR F 52 60.70 -8.39 -3.76
N HIS F 53 60.73 -9.13 -4.87
CA HIS F 53 60.00 -10.38 -5.07
C HIS F 53 60.99 -11.46 -5.51
N MET F 54 60.76 -12.71 -5.14
CA MET F 54 61.72 -13.81 -5.30
C MET F 54 61.14 -14.95 -6.13
N ASN F 55 61.96 -15.62 -6.94
CA ASN F 55 61.59 -16.92 -7.52
C ASN F 55 61.56 -18.05 -6.49
N ILE F 56 60.75 -19.08 -6.71
CA ILE F 56 60.83 -20.38 -6.02
C ILE F 56 61.61 -21.36 -6.89
N GLU F 57 62.54 -22.11 -6.29
CA GLU F 57 63.27 -23.21 -6.92
C GLU F 57 63.08 -24.51 -6.16
N GLU F 58 63.08 -25.63 -6.85
CA GLU F 58 62.64 -26.92 -6.30
C GLU F 58 63.73 -28.00 -6.35
N GLY F 59 63.79 -28.83 -5.31
CA GLY F 59 64.75 -29.93 -5.17
C GLY F 59 65.80 -29.71 -4.10
N LEU F 60 66.65 -30.71 -3.86
CA LEU F 60 67.77 -30.59 -2.93
C LEU F 60 69.01 -30.00 -3.59
N ASP F 61 69.42 -30.52 -4.74
CA ASP F 61 70.57 -30.03 -5.50
C ASP F 61 70.17 -28.87 -6.41
N LEU F 62 70.60 -27.65 -6.08
CA LEU F 62 70.29 -26.44 -6.84
C LEU F 62 71.43 -25.98 -7.75
N SER F 63 72.48 -26.77 -7.96
CA SER F 63 73.66 -26.35 -8.71
C SER F 63 73.37 -25.92 -10.16
N SER F 64 72.31 -26.42 -10.77
CA SER F 64 71.86 -26.05 -12.12
C SER F 64 70.95 -24.82 -12.17
N LYS F 65 70.39 -24.37 -11.04
CA LYS F 65 69.43 -23.26 -10.96
C LYS F 65 70.12 -21.89 -10.95
N THR F 66 69.42 -20.87 -11.42
CA THR F 66 69.88 -19.48 -11.46
C THR F 66 69.31 -18.71 -10.26
N PRO F 67 70.12 -18.00 -9.45
CA PRO F 67 69.60 -17.18 -8.36
C PRO F 67 68.62 -16.11 -8.83
N THR F 68 67.67 -15.71 -7.98
CA THR F 68 66.76 -14.61 -8.30
C THR F 68 67.56 -13.32 -8.37
N ALA F 69 67.51 -12.62 -9.50
CA ALA F 69 68.13 -11.30 -9.62
C ALA F 69 67.33 -10.30 -8.79
N LEU F 70 67.95 -9.64 -7.81
CA LEU F 70 67.30 -8.55 -7.10
C LEU F 70 67.16 -7.36 -8.04
N VAL F 71 65.95 -6.84 -8.20
CA VAL F 71 65.68 -5.63 -8.98
C VAL F 71 65.10 -4.57 -8.07
N GLN F 72 65.83 -3.47 -7.91
CA GLN F 72 65.48 -2.37 -7.01
C GLN F 72 64.67 -1.30 -7.74
N ARG F 73 63.38 -1.57 -7.91
CA ARG F 73 62.39 -0.68 -8.51
C ARG F 73 62.17 0.58 -7.67
N LEU F 74 62.02 1.72 -8.32
CA LEU F 74 61.68 3.02 -7.72
C LEU F 74 60.47 3.62 -8.43
N VAL F 75 59.53 4.24 -7.72
CA VAL F 75 58.42 4.99 -8.34
C VAL F 75 58.60 6.50 -8.14
N PRO F 76 58.51 7.32 -9.21
CA PRO F 76 58.65 8.76 -9.09
C PRO F 76 57.39 9.42 -8.52
N SER F 77 57.59 10.47 -7.74
CA SER F 77 56.55 11.42 -7.34
C SER F 77 57.07 12.84 -7.57
N VAL F 78 56.26 13.72 -8.14
CA VAL F 78 56.74 14.99 -8.71
C VAL F 78 55.73 16.12 -8.50
N PHE F 79 56.18 17.33 -8.21
CA PHE F 79 55.30 18.51 -8.18
C PHE F 79 54.80 18.88 -9.58
N LYS F 80 53.58 19.39 -9.68
CA LYS F 80 53.07 20.04 -10.90
C LYS F 80 53.72 21.42 -11.08
N GLU F 81 53.43 22.12 -12.16
CA GLU F 81 53.68 23.56 -12.21
C GLU F 81 52.94 24.27 -11.08
N PRO F 82 53.42 25.42 -10.56
CA PRO F 82 52.66 26.22 -9.62
C PRO F 82 51.31 26.63 -10.23
N LYS F 83 50.26 26.62 -9.42
CA LYS F 83 48.92 27.11 -9.80
C LYS F 83 48.75 28.47 -9.16
N ASN F 84 48.27 29.44 -9.93
CA ASN F 84 48.24 30.84 -9.57
C ASN F 84 46.92 31.49 -9.92
N ILE F 85 46.64 32.62 -9.28
CA ILE F 85 45.57 33.54 -9.64
C ILE F 85 46.14 34.95 -9.59
N LEU F 86 45.77 35.80 -10.55
CA LEU F 86 46.21 37.19 -10.63
C LEU F 86 45.01 38.12 -10.77
N TYR F 87 44.99 39.24 -10.07
CA TYR F 87 44.09 40.36 -10.35
C TYR F 87 44.79 41.70 -10.06
N THR F 88 44.24 42.80 -10.56
CA THR F 88 44.79 44.15 -10.33
C THR F 88 43.70 45.13 -9.97
N LEU F 89 44.01 46.11 -9.12
CA LEU F 89 43.12 47.21 -8.77
C LEU F 89 43.90 48.52 -8.89
N ASP F 90 43.31 49.54 -9.49
CA ASP F 90 43.90 50.87 -9.47
C ASP F 90 43.57 51.64 -8.18
N ALA F 91 44.23 52.78 -7.97
CA ALA F 91 44.09 53.57 -6.77
C ALA F 91 42.69 54.19 -6.57
N ARG F 92 41.85 54.27 -7.61
CA ARG F 92 40.44 54.60 -7.49
C ARG F 92 39.64 53.38 -7.06
N GLU F 93 39.82 52.25 -7.72
CA GLU F 93 39.14 50.99 -7.44
C GLU F 93 39.39 50.48 -6.02
N MET F 94 40.59 50.68 -5.49
CA MET F 94 40.97 50.32 -4.12
C MET F 94 40.31 51.16 -3.02
N ARG F 95 39.56 52.23 -3.36
CA ARG F 95 38.78 52.98 -2.36
C ARG F 95 37.60 52.16 -1.82
N ASP F 96 37.13 51.17 -2.56
CA ASP F 96 36.13 50.20 -2.10
C ASP F 96 36.82 48.88 -1.67
N PRO F 97 36.93 48.59 -0.36
CA PRO F 97 37.62 47.40 0.12
C PRO F 97 36.91 46.07 -0.19
N GLU F 98 35.65 46.05 -0.65
CA GLU F 98 35.04 44.80 -1.07
C GLU F 98 35.73 44.20 -2.29
N HIS F 99 36.32 44.99 -3.17
CA HIS F 99 37.03 44.45 -4.32
C HIS F 99 38.19 43.53 -3.90
N LYS F 100 39.06 44.00 -3.01
CA LYS F 100 40.16 43.21 -2.47
C LYS F 100 39.66 42.06 -1.61
N THR F 101 38.60 42.27 -0.83
CA THR F 101 38.01 41.23 0.04
C THR F 101 37.44 40.08 -0.78
N GLU F 102 36.56 40.37 -1.73
CA GLU F 102 35.86 39.37 -2.52
C GLU F 102 36.80 38.68 -3.52
N ALA F 103 37.73 39.40 -4.14
CA ALA F 103 38.72 38.78 -5.02
C ALA F 103 39.71 37.89 -4.24
N GLY F 104 40.08 38.27 -3.02
CA GLY F 104 40.91 37.42 -2.16
C GLY F 104 40.18 36.15 -1.71
N ARG F 105 38.91 36.27 -1.32
CA ARG F 105 38.05 35.12 -0.99
C ARG F 105 37.88 34.18 -2.18
N ALA F 106 37.53 34.71 -3.35
CA ALA F 106 37.34 33.94 -4.56
C ALA F 106 38.61 33.22 -5.00
N ALA F 107 39.77 33.88 -4.94
CA ALA F 107 41.05 33.28 -5.31
C ALA F 107 41.46 32.14 -4.37
N GLY F 108 41.34 32.33 -3.05
CA GLY F 108 41.69 31.29 -2.08
C GLY F 108 40.89 30.00 -2.29
N MET F 109 39.59 30.11 -2.51
CA MET F 109 38.76 28.92 -2.73
C MET F 109 38.95 28.30 -4.11
N ARG F 110 39.20 29.09 -5.16
CA ARG F 110 39.41 28.56 -6.52
C ARG F 110 40.69 27.75 -6.65
N LEU F 111 41.75 28.10 -5.92
CA LEU F 111 42.97 27.29 -5.84
C LEU F 111 42.74 26.03 -5.05
N ALA F 112 42.13 26.09 -3.86
CA ALA F 112 41.82 24.91 -3.07
C ALA F 112 41.00 23.90 -3.85
N ALA F 113 39.97 24.35 -4.57
CA ALA F 113 39.15 23.50 -5.41
C ALA F 113 39.93 22.88 -6.57
N GLN F 114 40.96 23.54 -7.12
CA GLN F 114 41.77 22.96 -8.19
C GLN F 114 42.60 21.77 -7.72
N ILE F 115 43.07 21.78 -6.48
CA ILE F 115 43.80 20.64 -5.91
C ILE F 115 42.91 19.40 -5.92
N ASP F 116 41.62 19.55 -5.62
CA ASP F 116 40.67 18.45 -5.68
C ASP F 116 40.49 17.93 -7.12
N SER F 117 40.27 18.80 -8.10
CA SER F 117 40.10 18.41 -9.49
C SER F 117 41.32 17.69 -10.07
N ASP F 118 42.52 18.16 -9.75
CA ASP F 118 43.75 17.54 -10.21
C ASP F 118 43.94 16.15 -9.61
N LEU F 119 43.71 16.00 -8.30
CA LEU F 119 43.79 14.70 -7.66
C LEU F 119 42.74 13.73 -8.19
N ILE F 120 41.50 14.16 -8.36
CA ILE F 120 40.43 13.34 -8.93
C ILE F 120 40.77 12.92 -10.34
N SER F 121 41.33 13.80 -11.17
CA SER F 121 41.76 13.45 -12.53
C SER F 121 42.91 12.44 -12.50
N MET F 122 43.87 12.62 -11.60
CA MET F 122 45.01 11.72 -11.40
C MET F 122 44.55 10.31 -11.01
N VAL F 123 43.75 10.17 -9.96
CA VAL F 123 43.22 8.87 -9.52
C VAL F 123 42.38 8.21 -10.60
N THR F 124 41.51 8.97 -11.26
CA THR F 124 40.64 8.44 -12.33
C THR F 124 41.44 7.89 -13.51
N GLN F 125 42.54 8.55 -13.88
CA GLN F 125 43.36 8.16 -15.02
C GLN F 125 44.26 6.95 -14.70
N ARG F 126 44.79 6.87 -13.48
CA ARG F 126 45.80 5.86 -13.10
C ARG F 126 45.23 4.59 -12.50
N ALA F 127 44.07 4.59 -11.85
CA ALA F 127 43.56 3.41 -11.16
C ALA F 127 43.38 2.20 -12.09
N THR F 128 43.97 1.05 -11.75
CA THR F 128 44.04 -0.10 -12.67
C THR F 128 42.98 -1.18 -12.44
N ASN F 129 42.32 -1.24 -11.29
CA ASN F 129 41.17 -2.13 -11.12
C ASN F 129 39.92 -1.42 -11.64
N VAL F 130 39.26 -1.91 -12.68
CA VAL F 130 38.06 -1.26 -13.24
C VAL F 130 36.93 -2.25 -13.43
N ILE F 131 35.74 -1.89 -12.96
CA ILE F 131 34.52 -2.69 -13.13
C ILE F 131 33.44 -1.79 -13.74
N THR F 132 32.64 -2.36 -14.64
CA THR F 132 31.61 -1.61 -15.36
C THR F 132 30.27 -2.33 -15.34
N MET F 133 29.19 -1.58 -15.43
CA MET F 133 27.83 -2.12 -15.52
C MET F 133 26.97 -1.24 -16.42
N ALA F 134 26.00 -1.81 -17.13
CA ALA F 134 24.95 -1.04 -17.80
C ALA F 134 23.97 -0.47 -16.78
N ASP F 135 23.31 0.64 -17.08
CA ASP F 135 22.23 1.14 -16.22
C ASP F 135 21.07 0.14 -16.23
N SER F 136 20.65 -0.33 -15.05
CA SER F 136 19.61 -1.33 -14.93
C SER F 136 18.24 -0.81 -15.37
N THR F 137 17.56 -1.56 -16.23
CA THR F 137 16.19 -1.29 -16.67
C THR F 137 15.16 -1.75 -15.64
N ALA F 138 15.46 -2.83 -14.93
CA ALA F 138 14.77 -3.27 -13.71
C ALA F 138 15.15 -2.41 -12.49
N GLY F 139 14.77 -2.84 -11.29
CA GLY F 139 15.04 -2.14 -10.04
C GLY F 139 16.46 -2.28 -9.48
N THR F 140 17.43 -2.82 -10.23
CA THR F 140 18.73 -3.25 -9.68
C THR F 140 19.85 -2.23 -9.74
N GLN F 141 19.61 -0.96 -10.09
CA GLN F 141 20.55 0.11 -9.68
C GLN F 141 20.76 0.04 -8.16
N GLY F 142 21.93 0.44 -7.66
CA GLY F 142 22.26 0.35 -6.24
C GLY F 142 22.59 -1.07 -5.78
N ARG F 143 21.79 -2.06 -6.16
CA ARG F 143 22.11 -3.49 -5.96
C ARG F 143 23.31 -3.90 -6.80
N ASP F 144 23.30 -3.57 -8.08
CA ASP F 144 24.42 -3.79 -8.99
C ASP F 144 25.63 -2.93 -8.65
N LEU F 145 25.46 -1.68 -8.21
CA LEU F 145 26.57 -0.84 -7.78
C LEU F 145 27.24 -1.38 -6.53
N TRP F 146 26.49 -1.95 -5.58
CA TRP F 146 27.08 -2.61 -4.43
C TRP F 146 27.92 -3.81 -4.87
N ASN F 147 27.40 -4.66 -5.77
CA ASN F 147 28.18 -5.80 -6.23
C ASN F 147 29.36 -5.41 -7.11
N CYS F 148 29.32 -4.25 -7.78
CA CYS F 148 30.50 -3.67 -8.42
C CYS F 148 31.55 -3.19 -7.41
N ALA F 149 31.19 -2.40 -6.41
CA ALA F 149 32.11 -1.97 -5.36
C ALA F 149 32.73 -3.15 -4.63
N ALA F 150 31.91 -4.14 -4.25
CA ALA F 150 32.40 -5.35 -3.65
C ALA F 150 33.29 -6.17 -4.61
N GLY F 151 33.02 -6.12 -5.92
CA GLY F 151 33.91 -6.64 -6.96
C GLY F 151 35.26 -5.95 -6.99
N ILE F 152 35.36 -4.66 -6.71
CA ILE F 152 36.65 -3.96 -6.59
C ILE F 152 37.42 -4.49 -5.39
N ASP F 153 36.81 -4.63 -4.22
CA ASP F 153 37.50 -5.20 -3.06
C ASP F 153 37.88 -6.67 -3.26
N ALA F 154 37.02 -7.46 -3.91
CA ALA F 154 37.32 -8.83 -4.28
C ALA F 154 38.52 -8.89 -5.24
N THR F 155 38.61 -7.96 -6.19
CA THR F 155 39.76 -7.87 -7.12
C THR F 155 41.02 -7.45 -6.40
N MET F 156 40.96 -6.44 -5.53
CA MET F 156 42.08 -6.05 -4.66
C MET F 156 42.56 -7.24 -3.84
N THR F 157 41.66 -8.00 -3.23
CA THR F 157 41.99 -9.17 -2.42
C THR F 157 42.60 -10.28 -3.25
N ALA F 158 42.05 -10.58 -4.42
CA ALA F 158 42.56 -11.62 -5.30
C ALA F 158 43.97 -11.33 -5.82
N ILE F 159 44.30 -10.06 -6.12
CA ILE F 159 45.66 -9.67 -6.51
C ILE F 159 46.61 -9.52 -5.32
N GLY F 160 46.15 -9.58 -4.08
CA GLY F 160 47.00 -9.61 -2.88
C GLY F 160 47.16 -8.27 -2.17
N VAL F 161 46.33 -7.27 -2.43
CA VAL F 161 46.27 -6.08 -1.57
C VAL F 161 45.84 -6.54 -0.17
N PRO F 162 46.50 -6.12 0.92
CA PRO F 162 46.16 -6.54 2.27
C PRO F 162 44.69 -6.36 2.63
N GLN F 163 44.12 -7.30 3.37
CA GLN F 163 42.70 -7.24 3.76
C GLN F 163 42.47 -6.34 4.97
N GLY F 164 43.48 -6.11 5.80
CA GLY F 164 43.35 -5.34 7.05
C GLY F 164 43.43 -3.83 6.90
N ILE F 165 44.01 -3.33 5.80
CA ILE F 165 44.19 -1.90 5.58
C ILE F 165 42.87 -1.21 5.22
N ASN F 166 42.69 -0.01 5.76
CA ASN F 166 41.48 0.80 5.61
C ASN F 166 41.21 1.18 4.15
N ARG F 167 39.95 1.38 3.82
CA ARG F 167 39.43 1.51 2.45
C ARG F 167 38.43 2.63 2.37
N ARG F 168 38.48 3.43 1.29
CA ARG F 168 37.62 4.59 1.05
C ARG F 168 37.00 4.52 -0.33
N SER F 169 35.78 5.01 -0.47
CA SER F 169 35.06 5.09 -1.75
C SER F 169 34.43 6.46 -1.91
N PHE F 170 34.52 7.02 -3.11
CA PHE F 170 34.09 8.37 -3.46
C PHE F 170 33.18 8.29 -4.67
N TRP F 171 31.89 8.30 -4.41
CA TRP F 171 30.86 8.13 -5.41
C TRP F 171 30.52 9.48 -6.04
N ASN F 172 30.31 9.52 -7.36
CA ASN F 172 29.72 10.71 -7.97
C ASN F 172 28.29 10.89 -7.45
N PRO F 173 27.69 12.10 -7.52
CA PRO F 173 26.43 12.35 -6.83
C PRO F 173 25.29 11.47 -7.35
N PHE F 174 25.30 11.10 -8.63
CA PHE F 174 24.28 10.29 -9.25
C PHE F 174 24.32 8.84 -8.74
N ASN F 175 25.47 8.18 -8.76
CA ASN F 175 25.55 6.80 -8.29
C ASN F 175 25.47 6.70 -6.76
N TYR F 176 25.85 7.73 -6.01
CA TYR F 176 25.57 7.77 -4.58
C TYR F 176 24.06 7.76 -4.30
N LYS F 177 23.28 8.52 -5.09
CA LYS F 177 21.81 8.54 -5.03
C LYS F 177 21.18 7.21 -5.43
N ASP F 178 21.78 6.46 -6.35
CA ASP F 178 21.33 5.11 -6.70
C ASP F 178 21.49 4.12 -5.55
N LEU F 179 22.55 4.22 -4.74
CA LEU F 179 22.74 3.37 -3.56
C LEU F 179 21.72 3.68 -2.47
N ALA F 180 21.51 4.96 -2.15
CA ALA F 180 20.47 5.37 -1.22
C ALA F 180 19.06 4.98 -1.72
N GLY F 181 18.83 5.00 -3.03
CA GLY F 181 17.61 4.54 -3.66
C GLY F 181 17.33 3.05 -3.48
N GLU F 182 18.35 2.22 -3.25
CA GLU F 182 18.17 0.82 -2.87
C GLU F 182 17.89 0.72 -1.37
N LEU F 183 18.84 1.18 -0.54
CA LEU F 183 18.79 1.01 0.90
C LEU F 183 17.56 1.67 1.54
N GLY F 184 17.07 2.78 0.98
CA GLY F 184 15.92 3.50 1.48
C GLY F 184 14.56 2.90 1.11
N HIS F 185 14.51 2.06 0.08
CA HIS F 185 13.27 1.46 -0.44
C HIS F 185 13.05 0.03 0.04
N ARG F 186 13.76 -0.38 1.10
CA ARG F 186 13.57 -1.67 1.76
C ARG F 186 12.31 -1.69 2.62
N ALA F 187 11.78 -2.88 2.85
CA ALA F 187 10.51 -3.10 3.53
C ALA F 187 10.52 -2.67 5.00
N TYR F 188 11.55 -2.98 5.79
CA TYR F 188 11.60 -2.52 7.18
C TYR F 188 12.06 -1.05 7.24
N ALA F 189 11.14 -0.09 7.05
CA ALA F 189 11.46 1.32 6.93
C ALA F 189 11.79 2.00 8.27
N GLN F 190 12.95 1.67 8.83
CA GLN F 190 13.49 2.15 10.10
C GLN F 190 15.03 2.16 10.04
N GLY F 191 15.72 2.87 10.93
CA GLY F 191 17.18 2.86 11.01
C GLY F 191 17.85 3.35 9.74
N ALA F 192 18.90 2.66 9.27
CA ALA F 192 19.65 3.05 8.08
C ALA F 192 18.77 3.19 6.82
N THR F 193 17.73 2.38 6.66
CA THR F 193 16.77 2.53 5.57
C THR F 193 16.02 3.85 5.65
N LEU F 194 15.62 4.27 6.85
CA LEU F 194 14.89 5.51 7.02
C LEU F 194 15.79 6.72 6.76
N THR F 195 17.05 6.68 7.22
CA THR F 195 18.06 7.69 6.89
C THR F 195 18.33 7.79 5.39
N ALA F 196 18.47 6.66 4.71
CA ALA F 196 18.69 6.65 3.27
C ALA F 196 17.48 7.17 2.49
N TYR F 197 16.26 6.88 2.92
CA TYR F 197 15.06 7.42 2.31
C TYR F 197 14.92 8.93 2.52
N GLU F 198 15.08 9.38 3.76
CA GLU F 198 14.81 10.76 4.15
C GLU F 198 15.85 11.72 3.64
N LYS F 199 17.14 11.39 3.78
CA LYS F 199 18.25 12.31 3.49
C LYS F 199 19.25 11.82 2.46
N ALA F 200 18.96 10.72 1.78
CA ALA F 200 19.79 10.15 0.71
C ALA F 200 21.24 9.83 1.12
N GLN F 201 21.56 9.79 2.42
CA GLN F 201 22.85 9.37 2.95
C GLN F 201 22.93 7.84 3.05
N ILE F 202 24.13 7.26 2.97
CA ILE F 202 24.35 5.82 3.10
C ILE F 202 25.44 5.51 4.13
N PRO F 203 25.39 4.36 4.82
CA PRO F 203 26.47 3.86 5.66
C PRO F 203 27.67 3.42 4.81
N PRO F 204 28.77 2.89 5.39
CA PRO F 204 29.83 2.24 4.62
C PRO F 204 29.29 1.22 3.62
N VAL F 205 29.98 0.98 2.52
CA VAL F 205 29.51 0.10 1.44
C VAL F 205 30.60 -0.90 1.10
N ALA F 206 30.28 -2.19 1.11
CA ALA F 206 31.14 -3.23 0.55
C ALA F 206 32.59 -3.22 1.08
N SER F 207 32.76 -2.95 2.38
CA SER F 207 34.00 -2.72 3.14
C SER F 207 34.61 -1.32 3.06
N PHE F 208 34.23 -0.48 2.11
CA PHE F 208 34.75 0.88 2.01
C PHE F 208 33.98 1.84 2.91
N ASP F 209 34.65 2.82 3.51
CA ASP F 209 33.98 4.07 3.89
C ASP F 209 33.34 4.68 2.65
N SER F 210 32.16 5.27 2.78
CA SER F 210 31.44 5.88 1.67
C SER F 210 31.45 7.40 1.83
N TYR F 211 31.84 8.07 0.76
CA TYR F 211 31.86 9.52 0.62
C TYR F 211 31.19 9.88 -0.70
N LYS F 212 30.53 11.04 -0.75
CA LYS F 212 29.99 11.63 -1.98
C LYS F 212 30.93 12.73 -2.44
N THR F 213 31.35 12.70 -3.70
CA THR F 213 32.18 13.75 -4.28
C THR F 213 31.36 14.57 -5.27
N ASP F 214 31.37 15.89 -5.15
CA ASP F 214 30.65 16.80 -6.05
C ASP F 214 31.34 16.91 -7.41
N ILE F 215 32.66 17.08 -7.42
CA ILE F 215 33.52 16.90 -8.59
C ILE F 215 33.71 15.40 -8.81
N SER F 216 33.73 14.93 -10.04
CA SER F 216 34.07 13.52 -10.35
C SER F 216 34.77 13.41 -11.70
N GLY F 217 35.67 12.44 -11.85
CA GLY F 217 36.40 12.21 -13.10
C GLY F 217 35.55 11.47 -14.12
N ARG F 218 35.92 11.52 -15.40
CA ARG F 218 35.18 10.85 -16.49
C ARG F 218 36.08 10.07 -17.41
N LEU F 219 35.65 8.87 -17.81
CA LEU F 219 36.25 8.14 -18.91
C LEU F 219 35.56 8.60 -20.21
N PRO F 220 36.29 8.78 -21.31
CA PRO F 220 35.70 9.23 -22.57
C PRO F 220 34.83 8.16 -23.22
N LYS F 221 34.08 8.51 -24.26
CA LYS F 221 33.43 7.52 -25.12
C LYS F 221 34.51 6.76 -25.90
N GLY F 222 34.74 5.51 -25.55
CA GLY F 222 35.72 4.64 -26.17
C GLY F 222 35.42 4.35 -27.64
N SER F 223 36.44 3.97 -28.40
CA SER F 223 36.31 3.68 -29.84
C SER F 223 35.41 2.48 -30.13
N THR F 224 34.66 2.54 -31.24
CA THR F 224 33.90 1.40 -31.78
C THR F 224 34.73 0.51 -32.71
N GLU F 225 36.00 0.83 -32.97
CA GLU F 225 36.89 0.02 -33.82
C GLU F 225 37.25 -1.32 -33.18
N SER F 226 37.41 -2.36 -34.01
CA SER F 226 37.86 -3.69 -33.58
C SER F 226 39.38 -3.75 -33.49
N LEU F 227 39.95 -3.05 -32.52
CA LEU F 227 41.40 -2.96 -32.32
C LEU F 227 42.00 -4.29 -31.86
N THR F 228 43.28 -4.51 -32.15
CA THR F 228 44.06 -5.65 -31.67
C THR F 228 45.44 -5.20 -31.24
N VAL F 229 46.10 -5.96 -30.37
CA VAL F 229 47.49 -5.72 -29.99
C VAL F 229 48.42 -6.28 -31.07
N SER F 230 49.32 -5.46 -31.60
CA SER F 230 50.31 -5.87 -32.61
C SER F 230 51.54 -6.51 -31.97
N GLY F 231 52.09 -7.54 -32.62
CA GLY F 231 53.11 -8.39 -32.01
C GLY F 231 52.55 -9.13 -30.79
N GLN F 232 53.41 -9.50 -29.85
CA GLN F 232 53.01 -10.14 -28.59
C GLN F 232 53.72 -9.45 -27.42
N PRO F 233 53.25 -8.26 -27.00
CA PRO F 233 53.98 -7.43 -26.06
C PRO F 233 54.23 -8.08 -24.71
N GLU F 234 55.41 -7.85 -24.21
CA GLU F 234 55.94 -8.46 -23.00
C GLU F 234 57.02 -7.52 -22.51
N HIS F 235 56.71 -6.75 -21.48
CA HIS F 235 57.62 -5.78 -20.93
C HIS F 235 58.60 -6.45 -19.96
N LYS F 236 59.69 -5.75 -19.63
CA LYS F 236 60.64 -6.17 -18.61
C LYS F 236 60.78 -5.11 -17.53
N VAL F 237 61.15 -5.54 -16.33
CA VAL F 237 61.36 -4.69 -15.16
C VAL F 237 62.82 -4.28 -15.11
N GLU F 238 63.07 -2.99 -14.89
CA GLU F 238 64.39 -2.37 -14.88
C GLU F 238 64.48 -1.43 -13.68
N ALA F 239 65.60 -1.40 -12.97
CA ALA F 239 65.81 -0.44 -11.89
C ALA F 239 66.12 0.97 -12.44
N LYS F 240 66.97 1.04 -13.47
CA LYS F 240 67.46 2.26 -14.10
C LYS F 240 67.73 2.07 -15.58
N ASP F 241 67.65 3.13 -16.35
CA ASP F 241 67.83 3.11 -17.81
C ASP F 241 69.31 3.16 -18.23
N SER F 242 69.56 3.20 -19.54
CA SER F 242 70.90 3.29 -20.13
C SER F 242 71.66 4.57 -19.76
N ASN F 243 70.98 5.60 -19.24
CA ASN F 243 71.58 6.83 -18.73
C ASN F 243 71.67 6.86 -17.20
N GLY F 244 71.30 5.77 -16.52
CA GLY F 244 71.35 5.64 -15.06
C GLY F 244 70.25 6.40 -14.32
N MET F 245 69.23 6.91 -15.01
CA MET F 245 68.05 7.49 -14.37
C MET F 245 67.07 6.39 -13.97
N PRO F 246 66.32 6.51 -12.87
CA PRO F 246 65.35 5.50 -12.48
C PRO F 246 64.28 5.28 -13.56
N VAL F 247 63.72 4.08 -13.63
CA VAL F 247 62.64 3.72 -14.56
C VAL F 247 61.33 3.56 -13.80
N ASP F 248 60.26 4.20 -14.27
CA ASP F 248 58.91 3.99 -13.72
C ASP F 248 58.31 2.69 -14.25
N ASN F 249 58.27 1.65 -13.43
CA ASN F 249 57.75 0.34 -13.84
C ASN F 249 56.22 0.27 -13.88
N ARG F 250 55.50 1.32 -13.48
CA ARG F 250 54.04 1.40 -13.58
C ARG F 250 53.54 1.56 -15.01
N GLN F 251 54.39 1.88 -15.97
CA GLN F 251 54.02 2.24 -17.35
C GLN F 251 54.82 1.41 -18.36
N GLY F 252 54.25 1.05 -19.49
CA GLY F 252 54.98 0.47 -20.62
C GLY F 252 54.34 0.81 -21.95
N THR F 253 55.00 0.57 -23.07
CA THR F 253 54.49 0.95 -24.39
C THR F 253 54.23 -0.26 -25.27
N ILE F 254 53.13 -0.24 -26.02
CA ILE F 254 52.66 -1.30 -26.91
C ILE F 254 52.27 -0.71 -28.28
N THR F 255 52.14 -1.56 -29.30
CA THR F 255 51.56 -1.18 -30.60
C THR F 255 50.19 -1.81 -30.75
N VAL F 256 49.22 -1.08 -31.29
CA VAL F 256 47.87 -1.57 -31.55
C VAL F 256 47.50 -1.35 -33.02
N SER F 257 46.65 -2.18 -33.60
CA SER F 257 46.51 -2.29 -35.06
C SER F 257 45.92 -1.07 -35.78
N ALA F 258 45.27 -0.15 -35.08
CA ALA F 258 44.75 1.10 -35.64
C ALA F 258 44.65 2.19 -34.55
N SER F 259 44.56 3.45 -34.97
CA SER F 259 44.66 4.63 -34.12
C SER F 259 43.37 4.99 -33.37
N GLY F 260 42.74 4.01 -32.69
CA GLY F 260 41.46 4.20 -32.01
C GLY F 260 41.50 4.55 -30.52
N LEU F 261 42.54 4.14 -29.76
CA LEU F 261 42.59 4.38 -28.31
C LEU F 261 42.77 5.86 -27.95
N GLN F 262 42.35 6.25 -26.74
CA GLN F 262 42.36 7.61 -26.21
C GLN F 262 42.89 7.64 -24.78
N VAL F 263 43.55 8.72 -24.37
CA VAL F 263 44.02 8.89 -22.99
C VAL F 263 42.86 8.77 -22.01
N GLY F 264 43.05 7.99 -20.95
CA GLY F 264 42.03 7.70 -19.95
C GLY F 264 41.16 6.49 -20.25
N ASP F 265 41.23 5.88 -21.44
CA ASP F 265 40.55 4.60 -21.70
C ASP F 265 40.93 3.51 -20.68
N ALA F 266 40.01 2.59 -20.46
CA ALA F 266 40.22 1.35 -19.74
C ALA F 266 39.91 0.20 -20.68
N PHE F 267 40.82 -0.75 -20.86
CA PHE F 267 40.64 -1.86 -21.79
C PHE F 267 41.20 -3.17 -21.24
N THR F 268 40.78 -4.29 -21.79
CA THR F 268 41.34 -5.62 -21.51
C THR F 268 41.82 -6.25 -22.81
N ILE F 269 42.81 -7.14 -22.73
CA ILE F 269 43.35 -7.88 -23.88
C ILE F 269 42.83 -9.32 -23.78
N ALA F 270 42.40 -9.90 -24.89
CA ALA F 270 41.57 -11.11 -24.93
C ALA F 270 42.05 -12.29 -24.04
N GLY F 271 43.36 -12.57 -23.98
CA GLY F 271 43.89 -13.73 -23.27
C GLY F 271 44.49 -13.48 -21.89
N VAL F 272 44.44 -12.25 -21.36
CA VAL F 272 45.36 -11.79 -20.30
C VAL F 272 44.65 -11.56 -18.96
N ASN F 273 44.99 -12.34 -17.93
CA ASN F 273 44.36 -12.30 -16.61
C ASN F 273 45.34 -11.86 -15.54
N SER F 274 44.87 -11.22 -14.48
CA SER F 274 45.72 -10.90 -13.33
C SER F 274 46.17 -12.16 -12.59
N VAL F 275 47.15 -12.01 -11.71
CA VAL F 275 47.62 -13.07 -10.80
C VAL F 275 47.73 -12.51 -9.40
N HIS F 276 47.71 -13.36 -8.39
CA HIS F 276 48.08 -12.94 -7.04
C HIS F 276 49.54 -12.49 -7.04
N GLN F 277 49.81 -11.30 -6.53
CA GLN F 277 51.12 -10.66 -6.69
C GLN F 277 52.25 -11.41 -5.98
N ILE F 278 51.98 -12.21 -4.96
CA ILE F 278 52.99 -13.06 -4.31
C ILE F 278 53.08 -14.42 -5.01
N THR F 279 52.03 -15.24 -5.01
CA THR F 279 52.13 -16.65 -5.46
C THR F 279 52.08 -16.84 -6.97
N LYS F 280 51.68 -15.82 -7.72
CA LYS F 280 51.47 -15.88 -9.18
C LYS F 280 50.38 -16.86 -9.63
N ASP F 281 49.54 -17.32 -8.72
CA ASP F 281 48.32 -18.05 -9.06
C ASP F 281 47.36 -17.10 -9.80
N THR F 282 46.78 -17.53 -10.92
CA THR F 282 45.85 -16.71 -11.69
C THR F 282 44.61 -16.36 -10.88
N THR F 283 44.10 -15.13 -10.99
CA THR F 283 42.79 -14.79 -10.43
C THR F 283 41.65 -15.26 -11.34
N GLY F 284 41.94 -15.64 -12.58
CA GLY F 284 40.94 -15.97 -13.60
C GLY F 284 40.12 -14.78 -14.10
N GLN F 285 40.45 -13.57 -13.67
CA GLN F 285 39.78 -12.32 -14.01
C GLN F 285 40.67 -11.48 -14.94
N PRO F 286 40.18 -10.91 -16.06
CA PRO F 286 41.00 -10.17 -17.00
C PRO F 286 41.75 -9.00 -16.34
N GLN F 287 43.00 -8.76 -16.74
CA GLN F 287 43.72 -7.56 -16.31
C GLN F 287 43.21 -6.35 -17.10
N VAL F 288 42.86 -5.27 -16.41
CA VAL F 288 42.54 -4.00 -17.07
C VAL F 288 43.79 -3.16 -17.22
N PHE F 289 43.95 -2.57 -18.39
CA PHE F 289 45.01 -1.64 -18.75
C PHE F 289 44.43 -0.25 -18.99
N ARG F 290 45.11 0.77 -18.49
CA ARG F 290 44.74 2.19 -18.62
C ARG F 290 45.64 2.87 -19.62
N VAL F 291 45.08 3.60 -20.57
CA VAL F 291 45.86 4.36 -21.56
C VAL F 291 46.35 5.68 -20.97
N LEU F 292 47.66 5.87 -20.86
CA LEU F 292 48.26 7.08 -20.30
C LEU F 292 48.78 8.07 -21.36
N ALA F 293 49.16 7.59 -22.55
CA ALA F 293 49.54 8.42 -23.69
C ALA F 293 49.31 7.68 -25.00
N VAL F 294 49.11 8.41 -26.09
CA VAL F 294 48.86 7.87 -27.43
C VAL F 294 49.66 8.66 -28.46
N SER F 295 50.24 7.96 -29.44
CA SER F 295 50.82 8.58 -30.64
C SER F 295 50.62 7.64 -31.83
N GLY F 296 49.56 7.86 -32.60
CA GLY F 296 49.12 6.94 -33.66
C GLY F 296 48.81 5.55 -33.10
N THR F 297 49.34 4.53 -33.75
CA THR F 297 49.26 3.11 -33.34
C THR F 297 50.09 2.78 -32.09
N THR F 298 50.91 3.68 -31.56
CA THR F 298 51.77 3.42 -30.40
C THR F 298 51.15 3.99 -29.14
N VAL F 299 51.04 3.18 -28.09
CA VAL F 299 50.22 3.48 -26.91
C VAL F 299 51.02 3.19 -25.65
N THR F 300 51.02 4.11 -24.70
CA THR F 300 51.61 3.89 -23.37
C THR F 300 50.50 3.56 -22.40
N ILE F 301 50.68 2.47 -21.66
CA ILE F 301 49.65 1.80 -20.87
C ILE F 301 50.14 1.56 -19.45
N SER F 302 49.21 1.35 -18.53
CA SER F 302 49.50 0.94 -17.16
C SER F 302 48.55 -0.18 -16.74
N PRO F 303 49.01 -1.24 -16.05
CA PRO F 303 50.40 -1.51 -15.69
C PRO F 303 51.22 -1.99 -16.89
N LYS F 304 52.51 -2.32 -16.70
CA LYS F 304 53.29 -3.10 -17.67
C LYS F 304 52.66 -4.48 -17.87
N ILE F 305 52.76 -5.05 -19.06
CA ILE F 305 52.42 -6.46 -19.31
C ILE F 305 53.60 -7.30 -18.87
N LEU F 306 53.56 -7.86 -17.66
CA LEU F 306 54.63 -8.68 -17.10
C LEU F 306 54.14 -10.12 -16.91
N PRO F 307 54.33 -11.02 -17.87
CA PRO F 307 53.82 -12.37 -17.79
C PRO F 307 54.50 -13.20 -16.71
N VAL F 308 53.76 -14.14 -16.11
CA VAL F 308 54.38 -15.33 -15.55
C VAL F 308 55.04 -16.09 -16.71
N GLU F 309 56.24 -16.62 -16.49
CA GLU F 309 57.11 -17.15 -17.58
C GLU F 309 57.50 -16.10 -18.63
N ASN F 310 57.73 -14.85 -18.22
CA ASN F 310 58.32 -13.79 -19.05
C ASN F 310 59.62 -14.27 -19.71
N THR F 311 59.89 -13.90 -20.97
CA THR F 311 61.17 -14.15 -21.63
C THR F 311 62.34 -13.48 -20.90
N ASP F 312 62.13 -12.31 -20.30
CA ASP F 312 63.10 -11.71 -19.38
C ASP F 312 63.04 -12.41 -18.02
N VAL F 313 64.03 -13.24 -17.72
CA VAL F 313 64.04 -14.09 -16.51
C VAL F 313 63.95 -13.26 -15.23
N ALA F 314 64.66 -12.14 -15.14
CA ALA F 314 64.66 -11.28 -13.96
C ALA F 314 63.29 -10.63 -13.67
N SER F 315 62.44 -10.47 -14.68
CA SER F 315 61.09 -9.94 -14.53
C SER F 315 60.07 -10.94 -13.99
N ARG F 316 60.34 -12.24 -14.01
CA ARG F 316 59.40 -13.29 -13.59
C ARG F 316 58.87 -13.12 -12.16
N PRO F 317 59.68 -12.87 -11.12
CA PRO F 317 59.14 -12.58 -9.79
C PRO F 317 58.31 -11.30 -9.71
N TYR F 318 58.37 -10.44 -10.71
CA TYR F 318 57.58 -9.21 -10.80
C TYR F 318 56.37 -9.32 -11.72
N ALA F 319 56.08 -10.51 -12.24
CA ALA F 319 54.92 -10.78 -13.08
C ALA F 319 53.60 -10.36 -12.42
N ASN F 320 52.68 -9.82 -13.22
CA ASN F 320 51.38 -9.33 -12.80
C ASN F 320 50.23 -9.93 -13.62
N VAL F 321 50.51 -10.62 -14.72
CA VAL F 321 49.52 -11.31 -15.55
C VAL F 321 49.93 -12.74 -15.85
N ASP F 322 48.97 -13.60 -16.14
CA ASP F 322 49.20 -15.02 -16.33
C ASP F 322 49.97 -15.36 -17.61
N ALA F 323 49.80 -14.60 -18.70
CA ALA F 323 50.45 -14.84 -19.98
C ALA F 323 50.55 -13.54 -20.80
N LYS F 324 51.50 -13.50 -21.76
CA LYS F 324 51.53 -12.44 -22.76
C LYS F 324 50.35 -12.58 -23.75
N PRO F 325 49.97 -11.52 -24.47
CA PRO F 325 48.95 -11.61 -25.51
C PRO F 325 49.26 -12.67 -26.58
N ALA F 326 48.21 -13.25 -27.16
CA ALA F 326 48.32 -13.97 -28.42
C ALA F 326 48.66 -13.03 -29.59
N GLU F 327 49.06 -13.58 -30.73
CA GLU F 327 49.31 -12.78 -31.93
C GLU F 327 48.01 -12.12 -32.41
N SER F 328 47.99 -10.79 -32.56
CA SER F 328 46.80 -10.00 -32.90
C SER F 328 45.62 -10.19 -31.94
N ALA F 329 45.89 -10.33 -30.64
CA ALA F 329 44.86 -10.44 -29.60
C ALA F 329 43.92 -9.24 -29.60
N ALA F 330 42.61 -9.48 -29.49
CA ALA F 330 41.61 -8.42 -29.51
C ALA F 330 41.68 -7.53 -28.25
N ILE F 331 41.41 -6.24 -28.45
CA ILE F 331 41.28 -5.25 -27.39
C ILE F 331 39.80 -4.99 -27.14
N THR F 332 39.36 -5.10 -25.90
CA THR F 332 37.99 -4.78 -25.48
C THR F 332 38.02 -3.54 -24.60
N ILE F 333 37.43 -2.44 -25.08
CA ILE F 333 37.38 -1.18 -24.34
C ILE F 333 36.17 -1.21 -23.41
N LEU F 334 36.38 -0.97 -22.12
CA LEU F 334 35.35 -1.09 -21.10
C LEU F 334 34.43 0.14 -21.06
N ASN F 335 34.98 1.34 -21.22
CA ASN F 335 34.25 2.59 -21.32
C ASN F 335 33.59 2.75 -22.69
N LYS F 336 32.59 1.92 -23.01
CA LYS F 336 31.80 1.99 -24.25
C LYS F 336 31.08 3.33 -24.42
N ASN F 337 30.62 3.91 -23.30
CA ASN F 337 29.94 5.21 -23.20
C ASN F 337 30.70 6.12 -22.23
N ALA F 338 30.65 7.43 -22.43
CA ALA F 338 31.28 8.36 -21.49
C ALA F 338 30.52 8.37 -20.15
N ALA F 339 31.21 8.28 -19.02
CA ALA F 339 30.56 8.08 -17.72
C ALA F 339 31.36 8.68 -16.56
N PRO F 340 30.71 9.21 -15.50
CA PRO F 340 31.38 9.67 -14.30
C PRO F 340 31.87 8.49 -13.45
N ALA F 341 33.15 8.48 -13.12
CA ALA F 341 33.78 7.46 -12.30
C ALA F 341 33.38 7.59 -10.82
N ASN F 342 33.28 6.44 -10.16
CA ASN F 342 33.28 6.32 -8.71
C ASN F 342 34.65 5.77 -8.32
N LEU F 343 35.33 6.36 -7.36
CA LEU F 343 36.75 6.09 -7.07
C LEU F 343 36.89 5.32 -5.77
N PHE F 344 37.71 4.29 -5.75
CA PHE F 344 37.95 3.43 -4.60
C PHE F 344 39.43 3.36 -4.32
N TRP F 345 39.86 3.39 -3.06
CA TRP F 345 41.24 3.07 -2.73
C TRP F 345 41.38 2.36 -1.40
N ALA F 346 42.44 1.57 -1.29
CA ALA F 346 43.02 1.16 -0.02
C ALA F 346 44.08 2.19 0.38
N ASP F 347 44.11 2.59 1.64
CA ASP F 347 44.93 3.70 2.11
C ASP F 347 46.43 3.49 1.91
N GLY F 348 47.16 4.58 1.69
CA GLY F 348 48.61 4.61 1.49
C GLY F 348 49.07 4.74 0.04
N SER F 349 48.20 4.45 -0.94
CA SER F 349 48.56 4.59 -2.36
C SER F 349 48.39 6.01 -2.90
N VAL F 350 47.33 6.72 -2.51
CA VAL F 350 46.97 8.02 -3.07
C VAL F 350 47.44 9.13 -2.16
N GLU F 351 48.22 10.06 -2.70
CA GLU F 351 48.96 11.05 -1.93
C GLU F 351 48.93 12.44 -2.58
N LEU F 352 48.86 13.48 -1.74
CA LEU F 352 49.21 14.85 -2.09
C LEU F 352 50.51 15.21 -1.41
N MET F 353 51.49 15.66 -2.18
CA MET F 353 52.70 16.27 -1.65
C MET F 353 52.65 17.79 -1.84
N TYR F 354 52.98 18.54 -0.80
CA TYR F 354 52.90 19.99 -0.77
C TYR F 354 54.29 20.63 -0.75
N GLY F 355 54.48 21.64 -1.59
CA GLY F 355 55.64 22.51 -1.57
C GLY F 355 55.31 23.92 -1.07
N LYS F 356 56.32 24.77 -1.05
CA LYS F 356 56.21 26.20 -0.75
C LYS F 356 57.33 26.94 -1.46
N LEU F 357 56.99 27.84 -2.37
CA LEU F 357 57.95 28.67 -3.07
C LEU F 357 58.57 29.71 -2.13
N ALA F 358 59.85 30.02 -2.33
CA ALA F 358 60.60 30.92 -1.46
C ALA F 358 60.37 32.41 -1.81
N PHE F 359 59.13 32.89 -1.70
CA PHE F 359 58.80 34.31 -1.87
C PHE F 359 59.32 35.11 -0.66
N PRO F 360 60.21 36.10 -0.84
CA PRO F 360 60.86 36.80 0.26
C PRO F 360 60.02 37.97 0.80
N THR F 361 59.89 38.07 2.12
CA THR F 361 59.37 39.26 2.80
C THR F 361 60.42 40.37 2.85
N GLY F 362 60.00 41.64 2.91
CA GLY F 362 60.87 42.76 2.55
C GLY F 362 61.16 42.77 1.05
N GLN F 363 62.16 43.54 0.63
CA GLN F 363 62.67 43.58 -0.75
C GLN F 363 61.64 43.76 -1.87
N GLY F 364 60.53 44.45 -1.60
CA GLY F 364 59.55 44.86 -2.61
C GLY F 364 58.11 44.61 -2.14
N PRO F 365 57.37 43.69 -2.77
CA PRO F 365 55.96 43.42 -2.47
C PRO F 365 55.71 42.99 -1.03
N GLN F 366 54.48 43.20 -0.58
CA GLN F 366 53.97 42.56 0.64
C GLN F 366 53.75 41.09 0.35
N VAL F 367 54.22 40.20 1.23
CA VAL F 367 54.06 38.75 1.09
C VAL F 367 53.43 38.18 2.35
N MET F 368 52.42 37.34 2.18
CA MET F 368 51.60 36.73 3.22
C MET F 368 51.33 35.28 2.89
N THR F 369 50.93 34.47 3.87
CA THR F 369 50.65 33.05 3.64
C THR F 369 49.47 32.53 4.46
N ALA F 370 48.79 31.53 3.92
CA ALA F 370 47.61 30.87 4.47
C ALA F 370 47.61 29.41 4.04
N THR F 371 46.70 28.60 4.55
CA THR F 371 46.52 27.21 4.09
C THR F 371 45.10 26.93 3.63
N THR F 372 44.95 26.14 2.56
CA THR F 372 43.65 25.64 2.11
C THR F 372 43.04 24.67 3.12
N GLU F 373 41.79 24.27 2.93
CA GLU F 373 41.12 23.25 3.76
C GLU F 373 41.80 21.88 3.70
N GLN F 374 42.58 21.59 2.66
CA GLN F 374 43.42 20.38 2.58
C GLN F 374 44.81 20.56 3.20
N GLY F 375 45.11 21.70 3.80
CA GLY F 375 46.42 22.01 4.38
C GLY F 375 47.52 22.37 3.38
N ALA F 376 47.19 22.63 2.10
CA ALA F 376 48.15 23.10 1.12
C ALA F 376 48.49 24.57 1.37
N THR F 377 49.73 24.99 1.19
CA THR F 377 50.13 26.39 1.39
C THR F 377 49.68 27.28 0.23
N LEU F 378 49.06 28.42 0.56
CA LEU F 378 48.86 29.58 -0.31
C LEU F 378 49.88 30.65 0.05
N ILE F 379 50.49 31.26 -0.95
CA ILE F 379 51.20 32.53 -0.80
C ILE F 379 50.36 33.59 -1.49
N MET F 380 50.10 34.69 -0.80
CA MET F 380 49.50 35.90 -1.36
C MET F 380 50.57 36.98 -1.40
N SER F 381 50.75 37.66 -2.53
CA SER F 381 51.64 38.82 -2.60
C SER F 381 51.03 39.98 -3.35
N TYR F 382 51.28 41.18 -2.85
CA TYR F 382 50.74 42.44 -3.37
C TYR F 382 51.86 43.40 -3.71
N ALA F 383 51.93 43.87 -4.95
CA ALA F 383 52.92 44.82 -5.41
C ALA F 383 52.23 46.09 -5.92
N PHE F 384 52.56 47.25 -5.36
CA PHE F 384 52.00 48.53 -5.76
C PHE F 384 52.99 49.35 -6.60
N ASP F 385 52.56 49.75 -7.80
CA ASP F 385 53.26 50.69 -8.67
C ASP F 385 52.65 52.07 -8.48
N HIS F 386 53.39 52.98 -7.85
CA HIS F 386 52.88 54.31 -7.49
C HIS F 386 52.87 55.31 -8.64
N ILE F 387 53.50 55.02 -9.78
CA ILE F 387 53.45 55.88 -10.96
C ILE F 387 52.28 55.49 -11.85
N LYS F 388 52.02 54.18 -12.05
CA LYS F 388 50.77 53.73 -12.68
C LYS F 388 49.56 53.86 -11.77
N GLY F 389 49.77 53.84 -10.45
CA GLY F 389 48.73 53.88 -9.44
C GLY F 389 47.95 52.58 -9.34
N VAL F 390 48.61 51.42 -9.45
CA VAL F 390 47.95 50.10 -9.44
C VAL F 390 48.59 49.16 -8.44
N THR F 391 47.79 48.36 -7.75
CA THR F 391 48.27 47.15 -7.08
C THR F 391 48.07 45.96 -8.01
N THR F 392 49.02 45.05 -8.02
CA THR F 392 48.87 43.73 -8.63
C THR F 392 48.93 42.69 -7.52
N ALA F 393 47.95 41.80 -7.47
CA ALA F 393 47.87 40.75 -6.48
C ALA F 393 48.12 39.40 -7.14
N ARG F 394 48.91 38.55 -6.50
CA ARG F 394 49.16 37.17 -6.90
C ARG F 394 48.83 36.23 -5.75
N PHE F 395 48.03 35.21 -6.02
CA PHE F 395 47.81 34.06 -5.16
C PHE F 395 48.50 32.87 -5.81
N THR F 396 49.28 32.09 -5.08
CA THR F 396 50.03 30.97 -5.67
C THR F 396 50.16 29.79 -4.72
N THR F 397 50.23 28.58 -5.28
CA THR F 397 50.39 27.32 -4.53
C THR F 397 51.21 26.31 -5.33
N LEU F 398 51.92 25.42 -4.65
CA LEU F 398 52.73 24.37 -5.24
C LEU F 398 52.40 23.02 -4.60
N TYR F 399 52.05 22.03 -5.42
CA TYR F 399 51.70 20.68 -4.99
C TYR F 399 51.92 19.67 -6.10
N GLY F 400 51.92 18.41 -5.74
CA GLY F 400 51.87 17.28 -6.66
C GLY F 400 50.93 16.23 -6.10
N CYS F 401 50.25 15.51 -6.97
CA CYS F 401 49.39 14.39 -6.59
C CYS F 401 49.87 13.14 -7.30
N SER F 402 49.85 12.00 -6.61
CA SER F 402 50.37 10.75 -7.16
C SER F 402 49.61 9.53 -6.65
N VAL F 403 49.59 8.48 -7.49
CA VAL F 403 49.14 7.13 -7.13
C VAL F 403 50.38 6.25 -7.08
N LEU F 404 50.90 6.00 -5.88
CA LEU F 404 52.12 5.22 -5.69
C LEU F 404 51.95 3.75 -6.05
N VAL F 405 50.72 3.22 -5.92
CA VAL F 405 50.40 1.82 -6.20
C VAL F 405 49.06 1.73 -6.94
N PRO F 406 49.03 1.76 -8.27
CA PRO F 406 47.79 1.76 -9.04
C PRO F 406 46.88 0.53 -8.86
N GLU F 407 47.38 -0.52 -8.23
CA GLU F 407 46.67 -1.73 -7.84
C GLU F 407 45.87 -1.56 -6.55
N TYR F 408 46.25 -0.63 -5.68
CA TYR F 408 45.51 -0.29 -4.45
C TYR F 408 44.31 0.63 -4.74
N THR F 409 44.03 0.92 -6.01
CA THR F 409 43.02 1.87 -6.44
C THR F 409 42.17 1.25 -7.54
N GLY F 410 40.87 1.48 -7.51
CA GLY F 410 39.98 1.09 -8.60
C GLY F 410 38.87 2.07 -8.86
N ILE F 411 38.15 1.87 -9.96
CA ILE F 411 36.95 2.65 -10.29
C ILE F 411 35.78 1.76 -10.71
N VAL F 412 34.58 2.23 -10.44
CA VAL F 412 33.33 1.69 -10.99
C VAL F 412 32.70 2.74 -11.88
N ILE F 413 32.30 2.37 -13.10
CA ILE F 413 31.48 3.22 -13.97
C ILE F 413 30.17 2.52 -14.37
N ALA F 414 29.07 3.25 -14.35
CA ALA F 414 27.77 2.79 -14.86
C ALA F 414 27.51 3.31 -16.28
N GLY F 415 26.42 2.89 -16.92
CA GLY F 415 26.16 3.15 -18.35
C GLY F 415 27.00 2.31 -19.31
N GLN F 416 27.74 1.32 -18.80
CA GLN F 416 28.70 0.46 -19.50
C GLN F 416 29.74 1.25 -20.30
N ALA G 1 -30.64 119.92 2.29
CA ALA G 1 -30.43 118.56 2.83
C ALA G 1 -28.93 118.28 3.02
N ASN G 2 -28.58 117.21 3.74
CA ASN G 2 -27.20 116.94 4.18
C ASN G 2 -26.62 115.56 3.78
N GLN G 3 -27.22 114.88 2.79
CA GLN G 3 -26.59 113.82 1.98
C GLN G 3 -25.96 112.66 2.77
N LEU G 4 -26.74 111.98 3.61
CA LEU G 4 -26.33 110.75 4.29
C LEU G 4 -26.21 109.56 3.33
N ALA G 5 -25.35 108.60 3.65
CA ALA G 5 -25.17 107.37 2.88
C ALA G 5 -26.37 106.41 3.05
N LYS G 6 -26.85 105.84 1.94
CA LYS G 6 -27.88 104.79 1.92
C LYS G 6 -27.25 103.41 2.05
N ASP G 7 -28.01 102.45 2.58
CA ASP G 7 -27.59 101.08 2.84
C ASP G 7 -28.69 100.09 2.40
N LEU G 8 -28.35 98.82 2.19
CA LEU G 8 -29.34 97.76 1.99
C LEU G 8 -29.50 97.00 3.30
N GLU G 9 -30.66 97.13 3.92
CA GLU G 9 -31.03 96.38 5.11
C GLU G 9 -31.77 95.09 4.71
N ILE G 10 -31.04 93.98 4.60
CA ILE G 10 -31.62 92.67 4.28
C ILE G 10 -31.56 91.80 5.52
N MET G 11 -32.71 91.27 5.94
CA MET G 11 -32.82 90.41 7.13
C MET G 11 -32.79 88.94 6.69
N PHE G 12 -31.61 88.43 6.35
CA PHE G 12 -31.46 87.09 5.74
C PHE G 12 -32.00 85.93 6.60
N GLU G 13 -32.11 86.11 7.91
CA GLU G 13 -32.70 85.12 8.84
C GLU G 13 -34.25 85.16 8.87
N ASN G 14 -34.90 86.12 8.22
CA ASN G 14 -36.37 86.24 8.15
C ASN G 14 -36.85 85.98 6.72
N TYR G 15 -37.82 85.09 6.56
CA TYR G 15 -38.37 84.69 5.27
C TYR G 15 -39.86 85.03 5.16
N VAL G 16 -40.29 85.47 3.98
CA VAL G 16 -41.70 85.61 3.59
C VAL G 16 -42.35 84.23 3.51
N GLU G 17 -43.66 84.11 3.78
CA GLU G 17 -44.28 82.81 4.09
C GLU G 17 -44.11 81.72 3.01
N GLY G 18 -44.06 82.09 1.74
CA GLY G 18 -43.94 81.13 0.64
C GLY G 18 -45.14 80.18 0.52
N PHE G 19 -44.95 79.10 -0.24
CA PHE G 19 -45.99 78.14 -0.60
C PHE G 19 -45.63 76.72 -0.17
N GLU G 20 -46.64 75.91 0.09
CA GLU G 20 -46.52 74.57 0.65
C GLU G 20 -47.59 73.64 0.05
N ALA G 21 -47.21 72.41 -0.29
CA ALA G 21 -48.17 71.37 -0.64
C ALA G 21 -48.86 70.84 0.62
N ALA G 22 -50.19 70.76 0.64
CA ALA G 22 -50.95 70.47 1.87
C ALA G 22 -50.59 69.13 2.52
N CYS G 23 -50.25 68.12 1.71
CA CYS G 23 -49.85 66.78 2.12
C CYS G 23 -50.89 66.03 2.98
N VAL G 24 -52.16 66.42 2.95
CA VAL G 24 -53.13 65.88 3.92
C VAL G 24 -53.54 64.45 3.65
N VAL G 25 -53.54 63.95 2.42
CA VAL G 25 -53.79 62.53 2.20
C VAL G 25 -52.62 61.69 2.71
N SER G 26 -51.37 62.09 2.49
CA SER G 26 -50.20 61.47 3.14
C SER G 26 -50.20 61.58 4.66
N ARG G 27 -50.65 62.70 5.21
CA ARG G 27 -50.79 62.90 6.67
C ARG G 27 -51.79 61.94 7.30
N ASN G 28 -52.86 61.61 6.57
CA ASN G 28 -53.94 60.74 7.03
C ASN G 28 -53.79 59.26 6.63
N ALA G 29 -52.97 58.91 5.64
CA ALA G 29 -52.70 57.54 5.24
C ALA G 29 -51.94 56.75 6.32
N LYS G 30 -52.02 55.43 6.29
CA LYS G 30 -51.24 54.53 7.15
C LYS G 30 -49.75 54.62 6.77
N LYS G 31 -48.83 54.65 7.73
CA LYS G 31 -47.38 54.65 7.45
C LYS G 31 -46.73 53.39 7.98
N PHE G 32 -45.82 52.78 7.22
CA PHE G 32 -45.22 51.49 7.54
C PHE G 32 -43.72 51.47 7.20
N ARG G 33 -42.88 50.99 8.12
CA ARG G 33 -41.43 50.83 7.90
C ARG G 33 -41.10 49.33 7.83
N PRO G 34 -41.09 48.71 6.64
CA PRO G 34 -40.98 47.26 6.49
C PRO G 34 -39.63 46.63 6.87
N GLY G 35 -38.56 47.42 7.04
CA GLY G 35 -37.22 46.93 7.41
C GLY G 35 -36.29 46.80 6.21
N ASP G 36 -35.18 47.53 6.22
CA ASP G 36 -34.38 47.81 5.01
C ASP G 36 -33.55 46.63 4.51
N THR G 37 -32.87 45.91 5.38
CA THR G 37 -32.13 44.67 5.02
C THR G 37 -33.07 43.59 4.52
N ALA G 38 -34.25 43.44 5.14
CA ALA G 38 -35.28 42.51 4.70
C ALA G 38 -35.87 42.91 3.34
N MET G 39 -36.19 44.18 3.11
CA MET G 39 -36.68 44.64 1.80
C MET G 39 -35.66 44.48 0.69
N GLN G 40 -34.37 44.68 0.98
CA GLN G 40 -33.32 44.37 0.01
C GLN G 40 -33.32 42.89 -0.34
N ARG G 41 -33.28 42.01 0.66
CA ARG G 41 -33.31 40.56 0.47
C ARG G 41 -34.57 40.09 -0.27
N ALA G 42 -35.71 40.70 -0.01
CA ALA G 42 -36.98 40.44 -0.68
C ALA G 42 -37.09 41.03 -2.09
N GLY G 43 -36.16 41.88 -2.52
CA GLY G 43 -36.17 42.50 -3.85
C GLY G 43 -37.17 43.66 -3.98
N ASP G 44 -37.35 44.44 -2.91
CA ASP G 44 -38.22 45.63 -2.84
C ASP G 44 -39.72 45.38 -3.09
N VAL G 45 -40.18 44.16 -2.80
CA VAL G 45 -41.59 43.75 -2.77
C VAL G 45 -41.87 43.05 -1.45
N LEU G 46 -43.00 43.36 -0.82
CA LEU G 46 -43.45 42.74 0.42
C LEU G 46 -44.85 42.18 0.27
N TYR G 47 -45.17 41.08 0.95
CA TYR G 47 -46.50 40.48 0.96
C TYR G 47 -47.08 40.45 2.37
N ARG G 48 -48.39 40.71 2.49
CA ARG G 48 -49.17 40.53 3.72
C ARG G 48 -50.40 39.66 3.45
N PRO G 49 -50.82 38.83 4.40
CA PRO G 49 -52.00 37.99 4.24
C PRO G 49 -53.30 38.77 4.41
N GLN G 50 -54.33 38.38 3.66
CA GLN G 50 -55.72 38.79 3.91
C GLN G 50 -56.41 37.80 4.86
N HIS G 51 -57.55 38.16 5.43
CA HIS G 51 -58.31 37.27 6.32
C HIS G 51 -58.97 36.09 5.57
N TYR G 52 -59.14 34.97 6.26
CA TYR G 52 -59.96 33.85 5.79
C TYR G 52 -61.46 34.21 5.86
N HIS G 53 -62.27 33.62 4.98
CA HIS G 53 -63.73 33.66 5.06
C HIS G 53 -64.27 32.23 5.18
N MET G 54 -65.36 32.05 5.93
CA MET G 54 -65.86 30.74 6.33
C MET G 54 -67.27 30.49 5.77
N ASN G 55 -67.62 29.22 5.52
CA ASN G 55 -69.01 28.82 5.31
C ASN G 55 -69.75 28.71 6.66
N ILE G 56 -71.08 28.80 6.63
CA ILE G 56 -71.96 28.65 7.79
C ILE G 56 -72.77 27.35 7.65
N GLU G 57 -72.86 26.54 8.71
CA GLU G 57 -73.61 25.28 8.72
C GLU G 57 -74.60 25.21 9.89
N GLU G 58 -75.75 24.57 9.67
CA GLU G 58 -76.88 24.53 10.60
C GLU G 58 -77.11 23.12 11.17
N GLY G 59 -77.46 23.05 12.46
CA GLY G 59 -77.84 21.81 13.16
C GLY G 59 -76.77 21.28 14.11
N LEU G 60 -77.15 20.31 14.94
CA LEU G 60 -76.25 19.66 15.89
C LEU G 60 -75.37 18.59 15.22
N ASP G 61 -75.95 17.72 14.39
CA ASP G 61 -75.21 16.71 13.64
C ASP G 61 -74.68 17.29 12.33
N LEU G 62 -73.36 17.48 12.25
CA LEU G 62 -72.67 18.02 11.07
C LEU G 62 -72.02 16.94 10.20
N SER G 63 -72.25 15.65 10.45
CA SER G 63 -71.52 14.55 9.80
C SER G 63 -71.68 14.48 8.29
N SER G 64 -72.76 15.04 7.73
CA SER G 64 -72.97 15.15 6.28
C SER G 64 -72.30 16.37 5.63
N LYS G 65 -71.82 17.34 6.41
CA LYS G 65 -71.29 18.62 5.92
C LYS G 65 -69.81 18.53 5.52
N THR G 66 -69.37 19.42 4.65
CA THR G 66 -67.98 19.53 4.16
C THR G 66 -67.29 20.74 4.81
N PRO G 67 -66.12 20.60 5.44
CA PRO G 67 -65.39 21.73 6.02
C PRO G 67 -64.98 22.77 4.97
N THR G 68 -64.84 24.03 5.38
CA THR G 68 -64.32 25.11 4.51
C THR G 68 -62.86 24.84 4.14
N ALA G 69 -62.54 24.85 2.85
CA ALA G 69 -61.16 24.91 2.40
C ALA G 69 -60.59 26.31 2.65
N LEU G 70 -59.59 26.44 3.52
CA LEU G 70 -58.91 27.72 3.72
C LEU G 70 -58.08 28.09 2.49
N VAL G 71 -58.28 29.28 1.96
CA VAL G 71 -57.42 29.86 0.90
C VAL G 71 -56.64 31.02 1.52
N GLN G 72 -55.32 30.96 1.49
CA GLN G 72 -54.46 32.01 2.04
C GLN G 72 -54.05 33.01 0.97
N ARG G 73 -54.85 34.06 0.81
CA ARG G 73 -54.61 35.17 -0.12
C ARG G 73 -53.50 36.09 0.41
N LEU G 74 -52.60 36.57 -0.45
CA LEU G 74 -51.58 37.58 -0.13
C LEU G 74 -51.71 38.80 -1.05
N VAL G 75 -51.43 40.00 -0.55
CA VAL G 75 -51.38 41.23 -1.36
C VAL G 75 -49.96 41.82 -1.41
N PRO G 76 -49.41 42.13 -2.60
CA PRO G 76 -48.10 42.76 -2.73
C PRO G 76 -48.13 44.26 -2.47
N SER G 77 -47.03 44.76 -1.90
CA SER G 77 -46.73 46.18 -1.76
C SER G 77 -45.29 46.44 -2.20
N VAL G 78 -45.04 47.50 -2.96
CA VAL G 78 -43.77 47.70 -3.69
C VAL G 78 -43.21 49.11 -3.47
N PHE G 79 -41.90 49.26 -3.38
CA PHE G 79 -41.29 50.59 -3.45
C PHE G 79 -41.28 51.12 -4.90
N LYS G 80 -41.43 52.44 -5.06
CA LYS G 80 -41.20 53.17 -6.31
C LYS G 80 -39.71 53.46 -6.51
N GLU G 81 -39.33 53.99 -7.67
CA GLU G 81 -37.99 54.55 -7.87
C GLU G 81 -37.73 55.70 -6.87
N PRO G 82 -36.51 55.85 -6.33
CA PRO G 82 -36.20 56.93 -5.40
C PRO G 82 -36.45 58.30 -6.02
N LYS G 83 -36.88 59.28 -5.23
CA LYS G 83 -37.04 60.67 -5.67
C LYS G 83 -36.01 61.57 -5.02
N ASN G 84 -35.48 62.52 -5.79
CA ASN G 84 -34.26 63.24 -5.49
C ASN G 84 -34.37 64.75 -5.75
N ILE G 85 -33.63 65.53 -4.98
CA ILE G 85 -33.37 66.95 -5.22
C ILE G 85 -31.85 67.17 -5.24
N LEU G 86 -31.36 67.98 -6.17
CA LEU G 86 -29.94 68.31 -6.32
C LEU G 86 -29.72 69.82 -6.34
N TYR G 87 -28.72 70.30 -5.59
CA TYR G 87 -28.26 71.67 -5.65
C TYR G 87 -26.76 71.77 -5.36
N THR G 88 -26.15 72.90 -5.71
CA THR G 88 -24.72 73.15 -5.52
C THR G 88 -24.46 74.44 -4.76
N LEU G 89 -23.40 74.49 -3.96
CA LEU G 89 -22.89 75.71 -3.35
C LEU G 89 -21.39 75.84 -3.56
N ASP G 90 -20.92 77.03 -3.94
CA ASP G 90 -19.50 77.37 -3.98
C ASP G 90 -18.89 77.45 -2.58
N ALA G 91 -17.57 77.32 -2.49
CA ALA G 91 -16.83 77.62 -1.27
C ALA G 91 -17.01 79.08 -0.79
N ARG G 92 -17.32 80.01 -1.70
CA ARG G 92 -17.79 81.37 -1.37
C ARG G 92 -19.14 81.36 -0.70
N GLU G 93 -20.11 80.67 -1.28
CA GLU G 93 -21.50 80.68 -0.85
C GLU G 93 -21.69 79.93 0.47
N MET G 94 -20.96 78.85 0.70
CA MET G 94 -20.96 78.11 1.97
C MET G 94 -20.47 78.92 3.18
N ARG G 95 -20.00 80.16 3.01
CA ARG G 95 -19.72 81.09 4.12
C ARG G 95 -21.00 81.60 4.79
N ASP G 96 -22.15 81.54 4.12
CA ASP G 96 -23.47 81.86 4.67
C ASP G 96 -24.26 80.57 4.97
N PRO G 97 -24.48 80.21 6.25
CA PRO G 97 -25.17 78.97 6.61
C PRO G 97 -26.64 78.92 6.18
N GLU G 98 -27.26 80.06 5.89
CA GLU G 98 -28.68 80.07 5.57
C GLU G 98 -28.97 79.44 4.20
N HIS G 99 -28.04 79.48 3.24
CA HIS G 99 -28.27 78.83 1.93
C HIS G 99 -28.39 77.31 2.06
N LYS G 100 -27.52 76.68 2.85
CA LYS G 100 -27.62 75.25 3.17
C LYS G 100 -28.94 74.95 3.88
N THR G 101 -29.28 75.76 4.88
CA THR G 101 -30.46 75.58 5.73
C THR G 101 -31.75 75.73 4.93
N GLU G 102 -31.89 76.76 4.11
CA GLU G 102 -33.07 76.99 3.30
C GLU G 102 -33.18 76.00 2.14
N ALA G 103 -32.11 75.67 1.43
CA ALA G 103 -32.18 74.66 0.38
C ALA G 103 -32.55 73.28 0.95
N GLY G 104 -32.20 72.98 2.20
CA GLY G 104 -32.68 71.81 2.92
C GLY G 104 -34.19 71.83 3.21
N ARG G 105 -34.74 72.97 3.64
CA ARG G 105 -36.20 73.14 3.78
C ARG G 105 -36.91 72.98 2.44
N ALA G 106 -36.42 73.64 1.39
CA ALA G 106 -37.02 73.61 0.06
C ALA G 106 -37.01 72.20 -0.54
N ALA G 107 -35.91 71.46 -0.40
CA ALA G 107 -35.81 70.08 -0.85
C ALA G 107 -36.78 69.16 -0.10
N GLY G 108 -36.84 69.25 1.23
CA GLY G 108 -37.73 68.43 2.04
C GLY G 108 -39.20 68.63 1.70
N MET G 109 -39.65 69.88 1.53
CA MET G 109 -41.02 70.18 1.13
C MET G 109 -41.34 69.72 -0.30
N ARG G 110 -40.39 69.81 -1.24
CA ARG G 110 -40.64 69.34 -2.61
C ARG G 110 -40.75 67.82 -2.71
N LEU G 111 -39.97 67.08 -1.92
CA LEU G 111 -40.07 65.63 -1.81
C LEU G 111 -41.38 65.19 -1.13
N ALA G 112 -41.78 65.86 -0.05
CA ALA G 112 -43.08 65.62 0.59
C ALA G 112 -44.24 65.78 -0.40
N ALA G 113 -44.23 66.83 -1.21
CA ALA G 113 -45.23 67.06 -2.25
C ALA G 113 -45.27 65.92 -3.29
N GLN G 114 -44.12 65.37 -3.69
CA GLN G 114 -44.10 64.27 -4.67
C GLN G 114 -44.68 62.98 -4.09
N ILE G 115 -44.35 62.64 -2.84
CA ILE G 115 -44.91 61.48 -2.15
C ILE G 115 -46.44 61.55 -2.15
N ASP G 116 -46.98 62.72 -1.81
CA ASP G 116 -48.42 62.95 -1.79
C ASP G 116 -49.05 62.86 -3.19
N SER G 117 -48.40 63.45 -4.20
CA SER G 117 -48.87 63.39 -5.59
C SER G 117 -48.92 61.95 -6.11
N ASP G 118 -47.90 61.14 -5.81
CA ASP G 118 -47.90 59.73 -6.16
C ASP G 118 -49.02 58.97 -5.44
N LEU G 119 -49.16 59.14 -4.12
CA LEU G 119 -50.23 58.50 -3.37
C LEU G 119 -51.63 58.85 -3.89
N ILE G 120 -51.89 60.12 -4.18
CA ILE G 120 -53.16 60.58 -4.76
C ILE G 120 -53.41 59.91 -6.10
N SER G 121 -52.41 59.79 -6.96
CA SER G 121 -52.58 59.11 -8.26
C SER G 121 -52.83 57.61 -8.09
N MET G 122 -52.22 56.97 -7.09
CA MET G 122 -52.44 55.55 -6.77
C MET G 122 -53.87 55.31 -6.33
N VAL G 123 -54.37 56.05 -5.34
CA VAL G 123 -55.76 55.91 -4.86
C VAL G 123 -56.74 56.20 -6.00
N THR G 124 -56.49 57.22 -6.82
CA THR G 124 -57.34 57.55 -7.97
C THR G 124 -57.42 56.41 -8.99
N GLN G 125 -56.32 55.69 -9.23
CA GLN G 125 -56.29 54.58 -10.18
C GLN G 125 -56.94 53.30 -9.62
N ARG G 126 -56.74 52.99 -8.33
CA ARG G 126 -57.12 51.70 -7.75
C ARG G 126 -58.49 51.64 -7.07
N ALA G 127 -59.01 52.75 -6.57
CA ALA G 127 -60.24 52.77 -5.80
C ALA G 127 -61.46 52.23 -6.57
N THR G 128 -62.20 51.27 -6.01
CA THR G 128 -63.21 50.50 -6.76
C THR G 128 -64.62 51.07 -6.67
N ASN G 129 -65.09 51.57 -5.53
CA ASN G 129 -66.42 52.21 -5.48
C ASN G 129 -66.37 53.58 -6.18
N VAL G 130 -67.11 53.79 -7.27
CA VAL G 130 -67.11 55.06 -8.01
C VAL G 130 -68.54 55.57 -8.22
N ILE G 131 -68.78 56.83 -7.89
CA ILE G 131 -70.03 57.53 -8.17
C ILE G 131 -69.72 58.66 -9.14
N THR G 132 -70.56 58.83 -10.16
CA THR G 132 -70.41 59.84 -11.20
C THR G 132 -71.69 60.68 -11.29
N MET G 133 -71.56 62.00 -11.43
CA MET G 133 -72.70 62.92 -11.59
C MET G 133 -72.47 63.93 -12.71
N ALA G 134 -73.51 64.26 -13.46
CA ALA G 134 -73.50 65.40 -14.36
C ALA G 134 -73.56 66.72 -13.56
N ASP G 135 -72.92 67.78 -14.04
CA ASP G 135 -73.00 69.08 -13.38
C ASP G 135 -74.42 69.67 -13.48
N SER G 136 -74.93 70.20 -12.38
CA SER G 136 -76.32 70.68 -12.31
C SER G 136 -76.54 72.01 -13.04
N THR G 137 -77.60 72.08 -13.83
CA THR G 137 -78.06 73.33 -14.44
C THR G 137 -78.77 74.24 -13.43
N ALA G 138 -79.46 73.66 -12.45
CA ALA G 138 -79.97 74.33 -11.26
C ALA G 138 -78.84 74.66 -10.26
N GLY G 139 -79.16 75.35 -9.17
CA GLY G 139 -78.23 75.63 -8.07
C GLY G 139 -77.86 74.43 -7.20
N THR G 140 -78.27 73.21 -7.55
CA THR G 140 -78.10 72.00 -6.73
C THR G 140 -76.69 71.39 -6.78
N GLN G 141 -75.77 71.93 -7.60
CA GLN G 141 -74.35 71.60 -7.47
C GLN G 141 -73.91 71.87 -6.02
N GLY G 142 -73.05 71.03 -5.44
CA GLY G 142 -72.78 71.06 -4.00
C GLY G 142 -73.69 70.14 -3.21
N ARG G 143 -75.01 70.29 -3.27
CA ARG G 143 -75.96 69.30 -2.71
C ARG G 143 -75.79 67.95 -3.40
N ASP G 144 -75.69 67.96 -4.72
CA ASP G 144 -75.51 66.77 -5.52
C ASP G 144 -74.16 66.08 -5.28
N LEU G 145 -73.10 66.86 -5.03
CA LEU G 145 -71.81 66.33 -4.58
C LEU G 145 -71.92 65.67 -3.19
N TRP G 146 -72.66 66.30 -2.27
CA TRP G 146 -72.90 65.77 -0.94
C TRP G 146 -73.66 64.45 -1.00
N ASN G 147 -74.69 64.37 -1.84
CA ASN G 147 -75.42 63.13 -2.11
C ASN G 147 -74.54 62.04 -2.72
N CYS G 148 -73.63 62.37 -3.64
CA CYS G 148 -72.69 61.40 -4.18
C CYS G 148 -71.78 60.82 -3.11
N ALA G 149 -71.26 61.64 -2.20
CA ALA G 149 -70.47 61.18 -1.07
C ALA G 149 -71.29 60.28 -0.11
N ALA G 150 -72.54 60.61 0.17
CA ALA G 150 -73.43 59.71 0.90
C ALA G 150 -73.65 58.38 0.17
N GLY G 151 -73.73 58.38 -1.17
CA GLY G 151 -73.76 57.17 -1.99
C GLY G 151 -72.51 56.31 -1.82
N ILE G 152 -71.32 56.91 -1.69
CA ILE G 152 -70.08 56.17 -1.39
C ILE G 152 -70.16 55.53 -0.01
N ASP G 153 -70.60 56.23 1.03
CA ASP G 153 -70.71 55.63 2.38
C ASP G 153 -71.77 54.53 2.45
N ALA G 154 -72.91 54.71 1.78
CA ALA G 154 -73.91 53.68 1.62
C ALA G 154 -73.34 52.44 0.92
N THR G 155 -72.56 52.64 -0.15
CA THR G 155 -71.90 51.54 -0.89
C THR G 155 -70.87 50.83 -0.03
N MET G 156 -69.94 51.55 0.62
CA MET G 156 -68.97 50.95 1.52
C MET G 156 -69.64 50.16 2.63
N THR G 157 -70.72 50.68 3.22
CA THR G 157 -71.49 49.96 4.24
C THR G 157 -72.18 48.72 3.69
N ALA G 158 -72.84 48.80 2.53
CA ALA G 158 -73.54 47.68 1.94
C ALA G 158 -72.62 46.52 1.60
N ILE G 159 -71.42 46.79 1.06
CA ILE G 159 -70.45 45.74 0.72
C ILE G 159 -69.70 45.18 1.92
N GLY G 160 -69.81 45.78 3.10
CA GLY G 160 -69.25 45.25 4.35
C GLY G 160 -67.97 45.90 4.84
N VAL G 161 -67.59 47.09 4.37
CA VAL G 161 -66.44 47.83 4.92
C VAL G 161 -66.76 48.20 6.37
N PRO G 162 -65.95 47.78 7.37
CA PRO G 162 -66.35 47.83 8.77
C PRO G 162 -66.61 49.24 9.29
N GLN G 163 -67.49 49.34 10.27
CA GLN G 163 -67.72 50.53 11.07
C GLN G 163 -66.65 50.65 12.17
N GLY G 164 -66.63 51.75 12.91
CA GLY G 164 -65.72 51.96 14.05
C GLY G 164 -64.29 52.36 13.67
N ILE G 165 -63.79 51.96 12.49
CA ILE G 165 -62.64 52.61 11.85
C ILE G 165 -63.06 53.94 11.23
N ASN G 166 -62.17 54.94 11.25
CA ASN G 166 -62.44 56.24 10.66
C ASN G 166 -62.64 56.15 9.15
N ARG G 167 -63.52 57.00 8.63
CA ARG G 167 -63.76 57.24 7.21
C ARG G 167 -63.30 58.65 6.88
N ARG G 168 -62.55 58.85 5.81
CA ARG G 168 -62.01 60.16 5.41
C ARG G 168 -62.34 60.47 3.96
N SER G 169 -62.53 61.74 3.64
CA SER G 169 -62.83 62.23 2.30
C SER G 169 -61.94 63.43 1.98
N PHE G 170 -61.41 63.49 0.77
CA PHE G 170 -60.50 64.50 0.30
C PHE G 170 -61.08 65.14 -0.94
N TRP G 171 -61.34 66.44 -0.88
CA TRP G 171 -62.07 67.18 -1.91
C TRP G 171 -61.13 68.09 -2.67
N ASN G 172 -61.16 68.02 -4.00
CA ASN G 172 -60.30 68.86 -4.83
C ASN G 172 -60.89 70.27 -4.97
N PRO G 173 -60.10 71.32 -5.26
CA PRO G 173 -60.54 72.70 -5.09
C PRO G 173 -61.70 73.09 -6.00
N PHE G 174 -61.74 72.54 -7.22
CA PHE G 174 -62.81 72.81 -8.17
C PHE G 174 -64.19 72.36 -7.67
N ASN G 175 -64.27 71.23 -6.97
CA ASN G 175 -65.52 70.73 -6.41
C ASN G 175 -65.80 71.25 -4.99
N TYR G 176 -64.76 71.46 -4.17
CA TYR G 176 -64.89 72.08 -2.86
C TYR G 176 -65.58 73.45 -2.93
N LYS G 177 -65.26 74.25 -3.95
CA LYS G 177 -65.90 75.52 -4.30
C LYS G 177 -67.44 75.45 -4.31
N ASP G 178 -68.03 74.35 -4.78
CA ASP G 178 -69.47 74.13 -4.84
C ASP G 178 -70.01 73.43 -3.59
N LEU G 179 -69.27 72.46 -3.05
CA LEU G 179 -69.64 71.71 -1.85
C LEU G 179 -69.72 72.61 -0.61
N ALA G 180 -68.87 73.62 -0.47
CA ALA G 180 -68.73 74.43 0.73
C ALA G 180 -70.04 75.10 1.21
N GLY G 181 -71.02 75.32 0.32
CA GLY G 181 -72.33 75.84 0.71
C GLY G 181 -73.18 74.86 1.55
N GLU G 182 -72.95 73.55 1.40
CA GLU G 182 -73.65 72.50 2.14
C GLU G 182 -72.95 72.10 3.44
N LEU G 183 -71.64 72.30 3.52
CA LEU G 183 -70.88 72.03 4.74
C LEU G 183 -71.36 72.94 5.88
N GLY G 184 -71.40 72.41 7.09
CA GLY G 184 -71.96 73.11 8.26
C GLY G 184 -73.48 73.13 8.27
N HIS G 185 -74.12 73.41 7.14
CA HIS G 185 -75.58 73.34 7.00
C HIS G 185 -76.13 71.92 7.23
N ARG G 186 -75.57 70.91 6.57
CA ARG G 186 -76.03 69.51 6.66
C ARG G 186 -75.00 68.52 7.21
N ALA G 187 -73.96 69.01 7.89
CA ALA G 187 -72.96 68.19 8.56
C ALA G 187 -73.50 67.47 9.81
N TYR G 188 -72.99 66.27 10.09
CA TYR G 188 -73.43 65.45 11.23
C TYR G 188 -72.83 65.89 12.58
N ALA G 189 -71.81 66.74 12.58
CA ALA G 189 -71.18 67.32 13.77
C ALA G 189 -70.62 68.71 13.48
N GLN G 190 -70.50 69.55 14.50
CA GLN G 190 -70.01 70.92 14.38
C GLN G 190 -69.23 71.33 15.64
N GLY G 191 -68.06 71.93 15.47
CA GLY G 191 -67.24 72.45 16.57
C GLY G 191 -67.60 73.86 16.99
N ALA G 192 -67.08 74.32 18.13
CA ALA G 192 -67.30 75.68 18.60
C ALA G 192 -66.46 76.75 17.88
N THR G 193 -65.31 76.37 17.32
CA THR G 193 -64.35 77.25 16.65
C THR G 193 -63.68 76.52 15.49
N LEU G 194 -63.20 77.25 14.48
CA LEU G 194 -62.40 76.66 13.39
C LEU G 194 -61.06 76.09 13.89
N THR G 195 -60.53 76.58 15.00
CA THR G 195 -59.33 76.05 15.66
C THR G 195 -59.51 74.63 16.19
N ALA G 196 -60.73 74.09 16.24
CA ALA G 196 -60.97 72.68 16.52
C ALA G 196 -60.59 71.74 15.37
N TYR G 197 -60.55 72.23 14.12
CA TYR G 197 -60.25 71.43 12.95
C TYR G 197 -58.75 71.16 12.75
N GLU G 198 -58.42 70.01 12.19
CA GLU G 198 -57.08 69.62 11.74
C GLU G 198 -56.64 70.39 10.48
N LYS G 199 -55.40 70.18 10.04
CA LYS G 199 -54.62 71.05 9.12
C LYS G 199 -55.34 71.54 7.86
N ALA G 200 -56.14 70.71 7.19
CA ALA G 200 -57.01 71.15 6.09
C ALA G 200 -58.46 70.64 6.23
N GLN G 201 -58.88 70.34 7.45
CA GLN G 201 -60.17 69.73 7.72
C GLN G 201 -61.32 70.72 7.59
N ILE G 202 -62.46 70.21 7.16
CA ILE G 202 -63.73 70.92 6.92
C ILE G 202 -64.88 70.09 7.55
N PRO G 203 -66.10 70.63 7.70
CA PRO G 203 -67.19 69.90 8.34
C PRO G 203 -67.46 68.53 7.68
N PRO G 204 -67.77 67.47 8.45
CA PRO G 204 -67.93 66.12 7.92
C PRO G 204 -68.96 66.02 6.81
N VAL G 205 -68.69 65.22 5.78
CA VAL G 205 -69.68 64.87 4.76
C VAL G 205 -70.12 63.43 5.00
N ALA G 206 -71.42 63.20 5.26
CA ALA G 206 -71.99 61.85 5.35
C ALA G 206 -71.19 60.85 6.20
N SER G 207 -70.72 61.29 7.37
CA SER G 207 -69.85 60.53 8.30
C SER G 207 -68.40 60.26 7.85
N PHE G 208 -67.98 60.68 6.67
CA PHE G 208 -66.56 60.90 6.42
C PHE G 208 -66.08 62.13 7.19
N ASP G 209 -64.94 62.04 7.87
CA ASP G 209 -64.10 63.21 8.10
C ASP G 209 -63.74 63.83 6.75
N SER G 210 -63.63 65.14 6.63
CA SER G 210 -63.45 65.77 5.33
C SER G 210 -62.30 66.75 5.33
N TYR G 211 -61.55 66.78 4.23
CA TYR G 211 -60.37 67.62 4.08
C TYR G 211 -60.32 68.23 2.68
N LYS G 212 -59.78 69.44 2.57
CA LYS G 212 -59.37 70.03 1.28
C LYS G 212 -58.05 69.41 0.82
N THR G 213 -57.96 68.97 -0.42
CA THR G 213 -56.68 68.58 -1.04
C THR G 213 -56.38 69.51 -2.20
N ASP G 214 -55.20 70.10 -2.24
CA ASP G 214 -54.76 71.01 -3.30
C ASP G 214 -54.34 70.24 -4.56
N ILE G 215 -53.54 69.20 -4.38
CA ILE G 215 -53.24 68.18 -5.40
C ILE G 215 -54.46 67.27 -5.57
N SER G 216 -54.78 66.84 -6.79
CA SER G 216 -55.80 65.82 -7.05
C SER G 216 -55.50 65.00 -8.31
N GLY G 217 -55.98 63.76 -8.36
CA GLY G 217 -55.86 62.90 -9.54
C GLY G 217 -57.01 63.11 -10.51
N ARG G 218 -56.88 62.61 -11.74
CA ARG G 218 -57.91 62.68 -12.78
C ARG G 218 -58.25 61.32 -13.36
N LEU G 219 -59.49 61.10 -13.74
CA LEU G 219 -59.87 60.01 -14.64
C LEU G 219 -59.81 60.53 -16.09
N PRO G 220 -59.36 59.72 -17.05
CA PRO G 220 -59.33 60.11 -18.45
C PRO G 220 -60.72 60.17 -19.06
N LYS G 221 -60.87 60.78 -20.24
CA LYS G 221 -62.09 60.65 -21.04
C LYS G 221 -62.21 59.21 -21.56
N GLY G 222 -63.20 58.48 -21.08
CA GLY G 222 -63.47 57.11 -21.49
C GLY G 222 -63.98 56.98 -22.92
N SER G 223 -63.89 55.76 -23.48
CA SER G 223 -64.36 55.46 -24.83
C SER G 223 -65.88 55.63 -24.98
N THR G 224 -66.33 55.98 -26.18
CA THR G 224 -67.75 55.99 -26.57
C THR G 224 -68.19 54.69 -27.26
N GLU G 225 -67.32 53.68 -27.38
CA GLU G 225 -67.66 52.40 -28.03
C GLU G 225 -68.66 51.56 -27.23
N SER G 226 -69.51 50.84 -27.95
CA SER G 226 -70.50 49.89 -27.39
C SER G 226 -69.85 48.55 -27.01
N LEU G 227 -68.88 48.58 -26.09
CA LEU G 227 -68.11 47.42 -25.67
C LEU G 227 -68.95 46.39 -24.89
N THR G 228 -68.57 45.12 -24.97
CA THR G 228 -69.10 44.04 -24.14
C THR G 228 -67.96 43.20 -23.60
N VAL G 229 -68.19 42.45 -22.54
CA VAL G 229 -67.31 41.30 -22.23
C VAL G 229 -67.41 40.26 -23.34
N SER G 230 -66.46 39.34 -23.41
CA SER G 230 -66.47 38.16 -24.29
C SER G 230 -66.26 36.89 -23.47
N GLY G 231 -66.91 35.80 -23.85
CA GLY G 231 -67.13 34.67 -22.95
C GLY G 231 -68.03 35.08 -21.78
N GLN G 232 -67.89 34.39 -20.65
CA GLN G 232 -68.60 34.71 -19.40
C GLN G 232 -67.59 34.70 -18.25
N PRO G 233 -66.82 35.78 -18.06
CA PRO G 233 -65.66 35.76 -17.19
C PRO G 233 -65.98 35.37 -15.74
N GLU G 234 -65.19 34.47 -15.18
CA GLU G 234 -65.26 34.04 -13.79
C GLU G 234 -63.84 33.72 -13.33
N HIS G 235 -63.49 34.11 -12.11
CA HIS G 235 -62.14 33.99 -11.57
C HIS G 235 -62.13 33.12 -10.32
N LYS G 236 -60.98 32.49 -10.05
CA LYS G 236 -60.69 31.78 -8.80
C LYS G 236 -59.98 32.71 -7.82
N VAL G 237 -60.00 32.40 -6.52
CA VAL G 237 -58.92 32.79 -5.60
C VAL G 237 -57.86 31.68 -5.58
N GLU G 238 -56.60 32.06 -5.41
CA GLU G 238 -55.44 31.16 -5.44
C GLU G 238 -54.35 31.71 -4.50
N ALA G 239 -53.64 30.86 -3.76
CA ALA G 239 -52.52 31.31 -2.92
C ALA G 239 -51.18 31.38 -3.67
N LYS G 240 -51.04 30.61 -4.75
CA LYS G 240 -49.82 30.38 -5.54
C LYS G 240 -50.16 30.34 -7.03
N ASP G 241 -49.28 30.82 -7.88
CA ASP G 241 -49.33 30.57 -9.32
C ASP G 241 -48.72 29.20 -9.65
N SER G 242 -48.66 28.84 -10.93
CA SER G 242 -48.04 27.58 -11.40
C SER G 242 -46.56 27.46 -11.10
N ASN G 243 -45.85 28.57 -10.86
CA ASN G 243 -44.42 28.61 -10.51
C ASN G 243 -44.19 28.50 -9.00
N GLY G 244 -45.20 28.79 -8.19
CA GLY G 244 -45.15 28.85 -6.73
C GLY G 244 -44.97 30.25 -6.16
N MET G 245 -45.02 31.29 -7.00
CA MET G 245 -45.06 32.69 -6.54
C MET G 245 -46.47 33.07 -6.09
N PRO G 246 -46.64 34.06 -5.19
CA PRO G 246 -47.96 34.56 -4.82
C PRO G 246 -48.77 35.10 -6.00
N VAL G 247 -50.09 35.04 -5.88
CA VAL G 247 -51.06 35.61 -6.82
C VAL G 247 -51.73 36.82 -6.18
N ASP G 248 -51.78 37.96 -6.86
CA ASP G 248 -52.51 39.13 -6.37
C ASP G 248 -54.01 38.98 -6.63
N ASN G 249 -54.75 38.43 -5.67
CA ASN G 249 -56.20 38.14 -5.81
C ASN G 249 -57.07 39.39 -5.97
N ARG G 250 -56.49 40.55 -5.73
CA ARG G 250 -57.03 41.90 -5.89
C ARG G 250 -57.31 42.30 -7.34
N GLN G 251 -56.81 41.55 -8.32
CA GLN G 251 -56.97 41.84 -9.75
C GLN G 251 -57.10 40.56 -10.59
N GLY G 252 -57.77 40.64 -11.74
CA GLY G 252 -57.93 39.53 -12.68
C GLY G 252 -58.01 40.02 -14.12
N THR G 253 -58.15 39.11 -15.08
CA THR G 253 -58.11 39.45 -16.51
C THR G 253 -59.36 38.99 -17.24
N ILE G 254 -59.83 39.78 -18.21
CA ILE G 254 -61.02 39.53 -19.02
C ILE G 254 -60.73 39.83 -20.50
N THR G 255 -61.56 39.30 -21.39
CA THR G 255 -61.58 39.70 -22.81
C THR G 255 -62.80 40.57 -23.07
N VAL G 256 -62.64 41.60 -23.89
CA VAL G 256 -63.73 42.51 -24.30
C VAL G 256 -63.84 42.57 -25.82
N SER G 257 -65.01 42.94 -26.33
CA SER G 257 -65.32 42.83 -27.77
C SER G 257 -64.45 43.69 -28.69
N ALA G 258 -63.90 44.80 -28.22
CA ALA G 258 -63.00 45.69 -28.95
C ALA G 258 -62.05 46.45 -28.01
N SER G 259 -60.92 46.93 -28.52
CA SER G 259 -59.82 47.54 -27.74
C SER G 259 -60.04 49.00 -27.33
N GLY G 260 -61.24 49.35 -26.87
CA GLY G 260 -61.60 50.73 -26.50
C GLY G 260 -61.16 51.18 -25.09
N LEU G 261 -61.05 50.26 -24.12
CA LEU G 261 -60.73 50.60 -22.72
C LEU G 261 -59.29 51.16 -22.55
N GLN G 262 -59.09 51.93 -21.48
CA GLN G 262 -57.84 52.59 -21.11
C GLN G 262 -57.50 52.32 -19.65
N VAL G 263 -56.22 52.32 -19.28
CA VAL G 263 -55.82 52.27 -17.87
C VAL G 263 -56.41 53.45 -17.12
N GLY G 264 -56.97 53.21 -15.93
CA GLY G 264 -57.63 54.22 -15.12
C GLY G 264 -59.12 54.41 -15.38
N ASP G 265 -59.70 53.77 -16.41
CA ASP G 265 -61.16 53.73 -16.57
C ASP G 265 -61.89 53.13 -15.35
N ALA G 266 -63.15 53.49 -15.19
CA ALA G 266 -64.09 52.86 -14.28
C ALA G 266 -65.33 52.44 -15.07
N PHE G 267 -65.79 51.19 -14.90
CA PHE G 267 -66.90 50.66 -15.67
C PHE G 267 -67.74 49.67 -14.88
N THR G 268 -68.96 49.39 -15.34
CA THR G 268 -69.84 48.33 -14.80
C THR G 268 -70.21 47.35 -15.91
N ILE G 269 -70.41 46.08 -15.56
CA ILE G 269 -70.84 45.02 -16.49
C ILE G 269 -72.33 44.74 -16.27
N ALA G 270 -73.12 44.67 -17.34
CA ALA G 270 -74.58 44.85 -17.33
C ALA G 270 -75.36 44.10 -16.24
N GLY G 271 -75.00 42.85 -15.93
CA GLY G 271 -75.73 41.99 -15.00
C GLY G 271 -75.07 41.74 -13.64
N VAL G 272 -73.97 42.43 -13.30
CA VAL G 272 -73.11 42.07 -12.16
C VAL G 272 -73.29 43.06 -11.01
N ASN G 273 -73.77 42.61 -9.85
CA ASN G 273 -73.96 43.47 -8.66
C ASN G 273 -73.04 43.06 -7.53
N SER G 274 -72.69 44.00 -6.65
CA SER G 274 -71.93 43.71 -5.45
C SER G 274 -72.73 42.85 -4.46
N VAL G 275 -72.05 42.28 -3.47
CA VAL G 275 -72.66 41.56 -2.34
C VAL G 275 -72.04 42.01 -1.03
N HIS G 276 -72.68 41.77 0.10
CA HIS G 276 -72.02 41.92 1.39
C HIS G 276 -70.87 40.92 1.52
N GLN G 277 -69.67 41.38 1.90
CA GLN G 277 -68.46 40.56 1.87
C GLN G 277 -68.53 39.33 2.78
N ILE G 278 -69.32 39.36 3.86
CA ILE G 278 -69.49 38.23 4.78
C ILE G 278 -70.75 37.44 4.45
N THR G 279 -71.92 38.08 4.42
CA THR G 279 -73.22 37.39 4.31
C THR G 279 -73.69 37.10 2.88
N LYS G 280 -73.01 37.60 1.85
CA LYS G 280 -73.20 37.29 0.42
C LYS G 280 -74.55 37.67 -0.19
N ASP G 281 -75.41 38.39 0.52
CA ASP G 281 -76.63 38.95 -0.04
C ASP G 281 -76.31 40.11 -1.00
N THR G 282 -76.96 40.16 -2.16
CA THR G 282 -76.74 41.21 -3.15
C THR G 282 -77.07 42.58 -2.58
N THR G 283 -76.30 43.61 -2.94
CA THR G 283 -76.63 44.99 -2.59
C THR G 283 -77.60 45.61 -3.61
N GLY G 284 -77.76 44.99 -4.79
CA GLY G 284 -78.52 45.55 -5.91
C GLY G 284 -77.82 46.70 -6.65
N GLN G 285 -76.68 47.19 -6.15
CA GLN G 285 -75.83 48.16 -6.86
C GLN G 285 -74.92 47.40 -7.84
N PRO G 286 -74.75 47.86 -9.09
CA PRO G 286 -73.81 47.23 -10.01
C PRO G 286 -72.37 47.32 -9.47
N GLN G 287 -71.58 46.25 -9.61
CA GLN G 287 -70.19 46.28 -9.21
C GLN G 287 -69.38 47.11 -10.21
N VAL G 288 -68.46 47.93 -9.72
CA VAL G 288 -67.60 48.81 -10.51
C VAL G 288 -66.20 48.23 -10.59
N PHE G 289 -65.67 48.12 -11.81
CA PHE G 289 -64.36 47.59 -12.13
C PHE G 289 -63.44 48.71 -12.61
N ARG G 290 -62.18 48.69 -12.17
CA ARG G 290 -61.12 49.62 -12.59
C ARG G 290 -60.15 48.91 -13.53
N VAL G 291 -59.86 49.50 -14.68
CA VAL G 291 -58.89 48.95 -15.63
C VAL G 291 -57.46 49.23 -15.17
N LEU G 292 -56.67 48.20 -14.89
CA LEU G 292 -55.28 48.30 -14.44
C LEU G 292 -54.24 48.08 -15.54
N ALA G 293 -54.58 47.34 -16.61
CA ALA G 293 -53.74 47.18 -17.79
C ALA G 293 -54.60 46.85 -19.01
N VAL G 294 -54.11 47.16 -20.21
CA VAL G 294 -54.77 46.85 -21.48
C VAL G 294 -53.75 46.33 -22.50
N SER G 295 -54.13 45.30 -23.26
CA SER G 295 -53.33 44.77 -24.36
C SER G 295 -54.26 44.18 -25.41
N GLY G 296 -54.59 44.96 -26.45
CA GLY G 296 -55.61 44.58 -27.43
C GLY G 296 -57.00 44.46 -26.79
N THR G 297 -57.70 43.37 -27.09
CA THR G 297 -58.98 43.00 -26.47
C THR G 297 -58.84 42.38 -25.07
N THR G 298 -57.63 42.16 -24.58
CA THR G 298 -57.40 41.63 -23.23
C THR G 298 -57.18 42.76 -22.25
N VAL G 299 -57.87 42.71 -21.10
CA VAL G 299 -57.90 43.78 -20.12
C VAL G 299 -57.71 43.20 -18.73
N THR G 300 -56.88 43.83 -17.89
CA THR G 300 -56.71 43.46 -16.49
C THR G 300 -57.47 44.46 -15.63
N ILE G 301 -58.25 43.95 -14.69
CA ILE G 301 -59.28 44.69 -13.95
C ILE G 301 -59.16 44.42 -12.45
N SER G 302 -59.68 45.33 -11.64
CA SER G 302 -59.87 45.13 -10.21
C SER G 302 -61.28 45.57 -9.80
N PRO G 303 -61.98 44.85 -8.91
CA PRO G 303 -61.60 43.58 -8.29
C PRO G 303 -61.72 42.40 -9.28
N LYS G 304 -61.37 41.19 -8.85
CA LYS G 304 -61.72 39.95 -9.60
C LYS G 304 -63.23 39.77 -9.69
N ILE G 305 -63.73 39.11 -10.73
CA ILE G 305 -65.11 38.64 -10.81
C ILE G 305 -65.19 37.31 -10.05
N LEU G 306 -65.61 37.34 -8.79
CA LEU G 306 -65.77 36.16 -7.94
C LEU G 306 -67.26 35.97 -7.62
N PRO G 307 -68.03 35.20 -8.40
CA PRO G 307 -69.47 35.06 -8.20
C PRO G 307 -69.80 34.38 -6.88
N VAL G 308 -70.91 34.74 -6.26
CA VAL G 308 -71.64 33.81 -5.39
C VAL G 308 -72.08 32.63 -6.25
N GLU G 309 -71.93 31.40 -5.76
CA GLU G 309 -72.07 30.19 -6.58
C GLU G 309 -71.04 30.11 -7.75
N ASN G 310 -69.78 30.49 -7.48
CA ASN G 310 -68.64 30.26 -8.36
C ASN G 310 -68.51 28.78 -8.74
N THR G 311 -68.08 28.47 -9.96
CA THR G 311 -67.78 27.08 -10.38
C THR G 311 -66.68 26.44 -9.54
N ASP G 312 -65.70 27.22 -9.08
CA ASP G 312 -64.70 26.78 -8.11
C ASP G 312 -65.23 26.87 -6.67
N VAL G 313 -65.52 25.73 -6.05
CA VAL G 313 -66.18 25.67 -4.74
C VAL G 313 -65.35 26.34 -3.64
N ALA G 314 -64.03 26.18 -3.63
CA ALA G 314 -63.16 26.82 -2.63
C ALA G 314 -63.16 28.35 -2.75
N SER G 315 -63.54 28.91 -3.89
CA SER G 315 -63.68 30.36 -4.08
C SER G 315 -64.97 30.94 -3.49
N ARG G 316 -66.00 30.13 -3.18
CA ARG G 316 -67.32 30.63 -2.75
C ARG G 316 -67.30 31.48 -1.47
N PRO G 317 -66.52 31.17 -0.42
CA PRO G 317 -66.39 32.07 0.74
C PRO G 317 -65.79 33.43 0.40
N TYR G 318 -65.07 33.55 -0.72
CA TYR G 318 -64.36 34.76 -1.15
C TYR G 318 -65.11 35.54 -2.23
N ALA G 319 -66.31 35.11 -2.62
CA ALA G 319 -67.17 35.79 -3.57
C ALA G 319 -67.44 37.25 -3.22
N ASN G 320 -67.55 38.10 -4.24
CA ASN G 320 -67.72 39.55 -4.14
C ASN G 320 -68.81 40.12 -5.07
N VAL G 321 -69.37 39.32 -5.98
CA VAL G 321 -70.45 39.72 -6.89
C VAL G 321 -71.54 38.68 -6.96
N ASP G 322 -72.78 39.07 -7.19
CA ASP G 322 -73.93 38.18 -7.04
C ASP G 322 -74.09 37.16 -8.17
N ALA G 323 -73.52 37.41 -9.34
CA ALA G 323 -73.58 36.54 -10.51
C ALA G 323 -72.40 36.76 -11.45
N LYS G 324 -72.14 35.75 -12.27
CA LYS G 324 -71.23 35.77 -13.44
C LYS G 324 -71.85 36.60 -14.58
N PRO G 325 -71.07 37.30 -15.42
CA PRO G 325 -71.60 38.04 -16.58
C PRO G 325 -72.39 37.17 -17.55
N ALA G 326 -73.44 37.69 -18.15
CA ALA G 326 -74.09 37.05 -19.30
C ALA G 326 -73.18 37.04 -20.53
N GLU G 327 -73.48 36.19 -21.51
CA GLU G 327 -72.73 36.17 -22.77
C GLU G 327 -72.84 37.53 -23.48
N SER G 328 -71.72 38.13 -23.86
CA SER G 328 -71.68 39.47 -24.45
C SER G 328 -72.38 40.54 -23.60
N ALA G 329 -72.31 40.46 -22.27
CA ALA G 329 -72.86 41.49 -21.39
C ALA G 329 -72.19 42.85 -21.66
N ALA G 330 -73.01 43.90 -21.79
CA ALA G 330 -72.54 45.24 -22.12
C ALA G 330 -71.71 45.87 -21.01
N ILE G 331 -70.78 46.73 -21.41
CA ILE G 331 -69.93 47.53 -20.54
C ILE G 331 -70.40 48.99 -20.59
N THR G 332 -70.59 49.61 -19.42
CA THR G 332 -70.89 51.04 -19.29
C THR G 332 -69.70 51.76 -18.65
N ILE G 333 -69.12 52.75 -19.32
CA ILE G 333 -68.01 53.54 -18.78
C ILE G 333 -68.55 54.70 -17.93
N LEU G 334 -68.07 54.86 -16.70
CA LEU G 334 -68.53 55.89 -15.78
C LEU G 334 -67.90 57.27 -16.05
N ASN G 335 -66.63 57.29 -16.43
CA ASN G 335 -65.87 58.48 -16.79
C ASN G 335 -66.12 58.91 -18.25
N LYS G 336 -67.34 59.38 -18.55
CA LYS G 336 -67.72 59.90 -19.88
C LYS G 336 -66.87 61.08 -20.35
N ASN G 337 -66.42 61.91 -19.40
CA ASN G 337 -65.55 63.07 -19.58
C ASN G 337 -64.36 63.00 -18.63
N ALA G 338 -63.23 63.62 -18.98
CA ALA G 338 -62.12 63.74 -18.05
C ALA G 338 -62.49 64.65 -16.87
N ALA G 339 -62.20 64.24 -15.64
CA ALA G 339 -62.61 64.98 -14.46
C ALA G 339 -61.66 64.73 -13.27
N PRO G 340 -61.48 65.70 -12.37
CA PRO G 340 -60.71 65.54 -11.15
C PRO G 340 -61.49 64.73 -10.11
N ALA G 341 -60.82 63.77 -9.47
CA ALA G 341 -61.43 62.88 -8.49
C ALA G 341 -61.43 63.48 -7.08
N ASN G 342 -62.52 63.27 -6.35
CA ASN G 342 -62.60 63.46 -4.91
C ASN G 342 -62.48 62.06 -4.29
N LEU G 343 -61.61 61.87 -3.31
CA LEU G 343 -61.18 60.55 -2.83
C LEU G 343 -61.76 60.24 -1.45
N PHE G 344 -62.23 59.02 -1.25
CA PHE G 344 -62.85 58.54 -0.02
C PHE G 344 -62.18 57.25 0.43
N TRP G 345 -61.96 57.07 1.73
CA TRP G 345 -61.51 55.79 2.25
C TRP G 345 -61.98 55.51 3.66
N ALA G 346 -62.02 54.23 4.03
CA ALA G 346 -61.99 53.77 5.41
C ALA G 346 -60.55 53.42 5.80
N ASP G 347 -60.10 53.83 6.98
CA ASP G 347 -58.70 53.76 7.39
C ASP G 347 -58.12 52.34 7.40
N GLY G 348 -56.83 52.23 7.07
CA GLY G 348 -56.07 50.98 7.05
C GLY G 348 -55.83 50.40 5.66
N SER G 349 -56.59 50.79 4.64
CA SER G 349 -56.37 50.33 3.26
C SER G 349 -55.29 51.11 2.52
N VAL G 350 -55.24 52.44 2.67
CA VAL G 350 -54.32 53.31 1.94
C VAL G 350 -53.08 53.53 2.78
N GLU G 351 -51.91 53.22 2.23
CA GLU G 351 -50.67 53.16 2.99
C GLU G 351 -49.47 53.72 2.21
N LEU G 352 -48.51 54.29 2.95
CA LEU G 352 -47.15 54.55 2.50
C LEU G 352 -46.17 53.62 3.23
N MET G 353 -45.43 52.82 2.47
CA MET G 353 -44.17 52.24 2.92
C MET G 353 -43.08 53.30 2.88
N TYR G 354 -42.26 53.36 3.91
CA TYR G 354 -41.07 54.19 3.97
C TYR G 354 -39.82 53.34 4.15
N GLY G 355 -38.80 53.57 3.33
CA GLY G 355 -37.51 52.88 3.42
C GLY G 355 -36.34 53.85 3.35
N LYS G 356 -35.16 53.41 3.78
CA LYS G 356 -33.90 54.16 3.70
C LYS G 356 -32.89 53.41 2.85
N LEU G 357 -32.37 54.02 1.79
CA LEU G 357 -31.21 53.49 1.05
C LEU G 357 -29.94 53.54 1.93
N ALA G 358 -29.04 52.59 1.76
CA ALA G 358 -27.80 52.54 2.54
C ALA G 358 -26.72 53.39 1.89
N PHE G 359 -26.84 54.72 2.01
CA PHE G 359 -25.75 55.64 1.71
C PHE G 359 -24.69 55.50 2.80
N PRO G 360 -23.46 55.04 2.53
CA PRO G 360 -22.47 54.79 3.57
C PRO G 360 -21.95 56.06 4.19
N THR G 361 -21.79 56.08 5.50
CA THR G 361 -20.98 57.08 6.20
C THR G 361 -19.49 56.69 6.15
N GLY G 362 -18.58 57.63 6.37
CA GLY G 362 -17.12 57.40 6.41
C GLY G 362 -16.45 57.24 5.04
N GLN G 363 -17.06 56.52 4.11
CA GLN G 363 -16.65 56.44 2.71
C GLN G 363 -16.97 57.76 2.01
N GLY G 364 -15.99 58.51 1.52
CA GLY G 364 -16.23 59.71 0.69
C GLY G 364 -17.10 60.79 1.36
N PRO G 365 -18.29 61.12 0.82
CA PRO G 365 -19.09 62.27 1.21
C PRO G 365 -19.65 62.21 2.64
N GLN G 366 -20.07 63.37 3.15
CA GLN G 366 -20.88 63.46 4.35
C GLN G 366 -22.28 62.96 4.08
N VAL G 367 -22.81 62.11 4.96
CA VAL G 367 -24.17 61.55 4.87
C VAL G 367 -24.86 61.72 6.21
N MET G 368 -26.12 62.16 6.20
CA MET G 368 -26.95 62.28 7.40
C MET G 368 -28.42 62.14 7.06
N THR G 369 -29.25 61.88 8.07
CA THR G 369 -30.67 61.50 7.90
C THR G 369 -31.59 62.46 8.63
N ALA G 370 -32.75 62.74 8.05
CA ALA G 370 -33.85 63.50 8.63
C ALA G 370 -35.19 62.85 8.30
N THR G 371 -36.30 63.46 8.70
CA THR G 371 -37.63 63.11 8.19
C THR G 371 -38.38 64.35 7.70
N THR G 372 -39.29 64.15 6.76
CA THR G 372 -40.43 65.06 6.58
C THR G 372 -41.31 65.06 7.83
N GLU G 373 -42.17 66.06 8.00
CA GLU G 373 -43.15 66.10 9.09
C GLU G 373 -44.24 65.01 8.97
N GLN G 374 -44.57 64.57 7.75
CA GLN G 374 -45.41 63.40 7.48
C GLN G 374 -44.71 62.05 7.75
N GLY G 375 -43.44 62.05 8.17
CA GLY G 375 -42.73 60.86 8.68
C GLY G 375 -41.86 60.09 7.68
N ALA G 376 -41.83 60.48 6.40
CA ALA G 376 -40.93 59.88 5.42
C ALA G 376 -39.47 60.21 5.73
N THR G 377 -38.57 59.23 5.69
CA THR G 377 -37.13 59.42 5.92
C THR G 377 -36.42 59.97 4.69
N LEU G 378 -35.57 60.97 4.91
CA LEU G 378 -34.76 61.66 3.90
C LEU G 378 -33.29 61.47 4.23
N ILE G 379 -32.50 61.18 3.22
CA ILE G 379 -31.04 61.19 3.32
C ILE G 379 -30.55 62.47 2.67
N MET G 380 -29.75 63.24 3.38
CA MET G 380 -28.99 64.36 2.82
C MET G 380 -27.55 63.90 2.70
N SER G 381 -26.94 64.13 1.55
CA SER G 381 -25.53 63.81 1.35
C SER G 381 -24.81 64.91 0.59
N TYR G 382 -23.63 65.28 1.07
CA TYR G 382 -22.83 66.40 0.57
C TYR G 382 -21.45 65.89 0.15
N ALA G 383 -21.08 66.12 -1.10
CA ALA G 383 -19.73 65.86 -1.59
C ALA G 383 -19.08 67.17 -2.01
N PHE G 384 -17.88 67.47 -1.52
CA PHE G 384 -17.13 68.67 -1.88
C PHE G 384 -16.05 68.32 -2.89
N ASP G 385 -16.07 68.97 -4.05
CA ASP G 385 -15.00 68.92 -5.04
C ASP G 385 -14.08 70.14 -4.87
N HIS G 386 -12.95 69.97 -4.18
CA HIS G 386 -12.05 71.06 -3.89
C HIS G 386 -11.33 71.65 -5.10
N ILE G 387 -11.40 71.03 -6.28
CA ILE G 387 -10.76 71.56 -7.49
C ILE G 387 -11.63 72.61 -8.16
N LYS G 388 -12.93 72.33 -8.38
CA LYS G 388 -13.88 73.38 -8.80
C LYS G 388 -14.44 74.22 -7.64
N GLY G 389 -14.19 73.83 -6.40
CA GLY G 389 -14.57 74.58 -5.20
C GLY G 389 -16.06 74.57 -4.91
N VAL G 390 -16.72 73.43 -5.13
CA VAL G 390 -18.18 73.28 -5.06
C VAL G 390 -18.57 72.09 -4.21
N THR G 391 -19.54 72.26 -3.30
CA THR G 391 -20.31 71.15 -2.74
C THR G 391 -21.50 70.86 -3.64
N THR G 392 -21.75 69.59 -3.95
CA THR G 392 -23.05 69.15 -4.47
C THR G 392 -23.81 68.46 -3.35
N ALA G 393 -25.04 68.87 -3.11
CA ALA G 393 -25.95 68.28 -2.16
C ALA G 393 -27.00 67.45 -2.89
N ARG G 394 -27.22 66.21 -2.45
CA ARG G 394 -28.31 65.34 -2.88
C ARG G 394 -29.21 65.06 -1.70
N PHE G 395 -30.49 65.35 -1.84
CA PHE G 395 -31.54 64.91 -0.93
C PHE G 395 -32.28 63.78 -1.61
N THR G 396 -32.51 62.66 -0.93
CA THR G 396 -33.16 61.49 -1.53
C THR G 396 -34.08 60.77 -0.55
N THR G 397 -35.12 60.12 -1.07
CA THR G 397 -36.06 59.33 -0.29
C THR G 397 -36.61 58.14 -1.08
N LEU G 398 -36.91 57.04 -0.38
CA LEU G 398 -37.48 55.81 -0.93
C LEU G 398 -38.83 55.52 -0.26
N TYR G 399 -39.88 55.33 -1.05
CA TYR G 399 -41.23 55.11 -0.55
C TYR G 399 -42.06 54.29 -1.53
N GLY G 400 -43.18 53.76 -1.06
CA GLY G 400 -44.12 53.02 -1.88
C GLY G 400 -45.53 53.24 -1.40
N CYS G 401 -46.34 53.93 -2.18
CA CYS G 401 -47.77 54.06 -1.96
C CYS G 401 -48.50 52.80 -2.42
N SER G 402 -49.46 52.30 -1.64
CA SER G 402 -50.27 51.14 -2.01
C SER G 402 -51.68 51.21 -1.43
N VAL G 403 -52.62 50.56 -2.12
CA VAL G 403 -54.01 50.38 -1.69
C VAL G 403 -54.23 48.89 -1.43
N LEU G 404 -54.18 48.49 -0.17
CA LEU G 404 -54.19 47.08 0.22
C LEU G 404 -55.56 46.43 0.04
N VAL G 405 -56.63 47.23 0.20
CA VAL G 405 -58.03 46.78 0.12
C VAL G 405 -58.80 47.79 -0.72
N PRO G 406 -58.77 47.72 -2.06
CA PRO G 406 -59.36 48.75 -2.92
C PRO G 406 -60.89 48.87 -2.82
N GLU G 407 -61.56 47.98 -2.10
CA GLU G 407 -62.96 48.06 -1.70
C GLU G 407 -63.20 49.08 -0.57
N TYR G 408 -62.23 49.30 0.31
CA TYR G 408 -62.30 50.32 1.36
C TYR G 408 -62.15 51.75 0.80
N THR G 409 -61.96 51.92 -0.50
CA THR G 409 -61.64 53.20 -1.13
C THR G 409 -62.57 53.46 -2.31
N GLY G 410 -63.06 54.68 -2.43
CA GLY G 410 -63.91 55.09 -3.54
C GLY G 410 -63.68 56.52 -3.97
N ILE G 411 -64.31 56.93 -5.06
CA ILE G 411 -64.17 58.29 -5.62
C ILE G 411 -65.51 58.87 -6.09
N VAL G 412 -65.63 60.19 -6.05
CA VAL G 412 -66.71 60.94 -6.70
C VAL G 412 -66.13 61.79 -7.82
N ILE G 413 -66.69 61.67 -9.02
CA ILE G 413 -66.37 62.53 -10.17
C ILE G 413 -67.60 63.30 -10.65
N ALA G 414 -67.52 64.62 -10.71
CA ALA G 414 -68.53 65.48 -11.30
C ALA G 414 -68.28 65.72 -12.79
N GLY G 415 -69.10 66.52 -13.46
CA GLY G 415 -69.05 66.70 -14.92
C GLY G 415 -69.08 65.40 -15.73
N GLN G 416 -69.69 64.34 -15.17
CA GLN G 416 -69.54 62.94 -15.56
C GLN G 416 -68.05 62.51 -15.58
#